data_3W1I
#
_entry.id   3W1I
#
_cell.length_a   92.825
_cell.length_b   280.936
_cell.length_c   97.645
_cell.angle_alpha   90.000
_cell.angle_beta   113.450
_cell.angle_gamma   90.000
#
_symmetry.space_group_name_H-M   'P 1 21 1'
#
loop_
_entity.id
_entity.type
_entity.pdbx_description
1 polymer 'L-seryl-tRNA(Sec) selenium transferase'
2 non-polymer 'PLATINUM (II) ION'
3 non-polymer 'POTASSIUM ION'
#
_entity_poly.entity_id   1
_entity_poly.type   'polypeptide(L)'
_entity_poly.pdbx_seq_one_letter_code
;(MSE)KSL(MSE)KPNIKRVINATGVVINTNLGRAPLSKDVINFISEIANGYSNLEYNLEEGKRGSRIAHIEKYLNELTG
AESSFVVNNNAGAVFLVLNTLAEGKEVIISRGELVEIGGSFRIPDI(MSE)KKSGAILREVGTTNKTKVSDYEGAINQNT
ALL(MSE)KVHKSNFY(MSE)EGFVEEVKLEDLVKLGHKYGIPTYYDAGSGLLINLKEFGISVDEPNFRDCISLGIDLVS
GSGD(LLP)LLGGPQAGIIVGKKNLIEKIKKNPIARALRIDKLTLSGLE(MSE)TLKLYFEKRYEDIPVIR(MSE)LTQD
EKALRQKAKRLEKLLKDIPGLKISVIKDKAKPGGGSLPELELPTYCVAIRHDRLSSQELSRRLRLAEPPIVCRIREDQLL
FD(MSE)RTVFHEDLKTIKKTLQELLSI
;
_entity_poly.pdbx_strand_id   A,B,C,D,E,F,G,H,I,J
#
loop_
_chem_comp.id
_chem_comp.type
_chem_comp.name
_chem_comp.formula
K non-polymer 'POTASSIUM ION' 'K 1'
PT non-polymer 'PLATINUM (II) ION' 'Pt 2'
#
# COMPACT_ATOMS: atom_id res chain seq x y z
N MSE A 1 -10.46 59.68 -25.23
CA MSE A 1 -11.52 59.18 -26.10
C MSE A 1 -12.63 60.19 -26.24
O MSE A 1 -12.85 61.02 -25.35
CB MSE A 1 -12.08 57.84 -25.59
CG MSE A 1 -11.21 56.65 -25.88
SE MSE A 1 -12.19 55.05 -26.45
CE MSE A 1 -10.68 53.79 -26.53
N LYS A 2 -13.36 60.15 -27.34
CA LYS A 2 -14.38 61.15 -27.57
C LYS A 2 -15.69 60.84 -26.83
N SER A 3 -16.10 59.57 -26.82
CA SER A 3 -17.39 59.18 -26.22
C SER A 3 -17.40 59.31 -24.69
N LEU A 4 -16.30 59.80 -24.14
CA LEU A 4 -16.12 59.91 -22.70
C LEU A 4 -16.67 61.20 -22.13
N MSE A 5 -16.93 62.16 -23.02
CA MSE A 5 -17.32 63.52 -22.63
C MSE A 5 -18.71 63.50 -22.07
O MSE A 5 -19.09 64.40 -21.33
CB MSE A 5 -17.23 64.49 -23.81
CG MSE A 5 -15.81 64.82 -24.27
SE MSE A 5 -15.88 65.86 -25.89
CE MSE A 5 -16.08 67.54 -24.91
N LYS A 6 -19.45 62.44 -22.39
CA LYS A 6 -20.78 62.25 -21.82
C LYS A 6 -20.93 60.83 -21.32
N PRO A 7 -21.78 60.61 -20.31
CA PRO A 7 -22.07 59.27 -19.80
C PRO A 7 -22.93 58.47 -20.76
N ASN A 8 -22.77 57.15 -20.71
CA ASN A 8 -23.47 56.24 -21.63
C ASN A 8 -24.82 55.78 -21.09
N ILE A 9 -24.96 55.72 -19.78
CA ILE A 9 -26.23 55.35 -19.16
C ILE A 9 -27.17 56.52 -19.20
N LYS A 10 -28.29 56.37 -19.90
CA LYS A 10 -29.28 57.43 -20.02
C LYS A 10 -30.66 56.95 -19.65
N ARG A 11 -31.56 57.87 -19.32
CA ARG A 11 -32.94 57.47 -19.12
C ARG A 11 -33.46 57.06 -20.47
N VAL A 12 -34.40 56.14 -20.48
CA VAL A 12 -34.87 55.52 -21.70
C VAL A 12 -36.35 55.26 -21.56
N ILE A 13 -37.15 55.69 -22.53
CA ILE A 13 -38.57 55.49 -22.44
C ILE A 13 -38.95 54.13 -22.95
N ASN A 14 -39.61 53.35 -22.12
CA ASN A 14 -39.90 51.99 -22.48
C ASN A 14 -41.31 51.81 -23.01
N ALA A 15 -41.43 51.40 -24.25
CA ALA A 15 -42.73 51.20 -24.82
C ALA A 15 -42.91 49.74 -25.17
N THR A 16 -41.99 48.90 -24.72
CA THR A 16 -42.07 47.46 -24.96
C THR A 16 -43.20 46.81 -24.18
N GLY A 17 -43.75 47.53 -23.22
CA GLY A 17 -44.85 47.01 -22.44
C GLY A 17 -44.42 45.85 -21.56
N VAL A 18 -43.11 45.74 -21.37
CA VAL A 18 -42.50 44.70 -20.55
C VAL A 18 -42.02 45.24 -19.21
N VAL A 19 -42.82 45.04 -18.18
CA VAL A 19 -42.57 45.63 -16.87
C VAL A 19 -41.19 45.28 -16.30
N ILE A 20 -40.91 44.00 -16.05
CA ILE A 20 -39.60 43.64 -15.57
C ILE A 20 -38.72 43.32 -16.76
N ASN A 21 -37.91 44.29 -17.14
CA ASN A 21 -37.11 44.18 -18.35
C ASN A 21 -35.62 44.03 -18.08
N THR A 22 -35.09 42.83 -18.29
CA THR A 22 -33.69 42.56 -17.99
C THR A 22 -32.76 43.59 -18.66
N ASN A 23 -33.08 44.00 -19.88
CA ASN A 23 -32.25 44.90 -20.66
C ASN A 23 -32.34 46.38 -20.30
N LEU A 24 -33.55 46.82 -19.98
CA LEU A 24 -33.82 48.21 -19.66
C LEU A 24 -33.79 48.56 -18.16
N GLY A 25 -33.08 47.78 -17.36
CA GLY A 25 -32.77 48.16 -15.98
C GLY A 25 -33.61 47.53 -14.89
N ARG A 26 -34.44 46.58 -15.27
CA ARG A 26 -35.39 45.97 -14.35
C ARG A 26 -36.25 47.02 -13.68
N ALA A 27 -36.53 46.84 -12.39
CA ALA A 27 -37.51 47.64 -11.69
C ALA A 27 -37.13 49.09 -11.54
N PRO A 28 -37.99 50.01 -12.00
CA PRO A 28 -37.77 51.43 -11.70
C PRO A 28 -38.22 51.76 -10.30
N LEU A 29 -37.69 52.83 -9.76
CA LEU A 29 -38.01 53.26 -8.40
C LEU A 29 -38.91 54.48 -8.36
N SER A 30 -39.81 54.51 -7.38
CA SER A 30 -40.69 55.64 -7.17
C SER A 30 -39.89 56.84 -6.70
N LYS A 31 -40.41 58.04 -6.95
CA LYS A 31 -39.63 59.24 -6.64
C LYS A 31 -39.45 59.39 -5.14
N ASP A 32 -40.44 58.95 -4.37
CA ASP A 32 -40.35 58.93 -2.92
C ASP A 32 -39.07 58.22 -2.50
N VAL A 33 -38.81 57.07 -3.12
CA VAL A 33 -37.65 56.28 -2.77
C VAL A 33 -36.39 57.01 -3.18
N ILE A 34 -36.37 57.45 -4.42
CA ILE A 34 -35.19 58.09 -4.98
C ILE A 34 -34.79 59.29 -4.15
N ASN A 35 -35.76 60.11 -3.79
CA ASN A 35 -35.51 61.24 -2.88
C ASN A 35 -34.82 60.75 -1.63
N PHE A 36 -35.41 59.75 -0.99
CA PHE A 36 -34.81 59.20 0.22
C PHE A 36 -33.37 58.73 -0.02
N ILE A 37 -33.14 58.03 -1.13
CA ILE A 37 -31.79 57.65 -1.51
C ILE A 37 -30.92 58.87 -1.67
N SER A 38 -31.42 59.87 -2.38
CA SER A 38 -30.65 61.09 -2.59
C SER A 38 -30.29 61.75 -1.25
N GLU A 39 -31.23 61.75 -0.30
CA GLU A 39 -31.01 62.37 1.01
C GLU A 39 -29.86 61.71 1.77
N ILE A 40 -29.87 60.39 1.83
CA ILE A 40 -28.84 59.65 2.58
C ILE A 40 -27.47 59.62 1.90
N ALA A 41 -27.44 60.01 0.63
CA ALA A 41 -26.21 59.99 -0.16
C ALA A 41 -25.53 61.34 -0.15
N ASN A 42 -26.36 62.36 0.00
CA ASN A 42 -25.94 63.75 -0.10
C ASN A 42 -24.95 64.15 1.01
N GLY A 43 -25.04 63.49 2.16
CA GLY A 43 -24.13 63.76 3.25
C GLY A 43 -23.78 62.53 4.05
N TYR A 44 -23.33 62.73 5.27
CA TYR A 44 -23.06 61.63 6.16
C TYR A 44 -24.34 61.06 6.73
N SER A 45 -24.24 59.96 7.47
CA SER A 45 -25.39 59.17 7.90
C SER A 45 -25.05 58.14 8.97
N ASN A 46 -26.10 57.47 9.45
CA ASN A 46 -25.93 56.45 10.47
C ASN A 46 -25.64 55.04 9.93
N LEU A 47 -25.28 54.95 8.65
CA LEU A 47 -25.05 53.66 7.97
C LEU A 47 -24.64 52.54 8.91
N GLU A 48 -23.39 52.59 9.35
CA GLU A 48 -22.90 51.67 10.36
C GLU A 48 -22.72 52.42 11.67
N TYR A 49 -23.82 52.68 12.37
CA TYR A 49 -23.76 53.42 13.62
C TYR A 49 -25.00 53.17 14.47
N ASN A 50 -24.86 53.27 15.78
CA ASN A 50 -26.00 53.24 16.67
C ASN A 50 -26.12 54.57 17.39
N LEU A 51 -27.07 55.40 16.96
CA LEU A 51 -27.23 56.73 17.55
C LEU A 51 -27.64 56.68 19.02
N GLU A 52 -28.26 55.59 19.42
CA GLU A 52 -28.60 55.38 20.83
C GLU A 52 -27.35 55.16 21.66
N GLU A 53 -26.48 54.24 21.20
CA GLU A 53 -25.30 53.83 21.95
C GLU A 53 -24.03 54.63 21.65
N GLY A 54 -24.04 55.45 20.60
CA GLY A 54 -22.87 56.25 20.25
C GLY A 54 -21.66 55.43 19.82
N LYS A 55 -21.92 54.26 19.25
CA LYS A 55 -20.88 53.36 18.75
C LYS A 55 -21.28 52.74 17.42
N ARG A 56 -20.36 51.98 16.82
CA ARG A 56 -20.62 51.34 15.54
C ARG A 56 -21.81 50.39 15.62
N GLY A 57 -22.44 50.13 14.49
CA GLY A 57 -23.58 49.23 14.46
C GLY A 57 -23.69 48.50 13.14
N SER A 58 -24.53 47.47 13.10
CA SER A 58 -24.76 46.78 11.85
C SER A 58 -25.57 47.65 10.87
N ARG A 59 -25.22 47.60 9.60
CA ARG A 59 -25.98 48.34 8.60
C ARG A 59 -27.31 47.63 8.30
N ILE A 60 -27.22 46.34 8.04
CA ILE A 60 -28.39 45.49 7.87
C ILE A 60 -29.47 45.72 8.94
N ALA A 61 -29.04 46.02 10.16
CA ALA A 61 -29.97 46.17 11.27
C ALA A 61 -31.25 46.88 10.85
N HIS A 62 -31.10 48.09 10.35
CA HIS A 62 -32.24 48.89 9.94
C HIS A 62 -33.29 48.02 9.24
N ILE A 63 -32.83 47.23 8.28
CA ILE A 63 -33.72 46.50 7.38
C ILE A 63 -34.35 45.24 7.97
N GLU A 64 -33.52 44.41 8.61
CA GLU A 64 -33.94 43.11 9.10
C GLU A 64 -35.30 43.15 9.81
N LYS A 65 -35.51 44.17 10.65
CA LYS A 65 -36.77 44.31 11.37
C LYS A 65 -37.97 44.25 10.41
N TYR A 66 -37.94 45.05 9.35
CA TYR A 66 -38.97 45.03 8.31
C TYR A 66 -39.17 43.66 7.66
N LEU A 67 -38.08 43.05 7.18
CA LEU A 67 -38.18 41.76 6.51
C LEU A 67 -38.78 40.70 7.42
N ASN A 68 -38.26 40.62 8.63
CA ASN A 68 -38.76 39.64 9.57
C ASN A 68 -40.26 39.81 9.79
N GLU A 69 -40.73 41.06 9.90
CA GLU A 69 -42.16 41.30 10.12
C GLU A 69 -43.02 40.98 8.90
N LEU A 70 -42.57 41.46 7.74
CA LEU A 70 -43.28 41.30 6.47
C LEU A 70 -43.42 39.84 6.01
N THR A 71 -42.35 39.07 6.12
CA THR A 71 -42.32 37.68 5.68
C THR A 71 -42.71 36.68 6.76
N GLY A 72 -42.54 37.07 8.01
CA GLY A 72 -42.83 36.21 9.13
C GLY A 72 -41.76 35.17 9.41
N ALA A 73 -40.54 35.42 8.95
CA ALA A 73 -39.42 34.57 9.29
C ALA A 73 -38.78 35.02 10.63
N GLU A 74 -38.03 34.12 11.28
CA GLU A 74 -37.34 34.42 12.53
C GLU A 74 -36.35 35.57 12.35
N SER A 75 -35.49 35.46 11.34
CA SER A 75 -34.39 36.39 11.12
C SER A 75 -34.22 36.57 9.62
N SER A 76 -33.54 37.65 9.21
CA SER A 76 -33.24 37.87 7.80
C SER A 76 -31.88 38.52 7.55
N PHE A 77 -31.55 38.66 6.27
CA PHE A 77 -30.25 39.16 5.82
C PHE A 77 -30.33 39.60 4.37
N VAL A 78 -29.49 40.58 3.99
CA VAL A 78 -29.51 41.09 2.62
C VAL A 78 -28.12 41.29 2.04
N VAL A 79 -27.88 40.62 0.91
CA VAL A 79 -26.61 40.71 0.20
C VAL A 79 -26.75 41.43 -1.16
N ASN A 80 -25.64 41.56 -1.87
CA ASN A 80 -25.62 42.23 -3.17
C ASN A 80 -26.74 41.92 -4.18
N ASN A 81 -26.91 40.65 -4.49
CA ASN A 81 -27.93 40.22 -5.45
C ASN A 81 -28.29 38.78 -5.17
N ASN A 82 -29.35 38.28 -5.79
CA ASN A 82 -29.80 36.93 -5.48
C ASN A 82 -28.77 35.85 -5.85
N ALA A 83 -28.03 36.07 -6.93
CA ALA A 83 -26.91 35.20 -7.29
C ALA A 83 -26.00 35.02 -6.09
N GLY A 84 -25.67 36.13 -5.44
CA GLY A 84 -24.79 36.10 -4.30
C GLY A 84 -25.42 35.37 -3.14
N ALA A 85 -26.70 35.62 -2.90
CA ALA A 85 -27.44 34.94 -1.83
C ALA A 85 -27.30 33.43 -2.04
N VAL A 86 -27.69 32.98 -3.23
CA VAL A 86 -27.54 31.57 -3.62
C VAL A 86 -26.10 31.07 -3.38
N PHE A 87 -25.13 31.76 -3.93
CA PHE A 87 -23.73 31.43 -3.67
C PHE A 87 -23.42 31.33 -2.16
N LEU A 88 -23.82 32.34 -1.40
CA LEU A 88 -23.57 32.40 0.03
C LEU A 88 -24.30 31.30 0.84
N VAL A 89 -25.58 31.09 0.56
CA VAL A 89 -26.34 30.04 1.22
C VAL A 89 -25.64 28.69 1.07
N LEU A 90 -25.31 28.35 -0.17
CA LEU A 90 -24.59 27.12 -0.45
C LEU A 90 -23.16 27.07 0.14
N ASN A 91 -22.35 28.11 -0.03
CA ASN A 91 -20.99 28.03 0.49
C ASN A 91 -20.99 27.94 2.03
N THR A 92 -22.02 28.49 2.68
CA THR A 92 -22.10 28.41 4.12
C THR A 92 -22.51 27.02 4.58
N LEU A 93 -23.68 26.57 4.14
CA LEU A 93 -24.29 25.33 4.66
C LEU A 93 -23.91 24.04 3.96
N ALA A 94 -23.20 24.09 2.84
CA ALA A 94 -23.09 22.89 2.03
C ALA A 94 -21.72 22.67 1.44
N GLU A 95 -20.70 23.36 1.96
CA GLU A 95 -19.37 23.18 1.41
C GLU A 95 -18.89 21.76 1.60
N GLY A 96 -18.52 21.12 0.51
CA GLY A 96 -17.97 19.79 0.60
C GLY A 96 -19.04 18.76 0.85
N LYS A 97 -20.28 19.22 1.03
CA LYS A 97 -21.43 18.34 1.26
C LYS A 97 -22.37 18.27 0.04
N GLU A 98 -23.43 17.48 0.14
CA GLU A 98 -24.30 17.23 -1.00
C GLU A 98 -25.57 18.08 -0.93
N VAL A 99 -25.97 18.62 -2.08
CA VAL A 99 -27.22 19.35 -2.20
C VAL A 99 -28.14 18.70 -3.21
N ILE A 100 -29.29 18.24 -2.74
CA ILE A 100 -30.25 17.58 -3.61
C ILE A 100 -31.14 18.60 -4.31
N ILE A 101 -31.27 18.46 -5.63
CA ILE A 101 -32.09 19.38 -6.42
C ILE A 101 -32.67 18.71 -7.67
N SER A 102 -33.90 19.08 -8.03
CA SER A 102 -34.58 18.54 -9.22
C SER A 102 -33.88 18.79 -10.55
N ARG A 103 -33.79 17.79 -11.40
CA ARG A 103 -33.15 17.96 -12.71
C ARG A 103 -33.83 19.03 -13.55
N GLY A 104 -35.00 19.48 -13.09
CA GLY A 104 -35.77 20.45 -13.85
C GLY A 104 -35.57 21.87 -13.37
N GLU A 105 -34.81 22.01 -12.28
CA GLU A 105 -34.64 23.30 -11.66
C GLU A 105 -33.20 23.81 -11.76
N LEU A 106 -32.39 23.21 -12.62
CA LEU A 106 -31.00 23.66 -12.82
C LEU A 106 -30.97 24.71 -13.90
N VAL A 107 -31.11 25.97 -13.50
CA VAL A 107 -31.45 27.04 -14.44
C VAL A 107 -30.32 27.96 -14.86
N GLU A 108 -30.48 28.54 -16.03
CA GLU A 108 -29.64 29.66 -16.43
C GLU A 108 -30.57 30.84 -16.48
N ILE A 109 -30.32 31.81 -15.61
CA ILE A 109 -31.05 33.07 -15.60
C ILE A 109 -30.01 34.15 -15.90
N GLY A 110 -30.30 35.03 -16.86
CA GLY A 110 -29.27 35.94 -17.35
C GLY A 110 -28.27 35.17 -18.22
N GLY A 111 -27.15 35.80 -18.55
CA GLY A 111 -26.18 35.15 -19.42
C GLY A 111 -25.11 34.49 -18.58
N SER A 112 -24.90 35.04 -17.39
CA SER A 112 -23.73 34.70 -16.61
C SER A 112 -24.06 33.85 -15.41
N PHE A 113 -25.33 33.58 -15.18
CA PHE A 113 -25.74 32.87 -13.96
C PHE A 113 -26.32 31.46 -14.19
N ARG A 114 -25.56 30.43 -13.86
CA ARG A 114 -26.05 29.06 -14.01
C ARG A 114 -26.00 28.27 -12.70
N ILE A 115 -27.15 27.84 -12.18
CA ILE A 115 -27.14 27.18 -10.87
C ILE A 115 -25.96 26.23 -10.83
N PRO A 116 -25.95 25.23 -11.72
CA PRO A 116 -24.93 24.20 -11.49
C PRO A 116 -23.51 24.76 -11.52
N ASP A 117 -23.31 25.88 -12.22
CA ASP A 117 -21.98 26.48 -12.35
C ASP A 117 -21.60 27.22 -11.08
N ILE A 118 -22.58 27.90 -10.50
CA ILE A 118 -22.27 28.69 -9.33
C ILE A 118 -22.27 27.80 -8.12
N MSE A 119 -23.16 26.80 -8.12
CA MSE A 119 -23.16 25.83 -7.06
C MSE A 119 -21.83 25.13 -7.01
O MSE A 119 -21.34 24.78 -5.94
CB MSE A 119 -24.27 24.80 -7.22
CG MSE A 119 -24.08 23.61 -6.30
SE MSE A 119 -25.70 22.59 -5.99
CE MSE A 119 -26.43 22.66 -7.77
N LYS A 120 -21.23 24.90 -8.17
CA LYS A 120 -19.94 24.23 -8.16
C LYS A 120 -18.89 25.11 -7.48
N LYS A 121 -18.81 26.38 -7.91
CA LYS A 121 -17.87 27.37 -7.37
C LYS A 121 -18.18 27.65 -5.91
N SER A 122 -19.35 27.18 -5.50
CA SER A 122 -19.85 27.31 -4.15
C SER A 122 -19.07 26.40 -3.20
N GLY A 123 -18.59 25.27 -3.73
CA GLY A 123 -17.92 24.25 -2.93
C GLY A 123 -18.92 23.14 -2.61
N ALA A 124 -20.18 23.43 -2.86
CA ALA A 124 -21.25 22.49 -2.63
C ALA A 124 -21.20 21.42 -3.70
N ILE A 125 -21.79 20.28 -3.42
CA ILE A 125 -21.74 19.13 -4.30
C ILE A 125 -23.16 18.83 -4.78
N LEU A 126 -23.34 18.79 -6.09
CA LEU A 126 -24.68 18.70 -6.69
C LEU A 126 -25.12 17.27 -6.88
N ARG A 127 -26.23 16.95 -6.23
CA ARG A 127 -26.86 15.66 -6.37
C ARG A 127 -28.18 15.94 -7.04
N GLU A 128 -28.21 15.72 -8.35
CA GLU A 128 -29.38 16.04 -9.15
C GLU A 128 -30.27 14.83 -9.27
N VAL A 129 -31.56 15.04 -9.12
CA VAL A 129 -32.50 13.94 -9.06
C VAL A 129 -33.67 14.14 -9.99
N GLY A 130 -34.42 13.07 -10.21
CA GLY A 130 -35.56 13.12 -11.12
C GLY A 130 -35.20 13.23 -12.60
N THR A 131 -36.08 13.87 -13.36
CA THR A 131 -35.85 14.10 -14.80
C THR A 131 -36.17 15.53 -15.13
N THR A 132 -35.93 15.92 -16.39
CA THR A 132 -36.17 17.31 -16.81
C THR A 132 -37.63 17.66 -16.52
N ASN A 133 -38.54 16.96 -17.20
CA ASN A 133 -39.98 17.24 -17.14
C ASN A 133 -40.72 16.78 -15.88
N LYS A 134 -40.37 15.61 -15.36
CA LYS A 134 -41.07 15.10 -14.18
C LYS A 134 -40.08 14.79 -13.07
N THR A 135 -40.37 15.27 -11.86
CA THR A 135 -39.64 14.92 -10.63
C THR A 135 -40.61 14.65 -9.48
N LYS A 136 -40.42 13.54 -8.78
CA LYS A 136 -41.34 13.12 -7.71
C LYS A 136 -40.64 13.25 -6.36
N VAL A 137 -41.40 13.12 -5.27
CA VAL A 137 -40.81 13.16 -3.94
C VAL A 137 -39.76 12.07 -3.81
N SER A 138 -40.09 10.91 -4.35
CA SER A 138 -39.23 9.72 -4.35
C SER A 138 -37.79 10.09 -4.72
N ASP A 139 -37.64 10.85 -5.81
CA ASP A 139 -36.32 11.25 -6.27
C ASP A 139 -35.51 11.96 -5.20
N TYR A 140 -36.16 12.89 -4.51
CA TYR A 140 -35.52 13.67 -3.47
C TYR A 140 -35.04 12.75 -2.34
N GLU A 141 -35.99 12.03 -1.75
CA GLU A 141 -35.71 11.14 -0.63
C GLU A 141 -34.68 10.06 -0.94
N GLY A 142 -34.75 9.52 -2.14
CA GLY A 142 -33.86 8.46 -2.56
C GLY A 142 -32.41 8.87 -2.69
N ALA A 143 -32.14 10.17 -2.68
CA ALA A 143 -30.76 10.62 -2.89
C ALA A 143 -30.16 11.14 -1.58
N ILE A 144 -30.99 11.24 -0.55
CA ILE A 144 -30.54 11.59 0.79
C ILE A 144 -29.48 10.59 1.27
N ASN A 145 -28.48 11.08 1.99
CA ASN A 145 -27.49 10.22 2.64
C ASN A 145 -26.75 10.93 3.79
N GLN A 146 -25.62 10.36 4.21
CA GLN A 146 -24.84 10.89 5.32
C GLN A 146 -24.32 12.29 5.02
N ASN A 147 -23.92 12.53 3.77
CA ASN A 147 -23.35 13.82 3.37
C ASN A 147 -24.38 14.82 2.84
N THR A 148 -25.66 14.46 2.85
CA THR A 148 -26.70 15.37 2.44
C THR A 148 -26.83 16.54 3.41
N ALA A 149 -26.60 17.75 2.90
CA ALA A 149 -26.62 18.96 3.73
C ALA A 149 -27.85 19.84 3.46
N LEU A 150 -28.49 19.65 2.31
CA LEU A 150 -29.53 20.59 1.86
C LEU A 150 -30.48 20.02 0.80
N LEU A 151 -31.78 20.30 0.98
CA LEU A 151 -32.79 20.07 -0.04
C LEU A 151 -33.13 21.41 -0.67
N MSE A 152 -32.88 21.56 -1.97
CA MSE A 152 -33.04 22.83 -2.66
C MSE A 152 -34.03 22.82 -3.84
O MSE A 152 -34.09 21.87 -4.65
CB MSE A 152 -31.68 23.31 -3.16
CG MSE A 152 -31.70 24.68 -3.79
SE MSE A 152 -29.94 25.10 -4.51
CE MSE A 152 -30.27 26.92 -5.03
N LYS A 153 -34.82 23.88 -3.91
CA LYS A 153 -35.77 24.07 -4.98
C LYS A 153 -35.46 25.44 -5.53
N VAL A 154 -35.29 25.52 -6.86
CA VAL A 154 -35.12 26.79 -7.55
C VAL A 154 -36.35 27.08 -8.41
N HIS A 155 -36.96 28.23 -8.22
CA HIS A 155 -38.13 28.59 -9.02
C HIS A 155 -37.72 28.96 -10.44
N LYS A 156 -38.41 28.38 -11.42
CA LYS A 156 -38.14 28.69 -12.81
C LYS A 156 -38.78 30.04 -13.10
N SER A 157 -38.01 31.12 -12.92
CA SER A 157 -38.51 32.49 -13.12
C SER A 157 -38.56 32.96 -14.59
N ASN A 158 -37.58 32.58 -15.40
CA ASN A 158 -37.48 33.06 -16.77
C ASN A 158 -37.95 32.11 -17.84
N PHE A 159 -38.37 30.91 -17.47
CA PHE A 159 -38.98 30.00 -18.43
C PHE A 159 -40.03 29.15 -17.74
N TYR A 160 -40.76 28.36 -18.52
CA TYR A 160 -41.76 27.48 -17.93
C TYR A 160 -41.96 26.29 -18.84
N MSE A 161 -42.60 25.24 -18.33
CA MSE A 161 -42.76 24.03 -19.11
C MSE A 161 -44.22 23.61 -19.25
O MSE A 161 -45.02 23.81 -18.34
CB MSE A 161 -41.99 22.87 -18.47
CG MSE A 161 -40.54 23.14 -18.10
SE MSE A 161 -39.72 21.49 -17.46
CE MSE A 161 -40.95 21.10 -15.97
N GLU A 162 -44.56 23.06 -20.40
CA GLU A 162 -45.91 22.54 -20.61
C GLU A 162 -45.87 21.14 -21.20
N GLY A 163 -46.93 20.39 -20.96
CA GLY A 163 -47.01 19.02 -21.40
C GLY A 163 -47.08 18.05 -20.25
N PHE A 164 -46.49 16.87 -20.45
CA PHE A 164 -46.40 15.90 -19.39
C PHE A 164 -45.33 16.38 -18.43
N VAL A 165 -45.78 16.86 -17.28
CA VAL A 165 -44.88 17.48 -16.33
C VAL A 165 -45.26 17.14 -14.89
N GLU A 166 -44.24 17.03 -14.04
CA GLU A 166 -44.44 16.75 -12.64
C GLU A 166 -43.47 17.59 -11.84
N GLU A 167 -43.86 17.89 -10.61
CA GLU A 167 -43.07 18.73 -9.74
C GLU A 167 -43.45 18.34 -8.31
N VAL A 168 -42.53 18.50 -7.38
CA VAL A 168 -42.82 18.20 -5.97
C VAL A 168 -43.53 19.37 -5.28
N LYS A 169 -44.63 19.07 -4.62
CA LYS A 169 -45.35 20.09 -3.90
C LYS A 169 -44.39 20.60 -2.84
N LEU A 170 -44.30 21.92 -2.66
CA LEU A 170 -43.39 22.44 -1.63
C LEU A 170 -43.61 21.78 -0.27
N GLU A 171 -44.88 21.59 0.09
CA GLU A 171 -45.27 20.99 1.36
C GLU A 171 -44.58 19.66 1.62
N ASP A 172 -44.56 18.81 0.61
CA ASP A 172 -43.92 17.50 0.70
C ASP A 172 -42.41 17.62 0.91
N LEU A 173 -41.79 18.58 0.23
CA LEU A 173 -40.36 18.82 0.44
C LEU A 173 -40.11 19.15 1.91
N VAL A 174 -40.85 20.13 2.42
CA VAL A 174 -40.73 20.51 3.80
C VAL A 174 -40.95 19.28 4.65
N LYS A 175 -41.99 18.52 4.35
CA LYS A 175 -42.26 17.32 5.14
C LYS A 175 -41.10 16.33 5.06
N LEU A 176 -40.50 16.23 3.88
CA LEU A 176 -39.34 15.36 3.68
C LEU A 176 -38.14 15.85 4.47
N GLY A 177 -37.90 17.15 4.43
CA GLY A 177 -36.81 17.75 5.17
C GLY A 177 -36.94 17.56 6.67
N HIS A 178 -38.13 17.79 7.22
CA HIS A 178 -38.35 17.60 8.64
C HIS A 178 -38.15 16.14 9.05
N LYS A 179 -38.49 15.22 8.14
CA LYS A 179 -38.28 13.80 8.37
C LYS A 179 -36.80 13.47 8.61
N TYR A 180 -35.92 13.81 7.67
CA TYR A 180 -34.52 13.45 7.79
C TYR A 180 -33.68 14.51 8.47
N GLY A 181 -34.32 15.57 8.92
CA GLY A 181 -33.66 16.65 9.62
C GLY A 181 -32.72 17.45 8.74
N ILE A 182 -33.12 17.57 7.47
CA ILE A 182 -32.38 18.36 6.49
C ILE A 182 -33.12 19.67 6.19
N PRO A 183 -32.38 20.77 6.23
CA PRO A 183 -32.86 22.11 5.90
C PRO A 183 -33.27 22.23 4.43
N THR A 184 -34.34 22.99 4.15
CA THR A 184 -34.81 23.20 2.78
C THR A 184 -34.65 24.65 2.30
N TYR A 185 -33.91 24.85 1.21
CA TYR A 185 -33.66 26.18 0.64
C TYR A 185 -34.44 26.41 -0.63
N TYR A 186 -35.25 27.47 -0.67
CA TYR A 186 -36.01 27.87 -1.87
C TYR A 186 -35.47 29.15 -2.50
N ASP A 187 -34.87 29.02 -3.68
CA ASP A 187 -34.56 30.19 -4.46
C ASP A 187 -35.79 30.60 -5.27
N ALA A 188 -36.66 31.43 -4.69
CA ALA A 188 -37.82 31.98 -5.40
C ALA A 188 -37.42 32.78 -6.62
N GLY A 189 -36.35 33.54 -6.46
CA GLY A 189 -35.80 34.34 -7.54
C GLY A 189 -36.57 35.61 -7.79
N SER A 190 -37.89 35.52 -7.81
CA SER A 190 -38.71 36.64 -8.19
C SER A 190 -38.80 37.64 -7.05
N GLY A 191 -38.60 37.13 -5.83
CA GLY A 191 -38.71 37.95 -4.65
C GLY A 191 -40.05 38.68 -4.54
N LEU A 192 -41.10 38.08 -5.08
CA LEU A 192 -42.44 38.63 -4.91
C LEU A 192 -42.74 38.70 -3.42
N LEU A 193 -43.24 39.84 -2.95
CA LEU A 193 -43.41 40.02 -1.52
C LEU A 193 -44.74 39.52 -0.98
N ILE A 194 -45.80 39.73 -1.75
CA ILE A 194 -47.14 39.35 -1.31
C ILE A 194 -47.92 38.69 -2.42
N ASN A 195 -48.89 37.86 -2.04
CA ASN A 195 -49.71 37.10 -2.99
C ASN A 195 -50.30 38.00 -4.04
N LEU A 196 -50.22 37.57 -5.29
CA LEU A 196 -50.66 38.39 -6.40
C LEU A 196 -52.18 38.46 -6.53
N LYS A 197 -52.88 37.41 -6.11
CA LYS A 197 -54.32 37.34 -6.31
C LYS A 197 -55.06 38.46 -5.56
N GLU A 198 -54.36 39.08 -4.62
CA GLU A 198 -54.89 40.21 -3.87
C GLU A 198 -55.14 41.44 -4.76
N PHE A 199 -54.41 41.51 -5.88
CA PHE A 199 -54.52 42.63 -6.83
C PHE A 199 -55.32 42.27 -8.07
N GLY A 200 -56.00 41.14 -8.04
CA GLY A 200 -56.81 40.72 -9.17
C GLY A 200 -56.03 40.04 -10.27
N ILE A 201 -54.76 39.75 -10.03
CA ILE A 201 -53.96 38.95 -10.95
C ILE A 201 -53.80 37.54 -10.41
N SER A 202 -54.51 36.60 -11.01
CA SER A 202 -54.47 35.21 -10.54
C SER A 202 -53.29 34.43 -11.12
N VAL A 203 -52.26 34.20 -10.29
CA VAL A 203 -51.15 33.34 -10.64
C VAL A 203 -50.55 32.55 -9.45
N ASP A 204 -49.87 31.46 -9.77
CA ASP A 204 -49.31 30.53 -8.80
C ASP A 204 -47.98 31.02 -8.22
N GLU A 205 -47.38 32.04 -8.85
CA GLU A 205 -46.11 32.61 -8.39
C GLU A 205 -45.92 32.68 -6.85
N PRO A 206 -44.80 32.12 -6.33
CA PRO A 206 -44.55 32.10 -4.89
C PRO A 206 -44.10 33.45 -4.34
N ASN A 207 -44.53 33.73 -3.12
CA ASN A 207 -44.11 34.95 -2.45
C ASN A 207 -43.43 34.60 -1.14
N PHE A 208 -42.76 35.58 -0.52
CA PHE A 208 -42.03 35.36 0.71
C PHE A 208 -42.90 34.87 1.88
N ARG A 209 -43.89 35.68 2.27
CA ARG A 209 -44.71 35.30 3.42
C ARG A 209 -45.24 33.86 3.32
N ASP A 210 -45.84 33.52 2.18
CA ASP A 210 -46.54 32.23 2.00
C ASP A 210 -45.59 31.03 2.01
N CYS A 211 -44.41 31.21 1.44
CA CYS A 211 -43.41 30.15 1.37
C CYS A 211 -42.70 29.98 2.71
N ILE A 212 -42.71 31.03 3.55
CA ILE A 212 -42.12 30.95 4.88
C ILE A 212 -43.07 30.26 5.86
N SER A 213 -44.33 30.70 5.88
CA SER A 213 -45.31 30.05 6.71
C SER A 213 -45.57 28.58 6.30
N LEU A 214 -45.07 28.15 5.14
CA LEU A 214 -45.18 26.73 4.76
C LEU A 214 -44.06 25.89 5.34
N GLY A 215 -43.16 26.52 6.09
CA GLY A 215 -42.12 25.78 6.79
C GLY A 215 -40.85 25.55 6.02
N ILE A 216 -40.57 26.41 5.04
CA ILE A 216 -39.30 26.38 4.35
C ILE A 216 -38.25 27.06 5.21
N ASP A 217 -37.06 26.47 5.32
CA ASP A 217 -36.08 26.98 6.29
C ASP A 217 -35.35 28.21 5.81
N LEU A 218 -35.19 28.34 4.50
CA LEU A 218 -34.59 29.52 3.87
C LEU A 218 -35.23 29.84 2.54
N VAL A 219 -35.58 31.11 2.34
CA VAL A 219 -36.06 31.57 1.03
C VAL A 219 -35.29 32.81 0.60
N SER A 220 -34.80 32.81 -0.64
CA SER A 220 -34.14 33.97 -1.19
C SER A 220 -34.85 34.52 -2.44
N GLY A 221 -34.45 35.71 -2.86
CA GLY A 221 -35.05 36.38 -3.99
C GLY A 221 -34.34 37.67 -4.34
N SER A 222 -34.66 38.19 -5.51
CA SER A 222 -34.10 39.47 -5.99
C SER A 222 -34.89 40.65 -5.43
N GLY A 223 -34.20 41.78 -5.35
CA GLY A 223 -34.87 43.00 -4.91
C GLY A 223 -35.49 43.78 -6.06
N ASP A 224 -34.86 43.72 -7.23
CA ASP A 224 -35.28 44.51 -8.37
C ASP A 224 -36.18 43.75 -9.35
N1 LLP A 225 -32.21 32.65 -9.21
C2 LLP A 225 -33.51 32.87 -9.58
C2' LLP A 225 -34.52 31.70 -9.46
C3 LLP A 225 -33.91 34.13 -10.04
O3 LLP A 225 -35.22 34.39 -10.41
C4 LLP A 225 -32.97 35.13 -10.11
C4' LLP A 225 -33.33 36.51 -10.60
C5 LLP A 225 -31.65 34.88 -9.74
C6 LLP A 225 -31.29 33.62 -9.28
C5' LLP A 225 -30.63 36.02 -9.83
OP4 LLP A 225 -31.09 37.20 -9.28
P LLP A 225 -30.11 38.41 -9.24
OP1 LLP A 225 -28.76 37.83 -8.80
OP2 LLP A 225 -30.63 39.44 -8.22
OP3 LLP A 225 -30.03 39.04 -10.65
N LLP A 225 -36.94 42.78 -8.86
CA LLP A 225 -37.85 42.07 -9.71
CB LLP A 225 -37.55 40.56 -9.81
CG LLP A 225 -36.30 40.25 -10.64
CD LLP A 225 -36.05 38.73 -10.74
CE LLP A 225 -34.80 38.22 -11.39
NZ LLP A 225 -34.56 36.89 -11.00
C LLP A 225 -39.20 42.34 -9.28
O LLP A 225 -39.64 43.51 -9.37
N LEU A 226 -39.92 41.35 -8.77
CA LEU A 226 -41.31 41.58 -8.42
C LEU A 226 -41.45 42.23 -7.05
N LEU A 227 -40.32 42.52 -6.43
CA LEU A 227 -40.38 43.21 -5.15
C LEU A 227 -40.49 44.70 -5.42
N GLY A 228 -40.00 45.10 -6.60
CA GLY A 228 -40.08 46.46 -7.06
C GLY A 228 -39.14 47.42 -6.35
N GLY A 229 -38.01 46.90 -5.92
CA GLY A 229 -37.05 47.73 -5.22
C GLY A 229 -35.78 47.73 -6.00
N PRO A 230 -34.68 48.14 -5.35
CA PRO A 230 -33.35 48.14 -5.96
C PRO A 230 -32.72 46.76 -5.88
N GLN A 231 -31.58 46.60 -6.54
CA GLN A 231 -30.98 45.29 -6.66
C GLN A 231 -30.52 44.80 -5.33
N ALA A 232 -30.85 43.55 -5.03
CA ALA A 232 -30.45 42.92 -3.78
C ALA A 232 -30.80 41.44 -3.71
N GLY A 233 -29.95 40.71 -2.99
CA GLY A 233 -30.23 39.34 -2.60
C GLY A 233 -30.83 39.26 -1.21
N ILE A 234 -32.11 38.90 -1.13
CA ILE A 234 -32.86 38.86 0.13
C ILE A 234 -32.98 37.42 0.66
N ILE A 235 -32.48 37.18 1.88
CA ILE A 235 -32.58 35.87 2.50
C ILE A 235 -33.43 35.99 3.76
N VAL A 236 -34.41 35.09 3.93
CA VAL A 236 -35.21 35.10 5.14
C VAL A 236 -35.40 33.68 5.57
N GLY A 237 -35.44 33.46 6.88
CA GLY A 237 -35.64 32.13 7.39
C GLY A 237 -35.35 31.91 8.86
N LYS A 238 -34.85 30.72 9.17
CA LYS A 238 -34.56 30.34 10.54
C LYS A 238 -33.31 31.04 11.05
N LYS A 239 -33.44 31.68 12.21
CA LYS A 239 -32.36 32.44 12.84
C LYS A 239 -31.05 31.67 12.92
N ASN A 240 -31.08 30.44 13.43
CA ASN A 240 -29.86 29.65 13.54
C ASN A 240 -29.04 29.60 12.25
N LEU A 241 -29.73 29.70 11.11
CA LEU A 241 -29.13 29.56 9.79
C LEU A 241 -28.65 30.89 9.27
N ILE A 242 -29.53 31.88 9.30
CA ILE A 242 -29.11 33.26 9.00
C ILE A 242 -27.83 33.61 9.75
N GLU A 243 -27.84 33.38 11.05
CA GLU A 243 -26.63 33.52 11.85
C GLU A 243 -25.37 32.92 11.20
N LYS A 244 -25.40 31.64 10.87
CA LYS A 244 -24.25 30.97 10.26
C LYS A 244 -23.84 31.68 9.00
N ILE A 245 -24.84 32.17 8.26
CA ILE A 245 -24.59 32.84 6.98
C ILE A 245 -23.96 34.19 7.19
N LYS A 246 -24.57 35.01 8.05
CA LYS A 246 -24.07 36.34 8.38
C LYS A 246 -22.58 36.32 8.74
N LYS A 247 -22.11 35.20 9.30
CA LYS A 247 -20.77 35.13 9.86
C LYS A 247 -19.72 34.66 8.85
N ASN A 248 -20.19 34.27 7.68
CA ASN A 248 -19.30 33.87 6.60
C ASN A 248 -18.53 35.10 6.11
N PRO A 249 -17.19 35.02 6.08
CA PRO A 249 -16.40 36.16 5.61
C PRO A 249 -16.76 36.59 4.18
N ILE A 250 -17.26 35.65 3.39
CA ILE A 250 -17.65 36.00 2.04
C ILE A 250 -18.82 37.00 2.07
N ALA A 251 -19.68 36.92 3.08
CA ALA A 251 -20.83 37.83 3.16
C ALA A 251 -20.42 39.30 3.24
N ARG A 252 -19.12 39.55 3.45
CA ARG A 252 -18.63 40.92 3.51
C ARG A 252 -18.25 41.35 2.11
N ALA A 253 -17.97 40.38 1.26
CA ALA A 253 -17.65 40.65 -0.12
C ALA A 253 -18.97 40.94 -0.84
N LEU A 254 -20.06 40.49 -0.24
CA LEU A 254 -21.37 40.69 -0.85
C LEU A 254 -22.21 41.73 -0.12
N ARG A 255 -21.57 42.52 0.72
CA ARG A 255 -22.26 43.50 1.58
C ARG A 255 -22.93 44.60 0.75
N ILE A 256 -24.17 44.92 1.05
CA ILE A 256 -24.84 45.89 0.18
C ILE A 256 -24.41 47.33 0.42
N ASP A 257 -24.48 48.13 -0.66
CA ASP A 257 -24.07 49.53 -0.69
C ASP A 257 -25.09 50.46 -0.03
N LYS A 258 -24.61 51.61 0.43
CA LYS A 258 -25.48 52.63 1.02
C LYS A 258 -26.75 52.94 0.19
N LEU A 259 -26.59 53.13 -1.12
CA LEU A 259 -27.72 53.46 -1.99
C LEU A 259 -28.81 52.40 -1.98
N THR A 260 -28.50 51.15 -2.35
CA THR A 260 -29.54 50.12 -2.34
C THR A 260 -30.16 49.89 -0.95
N LEU A 261 -29.35 50.00 0.10
CA LEU A 261 -29.89 49.81 1.44
C LEU A 261 -30.97 50.86 1.73
N SER A 262 -30.62 52.11 1.49
CA SER A 262 -31.56 53.23 1.54
C SER A 262 -32.82 52.95 0.72
N GLY A 263 -32.62 52.66 -0.56
CA GLY A 263 -33.71 52.45 -1.47
C GLY A 263 -34.57 51.29 -1.00
N LEU A 264 -33.91 50.28 -0.45
CA LEU A 264 -34.59 49.07 -0.06
C LEU A 264 -35.50 49.40 1.09
N GLU A 265 -34.97 50.19 2.04
CA GLU A 265 -35.72 50.49 3.24
C GLU A 265 -36.97 51.27 2.91
N MSE A 266 -36.83 52.32 2.09
CA MSE A 266 -38.01 53.07 1.73
C MSE A 266 -39.03 52.19 1.04
O MSE A 266 -40.23 52.27 1.34
CB MSE A 266 -37.66 54.25 0.83
CG MSE A 266 -38.84 55.16 0.66
SE MSE A 266 -39.41 55.94 2.32
CE MSE A 266 -41.35 55.91 2.09
N THR A 267 -38.55 51.36 0.10
CA THR A 267 -39.40 50.40 -0.63
C THR A 267 -40.22 49.57 0.35
N LEU A 268 -39.54 49.00 1.34
CA LEU A 268 -40.19 48.16 2.32
C LEU A 268 -41.18 48.97 3.12
N LYS A 269 -40.82 50.21 3.47
CA LYS A 269 -41.71 51.05 4.26
C LYS A 269 -43.00 51.29 3.50
N LEU A 270 -42.90 51.44 2.18
CA LEU A 270 -44.06 51.54 1.31
C LEU A 270 -44.93 50.30 1.41
N TYR A 271 -44.31 49.14 1.49
CA TYR A 271 -45.06 47.92 1.71
C TYR A 271 -45.76 47.93 3.06
N PHE A 272 -45.05 48.30 4.13
CA PHE A 272 -45.69 48.40 5.45
C PHE A 272 -46.89 49.31 5.39
N GLU A 273 -46.72 50.46 4.73
CA GLU A 273 -47.77 51.46 4.60
C GLU A 273 -48.82 51.06 3.55
N LYS A 274 -48.66 49.87 2.98
CA LYS A 274 -49.59 49.30 2.00
C LYS A 274 -49.94 50.25 0.83
N ARG A 275 -48.99 51.12 0.45
CA ARG A 275 -49.14 52.01 -0.71
C ARG A 275 -48.60 51.40 -1.98
N TYR A 276 -49.16 50.26 -2.39
CA TYR A 276 -48.62 49.50 -3.50
C TYR A 276 -48.46 50.31 -4.77
N GLU A 277 -49.43 51.18 -5.01
CA GLU A 277 -49.43 52.01 -6.20
C GLU A 277 -48.20 52.89 -6.26
N ASP A 278 -47.50 53.02 -5.15
CA ASP A 278 -46.32 53.86 -5.10
C ASP A 278 -45.05 53.07 -5.34
N ILE A 279 -45.20 51.83 -5.79
CA ILE A 279 -44.05 51.08 -6.25
C ILE A 279 -44.31 50.63 -7.69
N PRO A 280 -43.56 51.18 -8.63
CA PRO A 280 -43.88 51.12 -10.06
C PRO A 280 -44.18 49.72 -10.58
N VAL A 281 -43.37 48.75 -10.22
CA VAL A 281 -43.53 47.41 -10.76
C VAL A 281 -44.87 46.76 -10.41
N ILE A 282 -45.34 46.97 -9.18
CA ILE A 282 -46.69 46.54 -8.85
C ILE A 282 -47.76 47.42 -9.53
N ARG A 283 -47.54 48.73 -9.57
CA ARG A 283 -48.51 49.64 -10.17
C ARG A 283 -48.75 49.28 -11.62
N MSE A 284 -47.66 48.99 -12.32
CA MSE A 284 -47.73 48.72 -13.75
C MSE A 284 -48.37 47.40 -14.09
O MSE A 284 -48.93 47.26 -15.18
CB MSE A 284 -46.35 48.75 -14.36
CG MSE A 284 -45.71 50.10 -14.31
SE MSE A 284 -44.17 50.08 -15.45
CE MSE A 284 -43.30 51.66 -14.73
N LEU A 285 -48.27 46.43 -13.20
CA LEU A 285 -48.88 45.13 -13.44
C LEU A 285 -50.32 45.10 -13.03
N THR A 286 -50.71 46.01 -12.15
CA THR A 286 -52.07 46.02 -11.66
C THR A 286 -52.93 47.09 -12.34
N GLN A 287 -52.35 47.79 -13.31
CA GLN A 287 -53.08 48.84 -14.01
C GLN A 287 -54.37 48.32 -14.60
N ASP A 288 -55.43 49.12 -14.47
CA ASP A 288 -56.76 48.80 -15.01
C ASP A 288 -56.76 48.85 -16.52
N GLU A 289 -57.44 47.91 -17.16
CA GLU A 289 -57.52 47.92 -18.61
C GLU A 289 -58.01 49.25 -19.14
N LYS A 290 -59.01 49.84 -18.49
CA LYS A 290 -59.55 51.12 -18.90
C LYS A 290 -58.46 52.18 -18.84
N ALA A 291 -57.61 52.06 -17.84
CA ALA A 291 -56.55 53.04 -17.62
C ALA A 291 -55.58 53.02 -18.78
N LEU A 292 -55.28 51.82 -19.27
CA LEU A 292 -54.37 51.69 -20.39
C LEU A 292 -54.98 52.32 -21.63
N ARG A 293 -56.26 52.03 -21.87
CA ARG A 293 -56.97 52.65 -22.97
C ARG A 293 -56.97 54.15 -22.80
N GLN A 294 -57.47 54.59 -21.66
CA GLN A 294 -57.49 56.02 -21.35
C GLN A 294 -56.16 56.66 -21.78
N LYS A 295 -55.07 55.98 -21.43
CA LYS A 295 -53.73 56.51 -21.66
C LYS A 295 -53.39 56.45 -23.14
N ALA A 296 -53.92 55.46 -23.83
CA ALA A 296 -53.60 55.24 -25.22
C ALA A 296 -54.27 56.25 -26.13
N LYS A 297 -55.51 56.59 -25.80
CA LYS A 297 -56.24 57.58 -26.59
C LYS A 297 -55.81 59.01 -26.22
N ARG A 298 -55.26 59.20 -25.01
CA ARG A 298 -54.67 60.50 -24.68
C ARG A 298 -53.39 60.74 -25.45
N LEU A 299 -52.76 59.66 -25.92
CA LEU A 299 -51.54 59.78 -26.72
C LEU A 299 -51.90 60.06 -28.16
N GLU A 300 -52.84 59.28 -28.67
CA GLU A 300 -53.36 59.44 -30.02
C GLU A 300 -53.82 60.87 -30.24
N LYS A 301 -54.41 61.47 -29.22
CA LYS A 301 -54.88 62.85 -29.30
C LYS A 301 -53.73 63.80 -29.63
N LEU A 302 -52.55 63.48 -29.11
CA LEU A 302 -51.39 64.36 -29.25
C LEU A 302 -50.68 64.22 -30.58
N LEU A 303 -50.92 63.11 -31.26
CA LEU A 303 -50.12 62.79 -32.45
C LEU A 303 -50.85 63.01 -33.77
N LYS A 304 -52.14 63.32 -33.72
CA LYS A 304 -52.93 63.45 -34.93
C LYS A 304 -52.38 64.51 -35.89
N ASP A 305 -51.87 65.61 -35.33
CA ASP A 305 -51.45 66.76 -36.14
C ASP A 305 -50.11 66.57 -36.87
N ILE A 306 -49.39 65.53 -36.51
CA ILE A 306 -48.12 65.26 -37.16
C ILE A 306 -48.36 64.76 -38.57
N PRO A 307 -47.72 65.41 -39.55
CA PRO A 307 -47.78 65.04 -40.96
C PRO A 307 -47.35 63.60 -41.26
N GLY A 308 -47.97 62.97 -42.25
CA GLY A 308 -47.55 61.66 -42.73
C GLY A 308 -47.78 60.54 -41.74
N LEU A 309 -48.45 60.86 -40.64
CA LEU A 309 -48.60 59.94 -39.53
C LEU A 309 -49.96 59.27 -39.49
N LYS A 310 -49.97 57.96 -39.62
CA LYS A 310 -51.20 57.22 -39.47
C LYS A 310 -51.22 56.63 -38.07
N ILE A 311 -52.30 56.86 -37.34
CA ILE A 311 -52.35 56.41 -35.96
C ILE A 311 -53.60 55.66 -35.62
N SER A 312 -53.42 54.47 -35.05
CA SER A 312 -54.55 53.69 -34.56
C SER A 312 -54.33 53.28 -33.12
N VAL A 313 -55.34 52.69 -32.51
CA VAL A 313 -55.24 52.21 -31.15
C VAL A 313 -55.77 50.78 -31.11
N ILE A 314 -54.94 49.82 -30.73
CA ILE A 314 -55.37 48.41 -30.70
C ILE A 314 -55.50 47.81 -29.29
N LYS A 315 -56.08 46.62 -29.21
CA LYS A 315 -56.17 45.90 -27.95
C LYS A 315 -55.54 44.54 -28.16
N ASP A 316 -54.53 44.26 -27.35
CA ASP A 316 -53.74 43.07 -27.59
C ASP A 316 -53.36 42.38 -26.30
N LYS A 317 -53.04 41.10 -26.42
CA LYS A 317 -52.55 40.32 -25.31
C LYS A 317 -51.04 40.34 -25.35
N ALA A 318 -50.41 40.82 -24.28
CA ALA A 318 -48.96 40.87 -24.20
C ALA A 318 -48.44 40.12 -22.97
N LYS A 319 -47.12 39.94 -22.89
CA LYS A 319 -46.51 39.26 -21.75
C LYS A 319 -45.58 40.20 -20.99
N PRO A 320 -46.13 40.93 -19.99
CA PRO A 320 -45.56 42.10 -19.28
C PRO A 320 -44.32 41.85 -18.46
N GLY A 321 -44.26 40.73 -17.76
CA GLY A 321 -43.08 40.37 -17.01
C GLY A 321 -42.10 39.64 -17.90
N GLY A 322 -40.88 40.13 -17.95
CA GLY A 322 -39.90 39.49 -18.79
C GLY A 322 -39.19 38.45 -17.97
N GLY A 323 -38.59 38.88 -16.87
CA GLY A 323 -37.74 38.04 -16.07
C GLY A 323 -38.38 37.48 -14.81
N SER A 324 -39.70 37.51 -14.73
CA SER A 324 -40.33 36.94 -13.56
C SER A 324 -41.58 36.09 -13.87
N LEU A 325 -42.46 36.60 -14.71
CA LEU A 325 -43.73 35.91 -14.98
C LEU A 325 -43.89 35.52 -16.44
N PRO A 326 -43.10 34.55 -16.91
CA PRO A 326 -43.05 34.38 -18.36
C PRO A 326 -44.37 33.87 -18.89
N GLU A 327 -45.10 33.14 -18.05
CA GLU A 327 -46.40 32.63 -18.44
C GLU A 327 -47.46 33.73 -18.54
N LEU A 328 -47.37 34.71 -17.65
CA LEU A 328 -48.43 35.69 -17.53
C LEU A 328 -48.71 36.40 -18.84
N GLU A 329 -49.96 36.32 -19.26
CA GLU A 329 -50.47 36.99 -20.46
C GLU A 329 -51.51 37.99 -20.01
N LEU A 330 -51.31 39.26 -20.32
CA LEU A 330 -52.26 40.30 -19.95
C LEU A 330 -52.64 41.20 -21.11
N PRO A 331 -53.91 41.57 -21.18
CA PRO A 331 -54.40 42.43 -22.24
C PRO A 331 -53.94 43.86 -21.99
N THR A 332 -53.59 44.58 -23.05
CA THR A 332 -53.21 45.98 -22.93
C THR A 332 -53.58 46.72 -24.21
N TYR A 333 -53.69 48.04 -24.11
CA TYR A 333 -53.92 48.84 -25.30
C TYR A 333 -52.60 49.44 -25.80
N CYS A 334 -52.16 49.03 -26.99
CA CYS A 334 -51.03 49.67 -27.66
C CYS A 334 -51.51 50.84 -28.53
N VAL A 335 -50.64 51.81 -28.78
CA VAL A 335 -50.88 52.86 -29.78
C VAL A 335 -49.98 52.62 -30.99
N ALA A 336 -50.59 52.30 -32.12
CA ALA A 336 -49.84 51.93 -33.32
C ALA A 336 -49.70 53.09 -34.30
N ILE A 337 -48.47 53.29 -34.79
CA ILE A 337 -48.21 54.38 -35.72
C ILE A 337 -47.47 53.91 -36.96
N ARG A 338 -47.68 54.64 -38.05
CA ARG A 338 -47.10 54.29 -39.33
C ARG A 338 -46.81 55.58 -40.06
N HIS A 339 -45.69 55.63 -40.79
CA HIS A 339 -45.33 56.81 -41.57
C HIS A 339 -45.20 56.40 -43.02
N ASP A 340 -45.46 57.35 -43.93
CA ASP A 340 -45.37 57.06 -45.36
C ASP A 340 -43.96 57.23 -45.92
N ARG A 341 -43.17 58.14 -45.33
CA ARG A 341 -41.79 58.38 -45.77
C ARG A 341 -40.76 57.47 -45.10
N LEU A 342 -41.00 57.12 -43.85
CA LEU A 342 -40.05 56.31 -43.10
C LEU A 342 -40.56 54.91 -42.79
N SER A 343 -39.71 53.91 -43.02
CA SER A 343 -40.02 52.54 -42.64
C SER A 343 -39.99 52.49 -41.14
N SER A 344 -40.83 51.65 -40.55
CA SER A 344 -40.89 51.56 -39.11
C SER A 344 -39.58 51.06 -38.54
N GLN A 345 -38.85 50.28 -39.33
CA GLN A 345 -37.53 49.82 -38.89
C GLN A 345 -36.57 50.99 -38.77
N GLU A 346 -36.70 51.96 -39.67
CA GLU A 346 -35.83 53.13 -39.65
C GLU A 346 -36.33 54.13 -38.62
N LEU A 347 -37.63 54.12 -38.37
CA LEU A 347 -38.22 55.03 -37.41
C LEU A 347 -37.91 54.61 -35.98
N SER A 348 -37.96 53.31 -35.72
CA SER A 348 -37.55 52.79 -34.42
C SER A 348 -36.08 53.13 -34.19
N ARG A 349 -35.24 52.89 -35.19
CA ARG A 349 -33.82 53.16 -35.07
C ARG A 349 -33.54 54.61 -34.69
N ARG A 350 -34.36 55.51 -35.18
CA ARG A 350 -34.11 56.90 -34.89
C ARG A 350 -34.61 57.21 -33.50
N LEU A 351 -35.65 56.51 -33.09
CA LEU A 351 -36.23 56.73 -31.78
C LEU A 351 -35.31 56.27 -30.66
N ARG A 352 -34.42 55.34 -30.95
CA ARG A 352 -33.50 54.89 -29.94
C ARG A 352 -32.34 55.85 -29.86
N LEU A 353 -32.10 56.59 -30.93
CA LEU A 353 -31.01 57.55 -30.98
C LEU A 353 -31.44 58.92 -30.53
N ALA A 354 -32.70 59.04 -30.16
CA ALA A 354 -33.22 60.28 -29.67
C ALA A 354 -32.73 60.57 -28.27
N GLU A 355 -33.01 61.77 -27.79
CA GLU A 355 -32.70 62.17 -26.43
C GLU A 355 -33.97 62.77 -25.85
N PRO A 356 -34.67 62.00 -25.02
CA PRO A 356 -34.30 60.66 -24.56
C PRO A 356 -34.71 59.62 -25.56
N PRO A 357 -34.02 58.47 -25.56
CA PRO A 357 -34.36 57.35 -26.43
C PRO A 357 -35.75 56.77 -26.18
N ILE A 358 -36.23 56.01 -27.13
CA ILE A 358 -37.53 55.41 -27.03
C ILE A 358 -37.50 54.05 -27.66
N VAL A 359 -37.72 53.02 -26.87
CA VAL A 359 -37.63 51.66 -27.34
C VAL A 359 -39.01 51.05 -27.39
N CYS A 360 -39.39 50.57 -28.57
CA CYS A 360 -40.70 49.99 -28.75
C CYS A 360 -40.65 48.69 -29.54
N ARG A 361 -41.83 48.12 -29.76
CA ARG A 361 -41.93 46.86 -30.46
C ARG A 361 -42.22 47.10 -31.94
N ILE A 362 -41.73 46.20 -32.78
CA ILE A 362 -42.03 46.25 -34.19
C ILE A 362 -42.76 44.97 -34.61
N ARG A 363 -43.84 45.12 -35.36
CA ARG A 363 -44.62 43.97 -35.82
C ARG A 363 -45.13 44.20 -37.23
N GLU A 364 -44.61 43.42 -38.17
CA GLU A 364 -44.95 43.55 -39.59
C GLU A 364 -44.95 45.01 -40.04
N ASP A 365 -43.79 45.65 -39.96
CA ASP A 365 -43.66 47.04 -40.40
C ASP A 365 -44.75 47.93 -39.80
N GLN A 366 -45.16 47.61 -38.58
CA GLN A 366 -45.99 48.52 -37.82
C GLN A 366 -45.35 48.71 -36.45
N LEU A 367 -45.40 49.94 -35.96
CA LEU A 367 -44.71 50.34 -34.74
C LEU A 367 -45.65 50.37 -33.55
N LEU A 368 -45.31 49.66 -32.49
CA LEU A 368 -46.22 49.55 -31.36
C LEU A 368 -45.70 50.22 -30.11
N PHE A 369 -46.59 50.95 -29.44
CA PHE A 369 -46.30 51.53 -28.14
C PHE A 369 -47.20 50.90 -27.09
N ASP A 370 -46.66 50.05 -26.23
CA ASP A 370 -47.45 49.42 -25.18
C ASP A 370 -47.59 50.31 -23.95
N MSE A 371 -48.82 50.70 -23.64
CA MSE A 371 -49.07 51.69 -22.60
C MSE A 371 -48.70 51.24 -21.19
O MSE A 371 -48.56 52.07 -20.28
CB MSE A 371 -50.53 52.12 -22.63
CG MSE A 371 -50.92 53.01 -23.81
SE MSE A 371 -49.74 54.55 -24.09
CE MSE A 371 -48.75 53.82 -25.59
N ARG A 372 -48.58 49.94 -21.00
CA ARG A 372 -48.32 49.37 -19.68
C ARG A 372 -47.12 50.06 -19.00
N THR A 373 -46.03 50.22 -19.76
CA THR A 373 -44.76 50.72 -19.23
C THR A 373 -44.47 52.18 -19.56
N VAL A 374 -45.48 52.89 -20.05
CA VAL A 374 -45.29 54.30 -20.36
C VAL A 374 -45.89 55.21 -19.30
N PHE A 375 -45.07 56.16 -18.84
CA PHE A 375 -45.48 57.05 -17.77
C PHE A 375 -46.31 58.19 -18.34
N HIS A 376 -46.93 58.99 -17.48
CA HIS A 376 -47.76 60.11 -17.93
C HIS A 376 -46.90 61.26 -18.45
N GLU A 377 -45.76 61.47 -17.81
CA GLU A 377 -44.86 62.54 -18.22
C GLU A 377 -44.14 62.21 -19.53
N ASP A 378 -44.22 60.96 -19.96
CA ASP A 378 -43.54 60.53 -21.18
C ASP A 378 -44.35 60.79 -22.45
N LEU A 379 -45.66 60.95 -22.32
CA LEU A 379 -46.48 61.24 -23.47
C LEU A 379 -46.02 62.51 -24.18
N LYS A 380 -46.09 63.63 -23.47
CA LYS A 380 -45.64 64.90 -24.03
C LYS A 380 -44.32 64.71 -24.77
N THR A 381 -43.38 64.01 -24.15
CA THR A 381 -42.04 63.87 -24.72
C THR A 381 -42.01 63.00 -25.95
N ILE A 382 -43.02 62.18 -26.13
CA ILE A 382 -43.06 61.36 -27.33
C ILE A 382 -43.59 62.17 -28.48
N LYS A 383 -44.53 63.06 -28.19
CA LYS A 383 -45.02 63.97 -29.21
C LYS A 383 -43.85 64.79 -29.72
N LYS A 384 -43.24 65.57 -28.83
CA LYS A 384 -42.16 66.45 -29.26
C LYS A 384 -41.04 65.69 -29.94
N THR A 385 -40.82 64.43 -29.56
CA THR A 385 -39.73 63.65 -30.13
C THR A 385 -40.05 63.21 -31.54
N LEU A 386 -41.31 62.87 -31.79
CA LEU A 386 -41.74 62.40 -33.10
C LEU A 386 -41.74 63.52 -34.14
N GLN A 387 -42.34 64.65 -33.78
CA GLN A 387 -42.40 65.78 -34.70
C GLN A 387 -41.02 66.29 -35.06
N GLU A 388 -40.08 66.20 -34.13
CA GLU A 388 -38.71 66.64 -34.40
C GLU A 388 -38.01 65.74 -35.41
N LEU A 389 -38.42 64.48 -35.44
CA LEU A 389 -37.77 63.49 -36.31
C LEU A 389 -38.41 63.49 -37.68
N LEU A 390 -39.72 63.67 -37.69
CA LEU A 390 -40.52 63.57 -38.90
C LEU A 390 -40.69 64.86 -39.69
N SER A 391 -40.73 65.99 -38.99
CA SER A 391 -40.98 67.27 -39.61
C SER A 391 -39.70 67.88 -40.18
N ILE A 392 -38.64 67.79 -39.37
CA ILE A 392 -37.36 68.48 -39.59
C ILE A 392 -36.81 68.38 -41.03
N MSE B 5 -43.08 58.63 13.03
CA MSE B 5 -42.79 58.63 11.59
C MSE B 5 -41.31 58.86 11.30
O MSE B 5 -40.92 59.94 10.85
CB MSE B 5 -43.60 59.72 10.86
CG MSE B 5 -45.11 59.49 10.79
SE MSE B 5 -45.75 57.97 9.70
CE MSE B 5 -45.01 58.42 7.94
N LYS B 6 -40.50 57.85 11.57
CA LYS B 6 -39.07 57.92 11.29
C LYS B 6 -38.53 56.63 10.63
N PRO B 7 -37.94 56.75 9.43
CA PRO B 7 -37.09 55.69 8.86
C PRO B 7 -35.75 55.57 9.61
N ASN B 8 -35.26 54.34 9.78
CA ASN B 8 -34.04 54.07 10.54
C ASN B 8 -32.75 54.64 9.93
N ILE B 9 -32.71 54.82 8.61
CA ILE B 9 -31.52 55.39 7.97
C ILE B 9 -31.74 56.87 7.77
N LYS B 10 -30.90 57.69 8.38
CA LYS B 10 -31.14 59.13 8.36
C LYS B 10 -29.87 59.94 8.07
N ARG B 11 -30.07 61.10 7.44
CA ARG B 11 -28.97 62.03 7.24
C ARG B 11 -28.42 62.47 8.60
N VAL B 12 -27.11 62.40 8.74
CA VAL B 12 -26.46 62.74 9.99
C VAL B 12 -25.43 63.84 9.80
N ILE B 13 -25.55 64.91 10.58
CA ILE B 13 -24.63 66.02 10.54
C ILE B 13 -23.28 65.64 11.14
N ASN B 14 -22.26 65.60 10.28
CA ASN B 14 -20.92 65.17 10.70
C ASN B 14 -20.03 66.30 11.24
N ALA B 15 -19.80 66.29 12.55
CA ALA B 15 -18.97 67.31 13.17
C ALA B 15 -17.67 66.71 13.67
N THR B 16 -17.42 65.44 13.33
CA THR B 16 -16.22 64.74 13.79
C THR B 16 -14.95 65.18 13.05
N GLY B 17 -15.13 65.97 11.99
CA GLY B 17 -14.01 66.47 11.21
C GLY B 17 -13.24 65.34 10.56
N VAL B 18 -13.83 64.15 10.63
CA VAL B 18 -13.28 62.95 10.00
C VAL B 18 -13.92 62.73 8.64
N VAL B 19 -13.13 62.96 7.59
CA VAL B 19 -13.57 63.00 6.20
C VAL B 19 -14.03 61.64 5.67
N ILE B 20 -13.16 60.64 5.80
CA ILE B 20 -13.54 59.28 5.46
C ILE B 20 -13.92 58.51 6.71
N ASN B 21 -15.21 58.51 7.03
CA ASN B 21 -15.70 57.99 8.29
C ASN B 21 -16.43 56.67 8.07
N THR B 22 -15.79 55.59 8.47
CA THR B 22 -16.37 54.26 8.23
C THR B 22 -17.74 54.09 8.91
N ASN B 23 -17.96 54.78 10.03
CA ASN B 23 -19.22 54.72 10.76
C ASN B 23 -20.33 55.47 10.06
N LEU B 24 -20.02 56.68 9.64
CA LEU B 24 -21.03 57.61 9.15
C LEU B 24 -21.27 57.57 7.64
N GLY B 25 -20.83 56.49 6.98
CA GLY B 25 -21.20 56.24 5.59
C GLY B 25 -20.13 56.48 4.55
N ARG B 26 -18.87 56.61 4.99
CA ARG B 26 -17.76 56.91 4.08
C ARG B 26 -18.15 58.07 3.17
N ALA B 27 -17.66 58.05 1.95
CA ALA B 27 -17.75 59.21 1.07
C ALA B 27 -19.18 59.63 0.73
N PRO B 28 -19.55 60.88 1.10
CA PRO B 28 -20.78 61.50 0.58
C PRO B 28 -20.59 61.87 -0.87
N LEU B 29 -21.69 61.87 -1.62
CA LEU B 29 -21.68 62.15 -3.05
C LEU B 29 -22.11 63.58 -3.37
N SER B 30 -21.72 64.02 -4.57
CA SER B 30 -22.02 65.36 -5.09
C SER B 30 -23.44 65.43 -5.66
N LYS B 31 -24.10 66.58 -5.48
CA LYS B 31 -25.46 66.74 -5.95
C LYS B 31 -25.55 66.50 -7.47
N ASP B 32 -24.43 66.73 -8.14
CA ASP B 32 -24.32 66.40 -9.56
C ASP B 32 -24.48 64.91 -9.80
N VAL B 33 -23.74 64.10 -9.04
CA VAL B 33 -23.78 62.65 -9.16
C VAL B 33 -25.16 62.13 -8.76
N ILE B 34 -25.64 62.61 -7.62
CA ILE B 34 -26.89 62.16 -7.04
C ILE B 34 -28.05 62.34 -7.99
N ASN B 35 -28.23 63.55 -8.50
CA ASN B 35 -29.29 63.77 -9.45
C ASN B 35 -29.18 62.81 -10.63
N PHE B 36 -27.96 62.56 -11.08
CA PHE B 36 -27.76 61.65 -12.21
C PHE B 36 -28.29 60.26 -11.90
N ILE B 37 -27.89 59.74 -10.73
CA ILE B 37 -28.42 58.49 -10.22
C ILE B 37 -29.96 58.55 -10.19
N SER B 38 -30.49 59.62 -9.61
CA SER B 38 -31.93 59.83 -9.55
C SER B 38 -32.58 59.68 -10.92
N GLU B 39 -31.96 60.23 -11.95
CA GLU B 39 -32.56 60.20 -13.28
C GLU B 39 -32.62 58.79 -13.84
N ILE B 40 -31.51 58.08 -13.73
CA ILE B 40 -31.38 56.70 -14.23
C ILE B 40 -32.27 55.73 -13.48
N ALA B 41 -32.65 56.12 -12.27
CA ALA B 41 -33.37 55.23 -11.38
C ALA B 41 -34.85 55.46 -11.47
N ASN B 42 -35.22 56.64 -11.96
CA ASN B 42 -36.60 57.04 -11.95
C ASN B 42 -37.44 56.35 -13.02
N GLY B 43 -36.81 55.95 -14.12
CA GLY B 43 -37.48 55.15 -15.12
C GLY B 43 -36.64 54.01 -15.64
N TYR B 44 -36.94 53.59 -16.86
CA TYR B 44 -36.16 52.53 -17.45
C TYR B 44 -34.90 53.15 -18.00
N SER B 45 -34.00 52.31 -18.51
CA SER B 45 -32.70 52.79 -18.94
C SER B 45 -32.01 51.79 -19.84
N ASN B 46 -30.87 52.19 -20.39
CA ASN B 46 -30.13 51.32 -21.28
C ASN B 46 -29.09 50.53 -20.51
N LEU B 47 -29.26 50.38 -19.22
CA LEU B 47 -28.30 49.66 -18.38
C LEU B 47 -27.54 48.64 -19.20
N GLU B 48 -28.20 47.53 -19.52
CA GLU B 48 -27.67 46.51 -20.43
C GLU B 48 -28.41 46.58 -21.74
N TYR B 49 -28.01 47.50 -22.61
CA TYR B 49 -28.68 47.70 -23.89
C TYR B 49 -27.84 48.56 -24.81
N ASN B 50 -27.95 48.29 -26.11
CA ASN B 50 -27.22 49.02 -27.14
C ASN B 50 -28.23 49.68 -28.03
N LEU B 51 -28.38 50.99 -27.90
CA LEU B 51 -29.43 51.67 -28.61
C LEU B 51 -29.13 51.77 -30.10
N GLU B 52 -27.87 51.64 -30.46
CA GLU B 52 -27.51 51.66 -31.87
C GLU B 52 -28.03 50.40 -32.55
N GLU B 53 -27.66 49.26 -31.98
CA GLU B 53 -27.92 47.98 -32.61
C GLU B 53 -29.28 47.39 -32.24
N GLY B 54 -29.88 47.90 -31.18
CA GLY B 54 -31.17 47.40 -30.74
C GLY B 54 -31.08 46.04 -30.06
N LYS B 55 -29.96 45.76 -29.42
CA LYS B 55 -29.74 44.48 -28.77
C LYS B 55 -29.09 44.69 -27.40
N ARG B 56 -28.81 43.61 -26.68
CA ARG B 56 -28.24 43.69 -25.35
C ARG B 56 -26.81 44.18 -25.46
N GLY B 57 -26.29 44.83 -24.42
CA GLY B 57 -24.92 45.30 -24.40
C GLY B 57 -24.34 45.24 -22.99
N SER B 58 -23.04 45.48 -22.83
CA SER B 58 -22.39 45.38 -21.52
C SER B 58 -22.64 46.60 -20.64
N ARG B 59 -22.83 46.35 -19.35
CA ARG B 59 -23.19 47.40 -18.40
C ARG B 59 -21.99 48.15 -17.85
N ILE B 60 -20.86 47.45 -17.76
CA ILE B 60 -19.61 48.02 -17.28
C ILE B 60 -18.90 48.79 -18.38
N ALA B 61 -19.06 48.31 -19.61
CA ALA B 61 -18.30 48.77 -20.76
C ALA B 61 -17.82 50.22 -20.68
N HIS B 62 -18.70 51.11 -20.27
CA HIS B 62 -18.36 52.52 -20.25
C HIS B 62 -17.44 52.84 -19.09
N ILE B 63 -17.80 52.44 -17.89
CA ILE B 63 -16.91 52.55 -16.72
C ILE B 63 -15.47 52.11 -17.02
N GLU B 64 -15.32 50.91 -17.55
CA GLU B 64 -14.00 50.42 -17.97
C GLU B 64 -13.26 51.45 -18.84
N LYS B 65 -13.94 52.02 -19.84
CA LYS B 65 -13.33 52.99 -20.74
C LYS B 65 -12.73 54.12 -19.96
N TYR B 66 -13.54 54.71 -19.08
CA TYR B 66 -13.08 55.78 -18.19
C TYR B 66 -11.81 55.39 -17.44
N LEU B 67 -11.91 54.29 -16.70
CA LEU B 67 -10.82 53.76 -15.90
C LEU B 67 -9.56 53.52 -16.72
N ASN B 68 -9.69 52.82 -17.83
CA ASN B 68 -8.57 52.57 -18.73
C ASN B 68 -7.86 53.83 -19.18
N GLU B 69 -8.62 54.89 -19.45
CA GLU B 69 -8.02 56.15 -19.87
C GLU B 69 -7.32 56.82 -18.67
N LEU B 70 -8.05 56.94 -17.57
CA LEU B 70 -7.54 57.60 -16.37
C LEU B 70 -6.34 56.90 -15.67
N THR B 71 -6.33 55.58 -15.65
CA THR B 71 -5.23 54.89 -14.98
C THR B 71 -4.13 54.51 -15.95
N GLY B 72 -4.50 54.17 -17.16
CA GLY B 72 -3.51 53.76 -18.13
C GLY B 72 -3.34 52.27 -18.21
N ALA B 73 -4.23 51.52 -17.55
CA ALA B 73 -4.17 50.07 -17.54
C ALA B 73 -4.75 49.53 -18.82
N GLU B 74 -4.30 48.34 -19.25
CA GLU B 74 -4.85 47.67 -20.43
C GLU B 74 -6.35 47.50 -20.34
N SER B 75 -6.81 46.76 -19.34
CA SER B 75 -8.24 46.63 -19.10
C SER B 75 -8.62 46.85 -17.63
N SER B 76 -9.89 46.65 -17.31
CA SER B 76 -10.34 46.87 -15.96
C SER B 76 -11.69 46.22 -15.71
N PHE B 77 -12.07 46.16 -14.45
CA PHE B 77 -13.34 45.57 -14.05
C PHE B 77 -13.83 46.28 -12.79
N VAL B 78 -15.13 46.15 -12.53
CA VAL B 78 -15.68 46.70 -11.32
C VAL B 78 -16.71 45.79 -10.68
N VAL B 79 -16.47 45.48 -9.40
CA VAL B 79 -17.35 44.61 -8.60
C VAL B 79 -17.96 45.35 -7.43
N ASN B 80 -18.75 44.60 -6.66
CA ASN B 80 -19.55 45.15 -5.57
C ASN B 80 -18.79 45.99 -4.57
N ASN B 81 -17.63 45.49 -4.15
CA ASN B 81 -16.77 46.18 -3.19
C ASN B 81 -15.36 45.57 -3.16
N ASN B 82 -14.42 46.26 -2.51
CA ASN B 82 -13.05 45.85 -2.64
C ASN B 82 -12.80 44.53 -1.95
N ALA B 83 -13.54 44.26 -0.88
CA ALA B 83 -13.48 42.95 -0.24
C ALA B 83 -13.76 41.92 -1.31
N GLY B 84 -14.87 42.13 -2.03
CA GLY B 84 -15.22 41.33 -3.18
C GLY B 84 -14.08 41.25 -4.17
N ALA B 85 -13.51 42.41 -4.52
CA ALA B 85 -12.40 42.47 -5.45
C ALA B 85 -11.28 41.51 -5.01
N VAL B 86 -10.77 41.75 -3.81
CA VAL B 86 -9.79 40.87 -3.20
C VAL B 86 -10.21 39.38 -3.26
N PHE B 87 -11.45 39.06 -2.88
CA PHE B 87 -11.94 37.68 -2.95
C PHE B 87 -11.90 37.08 -4.35
N LEU B 88 -12.15 37.91 -5.35
CA LEU B 88 -12.29 37.45 -6.72
C LEU B 88 -10.92 37.34 -7.38
N VAL B 89 -10.06 38.30 -7.10
CA VAL B 89 -8.71 38.25 -7.62
C VAL B 89 -8.00 36.98 -7.16
N LEU B 90 -8.11 36.71 -5.87
CA LEU B 90 -7.46 35.55 -5.30
C LEU B 90 -8.12 34.27 -5.74
N ASN B 91 -9.44 34.23 -5.68
CA ASN B 91 -10.13 33.02 -6.07
C ASN B 91 -9.83 32.64 -7.51
N THR B 92 -9.71 33.65 -8.38
CA THR B 92 -9.50 33.38 -9.80
C THR B 92 -8.07 32.96 -10.12
N LEU B 93 -7.09 33.70 -9.60
CA LEU B 93 -5.70 33.51 -9.99
C LEU B 93 -4.93 32.54 -9.09
N ALA B 94 -5.42 32.32 -7.87
CA ALA B 94 -4.59 31.68 -6.86
C ALA B 94 -5.21 30.44 -6.21
N GLU B 95 -6.33 29.97 -6.75
CA GLU B 95 -7.00 28.80 -6.19
C GLU B 95 -6.03 27.64 -6.09
N GLY B 96 -5.89 27.08 -4.89
CA GLY B 96 -5.00 25.97 -4.65
C GLY B 96 -3.53 26.35 -4.72
N LYS B 97 -3.25 27.59 -5.13
CA LYS B 97 -1.88 28.04 -5.26
C LYS B 97 -1.52 28.90 -4.06
N GLU B 98 -0.24 29.27 -3.94
CA GLU B 98 0.22 30.05 -2.79
C GLU B 98 0.29 31.54 -3.11
N VAL B 99 -0.19 32.38 -2.20
CA VAL B 99 -0.04 33.83 -2.35
C VAL B 99 0.93 34.41 -1.31
N ILE B 100 2.07 34.91 -1.79
CA ILE B 100 3.08 35.51 -0.92
C ILE B 100 2.66 36.90 -0.42
N ILE B 101 2.73 37.13 0.89
CA ILE B 101 2.32 38.42 1.43
C ILE B 101 3.03 38.74 2.77
N SER B 102 3.20 40.03 3.05
CA SER B 102 3.92 40.47 4.24
C SER B 102 3.12 40.27 5.52
N ARG B 103 3.78 39.77 6.56
CA ARG B 103 3.13 39.57 7.84
C ARG B 103 2.58 40.87 8.40
N GLY B 104 3.04 41.99 7.83
CA GLY B 104 2.61 43.30 8.26
C GLY B 104 1.47 43.86 7.42
N GLU B 105 1.11 43.17 6.34
CA GLU B 105 -0.01 43.60 5.53
C GLU B 105 -1.27 42.72 5.67
N LEU B 106 -1.27 41.80 6.63
CA LEU B 106 -2.44 40.96 6.84
C LEU B 106 -3.46 41.70 7.65
N VAL B 107 -4.25 42.57 7.02
CA VAL B 107 -5.05 43.50 7.81
C VAL B 107 -6.48 43.13 8.11
N GLU B 108 -7.01 43.81 9.14
CA GLU B 108 -8.43 43.80 9.42
C GLU B 108 -8.92 45.21 9.19
N ILE B 109 -9.73 45.40 8.17
CA ILE B 109 -10.39 46.69 7.95
C ILE B 109 -11.87 46.46 8.23
N GLY B 110 -12.46 47.28 9.08
CA GLY B 110 -13.84 47.06 9.47
C GLY B 110 -14.02 45.95 10.49
N GLY B 111 -15.26 45.47 10.63
CA GLY B 111 -15.54 44.44 11.61
C GLY B 111 -15.48 43.07 10.97
N SER B 112 -15.79 43.00 9.68
CA SER B 112 -15.99 41.72 9.02
C SER B 112 -14.88 41.31 8.06
N PHE B 113 -13.89 42.16 7.86
CA PHE B 113 -12.92 41.90 6.80
C PHE B 113 -11.48 41.70 7.26
N ARG B 114 -11.00 40.46 7.15
CA ARG B 114 -9.65 40.14 7.52
C ARG B 114 -8.97 39.49 6.35
N ILE B 115 -7.83 40.03 5.93
CA ILE B 115 -7.16 39.49 4.76
C ILE B 115 -7.04 37.98 4.83
N PRO B 116 -6.52 37.47 5.95
CA PRO B 116 -6.29 36.02 6.00
C PRO B 116 -7.60 35.24 6.00
N ASP B 117 -8.65 35.81 6.59
CA ASP B 117 -9.94 35.13 6.68
C ASP B 117 -10.57 35.01 5.29
N ILE B 118 -10.67 36.11 4.56
CA ILE B 118 -11.23 36.06 3.22
C ILE B 118 -10.33 35.22 2.33
N MSE B 119 -9.03 35.41 2.44
CA MSE B 119 -8.08 34.67 1.61
C MSE B 119 -8.29 33.18 1.73
O MSE B 119 -8.33 32.47 0.72
CB MSE B 119 -6.63 35.04 1.93
CG MSE B 119 -5.63 34.08 1.30
SE MSE B 119 -3.84 34.73 1.31
CE MSE B 119 -4.25 36.60 1.77
N LYS B 120 -8.40 32.69 2.97
CA LYS B 120 -8.71 31.28 3.20
C LYS B 120 -9.98 30.87 2.45
N LYS B 121 -11.08 31.61 2.62
CA LYS B 121 -12.38 31.28 2.00
C LYS B 121 -12.29 31.32 0.49
N SER B 122 -11.30 32.07 0.03
CA SER B 122 -10.92 32.22 -1.36
C SER B 122 -10.59 30.90 -2.07
N GLY B 123 -9.90 30.01 -1.37
CA GLY B 123 -9.25 28.87 -1.99
C GLY B 123 -7.74 29.08 -2.08
N ALA B 124 -7.32 30.34 -1.90
CA ALA B 124 -5.90 30.69 -1.96
C ALA B 124 -5.12 30.22 -0.73
N ILE B 125 -3.85 29.89 -0.96
CA ILE B 125 -3.00 29.34 0.07
C ILE B 125 -2.01 30.42 0.53
N LEU B 126 -2.20 30.87 1.77
CA LEU B 126 -1.48 32.02 2.32
C LEU B 126 -0.04 31.73 2.70
N ARG B 127 0.92 32.27 1.94
CA ARG B 127 2.32 32.16 2.37
C ARG B 127 2.89 33.45 2.91
N GLU B 128 2.91 33.55 4.24
CA GLU B 128 3.24 34.78 4.97
C GLU B 128 4.73 34.91 5.16
N VAL B 129 5.29 36.07 4.86
CA VAL B 129 6.73 36.25 4.99
C VAL B 129 7.09 37.54 5.71
N GLY B 130 8.31 37.55 6.24
CA GLY B 130 8.82 38.72 6.92
C GLY B 130 8.40 38.70 8.36
N THR B 131 8.39 39.87 8.97
CA THR B 131 7.95 40.05 10.35
C THR B 131 6.89 41.14 10.38
N THR B 132 6.16 41.23 11.49
CA THR B 132 5.14 42.27 11.64
C THR B 132 5.64 43.65 11.23
N ASN B 133 6.69 44.13 11.88
CA ASN B 133 7.19 45.50 11.69
C ASN B 133 8.18 45.69 10.54
N LYS B 134 9.00 44.67 10.27
CA LYS B 134 9.99 44.75 9.18
C LYS B 134 9.85 43.59 8.19
N THR B 135 9.70 43.92 6.92
CA THR B 135 9.72 42.94 5.83
C THR B 135 10.65 43.44 4.73
N LYS B 136 11.52 42.56 4.24
CA LYS B 136 12.54 42.94 3.24
C LYS B 136 12.17 42.29 1.90
N VAL B 137 12.93 42.57 0.85
CA VAL B 137 12.64 41.95 -0.43
C VAL B 137 13.02 40.48 -0.39
N SER B 138 14.12 40.18 0.29
CA SER B 138 14.55 38.79 0.42
C SER B 138 13.37 37.90 0.81
N ASP B 139 12.60 38.37 1.79
CA ASP B 139 11.47 37.63 2.30
C ASP B 139 10.52 37.13 1.24
N TYR B 140 10.19 37.98 0.28
CA TYR B 140 9.30 37.62 -0.82
C TYR B 140 9.96 36.57 -1.68
N GLU B 141 11.15 36.89 -2.18
CA GLU B 141 11.90 35.99 -3.07
C GLU B 141 12.01 34.58 -2.46
N GLY B 142 12.35 34.53 -1.19
CA GLY B 142 12.47 33.28 -0.49
C GLY B 142 11.27 32.34 -0.57
N ALA B 143 10.07 32.88 -0.44
CA ALA B 143 8.87 32.05 -0.39
C ALA B 143 8.33 31.70 -1.80
N ILE B 144 9.14 31.98 -2.82
CA ILE B 144 8.74 31.69 -4.19
C ILE B 144 9.05 30.24 -4.55
N ASN B 145 8.08 29.54 -5.13
CA ASN B 145 8.26 28.17 -5.60
C ASN B 145 7.36 27.80 -6.77
N GLN B 146 7.25 26.50 -7.01
CA GLN B 146 6.45 25.93 -8.10
C GLN B 146 5.00 26.36 -8.02
N ASN B 147 4.49 26.47 -6.79
CA ASN B 147 3.08 26.71 -6.54
C ASN B 147 2.73 28.17 -6.25
N THR B 148 3.70 29.06 -6.40
CA THR B 148 3.45 30.48 -6.19
C THR B 148 2.66 31.11 -7.35
N ALA B 149 1.48 31.64 -7.06
CA ALA B 149 0.63 32.24 -8.09
C ALA B 149 0.62 33.78 -8.02
N LEU B 150 0.94 34.35 -6.86
CA LEU B 150 0.83 35.80 -6.69
C LEU B 150 1.79 36.40 -5.68
N LEU B 151 2.42 37.51 -6.04
CA LEU B 151 3.07 38.35 -5.05
C LEU B 151 2.07 39.44 -4.72
N MSE B 152 1.56 39.43 -3.50
CA MSE B 152 0.53 40.36 -3.10
C MSE B 152 1.01 41.41 -2.10
O MSE B 152 1.97 41.19 -1.38
CB MSE B 152 -0.68 39.61 -2.56
CG MSE B 152 -1.78 40.49 -2.06
SE MSE B 152 -3.30 39.45 -1.69
CE MSE B 152 -4.34 40.66 -0.64
N LYS B 153 0.35 42.56 -2.09
CA LYS B 153 0.72 43.65 -1.22
C LYS B 153 -0.55 44.36 -0.82
N VAL B 154 -0.75 44.56 0.47
CA VAL B 154 -1.93 45.30 0.91
C VAL B 154 -1.50 46.60 1.52
N HIS B 155 -2.14 47.68 1.12
CA HIS B 155 -1.81 48.97 1.69
C HIS B 155 -2.49 49.10 3.08
N LYS B 156 -1.71 49.53 4.07
CA LYS B 156 -2.25 49.73 5.39
C LYS B 156 -3.12 50.99 5.46
N SER B 157 -4.41 50.83 5.16
CA SER B 157 -5.32 51.97 5.04
C SER B 157 -5.82 52.48 6.39
N ASN B 158 -6.12 51.61 7.34
CA ASN B 158 -6.77 52.09 8.56
C ASN B 158 -5.91 52.18 9.82
N PHE B 159 -4.63 51.83 9.69
CA PHE B 159 -3.70 51.95 10.80
C PHE B 159 -2.29 52.14 10.27
N TYR B 160 -1.36 52.52 11.15
CA TYR B 160 0.03 52.75 10.73
C TYR B 160 1.06 52.34 11.77
N MSE B 161 2.29 52.14 11.32
CA MSE B 161 3.35 51.72 12.22
C MSE B 161 4.42 52.79 12.34
O MSE B 161 4.78 53.41 11.35
CB MSE B 161 3.95 50.39 11.80
CG MSE B 161 3.01 49.21 12.02
SE MSE B 161 3.74 47.45 11.62
CE MSE B 161 4.39 47.77 9.78
N GLU B 162 4.88 53.01 13.57
CA GLU B 162 5.98 53.94 13.82
C GLU B 162 7.04 53.31 14.69
N GLY B 163 8.28 53.72 14.47
CA GLY B 163 9.42 53.08 15.10
C GLY B 163 10.28 52.37 14.08
N PHE B 164 10.99 51.34 14.54
CA PHE B 164 11.81 50.52 13.65
C PHE B 164 10.88 49.74 12.74
N VAL B 165 10.87 50.09 11.47
CA VAL B 165 9.90 49.53 10.52
C VAL B 165 10.51 49.42 9.12
N GLU B 166 10.14 48.37 8.38
CA GLU B 166 10.63 48.21 7.02
C GLU B 166 9.56 47.65 6.11
N GLU B 167 9.70 47.92 4.83
CA GLU B 167 8.66 47.60 3.89
C GLU B 167 9.34 47.47 2.54
N VAL B 168 8.75 46.72 1.62
CA VAL B 168 9.41 46.52 0.34
C VAL B 168 8.90 47.61 -0.60
N LYS B 169 9.83 48.30 -1.24
CA LYS B 169 9.50 49.25 -2.30
C LYS B 169 8.68 48.55 -3.40
N LEU B 170 7.57 49.16 -3.81
CA LEU B 170 6.75 48.58 -4.84
C LEU B 170 7.53 48.23 -6.09
N GLU B 171 8.45 49.11 -6.47
CA GLU B 171 9.29 48.88 -7.64
C GLU B 171 10.03 47.56 -7.54
N ASP B 172 10.58 47.31 -6.35
CA ASP B 172 11.31 46.07 -6.12
C ASP B 172 10.42 44.85 -6.35
N LEU B 173 9.17 44.93 -5.90
CA LEU B 173 8.19 43.85 -6.08
C LEU B 173 7.91 43.56 -7.54
N VAL B 174 7.74 44.61 -8.34
CA VAL B 174 7.53 44.47 -9.78
C VAL B 174 8.71 43.78 -10.46
N LYS B 175 9.92 44.30 -10.21
CA LYS B 175 11.19 43.68 -10.63
C LYS B 175 11.20 42.19 -10.29
N LEU B 176 10.92 41.89 -9.02
CA LEU B 176 10.84 40.53 -8.52
C LEU B 176 9.82 39.71 -9.31
N GLY B 177 8.59 40.19 -9.36
CA GLY B 177 7.56 39.51 -10.13
C GLY B 177 7.99 39.24 -11.55
N HIS B 178 8.50 40.27 -12.20
CA HIS B 178 8.99 40.14 -13.55
C HIS B 178 10.07 39.07 -13.64
N LYS B 179 10.96 39.03 -12.63
CA LYS B 179 12.08 38.08 -12.64
C LYS B 179 11.63 36.63 -12.67
N TYR B 180 10.70 36.27 -11.81
CA TYR B 180 10.23 34.88 -11.68
C TYR B 180 8.95 34.60 -12.44
N GLY B 181 8.47 35.61 -13.16
CA GLY B 181 7.30 35.41 -13.98
C GLY B 181 6.04 35.26 -13.16
N ILE B 182 6.02 35.96 -12.03
CA ILE B 182 4.85 35.97 -11.16
C ILE B 182 4.15 37.32 -11.17
N PRO B 183 2.82 37.27 -11.30
CA PRO B 183 2.00 38.48 -11.35
C PRO B 183 1.92 39.14 -9.99
N THR B 184 1.83 40.46 -9.97
CA THR B 184 1.81 41.19 -8.72
C THR B 184 0.46 41.85 -8.51
N TYR B 185 -0.12 41.68 -7.33
CA TYR B 185 -1.43 42.25 -7.03
C TYR B 185 -1.32 43.21 -5.87
N TYR B 186 -1.91 44.40 -6.00
CA TYR B 186 -1.84 45.43 -4.98
C TYR B 186 -3.23 45.90 -4.62
N ASP B 187 -3.62 45.60 -3.41
CA ASP B 187 -4.84 46.12 -2.86
C ASP B 187 -4.53 47.49 -2.23
N ALA B 188 -4.72 48.56 -3.01
CA ALA B 188 -4.49 49.91 -2.50
C ALA B 188 -5.53 50.29 -1.47
N GLY B 189 -6.68 49.64 -1.54
CA GLY B 189 -7.77 49.89 -0.62
C GLY B 189 -8.46 51.23 -0.73
N SER B 190 -7.70 52.32 -0.69
CA SER B 190 -8.27 53.67 -0.67
C SER B 190 -8.84 54.08 -2.03
N GLY B 191 -8.33 53.48 -3.10
CA GLY B 191 -8.88 53.71 -4.42
C GLY B 191 -8.60 55.14 -4.82
N LEU B 192 -7.43 55.62 -4.42
CA LEU B 192 -6.98 56.90 -4.92
C LEU B 192 -6.73 56.77 -6.40
N LEU B 193 -7.33 57.68 -7.15
CA LEU B 193 -7.27 57.63 -8.62
C LEU B 193 -5.97 58.19 -9.20
N ILE B 194 -5.69 59.44 -8.87
CA ILE B 194 -4.46 60.08 -9.34
C ILE B 194 -3.66 60.62 -8.18
N ASN B 195 -2.46 61.11 -8.49
CA ASN B 195 -1.57 61.70 -7.49
C ASN B 195 -2.16 62.86 -6.68
N LEU B 196 -1.99 62.82 -5.37
CA LEU B 196 -2.53 63.84 -4.48
C LEU B 196 -1.84 65.19 -4.60
N LYS B 197 -0.53 65.14 -4.80
CA LYS B 197 0.27 66.35 -4.78
C LYS B 197 -0.29 67.37 -5.74
N GLU B 198 -1.17 66.91 -6.63
CA GLU B 198 -1.82 67.79 -7.58
C GLU B 198 -2.75 68.79 -6.91
N PHE B 199 -3.42 68.36 -5.85
CA PHE B 199 -4.35 69.24 -5.13
C PHE B 199 -3.68 69.95 -3.97
N GLY B 200 -2.36 69.97 -3.99
CA GLY B 200 -1.60 70.65 -2.97
C GLY B 200 -1.51 69.89 -1.66
N ILE B 201 -1.87 68.61 -1.68
CA ILE B 201 -1.67 67.75 -0.52
C ILE B 201 -0.51 66.77 -0.73
N SER B 202 0.60 67.01 -0.04
CA SER B 202 1.80 66.19 -0.23
C SER B 202 1.76 64.92 0.63
N VAL B 203 1.54 63.79 -0.01
CA VAL B 203 1.58 62.49 0.66
C VAL B 203 2.11 61.43 -0.31
N ASP B 204 2.59 60.33 0.23
CA ASP B 204 3.15 59.28 -0.60
C ASP B 204 2.09 58.26 -0.99
N GLU B 205 0.84 58.50 -0.57
CA GLU B 205 -0.25 57.57 -0.82
C GLU B 205 -0.29 57.08 -2.25
N PRO B 206 -0.46 55.76 -2.42
CA PRO B 206 -0.38 55.17 -3.75
C PRO B 206 -1.70 55.40 -4.43
N ASN B 207 -1.64 55.61 -5.75
CA ASN B 207 -2.81 55.87 -6.55
C ASN B 207 -2.85 54.88 -7.68
N PHE B 208 -4.02 54.67 -8.25
CA PHE B 208 -4.17 53.76 -9.36
C PHE B 208 -3.16 54.06 -10.45
N ARG B 209 -3.20 55.27 -11.00
CA ARG B 209 -2.42 55.58 -12.20
C ARG B 209 -0.93 55.34 -12.03
N ASP B 210 -0.38 55.76 -10.90
CA ASP B 210 1.05 55.66 -10.70
C ASP B 210 1.40 54.19 -10.51
N CYS B 211 0.60 53.50 -9.71
CA CYS B 211 0.95 52.13 -9.36
C CYS B 211 0.82 51.24 -10.59
N ILE B 212 0.06 51.72 -11.55
CA ILE B 212 -0.08 51.03 -12.82
C ILE B 212 1.06 51.33 -13.78
N SER B 213 1.53 52.58 -13.76
CA SER B 213 2.65 52.94 -14.60
C SER B 213 3.92 52.34 -14.05
N LEU B 214 3.85 51.84 -12.83
CA LEU B 214 5.00 51.26 -12.18
C LEU B 214 5.21 49.83 -12.63
N GLY B 215 4.16 49.23 -13.20
CA GLY B 215 4.20 47.86 -13.68
C GLY B 215 3.55 46.79 -12.80
N ILE B 216 2.73 47.21 -11.85
CA ILE B 216 1.93 46.29 -11.04
C ILE B 216 0.86 45.62 -11.89
N ASP B 217 0.81 44.29 -11.90
CA ASP B 217 -0.06 43.58 -12.83
C ASP B 217 -1.53 43.78 -12.52
N LEU B 218 -1.84 44.19 -11.29
CA LEU B 218 -3.23 44.37 -10.90
C LEU B 218 -3.31 45.30 -9.70
N VAL B 219 -4.21 46.27 -9.77
CA VAL B 219 -4.43 47.16 -8.64
C VAL B 219 -5.90 47.24 -8.29
N SER B 220 -6.23 47.16 -6.99
CA SER B 220 -7.63 47.30 -6.53
C SER B 220 -7.82 48.43 -5.52
N GLY B 221 -9.06 48.64 -5.11
CA GLY B 221 -9.41 49.74 -4.21
C GLY B 221 -10.91 49.98 -4.14
N SER B 222 -11.33 50.63 -3.06
CA SER B 222 -12.75 50.96 -2.86
C SER B 222 -13.15 52.18 -3.67
N GLY B 223 -14.43 52.24 -4.00
CA GLY B 223 -14.95 53.38 -4.75
C GLY B 223 -15.44 54.48 -3.82
N ASP B 224 -15.56 54.17 -2.55
CA ASP B 224 -16.17 55.09 -1.59
C ASP B 224 -15.15 55.62 -0.63
N1 LLP B 225 -8.71 46.28 1.73
C2 LLP B 225 -8.21 47.52 1.96
C2' LLP B 225 -6.69 47.73 2.02
C3 LLP B 225 -9.07 48.60 2.13
O3 LLP B 225 -8.58 49.88 2.37
C4 LLP B 225 -10.45 48.40 2.05
C4' LLP B 225 -11.42 49.58 2.23
C5 LLP B 225 -10.93 47.10 1.80
C6 LLP B 225 -10.03 46.06 1.65
C5' LLP B 225 -12.45 46.86 1.72
OP4 LLP B 225 -13.18 47.87 1.10
P LLP B 225 -14.66 47.57 0.70
OP1 LLP B 225 -14.77 46.03 0.68
OP2 LLP B 225 -14.94 48.03 -0.73
OP3 LLP B 225 -15.61 48.25 1.69
N LLP B 225 -13.89 55.67 -1.04
CA LLP B 225 -12.88 56.26 -0.16
CB LLP B 225 -11.90 55.21 0.40
CG LLP B 225 -12.45 54.27 1.47
CD LLP B 225 -11.40 53.14 1.81
CE LLP B 225 -11.91 51.93 2.61
NZ LLP B 225 -10.99 50.85 2.47
C LLP B 225 -12.26 57.44 -0.78
O LLP B 225 -12.96 58.49 -0.98
N LEU B 226 -10.97 57.38 -1.09
CA LEU B 226 -10.28 58.55 -1.64
C LEU B 226 -10.66 58.80 -3.10
N LEU B 227 -11.56 57.98 -3.64
CA LEU B 227 -11.97 58.24 -4.98
C LEU B 227 -13.23 59.08 -4.93
N GLY B 228 -13.93 59.02 -3.80
CA GLY B 228 -15.08 59.90 -3.57
C GLY B 228 -16.30 59.56 -4.40
N GLY B 229 -16.48 58.28 -4.65
CA GLY B 229 -17.64 57.82 -5.39
C GLY B 229 -18.52 56.92 -4.54
N PRO B 230 -19.34 56.12 -5.20
CA PRO B 230 -20.24 55.19 -4.52
C PRO B 230 -19.48 53.91 -4.25
N GLN B 231 -20.04 53.03 -3.45
CA GLN B 231 -19.28 51.88 -3.02
C GLN B 231 -18.89 51.07 -4.24
N ALA B 232 -17.65 50.59 -4.26
CA ALA B 232 -17.26 49.74 -5.36
C ALA B 232 -15.90 49.13 -5.17
N GLY B 233 -15.74 47.96 -5.78
CA GLY B 233 -14.45 47.30 -5.88
C GLY B 233 -13.88 47.50 -7.27
N ILE B 234 -12.80 48.27 -7.34
CA ILE B 234 -12.22 48.62 -8.63
C ILE B 234 -10.96 47.85 -8.87
N ILE B 235 -10.90 47.17 -10.01
CA ILE B 235 -9.74 46.41 -10.40
C ILE B 235 -9.28 46.86 -11.77
N VAL B 236 -7.99 47.09 -11.93
CA VAL B 236 -7.40 47.57 -13.17
C VAL B 236 -6.07 46.89 -13.41
N GLY B 237 -5.72 46.57 -14.66
CA GLY B 237 -4.42 45.98 -14.92
C GLY B 237 -4.30 45.18 -16.20
N LYS B 238 -3.35 44.26 -16.26
CA LYS B 238 -3.13 43.44 -17.46
C LYS B 238 -4.43 42.83 -18.00
N LYS B 239 -4.61 42.86 -19.32
CA LYS B 239 -5.87 42.40 -19.93
C LYS B 239 -6.13 40.91 -19.70
N ASN B 240 -5.10 40.08 -19.85
CA ASN B 240 -5.29 38.63 -19.76
C ASN B 240 -5.83 38.19 -18.40
N LEU B 241 -5.48 38.91 -17.34
CA LEU B 241 -5.91 38.60 -15.97
C LEU B 241 -7.33 39.08 -15.67
N ILE B 242 -7.59 40.35 -15.92
CA ILE B 242 -8.95 40.86 -15.90
C ILE B 242 -9.87 39.95 -16.71
N GLU B 243 -9.42 39.48 -17.88
CA GLU B 243 -10.23 38.58 -18.69
C GLU B 243 -10.60 37.34 -17.89
N LYS B 244 -9.59 36.75 -17.25
CA LYS B 244 -9.81 35.59 -16.39
C LYS B 244 -10.77 35.97 -15.27
N ILE B 245 -10.62 37.18 -14.73
CA ILE B 245 -11.44 37.60 -13.62
C ILE B 245 -12.90 37.83 -14.01
N LYS B 246 -13.14 38.36 -15.19
CA LYS B 246 -14.50 38.61 -15.65
C LYS B 246 -15.20 37.27 -15.89
N LYS B 247 -14.44 36.25 -16.29
CA LYS B 247 -15.03 34.97 -16.66
C LYS B 247 -15.51 34.12 -15.47
N ASN B 248 -14.92 34.33 -14.29
CA ASN B 248 -15.31 33.61 -13.07
C ASN B 248 -16.79 33.80 -12.77
N PRO B 249 -17.50 32.70 -12.54
CA PRO B 249 -18.91 32.70 -12.20
C PRO B 249 -19.20 33.59 -11.00
N ILE B 250 -18.32 33.60 -10.01
CA ILE B 250 -18.55 34.39 -8.82
C ILE B 250 -18.74 35.88 -9.16
N ALA B 251 -18.03 36.34 -10.17
CA ALA B 251 -18.12 37.73 -10.56
C ALA B 251 -19.56 38.13 -10.90
N ARG B 252 -20.45 37.14 -11.06
CA ARG B 252 -21.86 37.45 -11.21
C ARG B 252 -22.54 37.78 -9.88
N ALA B 253 -22.14 37.08 -8.82
CA ALA B 253 -22.66 37.37 -7.48
C ALA B 253 -22.17 38.73 -7.00
N LEU B 254 -21.14 39.24 -7.67
CA LEU B 254 -20.47 40.45 -7.23
C LEU B 254 -20.81 41.61 -8.13
N ARG B 255 -21.72 41.38 -9.07
CA ARG B 255 -22.06 42.37 -10.12
C ARG B 255 -22.71 43.63 -9.56
N ILE B 256 -22.17 44.79 -9.92
CA ILE B 256 -22.69 46.03 -9.33
C ILE B 256 -24.09 46.41 -9.80
N ASP B 257 -24.80 47.09 -8.90
CA ASP B 257 -26.17 47.52 -9.14
C ASP B 257 -26.24 48.71 -10.07
N LYS B 258 -27.43 48.95 -10.62
CA LYS B 258 -27.60 50.07 -11.56
C LYS B 258 -27.28 51.43 -10.92
N LEU B 259 -27.61 51.61 -9.64
CA LEU B 259 -27.29 52.84 -8.92
C LEU B 259 -25.78 53.15 -8.81
N THR B 260 -24.98 52.28 -8.22
CA THR B 260 -23.55 52.55 -8.14
C THR B 260 -22.95 52.69 -9.54
N LEU B 261 -23.47 51.94 -10.49
CA LEU B 261 -22.99 52.03 -11.87
C LEU B 261 -23.11 53.46 -12.41
N SER B 262 -24.33 53.96 -12.43
CA SER B 262 -24.58 55.33 -12.84
C SER B 262 -23.78 56.30 -11.97
N GLY B 263 -23.91 56.18 -10.65
CA GLY B 263 -23.13 57.02 -9.75
C GLY B 263 -21.64 57.02 -10.06
N LEU B 264 -21.10 55.85 -10.39
CA LEU B 264 -19.67 55.73 -10.68
C LEU B 264 -19.33 56.35 -12.02
N GLU B 265 -20.21 56.15 -13.00
CA GLU B 265 -20.02 56.74 -14.32
C GLU B 265 -19.88 58.24 -14.21
N MSE B 266 -20.79 58.88 -13.48
CA MSE B 266 -20.71 60.33 -13.28
C MSE B 266 -19.49 60.77 -12.49
O MSE B 266 -18.87 61.79 -12.80
CB MSE B 266 -21.93 60.90 -12.58
CG MSE B 266 -21.93 62.43 -12.60
SE MSE B 266 -22.29 63.18 -14.40
CE MSE B 266 -21.38 64.92 -14.25
N THR B 267 -19.17 60.04 -11.45
CA THR B 267 -18.04 60.41 -10.62
C THR B 267 -16.78 60.45 -11.46
N LEU B 268 -16.63 59.48 -12.36
CA LEU B 268 -15.45 59.37 -13.22
C LEU B 268 -15.40 60.50 -14.25
N LYS B 269 -16.57 60.89 -14.75
CA LYS B 269 -16.66 61.97 -15.74
C LYS B 269 -16.03 63.18 -15.10
N LEU B 270 -16.51 63.53 -13.91
CA LEU B 270 -15.99 64.69 -13.21
C LEU B 270 -14.48 64.60 -13.21
N TYR B 271 -13.95 63.43 -12.91
CA TYR B 271 -12.50 63.23 -12.91
C TYR B 271 -11.91 63.48 -14.29
N PHE B 272 -12.57 62.95 -15.32
CA PHE B 272 -12.11 63.19 -16.68
C PHE B 272 -12.12 64.70 -16.97
N GLU B 273 -13.13 65.38 -16.44
CA GLU B 273 -13.28 66.83 -16.60
C GLU B 273 -12.50 67.61 -15.56
N LYS B 274 -11.56 66.93 -14.90
CA LYS B 274 -10.70 67.52 -13.88
C LYS B 274 -11.42 68.43 -12.88
N ARG B 275 -12.69 68.13 -12.62
CA ARG B 275 -13.51 68.91 -11.69
C ARG B 275 -13.40 68.37 -10.29
N TYR B 276 -12.23 68.52 -9.67
CA TYR B 276 -12.01 67.85 -8.39
C TYR B 276 -12.78 68.48 -7.23
N GLU B 277 -13.13 69.76 -7.36
CA GLU B 277 -13.87 70.46 -6.31
C GLU B 277 -15.32 69.97 -6.24
N ASP B 278 -15.74 69.22 -7.25
CA ASP B 278 -17.10 68.68 -7.30
C ASP B 278 -17.22 67.27 -6.76
N ILE B 279 -16.14 66.74 -6.21
CA ILE B 279 -16.22 65.49 -5.46
C ILE B 279 -15.88 65.72 -3.99
N PRO B 280 -16.91 65.68 -3.13
CA PRO B 280 -16.87 66.15 -1.75
C PRO B 280 -15.62 65.72 -0.98
N VAL B 281 -15.26 64.45 -1.05
CA VAL B 281 -14.14 63.95 -0.24
C VAL B 281 -12.85 64.73 -0.52
N ILE B 282 -12.58 64.93 -1.80
CA ILE B 282 -11.44 65.71 -2.22
C ILE B 282 -11.60 67.16 -1.81
N ARG B 283 -12.76 67.74 -2.13
CA ARG B 283 -13.04 69.13 -1.75
C ARG B 283 -12.85 69.35 -0.26
N MSE B 284 -13.30 68.40 0.57
CA MSE B 284 -13.22 68.54 2.02
C MSE B 284 -11.80 68.46 2.54
O MSE B 284 -11.45 69.13 3.51
CB MSE B 284 -14.03 67.45 2.71
CG MSE B 284 -15.52 67.56 2.48
SE MSE B 284 -16.49 66.49 3.73
CE MSE B 284 -17.69 67.90 4.36
N LEU B 285 -11.00 67.64 1.89
CA LEU B 285 -9.62 67.45 2.30
C LEU B 285 -8.70 68.56 1.80
N THR B 286 -9.09 69.22 0.70
CA THR B 286 -8.29 70.30 0.13
C THR B 286 -8.77 71.70 0.53
N GLN B 287 -9.80 71.78 1.37
CA GLN B 287 -10.40 73.06 1.76
C GLN B 287 -9.41 74.03 2.41
N ASP B 288 -9.64 75.34 2.26
CA ASP B 288 -8.75 76.38 2.78
C ASP B 288 -8.93 76.66 4.27
N GLU B 289 -7.80 76.75 5.00
CA GLU B 289 -7.79 77.04 6.44
C GLU B 289 -8.61 78.29 6.85
N LYS B 290 -8.68 79.28 5.94
CA LYS B 290 -9.49 80.46 6.18
C LYS B 290 -10.95 80.12 6.05
N ALA B 291 -11.27 79.34 5.02
CA ALA B 291 -12.66 78.95 4.76
C ALA B 291 -13.26 78.17 5.94
N LEU B 292 -12.40 77.43 6.65
CA LEU B 292 -12.80 76.70 7.84
C LEU B 292 -13.04 77.66 9.03
N ARG B 293 -12.14 78.61 9.21
CA ARG B 293 -12.32 79.64 10.23
C ARG B 293 -13.55 80.49 9.88
N GLN B 294 -13.66 80.85 8.61
CA GLN B 294 -14.80 81.60 8.11
C GLN B 294 -16.10 80.89 8.51
N LYS B 295 -16.16 79.59 8.20
CA LYS B 295 -17.30 78.75 8.54
C LYS B 295 -17.51 78.65 10.06
N ALA B 296 -16.40 78.62 10.81
CA ALA B 296 -16.46 78.47 12.26
C ALA B 296 -17.07 79.68 12.94
N LYS B 297 -16.62 80.88 12.53
CA LYS B 297 -17.12 82.09 13.16
C LYS B 297 -18.53 82.41 12.66
N ARG B 298 -18.85 81.98 11.46
CA ARG B 298 -20.20 82.14 10.93
C ARG B 298 -21.25 81.38 11.77
N LEU B 299 -20.88 80.20 12.28
CA LEU B 299 -21.77 79.38 13.14
C LEU B 299 -21.87 79.94 14.57
N GLU B 300 -20.75 80.40 15.10
CA GLU B 300 -20.72 81.04 16.41
C GLU B 300 -21.65 82.25 16.43
N LYS B 301 -21.71 82.95 15.30
CA LYS B 301 -22.57 84.12 15.17
C LYS B 301 -24.02 83.77 15.46
N LEU B 302 -24.42 82.56 15.09
CA LEU B 302 -25.82 82.15 15.21
C LEU B 302 -26.15 81.58 16.59
N LEU B 303 -25.12 81.26 17.37
CA LEU B 303 -25.30 80.54 18.63
C LEU B 303 -25.22 81.43 19.86
N LYS B 304 -24.83 82.68 19.69
CA LYS B 304 -24.67 83.60 20.81
C LYS B 304 -25.93 83.70 21.67
N ASP B 305 -27.06 83.84 20.97
CA ASP B 305 -28.33 84.23 21.59
C ASP B 305 -29.00 83.12 22.39
N ILE B 306 -28.50 81.90 22.26
CA ILE B 306 -29.04 80.78 23.03
C ILE B 306 -28.52 80.82 24.48
N PRO B 307 -29.43 80.57 25.45
CA PRO B 307 -29.12 80.60 26.88
C PRO B 307 -28.26 79.43 27.36
N GLY B 308 -27.51 79.67 28.44
CA GLY B 308 -26.64 78.68 29.05
C GLY B 308 -25.43 78.28 28.21
N LEU B 309 -25.30 78.89 27.04
CA LEU B 309 -24.31 78.46 26.05
C LEU B 309 -23.02 79.25 26.02
N LYS B 310 -21.95 78.59 26.45
CA LYS B 310 -20.60 79.13 26.31
C LYS B 310 -20.03 78.74 24.94
N ILE B 311 -19.73 79.74 24.12
CA ILE B 311 -19.26 79.50 22.74
C ILE B 311 -17.86 80.04 22.48
N SER B 312 -16.95 79.14 22.10
CA SER B 312 -15.60 79.53 21.68
C SER B 312 -15.22 78.90 20.33
N VAL B 313 -14.16 79.41 19.71
CA VAL B 313 -13.65 78.86 18.45
C VAL B 313 -12.17 78.54 18.64
N ILE B 314 -11.78 77.28 18.48
CA ILE B 314 -10.36 76.92 18.60
C ILE B 314 -9.70 76.57 17.26
N LYS B 315 -8.39 76.33 17.32
CA LYS B 315 -7.61 75.96 16.15
C LYS B 315 -6.87 74.70 16.57
N ASP B 316 -7.18 73.58 15.91
CA ASP B 316 -6.53 72.32 16.28
C ASP B 316 -6.09 71.47 15.10
N LYS B 317 -5.08 70.64 15.35
CA LYS B 317 -4.68 69.64 14.39
C LYS B 317 -5.48 68.36 14.62
N ALA B 318 -6.16 67.91 13.58
CA ALA B 318 -6.99 66.71 13.63
C ALA B 318 -6.48 65.71 12.61
N LYS B 319 -6.90 64.45 12.74
CA LYS B 319 -6.58 63.44 11.76
C LYS B 319 -7.84 63.18 10.95
N PRO B 320 -8.02 63.92 9.86
CA PRO B 320 -9.28 64.01 9.10
C PRO B 320 -9.71 62.72 8.42
N GLY B 321 -8.78 61.98 7.84
CA GLY B 321 -9.11 60.78 7.09
C GLY B 321 -9.10 59.55 7.98
N GLY B 322 -10.27 58.93 8.14
CA GLY B 322 -10.40 57.85 9.09
C GLY B 322 -9.93 56.52 8.57
N GLY B 323 -10.58 56.05 7.51
CA GLY B 323 -10.29 54.75 6.93
C GLY B 323 -9.38 54.85 5.73
N SER B 324 -8.71 55.97 5.58
CA SER B 324 -7.91 56.18 4.39
C SER B 324 -6.50 56.69 4.68
N LEU B 325 -6.41 57.86 5.33
CA LEU B 325 -5.12 58.51 5.49
C LEU B 325 -4.77 58.65 6.97
N PRO B 326 -4.43 57.53 7.61
CA PRO B 326 -4.44 57.53 9.06
C PRO B 326 -3.30 58.39 9.59
N GLU B 327 -2.23 58.50 8.81
CA GLU B 327 -1.09 59.28 9.26
C GLU B 327 -1.39 60.77 9.17
N LEU B 328 -2.20 61.13 8.19
CA LEU B 328 -2.44 62.53 7.89
C LEU B 328 -2.99 63.31 9.08
N GLU B 329 -2.34 64.43 9.37
CA GLU B 329 -2.86 65.40 10.33
C GLU B 329 -2.98 66.78 9.66
N LEU B 330 -4.20 67.29 9.63
CA LEU B 330 -4.45 68.62 9.10
C LEU B 330 -5.14 69.51 10.11
N PRO B 331 -4.73 70.79 10.16
CA PRO B 331 -5.33 71.81 11.02
C PRO B 331 -6.73 72.25 10.55
N THR B 332 -7.62 72.46 11.52
CA THR B 332 -8.98 72.93 11.23
C THR B 332 -9.59 73.72 12.41
N TYR B 333 -10.57 74.56 12.10
CA TYR B 333 -11.27 75.34 13.12
C TYR B 333 -12.52 74.64 13.68
N CYS B 334 -12.42 74.18 14.91
CA CYS B 334 -13.56 73.62 15.63
C CYS B 334 -14.27 74.71 16.42
N VAL B 335 -15.60 74.70 16.38
CA VAL B 335 -16.37 75.56 17.26
C VAL B 335 -16.74 74.79 18.53
N ALA B 336 -16.22 75.26 19.66
CA ALA B 336 -16.40 74.58 20.94
C ALA B 336 -17.58 75.18 21.72
N ILE B 337 -18.35 74.31 22.37
CA ILE B 337 -19.52 74.75 23.13
C ILE B 337 -19.67 73.97 24.44
N ARG B 338 -20.12 74.67 25.48
CA ARG B 338 -20.55 74.01 26.71
C ARG B 338 -21.75 74.67 27.37
N HIS B 339 -22.52 73.87 28.10
CA HIS B 339 -23.68 74.36 28.81
C HIS B 339 -23.48 74.24 30.31
N ASP B 340 -24.16 75.11 31.06
CA ASP B 340 -24.02 75.13 32.51
C ASP B 340 -24.73 73.97 33.20
N ARG B 341 -26.00 73.78 32.86
CA ARG B 341 -26.81 72.74 33.49
C ARG B 341 -26.39 71.31 33.08
N LEU B 342 -25.95 71.14 31.83
CA LEU B 342 -25.66 69.80 31.30
C LEU B 342 -24.18 69.52 30.96
N SER B 343 -23.71 68.34 31.37
CA SER B 343 -22.37 67.91 31.06
C SER B 343 -22.26 67.73 29.56
N SER B 344 -21.07 67.92 29.01
CA SER B 344 -20.88 67.77 27.56
C SER B 344 -21.16 66.35 27.07
N GLN B 345 -20.90 65.36 27.92
CA GLN B 345 -21.19 63.97 27.58
C GLN B 345 -22.68 63.75 27.40
N GLU B 346 -23.46 64.34 28.32
CA GLU B 346 -24.92 64.29 28.25
C GLU B 346 -25.48 65.13 27.08
N LEU B 347 -24.80 66.23 26.78
CA LEU B 347 -25.20 67.10 25.68
C LEU B 347 -24.96 66.42 24.33
N SER B 348 -23.82 65.75 24.19
CA SER B 348 -23.53 64.96 22.97
C SER B 348 -24.54 63.81 22.80
N ARG B 349 -24.81 63.10 23.89
CA ARG B 349 -25.82 62.05 23.90
C ARG B 349 -27.18 62.55 23.39
N ARG B 350 -27.54 63.77 23.78
CA ARG B 350 -28.82 64.38 23.38
C ARG B 350 -28.81 64.88 21.95
N LEU B 351 -27.62 65.12 21.43
CA LEU B 351 -27.47 65.58 20.06
C LEU B 351 -27.64 64.41 19.10
N ARG B 352 -27.17 63.23 19.53
CA ARG B 352 -27.26 62.04 18.70
C ARG B 352 -28.72 61.61 18.53
N LEU B 353 -29.51 61.82 19.57
CA LEU B 353 -30.90 61.36 19.60
C LEU B 353 -31.82 62.43 19.06
N ALA B 354 -31.21 63.46 18.49
CA ALA B 354 -31.97 64.54 17.90
C ALA B 354 -32.42 64.15 16.50
N GLU B 355 -33.26 65.00 15.93
CA GLU B 355 -33.73 64.83 14.56
C GLU B 355 -33.57 66.18 13.88
N PRO B 356 -32.58 66.31 13.00
CA PRO B 356 -31.62 65.27 12.64
C PRO B 356 -30.49 65.15 13.66
N PRO B 357 -29.87 63.98 13.76
CA PRO B 357 -28.74 63.68 14.66
C PRO B 357 -27.46 64.44 14.35
N ILE B 358 -26.66 64.66 15.39
CA ILE B 358 -25.39 65.40 15.26
C ILE B 358 -24.27 64.71 16.05
N VAL B 359 -23.25 64.28 15.33
CA VAL B 359 -22.13 63.54 15.93
C VAL B 359 -20.87 64.40 16.03
N CYS B 360 -20.32 64.52 17.24
CA CYS B 360 -19.23 65.45 17.53
C CYS B 360 -18.15 64.76 18.35
N ARG B 361 -16.97 65.39 18.44
CA ARG B 361 -15.89 64.91 19.32
C ARG B 361 -16.04 65.44 20.75
N ILE B 362 -15.53 64.68 21.71
CA ILE B 362 -15.46 65.16 23.09
C ILE B 362 -13.99 65.32 23.49
N ARG B 363 -13.63 66.46 24.05
CA ARG B 363 -12.31 66.62 24.65
C ARG B 363 -12.40 67.36 25.97
N GLU B 364 -12.27 66.63 27.06
CA GLU B 364 -12.24 67.22 28.39
C GLU B 364 -13.46 68.10 28.63
N ASP B 365 -14.62 67.48 28.51
CA ASP B 365 -15.90 68.16 28.73
C ASP B 365 -16.07 69.39 27.85
N GLN B 366 -15.34 69.43 26.74
CA GLN B 366 -15.52 70.49 25.77
C GLN B 366 -16.07 69.84 24.53
N LEU B 367 -17.32 70.15 24.21
CA LEU B 367 -17.91 69.64 22.97
C LEU B 367 -17.38 70.39 21.76
N LEU B 368 -16.98 69.63 20.74
CA LEU B 368 -16.34 70.17 19.55
C LEU B 368 -17.12 69.88 18.26
N PHE B 369 -17.32 70.93 17.47
CA PHE B 369 -17.89 70.81 16.12
C PHE B 369 -16.80 71.13 15.09
N ASP B 370 -16.18 70.09 14.52
CA ASP B 370 -15.11 70.30 13.55
C ASP B 370 -15.71 70.71 12.22
N MSE B 371 -15.36 71.90 11.76
CA MSE B 371 -16.03 72.47 10.59
C MSE B 371 -15.69 71.77 9.27
O MSE B 371 -16.42 71.92 8.29
CB MSE B 371 -15.73 73.97 10.49
CG MSE B 371 -16.33 74.78 11.62
SE MSE B 371 -18.27 74.71 11.73
CE MSE B 371 -18.40 73.53 13.26
N ARG B 372 -14.60 71.01 9.27
CA ARG B 372 -14.13 70.32 8.06
C ARG B 372 -15.23 69.53 7.37
N THR B 373 -15.97 68.76 8.16
CA THR B 373 -16.98 67.83 7.68
C THR B 373 -18.40 68.35 7.80
N VAL B 374 -18.53 69.65 8.02
CA VAL B 374 -19.84 70.25 8.21
C VAL B 374 -20.23 71.06 7.00
N PHE B 375 -21.46 70.90 6.53
CA PHE B 375 -21.89 71.59 5.34
C PHE B 375 -22.59 72.94 5.65
N HIS B 376 -22.83 73.74 4.61
CA HIS B 376 -23.40 75.06 4.77
C HIS B 376 -24.83 75.01 5.29
N GLU B 377 -25.63 74.14 4.67
CA GLU B 377 -27.02 73.97 5.06
C GLU B 377 -27.16 73.40 6.49
N ASP B 378 -26.09 72.77 6.96
CA ASP B 378 -26.04 72.18 8.30
C ASP B 378 -26.05 73.24 9.42
N LEU B 379 -25.48 74.41 9.14
CA LEU B 379 -25.35 75.44 10.17
C LEU B 379 -26.70 75.83 10.75
N LYS B 380 -27.64 76.14 9.86
CA LYS B 380 -28.94 76.63 10.28
C LYS B 380 -29.72 75.54 11.02
N THR B 381 -29.52 74.29 10.62
CA THR B 381 -30.18 73.18 11.31
C THR B 381 -29.58 72.92 12.72
N ILE B 382 -28.30 73.19 12.89
CA ILE B 382 -27.68 73.06 14.22
C ILE B 382 -28.29 74.05 15.19
N LYS B 383 -28.42 75.31 14.78
CA LYS B 383 -29.03 76.35 15.59
C LYS B 383 -30.41 75.87 16.02
N LYS B 384 -31.29 75.61 15.06
CA LYS B 384 -32.65 75.20 15.33
C LYS B 384 -32.70 74.01 16.28
N THR B 385 -31.74 73.09 16.13
CA THR B 385 -31.70 71.88 16.95
C THR B 385 -31.25 72.14 18.38
N LEU B 386 -30.28 73.02 18.52
CA LEU B 386 -29.74 73.34 19.84
C LEU B 386 -30.78 74.07 20.70
N GLN B 387 -31.47 75.04 20.12
CA GLN B 387 -32.44 75.84 20.86
C GLN B 387 -33.66 75.02 21.28
N GLU B 388 -34.03 74.04 20.43
CA GLU B 388 -35.16 73.17 20.71
C GLU B 388 -34.85 72.15 21.81
N LEU B 389 -33.57 71.82 21.96
CA LEU B 389 -33.10 70.97 23.06
C LEU B 389 -33.09 71.75 24.37
N LEU B 390 -32.48 72.93 24.33
CA LEU B 390 -32.09 73.66 25.55
C LEU B 390 -33.18 74.51 26.22
N SER B 391 -33.91 75.30 25.42
CA SER B 391 -34.88 76.24 25.96
C SER B 391 -36.26 75.61 26.20
N ILE B 392 -36.43 74.39 25.69
CA ILE B 392 -37.71 73.69 25.73
C ILE B 392 -38.13 73.37 27.19
N MSE C 1 43.42 45.88 10.01
CA MSE C 1 44.72 45.24 9.99
C MSE C 1 45.79 46.08 10.69
O MSE C 1 46.55 45.56 11.51
CB MSE C 1 45.16 45.00 8.55
CG MSE C 1 44.53 43.81 7.87
SE MSE C 1 45.59 43.32 6.31
CE MSE C 1 45.89 45.13 5.57
N LYS C 2 45.85 47.36 10.33
CA LYS C 2 46.75 48.32 10.99
C LYS C 2 45.95 49.07 12.03
N SER C 3 44.65 48.83 12.06
CA SER C 3 43.77 49.37 13.08
C SER C 3 43.93 48.56 14.38
N LEU C 4 44.79 47.54 14.33
CA LEU C 4 45.00 46.66 15.48
C LEU C 4 45.98 47.27 16.49
N MSE C 5 46.47 48.48 16.19
CA MSE C 5 47.34 49.21 17.11
C MSE C 5 46.55 49.74 18.31
O MSE C 5 47.13 50.16 19.32
CB MSE C 5 48.07 50.35 16.39
CG MSE C 5 49.18 49.91 15.43
SE MSE C 5 50.07 51.35 14.43
CE MSE C 5 49.33 51.04 12.64
N LYS C 6 45.22 49.70 18.18
CA LYS C 6 44.29 50.17 19.22
C LYS C 6 42.96 49.43 19.18
N PRO C 7 42.32 49.23 20.36
CA PRO C 7 41.01 48.60 20.42
C PRO C 7 39.94 49.44 19.73
N ASN C 8 39.07 48.81 18.94
CA ASN C 8 38.01 49.52 18.22
C ASN C 8 36.88 49.99 19.12
N ILE C 9 36.81 49.46 20.33
CA ILE C 9 35.73 49.81 21.23
C ILE C 9 36.18 50.97 22.06
N LYS C 10 35.37 52.02 22.11
CA LYS C 10 35.71 53.18 22.92
C LYS C 10 34.49 53.74 23.64
N ARG C 11 34.72 54.36 24.80
CA ARG C 11 33.68 55.03 25.54
C ARG C 11 33.13 56.08 24.61
N VAL C 12 31.86 56.41 24.76
CA VAL C 12 31.26 57.40 23.86
C VAL C 12 30.21 58.30 24.50
N ILE C 13 30.37 59.59 24.30
CA ILE C 13 29.52 60.54 24.99
C ILE C 13 28.16 60.62 24.34
N ASN C 14 27.14 60.17 25.04
CA ASN C 14 25.80 60.14 24.48
C ASN C 14 24.99 61.39 24.74
N ALA C 15 24.67 62.10 23.66
CA ALA C 15 23.89 63.33 23.74
C ALA C 15 22.58 63.20 22.99
N THR C 16 22.27 61.99 22.50
CA THR C 16 20.99 61.77 21.82
C THR C 16 19.82 61.88 22.79
N GLY C 17 20.15 61.99 24.08
CA GLY C 17 19.14 61.99 25.12
C GLY C 17 18.29 60.73 25.11
N VAL C 18 18.82 59.68 24.49
CA VAL C 18 18.16 58.38 24.41
C VAL C 18 18.78 57.39 25.39
N VAL C 19 18.04 57.10 26.44
CA VAL C 19 18.52 56.30 27.55
C VAL C 19 18.82 54.87 27.12
N ILE C 20 17.83 54.15 26.61
CA ILE C 20 18.11 52.79 26.16
C ILE C 20 18.44 52.80 24.68
N ASN C 21 19.72 52.83 24.37
CA ASN C 21 20.14 52.97 22.99
C ASN C 21 20.76 51.71 22.44
N THR C 22 20.02 51.04 21.57
CA THR C 22 20.48 49.77 21.00
C THR C 22 21.88 49.91 20.41
N ASN C 23 22.15 51.04 19.77
CA ASN C 23 23.44 51.24 19.11
C ASN C 23 24.59 51.57 20.06
N LEU C 24 24.31 52.37 21.08
CA LEU C 24 25.36 52.89 21.94
C LEU C 24 25.64 52.05 23.19
N GLY C 25 25.20 50.79 23.17
CA GLY C 25 25.58 49.82 24.19
C GLY C 25 24.53 49.52 25.25
N ARG C 26 23.30 49.92 24.98
CA ARG C 26 22.20 49.78 25.93
C ARG C 26 22.56 50.35 27.30
N ALA C 27 22.22 49.64 28.36
CA ALA C 27 22.37 50.15 29.72
C ALA C 27 23.83 50.27 30.17
N PRO C 28 24.22 51.47 30.62
CA PRO C 28 25.51 51.63 31.29
C PRO C 28 25.40 51.17 32.74
N LEU C 29 26.54 50.86 33.35
CA LEU C 29 26.57 50.28 34.69
C LEU C 29 27.18 51.24 35.70
N SER C 30 26.72 51.18 36.94
CA SER C 30 27.27 52.07 37.96
C SER C 30 28.66 51.66 38.35
N LYS C 31 29.37 52.54 39.04
CA LYS C 31 30.76 52.29 39.35
C LYS C 31 30.81 51.22 40.43
N ASP C 32 29.75 51.15 41.23
CA ASP C 32 29.65 50.14 42.27
C ASP C 32 29.67 48.74 41.66
N VAL C 33 28.82 48.53 40.67
CA VAL C 33 28.71 47.26 39.98
C VAL C 33 30.04 46.86 39.37
N ILE C 34 30.58 47.78 38.57
CA ILE C 34 31.78 47.54 37.80
C ILE C 34 32.97 47.13 38.65
N ASN C 35 33.15 47.77 39.79
CA ASN C 35 34.25 47.39 40.69
C ASN C 35 34.05 45.96 41.10
N PHE C 36 32.82 45.63 41.46
CA PHE C 36 32.50 44.27 41.89
C PHE C 36 32.79 43.27 40.81
N ILE C 37 32.38 43.58 39.57
CA ILE C 37 32.73 42.76 38.41
C ILE C 37 34.24 42.63 38.32
N SER C 38 34.90 43.77 38.38
CA SER C 38 36.34 43.86 38.36
C SER C 38 36.97 42.95 39.44
N GLU C 39 36.44 43.00 40.66
CA GLU C 39 37.01 42.23 41.76
C GLU C 39 36.95 40.72 41.55
N ILE C 40 35.81 40.26 41.06
CA ILE C 40 35.56 38.84 40.83
C ILE C 40 36.39 38.30 39.67
N ALA C 41 36.69 39.16 38.71
CA ALA C 41 37.35 38.72 37.49
C ALA C 41 38.86 38.74 37.60
N ASN C 42 39.36 39.47 38.59
CA ASN C 42 40.79 39.67 38.75
C ASN C 42 41.53 38.44 39.23
N GLY C 43 40.80 37.52 39.87
CA GLY C 43 41.38 36.29 40.34
C GLY C 43 40.35 35.16 40.38
N TYR C 44 40.61 34.14 41.19
CA TYR C 44 39.71 33.01 41.26
C TYR C 44 38.51 33.34 42.13
N SER C 45 37.49 32.49 42.08
CA SER C 45 36.27 32.74 42.85
C SER C 45 35.46 31.49 43.06
N ASN C 46 34.33 31.66 43.74
CA ASN C 46 33.41 30.58 44.01
C ASN C 46 32.34 30.52 42.92
N LEU C 47 32.72 30.78 41.67
CA LEU C 47 31.77 30.83 40.55
C LEU C 47 30.92 29.58 40.53
N GLU C 48 31.55 28.47 40.19
CA GLU C 48 30.93 27.16 40.39
C GLU C 48 31.49 26.44 41.61
N TYR C 49 31.02 26.84 42.80
CA TYR C 49 31.60 26.33 44.02
C TYR C 49 30.77 26.64 45.24
N ASN C 50 30.72 25.68 46.16
CA ASN C 50 30.03 25.83 47.42
C ASN C 50 31.08 25.84 48.50
N LEU C 51 31.32 26.99 49.10
CA LEU C 51 32.35 27.05 50.12
C LEU C 51 31.90 26.37 51.40
N GLU C 52 30.59 26.36 51.63
CA GLU C 52 30.04 25.67 52.79
C GLU C 52 30.42 24.20 52.72
N GLU C 53 30.07 23.56 51.61
CA GLU C 53 30.20 22.11 51.48
C GLU C 53 31.50 21.61 50.83
N GLY C 54 32.32 22.53 50.31
CA GLY C 54 33.59 22.15 49.74
C GLY C 54 33.48 21.34 48.46
N LYS C 55 32.39 21.56 47.73
CA LYS C 55 32.15 20.88 46.46
C LYS C 55 31.68 21.86 45.39
N ARG C 56 31.51 21.35 44.18
CA ARG C 56 31.07 22.17 43.06
C ARG C 56 29.63 22.63 43.32
N GLY C 57 29.26 23.75 42.72
CA GLY C 57 27.94 24.31 42.94
C GLY C 57 27.41 25.00 41.70
N SER C 58 26.11 25.26 41.70
CA SER C 58 25.52 25.93 40.55
C SER C 58 25.83 27.42 40.59
N ARG C 59 26.15 27.99 39.44
CA ARG C 59 26.45 29.42 39.37
C ARG C 59 25.17 30.24 39.52
N ILE C 60 24.14 29.83 38.80
CA ILE C 60 22.84 30.49 38.88
C ILE C 60 22.34 30.67 40.31
N ALA C 61 22.79 29.79 41.18
CA ALA C 61 22.33 29.73 42.55
C ALA C 61 22.37 31.10 43.16
N HIS C 62 23.54 31.72 43.09
CA HIS C 62 23.76 33.08 43.57
C HIS C 62 22.54 33.99 43.26
N ILE C 63 22.23 34.10 41.97
CA ILE C 63 21.20 35.01 41.46
C ILE C 63 19.77 34.64 41.81
N GLU C 64 19.43 33.37 41.60
CA GLU C 64 18.02 33.02 41.57
C GLU C 64 17.26 33.50 42.80
N LYS C 65 17.91 33.48 43.97
CA LYS C 65 17.22 33.91 45.19
C LYS C 65 16.70 35.37 45.14
N TYR C 66 17.55 36.29 44.66
CA TYR C 66 17.13 37.67 44.43
C TYR C 66 15.94 37.77 43.49
N LEU C 67 16.03 37.09 42.35
CA LEU C 67 14.98 37.17 41.36
C LEU C 67 13.66 36.68 41.91
N ASN C 68 13.68 35.60 42.68
CA ASN C 68 12.44 35.04 43.17
C ASN C 68 11.79 35.95 44.18
N GLU C 69 12.61 36.55 45.04
CA GLU C 69 12.08 37.52 45.99
C GLU C 69 11.54 38.75 45.28
N LEU C 70 12.36 39.38 44.45
CA LEU C 70 11.99 40.61 43.75
C LEU C 70 10.75 40.48 42.84
N THR C 71 10.58 39.34 42.17
CA THR C 71 9.47 39.16 41.24
C THR C 71 8.32 38.34 41.82
N GLY C 72 8.63 37.45 42.74
CA GLY C 72 7.60 36.68 43.41
C GLY C 72 7.33 35.37 42.72
N ALA C 73 8.14 35.10 41.71
CA ALA C 73 7.99 33.88 40.95
C ALA C 73 8.48 32.73 41.78
N GLU C 74 7.96 31.54 41.49
CA GLU C 74 8.26 30.31 42.22
C GLU C 74 9.68 29.87 41.97
N SER C 75 10.18 30.02 40.76
CA SER C 75 11.57 29.73 40.48
C SER C 75 12.07 30.64 39.39
N SER C 76 13.36 30.65 39.14
CA SER C 76 13.92 31.46 38.06
C SER C 76 15.20 30.88 37.49
N PHE C 77 15.69 31.50 36.42
CA PHE C 77 16.86 31.01 35.71
C PHE C 77 17.36 32.10 34.79
N VAL C 78 18.65 32.09 34.49
CA VAL C 78 19.21 33.12 33.64
C VAL C 78 20.19 32.59 32.58
N VAL C 79 19.95 32.99 31.33
CA VAL C 79 20.74 32.54 30.19
C VAL C 79 21.40 33.73 29.55
N ASN C 80 22.09 33.51 28.43
CA ASN C 80 22.88 34.59 27.78
C ASN C 80 22.22 35.92 27.52
N ASN C 81 21.06 35.85 26.90
CA ASN C 81 20.32 37.02 26.45
C ASN C 81 18.88 36.62 26.13
N ASN C 82 17.96 37.58 26.03
CA ASN C 82 16.56 37.23 25.88
C ASN C 82 16.28 36.43 24.60
N ALA C 83 17.07 36.69 23.57
CA ALA C 83 16.95 35.98 22.31
C ALA C 83 17.02 34.51 22.61
N GLY C 84 18.00 34.14 23.42
CA GLY C 84 18.21 32.77 23.85
C GLY C 84 17.11 32.26 24.76
N ALA C 85 16.66 33.08 25.70
CA ALA C 85 15.54 32.72 26.57
C ALA C 85 14.35 32.28 25.71
N VAL C 86 13.83 33.20 24.91
CA VAL C 86 12.83 32.86 23.92
C VAL C 86 13.13 31.50 23.27
N PHE C 87 14.29 31.39 22.61
CA PHE C 87 14.75 30.14 21.99
C PHE C 87 14.60 28.94 22.90
N LEU C 88 15.16 29.06 24.10
CA LEU C 88 15.15 27.97 25.06
C LEU C 88 13.74 27.59 25.54
N VAL C 89 12.94 28.59 25.90
CA VAL C 89 11.56 28.34 26.33
C VAL C 89 10.80 27.57 25.28
N LEU C 90 10.97 27.96 24.02
CA LEU C 90 10.28 27.30 22.93
C LEU C 90 10.79 25.88 22.69
N ASN C 91 12.11 25.72 22.56
CA ASN C 91 12.67 24.40 22.27
C ASN C 91 12.38 23.45 23.38
N THR C 92 12.22 24.00 24.58
CA THR C 92 12.04 23.15 25.74
C THR C 92 10.61 22.71 25.92
N LEU C 93 9.66 23.61 25.72
CA LEU C 93 8.27 23.29 26.06
C LEU C 93 7.39 22.98 24.86
N ALA C 94 7.88 23.24 23.67
CA ALA C 94 6.98 23.28 22.53
C ALA C 94 7.53 22.60 21.28
N GLU C 95 8.67 21.92 21.44
CA GLU C 95 9.25 21.20 20.31
C GLU C 95 8.25 20.27 19.67
N GLY C 96 8.02 20.45 18.38
CA GLY C 96 7.08 19.63 17.63
C GLY C 96 5.64 19.99 17.87
N LYS C 97 5.38 20.88 18.82
CA LYS C 97 4.01 21.26 19.15
C LYS C 97 3.74 22.71 18.78
N GLU C 98 2.46 23.08 18.78
CA GLU C 98 2.00 24.39 18.27
C GLU C 98 2.06 25.49 19.29
N VAL C 99 2.46 26.67 18.82
CA VAL C 99 2.57 27.83 19.67
C VAL C 99 1.68 28.94 19.15
N ILE C 100 0.62 29.27 19.88
CA ILE C 100 -0.31 30.28 19.43
C ILE C 100 0.18 31.66 19.77
N ILE C 101 0.25 32.54 18.77
CA ILE C 101 0.78 33.88 18.95
C ILE C 101 0.14 34.86 17.95
N SER C 102 -0.06 36.12 18.35
CA SER C 102 -0.75 37.09 17.49
C SER C 102 0.04 37.50 16.26
N ARG C 103 -0.68 37.67 15.14
CA ARG C 103 -0.04 38.04 13.89
C ARG C 103 0.61 39.39 14.02
N GLY C 104 0.28 40.10 15.10
CA GLY C 104 0.79 41.43 15.33
C GLY C 104 2.02 41.51 16.22
N GLU C 105 2.35 40.39 16.87
CA GLU C 105 3.46 40.29 17.81
C GLU C 105 4.64 39.50 17.26
N LEU C 106 4.66 39.23 15.96
CA LEU C 106 5.75 38.46 15.39
C LEU C 106 6.82 39.43 14.99
N VAL C 107 7.60 39.89 15.96
CA VAL C 107 8.43 41.05 15.75
C VAL C 107 9.86 40.77 15.33
N GLU C 108 10.50 41.80 14.78
CA GLU C 108 11.93 41.82 14.58
C GLU C 108 12.49 42.86 15.54
N ILE C 109 13.41 42.44 16.40
CA ILE C 109 14.13 43.38 17.23
C ILE C 109 15.61 43.28 16.85
N GLY C 110 16.26 44.42 16.67
CA GLY C 110 17.63 44.40 16.21
C GLY C 110 17.67 43.95 14.76
N GLY C 111 18.84 43.49 14.30
CA GLY C 111 18.98 43.12 12.91
C GLY C 111 18.76 41.63 12.66
N SER C 112 19.22 40.83 13.62
CA SER C 112 19.23 39.39 13.42
C SER C 112 18.16 38.63 14.20
N PHE C 113 17.35 39.35 14.99
CA PHE C 113 16.31 38.67 15.79
C PHE C 113 14.86 38.82 15.34
N ARG C 114 14.30 37.74 14.79
CA ARG C 114 12.93 37.74 14.24
C ARG C 114 12.17 36.57 14.84
N ILE C 115 11.11 36.87 15.58
CA ILE C 115 10.37 35.83 16.28
C ILE C 115 10.16 34.60 15.38
N PRO C 116 9.52 34.79 14.22
CA PRO C 116 9.24 33.58 13.46
C PRO C 116 10.50 32.83 13.04
N ASP C 117 11.61 33.54 12.87
CA ASP C 117 12.80 32.89 12.35
C ASP C 117 13.42 32.05 13.43
N ILE C 118 13.43 32.58 14.64
CA ILE C 118 14.04 31.86 15.74
C ILE C 118 13.09 30.77 16.24
N MSE C 119 11.80 31.05 16.19
CA MSE C 119 10.80 30.04 16.56
C MSE C 119 10.90 28.82 15.65
O MSE C 119 10.86 27.68 16.11
CB MSE C 119 9.39 30.62 16.50
CG MSE C 119 8.27 29.67 16.93
SE MSE C 119 6.63 30.67 17.17
CE MSE C 119 7.46 32.43 17.62
N LYS C 120 11.01 29.04 14.35
CA LYS C 120 11.19 27.95 13.42
C LYS C 120 12.38 27.11 13.89
N LYS C 121 13.52 27.79 14.13
CA LYS C 121 14.77 27.10 14.47
C LYS C 121 14.67 26.30 15.75
N SER C 122 13.80 26.76 16.65
CA SER C 122 13.64 26.13 17.94
C SER C 122 13.10 24.71 17.84
N GLY C 123 12.31 24.45 16.81
CA GLY C 123 11.63 23.17 16.66
C GLY C 123 10.14 23.34 16.85
N ALA C 124 9.75 24.53 17.29
CA ALA C 124 8.36 24.81 17.58
C ALA C 124 7.58 25.02 16.29
N ILE C 125 6.29 24.80 16.40
CA ILE C 125 5.39 24.95 15.28
C ILE C 125 4.58 26.20 15.52
N LEU C 126 4.77 27.17 14.63
CA LEU C 126 4.13 28.48 14.74
C LEU C 126 2.68 28.47 14.24
N ARG C 127 1.73 28.69 15.16
CA ARG C 127 0.35 28.92 14.79
C ARG C 127 -0.01 30.37 14.99
N GLU C 128 -0.12 31.12 13.88
CA GLU C 128 -0.37 32.54 13.92
C GLU C 128 -1.84 32.87 13.83
N VAL C 129 -2.29 33.83 14.63
CA VAL C 129 -3.71 34.09 14.72
C VAL C 129 -4.04 35.57 14.74
N GLY C 130 -5.31 35.91 14.50
CA GLY C 130 -5.70 37.30 14.41
C GLY C 130 -5.24 37.96 13.12
N THR C 131 -5.04 39.27 13.21
CA THR C 131 -4.49 40.07 12.11
C THR C 131 -3.33 40.95 12.60
N THR C 132 -2.59 41.50 11.66
CA THR C 132 -1.51 42.42 11.98
C THR C 132 -1.99 43.41 13.02
N ASN C 133 -3.00 44.19 12.66
CA ASN C 133 -3.45 45.29 13.52
C ASN C 133 -4.44 44.97 14.64
N LYS C 134 -5.31 43.97 14.44
CA LYS C 134 -6.27 43.59 15.48
C LYS C 134 -6.25 42.12 15.76
N THR C 135 -6.11 41.75 17.03
CA THR C 135 -6.20 40.34 17.43
C THR C 135 -7.09 40.22 18.67
N LYS C 136 -8.11 39.38 18.61
CA LYS C 136 -9.08 39.23 19.69
C LYS C 136 -8.84 37.94 20.45
N VAL C 137 -9.56 37.77 21.56
CA VAL C 137 -9.39 36.56 22.36
C VAL C 137 -9.80 35.34 21.55
N SER C 138 -10.95 35.43 20.90
CA SER C 138 -11.44 34.34 20.07
C SER C 138 -10.36 33.78 19.13
N ASP C 139 -9.39 34.62 18.79
CA ASP C 139 -8.36 34.22 17.83
C ASP C 139 -7.43 33.20 18.46
N TYR C 140 -7.07 33.44 19.70
CA TYR C 140 -6.21 32.53 20.42
C TYR C 140 -6.93 31.22 20.66
N GLU C 141 -8.14 31.33 21.19
CA GLU C 141 -8.95 30.18 21.57
C GLU C 141 -9.17 29.23 20.40
N GLY C 142 -9.64 29.79 19.29
CA GLY C 142 -9.81 29.06 18.06
C GLY C 142 -8.65 28.19 17.60
N ALA C 143 -7.42 28.62 17.86
CA ALA C 143 -6.27 27.85 17.39
C ALA C 143 -5.85 26.76 18.36
N ILE C 144 -6.62 26.58 19.43
CA ILE C 144 -6.24 25.56 20.40
C ILE C 144 -6.65 24.18 19.92
N ASN C 145 -5.72 23.24 19.99
CA ASN C 145 -6.02 21.86 19.64
C ASN C 145 -5.16 20.89 20.45
N GLN C 146 -5.27 19.62 20.13
CA GLN C 146 -4.54 18.61 20.85
C GLN C 146 -3.06 18.93 20.89
N ASN C 147 -2.58 19.61 19.84
CA ASN C 147 -1.13 19.78 19.66
C ASN C 147 -0.58 21.12 20.17
N THR C 148 -1.43 21.90 20.82
CA THR C 148 -1.04 23.20 21.35
C THR C 148 -0.20 23.04 22.61
N ALA C 149 1.05 23.48 22.56
CA ALA C 149 1.95 23.38 23.70
C ALA C 149 2.05 24.65 24.57
N LEU C 150 1.51 25.77 24.09
CA LEU C 150 1.93 27.06 24.63
C LEU C 150 1.23 28.28 24.05
N LEU C 151 0.73 29.13 24.94
CA LEU C 151 0.16 30.42 24.53
C LEU C 151 1.19 31.52 24.76
N MSE C 152 1.52 32.26 23.71
CA MSE C 152 2.62 33.21 23.73
C MSE C 152 2.27 34.66 23.35
O MSE C 152 1.49 34.94 22.45
CB MSE C 152 3.74 32.73 22.83
CG MSE C 152 4.97 33.59 22.89
SE MSE C 152 6.44 32.74 21.94
CE MSE C 152 7.64 34.27 21.80
N LYS C 153 2.89 35.59 24.04
CA LYS C 153 2.65 37.00 23.84
C LYS C 153 4.00 37.66 23.79
N VAL C 154 4.24 38.48 22.78
CA VAL C 154 5.48 39.22 22.77
C VAL C 154 5.07 40.65 22.90
N HIS C 155 5.81 41.40 23.70
CA HIS C 155 5.56 42.80 23.88
C HIS C 155 6.34 43.49 22.77
N LYS C 156 5.71 44.44 22.13
CA LYS C 156 6.36 45.17 21.06
C LYS C 156 7.27 46.21 21.70
N SER C 157 8.54 45.86 21.88
CA SER C 157 9.51 46.75 22.54
C SER C 157 10.02 47.89 21.66
N ASN C 158 10.27 47.62 20.39
CA ASN C 158 10.91 48.63 19.56
C ASN C 158 10.01 49.45 18.62
N PHE C 159 8.77 49.02 18.42
CA PHE C 159 7.82 49.80 17.61
C PHE C 159 6.43 49.76 18.22
N TYR C 160 5.50 50.54 17.66
CA TYR C 160 4.13 50.54 18.15
C TYR C 160 3.15 50.78 17.02
N MSE C 161 1.88 50.50 17.26
CA MSE C 161 0.88 50.75 16.25
C MSE C 161 -0.16 51.76 16.70
O MSE C 161 -0.49 51.85 17.89
CB MSE C 161 0.17 49.47 15.84
CG MSE C 161 1.08 48.42 15.19
SE MSE C 161 0.07 46.88 14.55
CE MSE C 161 -0.69 46.27 16.25
N GLU C 162 -0.70 52.51 15.75
CA GLU C 162 -1.80 53.41 16.05
C GLU C 162 -2.84 53.39 14.94
N GLY C 163 -4.06 53.77 15.30
CA GLY C 163 -5.19 53.65 14.41
C GLY C 163 -6.16 52.59 14.88
N PHE C 164 -6.74 51.87 13.94
CA PHE C 164 -7.64 50.78 14.26
C PHE C 164 -6.83 49.56 14.65
N VAL C 165 -6.83 49.24 15.94
CA VAL C 165 -5.93 48.25 16.51
C VAL C 165 -6.62 47.55 17.66
N GLU C 166 -6.20 46.31 17.93
CA GLU C 166 -6.74 45.54 19.03
C GLU C 166 -5.72 44.53 19.51
N GLU C 167 -5.86 44.18 20.78
CA GLU C 167 -4.87 43.39 21.49
C GLU C 167 -5.60 42.58 22.55
N VAL C 168 -5.01 41.47 22.98
CA VAL C 168 -5.61 40.71 24.07
C VAL C 168 -5.00 41.09 25.42
N LYS C 169 -5.87 41.35 26.40
CA LYS C 169 -5.40 41.71 27.73
C LYS C 169 -4.73 40.47 28.34
N LEU C 170 -3.64 40.63 29.10
CA LEU C 170 -2.98 39.44 29.64
C LEU C 170 -3.88 38.65 30.58
N GLU C 171 -4.70 39.32 31.40
CA GLU C 171 -5.69 38.62 32.21
C GLU C 171 -6.36 37.55 31.38
N ASP C 172 -6.93 37.99 30.27
CA ASP C 172 -7.67 37.09 29.38
C ASP C 172 -6.81 35.94 28.89
N LEU C 173 -5.55 36.22 28.60
CA LEU C 173 -4.67 35.14 28.17
C LEU C 173 -4.50 34.07 29.25
N VAL C 174 -4.21 34.52 30.47
CA VAL C 174 -4.06 33.62 31.61
C VAL C 174 -5.37 32.88 31.86
N LYS C 175 -6.47 33.62 31.96
CA LYS C 175 -7.79 33.00 32.05
C LYS C 175 -7.91 31.88 31.02
N LEU C 176 -7.67 32.21 29.75
CA LEU C 176 -7.75 31.26 28.65
C LEU C 176 -6.83 30.07 28.90
N GLY C 177 -5.53 30.33 29.01
CA GLY C 177 -4.59 29.29 29.36
C GLY C 177 -4.94 28.38 30.54
N HIS C 178 -5.46 28.95 31.63
CA HIS C 178 -5.94 28.13 32.75
C HIS C 178 -7.05 27.18 32.30
N LYS C 179 -7.99 27.71 31.53
CA LYS C 179 -9.17 26.97 31.11
C LYS C 179 -8.87 25.75 30.25
N TYR C 180 -7.85 25.83 29.41
CA TYR C 180 -7.49 24.69 28.58
C TYR C 180 -6.27 23.97 29.12
N GLY C 181 -5.75 24.43 30.24
CA GLY C 181 -4.58 23.82 30.83
C GLY C 181 -3.35 24.02 29.96
N ILE C 182 -3.23 25.19 29.35
CA ILE C 182 -2.06 25.51 28.54
C ILE C 182 -1.28 26.61 29.19
N PRO C 183 0.03 26.43 29.25
CA PRO C 183 0.93 27.38 29.88
C PRO C 183 1.02 28.68 29.09
N THR C 184 1.15 29.81 29.81
CA THR C 184 1.36 31.10 29.18
C THR C 184 2.80 31.56 29.29
N TYR C 185 3.33 32.07 28.19
CA TYR C 185 4.70 32.53 28.12
C TYR C 185 4.70 33.96 27.62
N TYR C 186 5.18 34.90 28.44
CA TYR C 186 5.21 36.30 28.05
C TYR C 186 6.62 36.82 27.86
N ASP C 187 7.00 37.11 26.62
CA ASP C 187 8.26 37.77 26.38
C ASP C 187 8.08 39.28 26.50
N ALA C 188 8.41 39.83 27.66
CA ALA C 188 8.23 41.27 27.88
C ALA C 188 9.41 42.07 27.32
N GLY C 189 10.57 41.43 27.22
CA GLY C 189 11.73 41.99 26.56
C GLY C 189 12.49 43.06 27.29
N SER C 190 11.76 43.99 27.88
CA SER C 190 12.34 45.17 28.52
C SER C 190 13.03 44.82 29.83
N GLY C 191 12.62 43.70 30.41
CA GLY C 191 13.16 43.27 31.67
C GLY C 191 12.88 44.27 32.77
N LEU C 192 11.75 44.95 32.69
CA LEU C 192 11.38 45.87 33.75
C LEU C 192 11.04 45.07 34.98
N LEU C 193 11.68 45.40 36.09
CA LEU C 193 11.61 44.60 37.31
C LEU C 193 10.39 44.88 38.19
N ILE C 194 10.03 46.15 38.31
CA ILE C 194 8.88 46.54 39.11
C ILE C 194 8.17 47.71 38.45
N ASN C 195 6.97 48.00 38.93
CA ASN C 195 6.12 49.01 38.31
C ASN C 195 6.79 50.38 38.22
N LEU C 196 6.69 50.98 37.04
CA LEU C 196 7.30 52.27 36.77
C LEU C 196 6.67 53.41 37.58
N LYS C 197 5.36 53.28 37.85
CA LYS C 197 4.58 54.35 38.47
C LYS C 197 5.09 54.68 39.87
N GLU C 198 5.99 53.83 40.39
CA GLU C 198 6.59 54.06 41.70
C GLU C 198 7.64 55.17 41.66
N PHE C 199 8.29 55.34 40.52
CA PHE C 199 9.32 56.38 40.37
C PHE C 199 8.74 57.64 39.75
N GLY C 200 7.43 57.71 39.66
CA GLY C 200 6.77 58.91 39.16
C GLY C 200 6.61 58.94 37.65
N ILE C 201 6.92 57.81 37.02
CA ILE C 201 6.72 57.67 35.58
C ILE C 201 5.48 56.83 35.32
N SER C 202 4.41 57.46 34.87
CA SER C 202 3.14 56.75 34.63
C SER C 202 3.09 56.15 33.24
N VAL C 203 3.17 54.83 33.18
CA VAL C 203 3.10 54.11 31.91
C VAL C 203 2.54 52.70 32.13
N ASP C 204 2.12 52.07 31.04
CA ASP C 204 1.48 50.77 31.09
C ASP C 204 2.50 49.62 31.07
N GLU C 205 3.74 49.95 30.75
CA GLU C 205 4.77 48.93 30.52
C GLU C 205 4.74 47.81 31.55
N PRO C 206 4.78 46.56 31.08
CA PRO C 206 4.73 45.39 31.97
C PRO C 206 6.07 45.15 32.67
N ASN C 207 5.97 44.74 33.93
CA ASN C 207 7.12 44.37 34.73
C ASN C 207 6.98 42.92 35.20
N PHE C 208 8.11 42.30 35.53
CA PHE C 208 8.12 40.94 36.05
C PHE C 208 7.16 40.72 37.21
N ARG C 209 7.34 41.45 38.30
CA ARG C 209 6.54 41.23 39.49
C ARG C 209 5.04 41.18 39.18
N ASP C 210 4.54 42.18 38.47
CA ASP C 210 3.10 42.27 38.25
C ASP C 210 2.57 41.25 37.28
N CYS C 211 3.35 40.94 36.25
CA CYS C 211 2.88 39.98 35.27
C CYS C 211 2.99 38.57 35.85
N ILE C 212 3.79 38.41 36.88
CA ILE C 212 3.87 37.14 37.55
C ILE C 212 2.68 36.92 38.48
N SER C 213 2.37 37.92 39.30
CA SER C 213 1.25 37.78 40.22
C SER C 213 -0.05 37.80 39.44
N LEU C 214 0.03 37.87 38.12
CA LEU C 214 -1.18 37.86 37.33
C LEU C 214 -1.47 36.43 36.89
N GLY C 215 -0.48 35.57 37.09
CA GLY C 215 -0.65 34.17 36.80
C GLY C 215 -0.08 33.70 35.49
N ILE C 216 0.74 34.53 34.86
CA ILE C 216 1.50 34.07 33.70
C ILE C 216 2.54 33.06 34.18
N ASP C 217 2.70 31.98 33.44
CA ASP C 217 3.54 30.87 33.87
C ASP C 217 5.03 31.12 33.71
N LEU C 218 5.40 31.81 32.64
CA LEU C 218 6.79 32.20 32.40
C LEU C 218 6.85 33.60 31.83
N VAL C 219 7.86 34.36 32.24
CA VAL C 219 8.05 35.73 31.81
C VAL C 219 9.52 35.94 31.61
N SER C 220 9.92 36.45 30.45
CA SER C 220 11.33 36.70 30.23
C SER C 220 11.59 38.14 29.82
N GLY C 221 12.85 38.56 29.87
CA GLY C 221 13.26 39.88 29.43
C GLY C 221 14.76 40.04 29.38
N SER C 222 15.25 41.14 28.80
CA SER C 222 16.69 41.39 28.70
C SER C 222 17.17 42.04 29.97
N GLY C 223 18.43 41.79 30.30
CA GLY C 223 19.03 42.40 31.48
C GLY C 223 19.50 43.82 31.23
N ASP C 224 19.86 44.13 29.98
CA ASP C 224 20.43 45.43 29.64
C ASP C 224 19.44 46.46 29.11
N1 LLP C 225 12.39 40.03 22.66
C2 LLP C 225 11.97 41.26 23.09
C2' LLP C 225 10.45 41.57 23.30
C3 LLP C 225 12.89 42.28 23.37
O3 LLP C 225 12.44 43.52 23.79
C4 LLP C 225 14.25 42.03 23.20
C4' LLP C 225 15.25 43.15 23.49
C5 LLP C 225 14.65 40.76 22.75
C6 LLP C 225 13.71 39.75 22.49
C5' LLP C 225 16.14 40.44 22.55
OP4 LLP C 225 16.90 40.92 23.59
P LLP C 225 18.34 40.34 23.81
OP1 LLP C 225 18.37 38.97 23.11
OP2 LLP C 225 18.53 40.11 25.30
OP3 LLP C 225 19.40 41.31 23.23
N LLP C 225 18.16 46.30 29.42
CA LLP C 225 17.18 47.25 28.93
CB LLP C 225 16.12 46.57 28.03
CG LLP C 225 16.55 46.12 26.62
CD LLP C 225 15.33 45.83 25.70
CE LLP C 225 15.61 45.41 24.28
NZ LLP C 225 14.77 44.35 23.92
C LLP C 225 16.68 48.05 30.05
O LLP C 225 17.45 48.89 30.54
N LEU C 226 15.46 47.83 30.52
CA LEU C 226 14.92 48.58 31.69
C LEU C 226 15.33 48.00 33.05
N LEU C 227 16.07 46.90 33.05
CA LEU C 227 16.57 46.36 34.29
C LEU C 227 17.81 47.17 34.62
N GLY C 228 18.46 47.67 33.58
CA GLY C 228 19.64 48.48 33.76
C GLY C 228 20.76 47.65 34.36
N GLY C 229 20.79 46.41 33.92
CA GLY C 229 21.84 45.50 34.32
C GLY C 229 22.68 45.15 33.11
N PRO C 230 23.50 44.13 33.24
CA PRO C 230 24.26 43.71 32.06
C PRO C 230 23.44 42.74 31.18
N GLN C 231 24.04 42.29 30.09
CA GLN C 231 23.29 41.56 29.09
C GLN C 231 22.90 40.25 29.68
N ALA C 232 21.62 39.94 29.58
CA ALA C 232 21.16 38.69 30.13
C ALA C 232 19.76 38.36 29.67
N GLY C 233 19.46 37.07 29.70
CA GLY C 233 18.14 36.56 29.41
C GLY C 233 17.59 36.05 30.71
N ILE C 234 16.58 36.75 31.21
CA ILE C 234 16.02 36.45 32.52
C ILE C 234 14.68 35.77 32.44
N ILE C 235 14.56 34.59 33.04
CA ILE C 235 13.31 33.86 32.99
C ILE C 235 12.82 33.58 34.39
N VAL C 236 11.54 33.79 34.64
CA VAL C 236 11.00 33.57 35.97
C VAL C 236 9.62 32.93 35.88
N GLY C 237 9.28 32.03 36.80
CA GLY C 237 7.96 31.47 36.84
C GLY C 237 7.87 30.08 37.44
N LYS C 238 6.79 29.35 37.14
CA LYS C 238 6.53 28.01 37.68
C LYS C 238 7.79 27.18 37.77
N LYS C 239 7.99 26.53 38.92
CA LYS C 239 9.19 25.73 39.19
C LYS C 239 9.30 24.54 38.25
N ASN C 240 8.16 23.88 37.98
CA ASN C 240 8.15 22.72 37.11
C ASN C 240 8.72 23.02 35.71
N LEU C 241 8.39 24.19 35.17
CA LEU C 241 8.83 24.60 33.84
C LEU C 241 10.27 25.08 33.79
N ILE C 242 10.62 26.05 34.62
CA ILE C 242 12.01 26.40 34.80
C ILE C 242 12.89 25.16 34.87
N GLU C 243 12.50 24.18 35.69
CA GLU C 243 13.28 22.93 35.81
C GLU C 243 13.49 22.21 34.48
N LYS C 244 12.44 22.04 33.68
CA LYS C 244 12.56 21.40 32.37
C LYS C 244 13.54 22.19 31.51
N ILE C 245 13.51 23.49 31.70
CA ILE C 245 14.36 24.39 30.97
C ILE C 245 15.83 24.29 31.38
N LYS C 246 16.10 24.33 32.68
CA LYS C 246 17.47 24.22 33.18
C LYS C 246 18.10 22.91 32.70
N LYS C 247 17.24 21.90 32.47
CA LYS C 247 17.65 20.56 32.04
C LYS C 247 18.08 20.45 30.56
N ASN C 248 17.50 21.29 29.69
CA ASN C 248 17.76 21.26 28.25
C ASN C 248 19.23 21.52 27.98
N PRO C 249 19.91 20.55 27.37
CA PRO C 249 21.35 20.59 27.12
C PRO C 249 21.79 21.86 26.41
N ILE C 250 20.86 22.44 25.65
CA ILE C 250 21.05 23.75 25.03
C ILE C 250 21.35 24.83 26.07
N ALA C 251 20.67 24.75 27.21
CA ALA C 251 20.82 25.74 28.26
C ALA C 251 22.28 25.85 28.73
N ARG C 252 23.12 24.91 28.33
CA ARG C 252 24.55 24.93 28.62
C ARG C 252 25.31 25.74 27.58
N ALA C 253 24.80 25.75 26.36
CA ALA C 253 25.37 26.60 25.33
C ALA C 253 24.98 28.06 25.58
N LEU C 254 23.99 28.30 26.42
CA LEU C 254 23.48 29.63 26.65
C LEU C 254 23.89 30.20 27.98
N ARG C 255 24.81 29.50 28.65
CA ARG C 255 25.16 29.76 30.05
C ARG C 255 25.96 31.05 30.28
N ILE C 256 25.52 31.89 31.21
CA ILE C 256 26.13 33.22 31.33
C ILE C 256 27.55 33.16 31.89
N ASP C 257 28.40 34.08 31.44
CA ASP C 257 29.78 34.20 31.92
C ASP C 257 29.88 34.79 33.32
N LYS C 258 31.09 34.75 33.90
CA LYS C 258 31.27 35.24 35.27
C LYS C 258 31.11 36.77 35.37
N LEU C 259 31.43 37.49 34.30
CA LEU C 259 31.30 38.94 34.32
C LEU C 259 29.85 39.40 34.40
N THR C 260 29.00 38.91 33.52
CA THR C 260 27.60 39.32 33.56
C THR C 260 26.99 38.86 34.88
N LEU C 261 27.24 37.61 35.25
CA LEU C 261 26.70 37.07 36.47
C LEU C 261 26.98 37.98 37.68
N SER C 262 28.25 38.23 37.93
CA SER C 262 28.65 39.15 39.01
C SER C 262 27.96 40.49 38.84
N GLY C 263 28.02 41.07 37.65
CA GLY C 263 27.38 42.34 37.40
C GLY C 263 25.89 42.29 37.69
N LEU C 264 25.27 41.15 37.37
CA LEU C 264 23.83 40.98 37.58
C LEU C 264 23.49 40.79 39.06
N GLU C 265 24.37 40.11 39.79
CA GLU C 265 24.11 39.97 41.20
C GLU C 265 24.07 41.34 41.87
N MSE C 266 25.12 42.14 41.66
CA MSE C 266 25.18 43.46 42.27
C MSE C 266 24.02 44.34 41.88
O MSE C 266 23.46 45.06 42.69
CB MSE C 266 26.47 44.17 41.90
CG MSE C 266 26.59 45.50 42.61
SE MSE C 266 27.06 45.23 44.47
CE MSE C 266 26.53 46.93 45.23
N THR C 267 23.64 44.28 40.61
CA THR C 267 22.53 45.09 40.15
C THR C 267 21.29 44.71 40.94
N LEU C 268 21.13 43.42 41.19
CA LEU C 268 19.97 42.95 41.93
C LEU C 268 20.03 43.38 43.39
N LYS C 269 21.23 43.35 43.94
CA LYS C 269 21.45 43.75 45.33
C LYS C 269 20.95 45.16 45.49
N LEU C 270 21.39 46.02 44.58
CA LEU C 270 20.96 47.41 44.55
C LEU C 270 19.45 47.56 44.58
N TYR C 271 18.76 46.72 43.82
CA TYR C 271 17.31 46.76 43.77
C TYR C 271 16.74 46.34 45.12
N PHE C 272 17.32 45.28 45.68
CA PHE C 272 16.91 44.77 46.97
C PHE C 272 16.98 45.88 48.01
N GLU C 273 18.01 46.71 47.90
CA GLU C 273 18.26 47.81 48.83
C GLU C 273 17.60 49.08 48.34
N LYS C 274 16.70 48.95 47.38
CA LYS C 274 15.96 50.09 46.84
C LYS C 274 16.85 51.26 46.44
N ARG C 275 18.12 50.99 46.11
CA ARG C 275 19.05 52.02 45.67
C ARG C 275 18.90 52.45 44.19
N TYR C 276 17.69 52.80 43.77
CA TYR C 276 17.46 52.99 42.32
C TYR C 276 18.40 54.00 41.69
N GLU C 277 18.72 55.07 42.40
CA GLU C 277 19.58 56.11 41.84
C GLU C 277 20.96 55.57 41.45
N ASP C 278 21.26 54.36 41.90
CA ASP C 278 22.57 53.76 41.66
C ASP C 278 22.62 52.79 40.46
N ILE C 279 21.53 52.73 39.70
CA ILE C 279 21.57 52.04 38.43
C ILE C 279 21.15 53.02 37.36
N PRO C 280 22.10 53.36 36.48
CA PRO C 280 22.04 54.46 35.53
C PRO C 280 20.76 54.56 34.71
N VAL C 281 20.28 53.45 34.18
CA VAL C 281 19.10 53.55 33.32
C VAL C 281 17.91 54.09 34.06
N ILE C 282 17.79 53.82 35.35
CA ILE C 282 16.62 54.26 36.09
C ILE C 282 16.81 55.70 36.51
N ARG C 283 18.01 56.01 36.95
CA ARG C 283 18.35 57.37 37.35
C ARG C 283 18.07 58.31 36.19
N MSE C 284 18.43 57.89 34.99
CA MSE C 284 18.31 58.72 33.79
C MSE C 284 16.87 58.97 33.35
O MSE C 284 16.58 59.99 32.75
CB MSE C 284 19.07 58.10 32.62
CG MSE C 284 20.54 57.99 32.85
SE MSE C 284 21.60 57.89 31.21
CE MSE C 284 23.35 57.82 32.08
N LEU C 285 15.98 58.03 33.61
CA LEU C 285 14.61 58.21 33.16
C LEU C 285 13.82 58.93 34.25
N THR C 286 14.37 58.93 35.46
CA THR C 286 13.70 59.49 36.61
C THR C 286 14.20 60.90 36.93
N GLN C 287 15.24 61.34 36.22
CA GLN C 287 15.86 62.63 36.53
C GLN C 287 14.87 63.79 36.51
N ASP C 288 15.04 64.67 37.48
CA ASP C 288 14.19 65.84 37.72
C ASP C 288 14.31 66.92 36.62
N GLU C 289 13.17 67.42 36.15
CA GLU C 289 13.15 68.43 35.09
C GLU C 289 14.10 69.61 35.36
N LYS C 290 14.19 70.01 36.62
CA LYS C 290 15.09 71.08 37.04
C LYS C 290 16.55 70.67 36.90
N ALA C 291 16.86 69.44 37.29
CA ALA C 291 18.23 68.95 37.20
C ALA C 291 18.73 68.93 35.76
N LEU C 292 17.80 68.77 34.82
CA LEU C 292 18.14 68.78 33.39
C LEU C 292 18.51 70.18 32.96
N ARG C 293 17.72 71.15 33.39
CA ARG C 293 18.01 72.56 33.18
C ARG C 293 19.34 72.91 33.85
N GLN C 294 19.46 72.57 35.12
CA GLN C 294 20.67 72.87 35.89
C GLN C 294 21.90 72.40 35.12
N LYS C 295 21.82 71.20 34.56
CA LYS C 295 22.92 70.62 33.79
C LYS C 295 23.13 71.38 32.49
N ALA C 296 22.03 71.74 31.83
CA ALA C 296 22.08 72.39 30.52
C ALA C 296 22.75 73.75 30.63
N LYS C 297 22.40 74.47 31.67
CA LYS C 297 22.97 75.79 31.91
C LYS C 297 24.42 75.68 32.35
N ARG C 298 24.75 74.63 33.10
CA ARG C 298 26.12 74.38 33.52
C ARG C 298 27.05 74.15 32.33
N LEU C 299 26.52 73.54 31.27
CA LEU C 299 27.30 73.26 30.07
C LEU C 299 27.50 74.54 29.28
N GLU C 300 26.40 75.26 29.07
CA GLU C 300 26.43 76.53 28.37
C GLU C 300 27.43 77.52 28.99
N LYS C 301 27.57 77.47 30.30
CA LYS C 301 28.51 78.36 30.96
C LYS C 301 29.93 78.00 30.54
N LEU C 302 30.15 76.76 30.13
CA LEU C 302 31.49 76.35 29.74
C LEU C 302 31.83 76.65 28.29
N LEU C 303 30.82 76.85 27.45
CA LEU C 303 31.06 76.94 26.02
C LEU C 303 31.05 78.35 25.47
N LYS C 304 30.72 79.32 26.30
CA LYS C 304 30.60 80.71 25.85
C LYS C 304 31.87 81.20 25.15
N ASP C 305 33.01 80.87 25.73
CA ASP C 305 34.32 81.34 25.27
C ASP C 305 34.71 80.89 23.88
N ILE C 306 34.09 79.82 23.40
CA ILE C 306 34.47 79.21 22.14
C ILE C 306 34.00 80.01 20.94
N PRO C 307 34.90 80.22 19.96
CA PRO C 307 34.71 81.14 18.84
C PRO C 307 33.66 80.69 17.82
N GLY C 308 33.00 81.66 17.19
CA GLY C 308 31.98 81.38 16.19
C GLY C 308 30.82 80.56 16.71
N LEU C 309 30.73 80.45 18.03
CA LEU C 309 29.78 79.55 18.66
C LEU C 309 28.50 80.23 19.14
N LYS C 310 27.39 79.89 18.49
CA LYS C 310 26.06 80.32 18.90
C LYS C 310 25.46 79.30 19.92
N ILE C 311 25.20 79.75 21.14
CA ILE C 311 24.70 78.85 22.18
C ILE C 311 23.34 79.24 22.74
N SER C 312 22.37 78.33 22.65
CA SER C 312 21.09 78.51 23.33
C SER C 312 20.74 77.29 24.18
N VAL C 313 19.61 77.37 24.90
CA VAL C 313 19.10 76.25 25.70
C VAL C 313 17.59 76.11 25.49
N ILE C 314 17.14 75.00 24.91
CA ILE C 314 15.71 74.81 24.68
C ILE C 314 15.04 73.82 25.64
N LYS C 315 13.70 73.83 25.65
CA LYS C 315 12.92 72.88 26.41
C LYS C 315 12.07 72.11 25.41
N ASP C 316 12.14 70.79 25.44
CA ASP C 316 11.63 69.96 24.35
C ASP C 316 11.02 68.64 24.85
N LYS C 317 10.03 68.15 24.11
CA LYS C 317 9.49 66.81 24.32
C LYS C 317 10.34 65.83 23.52
N ALA C 318 10.87 64.81 24.17
CA ALA C 318 11.67 63.77 23.52
C ALA C 318 11.16 62.35 23.82
N LYS C 319 11.63 61.36 23.04
CA LYS C 319 11.34 59.95 23.34
C LYS C 319 12.58 59.23 23.88
N PRO C 320 12.74 59.21 25.22
CA PRO C 320 14.02 58.80 25.82
C PRO C 320 14.40 57.33 25.64
N GLY C 321 13.47 56.41 25.86
CA GLY C 321 13.78 54.99 25.80
C GLY C 321 13.65 54.50 24.38
N GLY C 322 14.73 53.96 23.83
CA GLY C 322 14.75 53.56 22.43
C GLY C 322 14.27 52.14 22.16
N GLY C 323 14.90 51.19 22.84
CA GLY C 323 14.53 49.80 22.70
C GLY C 323 13.62 49.30 23.80
N SER C 324 12.85 50.20 24.41
CA SER C 324 11.96 49.77 25.49
C SER C 324 10.62 50.50 25.57
N LEU C 325 10.66 51.83 25.53
CA LEU C 325 9.45 52.60 25.77
C LEU C 325 9.17 53.56 24.63
N PRO C 326 8.95 53.02 23.42
CA PRO C 326 8.90 53.84 22.20
C PRO C 326 7.84 54.94 22.23
N GLU C 327 6.68 54.67 22.84
CA GLU C 327 5.61 55.66 22.89
C GLU C 327 5.91 56.78 23.86
N LEU C 328 6.75 56.51 24.86
CA LEU C 328 7.01 57.46 25.94
C LEU C 328 7.63 58.77 25.46
N GLU C 329 7.02 59.88 25.89
CA GLU C 329 7.48 61.24 25.66
C GLU C 329 7.70 61.93 27.02
N LEU C 330 8.94 62.32 27.29
CA LEU C 330 9.28 63.11 28.48
C LEU C 330 10.00 64.39 28.11
N PRO C 331 9.72 65.47 28.86
CA PRO C 331 10.34 66.78 28.58
C PRO C 331 11.79 66.76 29.03
N THR C 332 12.66 67.42 28.28
CA THR C 332 14.08 67.55 28.68
C THR C 332 14.70 68.86 28.21
N TYR C 333 15.82 69.26 28.82
CA TYR C 333 16.54 70.43 28.35
C TYR C 333 17.73 70.08 27.47
N CYS C 334 17.62 70.39 26.18
CA CYS C 334 18.74 70.29 25.26
C CYS C 334 19.53 71.61 25.22
N VAL C 335 20.83 71.50 25.02
CA VAL C 335 21.67 72.68 24.77
C VAL C 335 22.01 72.75 23.29
N ALA C 336 21.48 73.77 22.61
CA ALA C 336 21.63 73.88 21.17
C ALA C 336 22.81 74.77 20.81
N ILE C 337 23.60 74.33 19.84
CA ILE C 337 24.70 75.14 19.34
C ILE C 337 24.73 75.24 17.81
N ARG C 338 25.30 76.34 17.33
CA ARG C 338 25.50 76.55 15.90
C ARG C 338 26.86 77.21 15.65
N HIS C 339 27.48 76.89 14.52
CA HIS C 339 28.74 77.53 14.16
C HIS C 339 28.55 78.28 12.84
N ASP C 340 29.27 79.38 12.70
CA ASP C 340 29.21 80.18 11.47
C ASP C 340 29.82 79.45 10.27
N ARG C 341 31.11 79.09 10.36
CA ARG C 341 31.84 78.46 9.26
C ARG C 341 31.31 77.07 8.86
N LEU C 342 30.86 76.31 9.84
CA LEU C 342 30.51 74.91 9.62
C LEU C 342 29.02 74.63 9.77
N SER C 343 28.49 73.86 8.83
CA SER C 343 27.12 73.37 8.92
C SER C 343 27.06 72.35 10.05
N SER C 344 25.93 72.28 10.73
CA SER C 344 25.80 71.38 11.87
C SER C 344 26.03 69.92 11.46
N GLN C 345 25.69 69.60 10.22
CA GLN C 345 25.91 68.26 9.69
C GLN C 345 27.39 67.90 9.67
N GLU C 346 28.23 68.87 9.31
CA GLU C 346 29.67 68.66 9.28
C GLU C 346 30.25 68.74 10.68
N LEU C 347 29.63 69.53 11.55
CA LEU C 347 30.07 69.60 12.93
C LEU C 347 29.82 68.27 13.61
N SER C 348 28.60 67.74 13.45
CA SER C 348 28.26 66.44 14.01
C SER C 348 29.22 65.38 13.50
N ARG C 349 29.48 65.40 12.19
CA ARG C 349 30.38 64.44 11.57
C ARG C 349 31.79 64.55 12.12
N ARG C 350 32.18 65.76 12.49
CA ARG C 350 33.51 65.98 13.01
C ARG C 350 33.57 65.53 14.47
N LEU C 351 32.45 65.67 15.18
CA LEU C 351 32.36 65.32 16.59
C LEU C 351 32.44 63.80 16.83
N ARG C 352 31.84 63.05 15.90
CA ARG C 352 31.86 61.60 15.98
C ARG C 352 33.30 61.08 15.78
N LEU C 353 34.06 61.79 14.96
CA LEU C 353 35.40 61.34 14.61
C LEU C 353 36.40 61.84 15.62
N ALA C 354 35.90 62.52 16.65
CA ALA C 354 36.77 63.07 17.68
C ALA C 354 37.10 62.00 18.71
N GLU C 355 38.02 62.33 19.61
CA GLU C 355 38.46 61.39 20.63
C GLU C 355 38.40 62.07 21.99
N PRO C 356 37.44 61.67 22.82
CA PRO C 356 36.40 60.66 22.55
C PRO C 356 35.27 61.23 21.71
N PRO C 357 34.50 60.35 21.05
CA PRO C 357 33.42 60.75 20.17
C PRO C 357 32.25 61.34 20.93
N ILE C 358 31.45 62.15 20.24
CA ILE C 358 30.22 62.70 20.80
C ILE C 358 29.10 62.57 19.79
N VAL C 359 28.01 61.95 20.21
CA VAL C 359 26.88 61.69 19.34
C VAL C 359 25.71 62.50 19.83
N CYS C 360 25.10 63.27 18.95
CA CYS C 360 24.00 64.13 19.32
C CYS C 360 22.90 64.13 18.27
N ARG C 361 21.77 64.70 18.66
CA ARG C 361 20.63 64.80 17.77
C ARG C 361 20.66 66.12 17.04
N ILE C 362 20.15 66.10 15.83
CA ILE C 362 20.12 67.28 15.00
C ILE C 362 18.69 67.57 14.60
N ARG C 363 18.35 68.85 14.54
CA ARG C 363 17.06 69.27 14.04
C ARG C 363 17.18 70.56 13.25
N GLU C 364 16.97 70.44 11.93
CA GLU C 364 17.02 71.60 11.05
C GLU C 364 18.33 72.36 11.19
N ASP C 365 19.44 71.66 11.06
CA ASP C 365 20.75 72.29 11.12
C ASP C 365 20.97 73.05 12.44
N GLN C 366 20.22 72.65 13.45
CA GLN C 366 20.42 73.12 14.81
C GLN C 366 20.87 71.91 15.62
N LEU C 367 22.08 71.99 16.18
CA LEU C 367 22.70 70.87 16.89
C LEU C 367 22.24 70.77 18.35
N LEU C 368 21.72 69.62 18.75
CA LEU C 368 21.18 69.48 20.10
C LEU C 368 21.93 68.49 20.99
N PHE C 369 22.22 68.93 22.21
CA PHE C 369 22.76 68.07 23.25
C PHE C 369 21.71 67.88 24.34
N ASP C 370 21.01 66.75 24.28
CA ASP C 370 20.01 66.35 25.27
C ASP C 370 20.72 66.00 26.58
N MSE C 371 20.35 66.69 27.66
CA MSE C 371 21.07 66.53 28.92
C MSE C 371 20.78 65.22 29.64
O MSE C 371 21.57 64.76 30.48
CB MSE C 371 20.79 67.71 29.85
CG MSE C 371 21.54 68.99 29.50
SE MSE C 371 23.48 68.81 29.21
CE MSE C 371 23.49 68.80 27.25
N ARG C 372 19.63 64.63 29.32
CA ARG C 372 19.19 63.36 29.87
C ARG C 372 20.31 62.33 29.98
N THR C 373 20.99 62.08 28.86
CA THR C 373 21.98 61.02 28.72
C THR C 373 23.44 61.45 28.90
N VAL C 374 23.64 62.62 29.48
CA VAL C 374 24.98 63.17 29.60
C VAL C 374 25.40 63.19 31.06
N PHE C 375 26.59 62.68 31.33
CA PHE C 375 27.10 62.58 32.69
C PHE C 375 27.79 63.85 33.13
N HIS C 376 28.13 63.94 34.42
CA HIS C 376 28.84 65.10 34.94
C HIS C 376 30.22 65.25 34.32
N GLU C 377 30.98 64.15 34.25
CA GLU C 377 32.38 64.23 33.82
C GLU C 377 32.50 64.52 32.34
N ASP C 378 31.41 64.32 31.62
CA ASP C 378 31.40 64.51 30.17
C ASP C 378 31.38 65.99 29.80
N LEU C 379 30.75 66.80 30.64
CA LEU C 379 30.70 68.25 30.43
C LEU C 379 32.08 68.77 30.10
N LYS C 380 32.99 68.60 31.05
CA LYS C 380 34.37 69.06 30.91
C LYS C 380 34.98 68.56 29.59
N THR C 381 34.61 67.35 29.17
CA THR C 381 35.20 66.73 27.98
C THR C 381 34.58 67.26 26.68
N ILE C 382 33.37 67.77 26.79
CA ILE C 382 32.71 68.41 25.66
C ILE C 382 33.36 69.76 25.36
N LYS C 383 33.68 70.51 26.41
CA LYS C 383 34.34 71.81 26.23
C LYS C 383 35.70 71.62 25.61
N LYS C 384 36.53 70.74 26.18
CA LYS C 384 37.86 70.49 25.64
C LYS C 384 37.83 69.96 24.19
N THR C 385 36.80 69.18 23.87
CA THR C 385 36.68 68.59 22.53
C THR C 385 36.26 69.64 21.50
N LEU C 386 35.42 70.57 21.92
CA LEU C 386 34.89 71.61 21.03
C LEU C 386 35.91 72.70 20.67
N GLN C 387 36.62 73.22 21.68
CA GLN C 387 37.64 74.23 21.42
C GLN C 387 38.81 73.67 20.61
N GLU C 388 39.07 72.38 20.74
CA GLU C 388 40.13 71.75 19.97
C GLU C 388 39.78 71.62 18.50
N LEU C 389 38.48 71.48 18.22
CA LEU C 389 37.99 71.35 16.85
C LEU C 389 37.75 72.70 16.16
N LEU C 390 37.06 73.60 16.88
CA LEU C 390 36.66 74.88 16.31
C LEU C 390 37.76 75.95 16.34
N SER C 391 38.64 75.87 17.33
CA SER C 391 39.71 76.87 17.51
C SER C 391 41.04 76.42 16.91
N ILE C 392 41.04 75.33 16.14
CA ILE C 392 42.23 74.90 15.43
C ILE C 392 42.34 75.63 14.11
N LEU D 4 27.06 45.41 57.18
CA LEU D 4 25.95 45.08 56.29
C LEU D 4 26.06 43.64 55.75
N MSE D 5 25.60 43.46 54.51
CA MSE D 5 25.46 42.13 53.91
C MSE D 5 26.33 41.94 52.69
O MSE D 5 26.62 42.89 51.95
CB MSE D 5 23.99 41.87 53.56
CG MSE D 5 23.10 41.62 54.77
SE MSE D 5 23.42 39.89 55.67
CE MSE D 5 23.25 38.76 54.04
N LYS D 6 26.72 40.69 52.46
CA LYS D 6 27.68 40.38 51.42
C LYS D 6 27.10 39.54 50.30
N PRO D 7 27.52 39.88 49.07
CA PRO D 7 27.21 39.15 47.83
C PRO D 7 27.64 37.69 47.88
N ASN D 8 26.91 36.81 47.19
CA ASN D 8 27.19 35.38 47.21
C ASN D 8 28.47 34.99 46.49
N ILE D 9 28.90 35.85 45.57
CA ILE D 9 30.11 35.59 44.78
C ILE D 9 31.30 36.34 45.33
N LYS D 10 32.39 35.64 45.59
CA LYS D 10 33.50 36.29 46.24
C LYS D 10 34.85 35.87 45.68
N ARG D 11 35.85 36.73 45.81
CA ARG D 11 37.19 36.39 45.40
C ARG D 11 37.62 35.20 46.22
N VAL D 12 38.38 34.29 45.65
CA VAL D 12 38.83 33.15 46.43
C VAL D 12 40.29 32.86 46.21
N ILE D 13 41.03 32.71 47.29
CA ILE D 13 42.46 32.43 47.17
C ILE D 13 42.70 30.98 46.80
N ASN D 14 43.24 30.78 45.61
CA ASN D 14 43.40 29.44 45.07
C ASN D 14 44.78 28.87 45.33
N ALA D 15 44.85 27.87 46.20
CA ALA D 15 46.12 27.23 46.51
C ALA D 15 46.17 25.80 46.00
N THR D 16 45.22 25.44 45.14
CA THR D 16 45.18 24.08 44.61
C THR D 16 46.22 23.88 43.52
N GLY D 17 46.85 24.96 43.11
CA GLY D 17 47.87 24.88 42.09
C GLY D 17 47.34 24.44 40.75
N VAL D 18 46.02 24.48 40.63
CA VAL D 18 45.31 24.11 39.41
C VAL D 18 44.93 25.34 38.61
N VAL D 19 45.72 25.68 37.60
CA VAL D 19 45.57 26.93 36.87
C VAL D 19 44.20 27.10 36.20
N ILE D 20 43.84 26.16 35.35
CA ILE D 20 42.52 26.16 34.74
C ILE D 20 41.52 25.36 35.57
N ASN D 21 40.88 26.04 36.52
CA ASN D 21 40.00 25.37 37.47
C ASN D 21 38.52 25.61 37.17
N THR D 22 37.82 24.57 36.71
CA THR D 22 36.40 24.70 36.37
C THR D 22 35.57 25.26 37.54
N ASN D 23 35.83 24.78 38.76
CA ASN D 23 35.11 25.24 39.96
C ASN D 23 35.43 26.68 40.38
N LEU D 24 36.68 27.08 40.24
CA LEU D 24 37.12 28.34 40.80
C LEU D 24 37.14 29.49 39.82
N GLY D 25 36.49 29.33 38.68
CA GLY D 25 36.26 30.46 37.79
C GLY D 25 37.10 30.50 36.54
N ARG D 26 37.77 29.39 36.22
CA ARG D 26 38.63 29.29 35.05
C ARG D 26 39.60 30.46 35.05
N ALA D 27 40.11 30.78 33.87
CA ALA D 27 41.06 31.87 33.68
C ALA D 27 40.72 33.19 34.36
N PRO D 28 41.60 33.64 35.26
CA PRO D 28 41.48 35.00 35.79
C PRO D 28 42.03 36.00 34.77
N LEU D 29 41.66 37.27 34.94
CA LEU D 29 41.99 38.33 33.98
C LEU D 29 43.06 39.32 34.44
N SER D 30 43.84 39.83 33.50
CA SER D 30 44.84 40.88 33.76
C SER D 30 44.15 42.18 34.13
N LYS D 31 44.87 43.05 34.82
CA LYS D 31 44.24 44.26 35.30
C LYS D 31 44.03 45.20 34.11
N ASP D 32 44.91 45.14 33.13
CA ASP D 32 44.81 45.97 31.92
C ASP D 32 43.52 45.68 31.21
N VAL D 33 43.20 44.39 31.10
CA VAL D 33 41.96 43.95 30.50
C VAL D 33 40.77 44.43 31.33
N ILE D 34 40.81 44.17 32.63
CA ILE D 34 39.73 44.57 33.51
C ILE D 34 39.41 46.07 33.47
N ASN D 35 40.44 46.92 33.44
CA ASN D 35 40.21 48.36 33.34
C ASN D 35 39.55 48.71 32.02
N PHE D 36 40.02 48.10 30.95
CA PHE D 36 39.42 48.33 29.66
C PHE D 36 37.95 47.92 29.66
N ILE D 37 37.65 46.75 30.19
CA ILE D 37 36.25 46.31 30.35
C ILE D 37 35.49 47.34 31.14
N SER D 38 36.08 47.76 32.25
CA SER D 38 35.46 48.70 33.15
C SER D 38 35.19 50.07 32.51
N GLU D 39 36.07 50.52 31.63
CA GLU D 39 35.84 51.77 30.89
C GLU D 39 34.68 51.71 29.87
N ILE D 40 34.54 50.58 29.20
CA ILE D 40 33.50 50.41 28.20
C ILE D 40 32.16 50.26 28.87
N ALA D 41 32.18 49.69 30.07
CA ALA D 41 30.95 49.29 30.73
C ALA D 41 30.39 50.45 31.51
N ASN D 42 31.21 51.48 31.67
CA ASN D 42 30.88 52.56 32.57
C ASN D 42 29.95 53.62 31.98
N GLY D 43 30.02 53.82 30.67
CA GLY D 43 29.09 54.71 30.00
C GLY D 43 28.69 54.12 28.67
N TYR D 44 28.23 54.97 27.76
CA TYR D 44 27.86 54.50 26.44
C TYR D 44 29.13 54.24 25.61
N SER D 45 28.92 53.75 24.38
CA SER D 45 30.01 53.26 23.55
C SER D 45 29.57 52.96 22.12
N ASN D 46 30.52 52.60 21.28
CA ASN D 46 30.28 52.31 19.86
C ASN D 46 30.00 50.84 19.58
N LEU D 47 29.58 50.11 20.61
CA LEU D 47 29.31 48.69 20.50
C LEU D 47 28.82 48.30 19.10
N GLU D 48 27.56 48.64 18.81
CA GLU D 48 26.98 48.41 17.48
C GLU D 48 26.86 49.71 16.72
N TYR D 49 27.99 50.24 16.25
CA TYR D 49 27.99 51.57 15.64
C TYR D 49 29.25 51.82 14.83
N ASN D 50 29.11 52.54 13.71
CA ASN D 50 30.27 52.99 12.97
C ASN D 50 30.42 54.51 13.08
N LEU D 51 31.48 54.95 13.74
CA LEU D 51 31.70 56.37 13.93
C LEU D 51 31.99 57.07 12.61
N GLU D 52 32.69 56.37 11.72
CA GLU D 52 33.01 56.92 10.41
C GLU D 52 31.74 57.29 9.65
N GLU D 53 30.83 56.33 9.55
CA GLU D 53 29.65 56.47 8.69
C GLU D 53 28.40 56.95 9.43
N GLY D 54 28.45 57.00 10.75
CA GLY D 54 27.34 57.51 11.54
C GLY D 54 26.12 56.60 11.57
N LYS D 55 26.33 55.31 11.30
CA LYS D 55 25.24 54.35 11.29
C LYS D 55 25.56 53.10 12.14
N ARG D 56 24.62 52.17 12.21
CA ARG D 56 24.80 50.93 12.96
C ARG D 56 25.88 50.06 12.34
N GLY D 57 26.60 49.33 13.19
CA GLY D 57 27.73 48.53 12.74
C GLY D 57 27.85 47.20 13.45
N SER D 58 28.73 46.34 12.92
CA SER D 58 28.91 45.00 13.48
C SER D 58 29.79 45.05 14.72
N ARG D 59 29.30 44.44 15.78
CA ARG D 59 29.99 44.51 17.05
C ARG D 59 31.22 43.62 17.02
N ILE D 60 31.13 42.53 16.27
CA ILE D 60 32.17 41.52 16.22
C ILE D 60 33.35 41.97 15.37
N ALA D 61 33.06 42.75 14.33
CA ALA D 61 34.04 43.10 13.30
C ALA D 61 35.50 43.17 13.73
N HIS D 62 35.81 43.88 14.83
CA HIS D 62 37.20 44.11 15.23
C HIS D 62 37.87 42.87 15.79
N ILE D 63 37.14 42.16 16.65
CA ILE D 63 37.58 40.84 17.08
C ILE D 63 37.97 40.00 15.89
N GLU D 64 37.05 39.84 14.95
CA GLU D 64 37.34 39.02 13.78
C GLU D 64 38.69 39.41 13.24
N LYS D 65 38.87 40.69 12.93
CA LYS D 65 40.13 41.17 12.36
C LYS D 65 41.34 40.58 13.10
N TYR D 66 41.34 40.67 14.42
CA TYR D 66 42.42 40.13 15.23
C TYR D 66 42.60 38.63 14.99
N LEU D 67 41.54 37.86 15.22
CA LEU D 67 41.59 36.40 15.07
C LEU D 67 42.18 36.01 13.73
N ASN D 68 41.58 36.53 12.67
CA ASN D 68 41.98 36.17 11.34
C ASN D 68 43.47 36.42 11.12
N GLU D 69 44.01 37.44 11.79
CA GLU D 69 45.44 37.73 11.77
C GLU D 69 46.24 36.66 12.48
N LEU D 70 45.92 36.49 13.76
CA LEU D 70 46.65 35.63 14.65
C LEU D 70 46.59 34.15 14.25
N THR D 71 45.44 33.69 13.76
CA THR D 71 45.26 32.27 13.45
C THR D 71 45.54 31.95 11.99
N GLY D 72 45.21 32.90 11.12
CA GLY D 72 45.42 32.71 9.70
C GLY D 72 44.20 32.23 8.96
N ALA D 73 43.09 32.05 9.67
CA ALA D 73 41.89 31.51 9.05
C ALA D 73 41.25 32.56 8.17
N GLU D 74 40.42 32.11 7.23
CA GLU D 74 39.79 33.01 6.26
C GLU D 74 38.82 33.99 6.90
N SER D 75 38.02 33.50 7.84
CA SER D 75 37.09 34.32 8.59
C SER D 75 37.01 33.75 9.98
N SER D 76 36.18 34.34 10.83
CA SER D 76 36.05 33.91 12.21
C SER D 76 34.76 34.46 12.82
N PHE D 77 34.39 33.94 13.99
CA PHE D 77 33.16 34.36 14.66
C PHE D 77 33.25 34.10 16.17
N VAL D 78 32.42 34.76 16.95
CA VAL D 78 32.47 34.62 18.39
C VAL D 78 31.09 34.59 19.05
N VAL D 79 30.83 33.49 19.77
CA VAL D 79 29.57 33.29 20.46
C VAL D 79 29.76 33.17 21.99
N ASN D 80 28.64 33.01 22.68
CA ASN D 80 28.62 32.94 24.13
C ASN D 80 29.70 32.12 24.76
N ASN D 81 29.79 30.86 24.33
CA ASN D 81 30.81 29.93 24.80
C ASN D 81 30.99 28.81 23.80
N ASN D 82 31.97 27.93 24.05
CA ASN D 82 32.28 26.86 23.10
C ASN D 82 31.16 25.81 22.97
N ALA D 83 30.50 25.52 24.07
CA ALA D 83 29.31 24.66 24.03
C ALA D 83 28.35 25.17 22.98
N GLY D 84 28.14 26.49 22.97
CA GLY D 84 27.36 27.16 21.95
C GLY D 84 27.95 27.04 20.55
N ALA D 85 29.27 27.18 20.43
CA ALA D 85 29.95 27.07 19.13
C ALA D 85 29.62 25.74 18.51
N VAL D 86 30.02 24.67 19.19
CA VAL D 86 29.62 23.29 18.85
C VAL D 86 28.15 23.20 18.42
N PHE D 87 27.24 23.70 19.26
CA PHE D 87 25.81 23.62 18.98
C PHE D 87 25.47 24.30 17.69
N LEU D 88 26.04 25.48 17.50
CA LEU D 88 25.77 26.30 16.33
C LEU D 88 26.39 25.68 15.08
N VAL D 89 27.64 25.23 15.20
CA VAL D 89 28.29 24.59 14.04
C VAL D 89 27.50 23.39 13.52
N LEU D 90 27.09 22.51 14.41
CA LEU D 90 26.27 21.36 14.02
C LEU D 90 24.90 21.78 13.48
N ASN D 91 24.18 22.67 14.16
CA ASN D 91 22.83 22.99 13.67
C ASN D 91 22.87 23.66 12.30
N THR D 92 23.86 24.53 12.10
CA THR D 92 24.06 25.23 10.81
C THR D 92 24.39 24.31 9.65
N LEU D 93 25.43 23.49 9.83
CA LEU D 93 25.96 22.64 8.78
C LEU D 93 25.35 21.24 8.70
N ALA D 94 24.87 20.68 9.78
CA ALA D 94 24.58 19.25 9.77
C ALA D 94 23.14 18.85 10.08
N GLU D 95 22.23 19.80 10.18
CA GLU D 95 20.86 19.48 10.57
C GLU D 95 20.26 18.43 9.63
N GLY D 96 19.80 17.31 10.20
CA GLY D 96 19.18 16.24 9.44
C GLY D 96 20.16 15.31 8.75
N LYS D 97 21.45 15.67 8.80
CA LYS D 97 22.49 14.92 8.10
C LYS D 97 23.44 14.29 9.11
N GLU D 98 24.42 13.52 8.63
CA GLU D 98 25.24 12.70 9.50
C GLU D 98 26.56 13.34 9.81
N VAL D 99 26.94 13.34 11.08
CA VAL D 99 28.23 13.80 11.54
C VAL D 99 29.07 12.63 12.04
N ILE D 100 30.24 12.41 11.47
CA ILE D 100 31.05 11.24 11.86
C ILE D 100 32.08 11.61 12.91
N ILE D 101 32.11 10.89 14.03
CA ILE D 101 32.99 11.23 15.15
C ILE D 101 33.44 9.97 15.83
N SER D 102 34.68 9.96 16.32
CA SER D 102 35.22 8.79 17.02
C SER D 102 34.43 8.46 18.31
N ARG D 103 34.40 7.19 18.68
CA ARG D 103 33.67 6.79 19.90
C ARG D 103 34.41 7.21 21.14
N GLY D 104 35.67 7.61 20.98
CA GLY D 104 36.49 7.97 22.11
C GLY D 104 36.52 9.46 22.32
N GLU D 105 35.76 10.16 21.48
CA GLU D 105 35.77 11.61 21.50
C GLU D 105 34.39 12.16 21.88
N LEU D 106 33.47 11.27 22.24
CA LEU D 106 32.15 11.67 22.72
C LEU D 106 32.22 11.99 24.21
N VAL D 107 32.61 13.21 24.55
CA VAL D 107 32.97 13.54 25.91
C VAL D 107 31.88 14.25 26.71
N GLU D 108 32.00 14.17 28.02
CA GLU D 108 31.31 15.04 28.96
C GLU D 108 32.35 16.00 29.49
N ILE D 109 32.21 17.29 29.20
CA ILE D 109 33.01 18.29 29.89
C ILE D 109 32.09 19.09 30.83
N GLY D 110 32.53 19.31 32.06
CA GLY D 110 31.67 19.89 33.08
C GLY D 110 30.53 18.96 33.46
N GLY D 111 29.47 19.50 34.07
CA GLY D 111 28.35 18.69 34.47
C GLY D 111 27.26 18.67 33.42
N SER D 112 27.11 19.79 32.72
CA SER D 112 26.00 19.98 31.81
C SER D 112 26.29 19.79 30.34
N PHE D 113 27.54 19.51 29.95
CA PHE D 113 27.85 19.37 28.52
C PHE D 113 28.34 17.99 28.05
N ARG D 114 27.50 17.32 27.26
CA ARG D 114 27.83 16.00 26.75
C ARG D 114 27.65 16.04 25.26
N ILE D 115 28.71 15.71 24.51
CA ILE D 115 28.64 15.82 23.06
C ILE D 115 27.43 15.12 22.49
N PRO D 116 27.20 13.86 22.87
CA PRO D 116 26.07 13.27 22.17
C PRO D 116 24.74 13.89 22.54
N ASP D 117 24.63 14.53 23.68
CA ASP D 117 23.33 15.04 24.05
C ASP D 117 23.05 16.39 23.44
N ILE D 118 24.09 17.17 23.22
CA ILE D 118 23.90 18.46 22.58
C ILE D 118 23.83 18.30 21.07
N MSE D 119 24.57 17.34 20.55
CA MSE D 119 24.52 17.09 19.13
C MSE D 119 23.11 16.71 18.75
O MSE D 119 22.59 17.16 17.75
CB MSE D 119 25.50 16.01 18.71
CG MSE D 119 25.30 15.58 17.27
SE MSE D 119 26.84 14.62 16.59
CE MSE D 119 27.91 14.69 18.26
N LYS D 120 22.45 15.90 19.59
CA LYS D 120 21.08 15.51 19.32
C LYS D 120 20.18 16.73 19.22
N LYS D 121 20.20 17.56 20.25
CA LYS D 121 19.30 18.71 20.27
C LYS D 121 19.57 19.63 19.11
N SER D 122 20.72 19.45 18.50
CA SER D 122 21.21 20.33 17.46
C SER D 122 20.44 20.06 16.18
N GLY D 123 20.16 18.77 15.94
CA GLY D 123 19.39 18.34 14.78
C GLY D 123 20.21 17.43 13.87
N ALA D 124 21.50 17.35 14.16
CA ALA D 124 22.38 16.51 13.38
C ALA D 124 22.33 15.10 13.90
N ILE D 125 22.71 14.17 13.03
CA ILE D 125 22.58 12.74 13.32
C ILE D 125 23.94 12.12 13.56
N LEU D 126 24.17 11.72 14.80
CA LEU D 126 25.49 11.28 15.21
C LEU D 126 25.84 9.92 14.63
N ARG D 127 26.95 9.84 13.91
CA ARG D 127 27.49 8.53 13.49
C ARG D 127 28.80 8.17 14.19
N GLU D 128 28.70 7.35 15.23
CA GLU D 128 29.85 6.93 16.02
C GLU D 128 30.61 5.78 15.37
N VAL D 129 31.93 5.96 15.24
CA VAL D 129 32.76 4.99 14.55
C VAL D 129 33.93 4.56 15.41
N GLY D 130 34.50 3.39 15.12
CA GLY D 130 35.65 2.92 15.87
C GLY D 130 35.30 2.29 17.21
N THR D 131 36.21 2.38 18.19
CA THR D 131 35.94 1.96 19.56
C THR D 131 36.39 3.00 20.60
N THR D 132 36.07 2.75 21.87
CA THR D 132 36.44 3.71 22.91
C THR D 132 37.92 4.06 22.76
N ASN D 133 38.76 3.06 22.97
CA ASN D 133 40.21 3.21 23.08
C ASN D 133 41.01 3.27 21.76
N LYS D 134 40.49 2.66 20.70
CA LYS D 134 41.19 2.67 19.41
C LYS D 134 40.29 3.01 18.23
N THR D 135 40.68 4.02 17.46
CA THR D 135 39.93 4.46 16.29
C THR D 135 40.87 4.74 15.11
N LYS D 136 40.67 4.02 14.00
CA LYS D 136 41.57 4.06 12.85
C LYS D 136 40.88 4.88 11.76
N VAL D 137 41.64 5.27 10.74
CA VAL D 137 41.10 6.09 9.66
C VAL D 137 39.98 5.37 8.91
N SER D 138 40.13 4.06 8.77
CA SER D 138 39.13 3.24 8.09
C SER D 138 37.74 3.49 8.66
N ASP D 139 37.65 3.57 9.97
CA ASP D 139 36.39 3.74 10.67
C ASP D 139 35.66 5.00 10.22
N TYR D 140 36.43 6.07 10.00
CA TYR D 140 35.87 7.32 9.51
C TYR D 140 35.39 7.12 8.09
N GLU D 141 36.29 6.62 7.23
CA GLU D 141 35.95 6.42 5.81
C GLU D 141 34.70 5.55 5.64
N GLY D 142 34.68 4.39 6.27
CA GLY D 142 33.58 3.45 6.14
C GLY D 142 32.18 3.94 6.49
N ALA D 143 32.07 4.98 7.28
CA ALA D 143 30.74 5.47 7.63
C ALA D 143 30.33 6.69 6.81
N ILE D 144 31.12 6.98 5.78
CA ILE D 144 30.76 8.08 4.88
C ILE D 144 29.65 7.58 3.95
N ASN D 145 28.69 8.46 3.67
CA ASN D 145 27.63 8.15 2.71
C ASN D 145 27.01 9.42 2.09
N GLN D 146 25.91 9.24 1.37
CA GLN D 146 25.19 10.35 0.76
C GLN D 146 24.91 11.43 1.79
N ASN D 147 24.50 11.01 2.98
CA ASN D 147 24.01 11.93 4.02
C ASN D 147 25.06 12.47 4.98
N THR D 148 26.32 12.10 4.79
CA THR D 148 27.40 12.60 5.62
C THR D 148 27.69 14.10 5.40
N ALA D 149 27.49 14.89 6.43
CA ALA D 149 27.68 16.35 6.32
C ALA D 149 29.01 16.84 6.87
N LEU D 150 29.64 16.04 7.73
CA LEU D 150 30.70 16.58 8.55
C LEU D 150 31.58 15.50 9.21
N LEU D 151 32.89 15.72 9.16
CA LEU D 151 33.81 14.92 9.97
C LEU D 151 34.23 15.76 11.17
N MSE D 152 34.03 15.21 12.37
CA MSE D 152 34.24 15.96 13.61
C MSE D 152 35.26 15.27 14.49
O MSE D 152 35.21 14.05 14.72
CB MSE D 152 32.92 16.11 14.35
CG MSE D 152 32.99 16.84 15.70
SE MSE D 152 31.22 17.45 16.25
CE MSE D 152 31.64 18.07 18.05
N LYS D 153 36.22 16.03 14.99
CA LYS D 153 37.07 15.54 16.04
C LYS D 153 36.87 16.38 17.29
N VAL D 154 36.87 15.76 18.46
CA VAL D 154 36.79 16.49 19.72
C VAL D 154 38.04 16.24 20.57
N HIS D 155 38.67 17.31 21.04
CA HIS D 155 39.88 17.18 21.82
C HIS D 155 39.49 16.80 23.22
N LYS D 156 40.12 15.77 23.77
CA LYS D 156 39.77 15.36 25.11
C LYS D 156 40.46 16.32 26.07
N SER D 157 39.75 17.36 26.49
CA SER D 157 40.35 18.41 27.33
C SER D 157 40.43 18.06 28.81
N ASN D 158 39.37 17.50 29.36
CA ASN D 158 39.31 17.24 30.81
C ASN D 158 39.82 15.88 31.30
N PHE D 159 40.00 14.92 30.39
CA PHE D 159 40.49 13.59 30.74
C PHE D 159 41.49 13.10 29.70
N TYR D 160 42.12 11.96 29.96
CA TYR D 160 42.99 11.35 28.95
C TYR D 160 43.02 9.82 29.08
N MSE D 161 43.47 9.15 28.02
CA MSE D 161 43.54 7.68 28.01
C MSE D 161 44.96 7.13 27.96
O MSE D 161 45.84 7.69 27.30
CB MSE D 161 42.73 7.11 26.85
CG MSE D 161 41.24 7.37 27.01
SE MSE D 161 40.14 6.48 25.67
CE MSE D 161 40.83 7.42 24.10
N GLU D 162 45.19 6.02 28.66
CA GLU D 162 46.49 5.37 28.64
C GLU D 162 46.35 3.87 28.52
N GLY D 163 47.36 3.24 27.91
CA GLY D 163 47.29 1.84 27.59
C GLY D 163 47.22 1.66 26.09
N PHE D 164 46.56 0.59 25.65
CA PHE D 164 46.41 0.31 24.23
C PHE D 164 45.39 1.28 23.64
N VAL D 165 45.89 2.31 22.93
CA VAL D 165 45.06 3.44 22.47
C VAL D 165 45.49 3.94 21.09
N GLU D 166 44.52 4.36 20.28
CA GLU D 166 44.80 4.74 18.91
C GLU D 166 43.89 5.88 18.53
N GLU D 167 44.40 6.80 17.73
CA GLU D 167 43.65 7.98 17.35
C GLU D 167 44.04 8.29 15.92
N VAL D 168 43.17 8.98 15.19
CA VAL D 168 43.47 9.38 13.82
C VAL D 168 44.12 10.74 13.83
N LYS D 169 45.33 10.85 13.28
CA LYS D 169 45.98 12.16 13.21
C LYS D 169 45.11 13.12 12.41
N LEU D 170 45.10 14.38 12.82
CA LEU D 170 44.27 15.37 12.16
C LEU D 170 44.55 15.44 10.66
N GLU D 171 45.83 15.43 10.32
CA GLU D 171 46.30 15.37 8.94
C GLU D 171 45.43 14.43 8.14
N ASP D 172 45.24 13.21 8.65
CA ASP D 172 44.47 12.16 8.00
C ASP D 172 43.01 12.52 7.81
N LEU D 173 42.44 13.28 8.74
CA LEU D 173 41.02 13.61 8.64
C LEU D 173 40.79 14.70 7.63
N VAL D 174 41.70 15.66 7.56
CA VAL D 174 41.56 16.69 6.54
C VAL D 174 41.66 16.02 5.17
N LYS D 175 42.62 15.10 5.04
CA LYS D 175 42.81 14.36 3.80
C LYS D 175 41.54 13.64 3.39
N LEU D 176 40.95 12.91 4.36
CA LEU D 176 39.71 12.18 4.16
C LEU D 176 38.56 13.11 3.78
N GLY D 177 38.35 14.16 4.57
CA GLY D 177 37.39 15.19 4.24
C GLY D 177 37.57 15.72 2.82
N HIS D 178 38.79 16.14 2.48
CA HIS D 178 39.04 16.66 1.14
C HIS D 178 38.67 15.61 0.09
N LYS D 179 38.88 14.33 0.40
CA LYS D 179 38.64 13.26 -0.58
C LYS D 179 37.17 13.07 -0.93
N TYR D 180 36.29 13.18 0.07
CA TYR D 180 34.86 13.04 -0.16
C TYR D 180 34.14 14.40 -0.20
N GLY D 181 34.92 15.47 -0.09
CA GLY D 181 34.41 16.82 -0.18
C GLY D 181 33.51 17.09 0.99
N ILE D 182 33.99 16.64 2.14
CA ILE D 182 33.30 16.85 3.39
C ILE D 182 34.17 17.74 4.26
N PRO D 183 33.57 18.80 4.80
CA PRO D 183 34.19 19.71 5.76
C PRO D 183 34.55 19.02 7.10
N THR D 184 35.60 19.53 7.72
CA THR D 184 36.13 18.97 8.95
C THR D 184 36.14 20.00 10.11
N TYR D 185 35.39 19.69 11.16
CA TYR D 185 35.23 20.60 12.27
C TYR D 185 35.95 20.04 13.48
N TYR D 186 36.94 20.77 13.97
CA TYR D 186 37.70 20.37 15.12
C TYR D 186 37.32 21.25 16.31
N ASP D 187 36.74 20.64 17.33
CA ASP D 187 36.50 21.32 18.58
C ASP D 187 37.72 21.07 19.46
N ALA D 188 38.62 22.04 19.52
CA ALA D 188 39.80 21.92 20.38
C ALA D 188 39.47 22.18 21.85
N GLY D 189 38.40 22.92 22.09
CA GLY D 189 37.97 23.19 23.45
C GLY D 189 38.85 24.11 24.26
N SER D 190 40.15 23.81 24.31
CA SER D 190 41.08 24.57 25.13
C SER D 190 41.25 26.01 24.65
N GLY D 191 40.99 26.24 23.37
CA GLY D 191 41.08 27.58 22.82
C GLY D 191 42.48 28.14 22.81
N LEU D 192 43.47 27.26 22.93
CA LEU D 192 44.85 27.68 22.80
C LEU D 192 45.04 28.38 21.45
N LEU D 193 45.61 29.59 21.51
CA LEU D 193 45.74 30.43 20.31
C LEU D 193 46.94 30.02 19.44
N ILE D 194 48.10 29.91 20.06
CA ILE D 194 49.30 29.61 19.30
C ILE D 194 50.05 28.46 19.95
N ASN D 195 51.15 28.03 19.33
CA ASN D 195 51.91 26.89 19.83
C ASN D 195 52.58 27.14 21.20
N LEU D 196 52.38 26.23 22.15
CA LEU D 196 52.95 26.35 23.49
C LEU D 196 54.46 26.39 23.45
N LYS D 197 55.04 25.53 22.60
CA LYS D 197 56.49 25.38 22.51
C LYS D 197 57.18 26.73 22.39
N GLU D 198 56.41 27.76 22.06
CA GLU D 198 56.92 29.13 21.97
C GLU D 198 57.37 29.64 23.34
N PHE D 199 56.64 29.23 24.39
CA PHE D 199 56.89 29.72 25.74
C PHE D 199 57.88 28.88 26.55
N GLY D 200 58.45 27.86 25.93
CA GLY D 200 59.36 26.97 26.64
C GLY D 200 58.65 25.79 27.30
N ILE D 201 57.36 25.64 26.99
CA ILE D 201 56.60 24.49 27.46
C ILE D 201 56.29 23.57 26.29
N SER D 202 56.94 22.40 26.26
CA SER D 202 56.76 21.46 25.15
C SER D 202 55.56 20.53 25.38
N VAL D 203 54.50 20.77 24.61
CA VAL D 203 53.35 19.87 24.60
C VAL D 203 52.76 19.82 23.20
N ASP D 204 52.01 18.77 22.92
CA ASP D 204 51.42 18.59 21.60
C ASP D 204 50.06 19.27 21.50
N GLU D 205 49.58 19.82 22.62
CA GLU D 205 48.26 20.45 22.68
C GLU D 205 48.00 21.33 21.46
N PRO D 206 46.83 21.12 20.81
CA PRO D 206 46.49 21.78 19.56
C PRO D 206 46.15 23.25 19.79
N ASN D 207 46.52 24.08 18.83
CA ASN D 207 46.23 25.51 18.88
C ASN D 207 45.52 25.94 17.60
N PHE D 208 44.93 27.13 17.61
CA PHE D 208 44.22 27.63 16.44
C PHE D 208 45.12 27.79 15.21
N ARG D 209 46.21 28.54 15.38
CA ARG D 209 47.07 28.85 14.25
C ARG D 209 47.49 27.58 13.53
N ASP D 210 47.99 26.61 14.29
CA ASP D 210 48.51 25.39 13.71
C ASP D 210 47.43 24.51 13.10
N CYS D 211 46.32 24.38 13.82
CA CYS D 211 45.26 23.50 13.34
C CYS D 211 44.55 24.13 12.15
N ILE D 212 44.68 25.45 12.00
CA ILE D 212 44.17 26.12 10.79
C ILE D 212 45.04 25.84 9.55
N SER D 213 46.36 25.95 9.70
CA SER D 213 47.28 25.78 8.57
C SER D 213 47.40 24.33 8.10
N LEU D 214 46.90 23.40 8.92
CA LEU D 214 46.82 21.99 8.56
C LEU D 214 45.68 21.77 7.59
N GLY D 215 44.82 22.78 7.45
CA GLY D 215 43.77 22.73 6.46
C GLY D 215 42.47 22.30 7.05
N ILE D 216 42.35 22.41 8.36
CA ILE D 216 41.08 22.09 8.99
C ILE D 216 40.08 23.18 8.65
N ASP D 217 38.89 22.78 8.22
CA ASP D 217 37.92 23.72 7.69
C ASP D 217 37.39 24.69 8.74
N LEU D 218 37.19 24.19 9.95
CA LEU D 218 36.72 24.97 11.09
C LEU D 218 37.39 24.49 12.37
N VAL D 219 37.80 25.41 13.24
CA VAL D 219 38.18 25.05 14.60
C VAL D 219 37.48 25.97 15.61
N SER D 220 36.98 25.39 16.71
CA SER D 220 36.45 26.17 17.84
C SER D 220 37.18 25.90 19.12
N GLY D 221 36.81 26.62 20.17
CA GLY D 221 37.47 26.56 21.45
C GLY D 221 36.97 27.65 22.39
N SER D 222 37.18 27.43 23.68
CA SER D 222 36.71 28.38 24.66
C SER D 222 37.70 29.52 24.82
N GLY D 223 37.20 30.64 25.32
CA GLY D 223 38.02 31.82 25.52
C GLY D 223 38.63 31.90 26.90
N ASP D 224 37.98 31.27 27.88
CA ASP D 224 38.43 31.32 29.26
C ASP D 224 39.23 30.11 29.68
N1 LLP D 225 34.29 21.25 24.09
C2 LLP D 225 35.56 21.04 24.52
C2' LLP D 225 36.45 19.98 23.82
C3 LLP D 225 36.07 21.75 25.58
O3 LLP D 225 37.37 21.49 26.00
C4 LLP D 225 35.29 22.70 26.22
C4' LLP D 225 35.84 23.50 27.41
C5 LLP D 225 33.98 22.90 25.76
C6 LLP D 225 33.51 22.15 24.68
C5' LLP D 225 33.03 23.91 26.40
OP4 LLP D 225 33.56 25.11 26.80
P LLP D 225 32.58 26.25 27.23
OP1 LLP D 225 31.25 26.09 26.48
OP2 LLP D 225 33.23 27.59 26.86
OP3 LLP D 225 32.38 26.15 28.75
N LLP D 225 39.88 29.44 28.72
CA LLP D 225 40.72 28.35 29.10
CB LLP D 225 40.20 27.01 28.55
CG LLP D 225 39.04 26.29 29.23
CD LLP D 225 38.65 25.07 28.39
CE LLP D 225 37.65 24.06 28.94
NZ LLP D 225 37.11 23.30 27.88
C LLP D 225 42.07 28.73 28.75
O LLP D 225 42.63 29.62 29.38
N LEU D 226 42.67 28.10 27.76
CA LEU D 226 44.06 28.38 27.50
C LEU D 226 44.25 29.71 26.82
N LEU D 227 43.17 30.32 26.38
CA LEU D 227 43.34 31.61 25.75
C LEU D 227 43.66 32.58 26.87
N GLY D 228 43.03 32.37 28.03
CA GLY D 228 43.32 33.19 29.19
C GLY D 228 42.53 34.47 29.06
N GLY D 229 41.36 34.36 28.41
CA GLY D 229 40.47 35.48 28.17
C GLY D 229 39.14 35.31 28.86
N PRO D 230 38.16 36.15 28.50
CA PRO D 230 36.83 35.95 29.07
C PRO D 230 36.17 34.73 28.47
N GLN D 231 34.98 34.39 28.94
CA GLN D 231 34.30 33.20 28.42
C GLN D 231 33.78 33.50 27.03
N ALA D 232 34.00 32.57 26.11
CA ALA D 232 33.53 32.74 24.75
C ALA D 232 33.73 31.49 23.96
N GLY D 233 32.87 31.32 22.97
CA GLY D 233 33.08 30.28 21.98
C GLY D 233 33.73 30.94 20.78
N ILE D 234 34.91 30.47 20.42
CA ILE D 234 35.64 31.03 19.31
C ILE D 234 35.66 30.10 18.11
N ILE D 235 35.24 30.61 16.96
CA ILE D 235 35.20 29.82 15.73
C ILE D 235 36.02 30.49 14.65
N VAL D 236 36.83 29.70 13.96
CA VAL D 236 37.70 30.22 12.90
C VAL D 236 37.79 29.22 11.74
N GLY D 237 37.92 29.72 10.51
CA GLY D 237 38.07 28.83 9.38
C GLY D 237 37.58 29.38 8.05
N LYS D 238 37.29 28.49 7.11
CA LYS D 238 36.87 28.90 5.78
C LYS D 238 35.70 29.91 5.83
N LYS D 239 35.78 30.98 5.03
CA LYS D 239 34.79 32.06 5.05
C LYS D 239 33.38 31.60 4.64
N ASN D 240 33.30 30.76 3.61
CA ASN D 240 32.00 30.32 3.13
C ASN D 240 31.17 29.67 4.23
N LEU D 241 31.87 29.02 5.16
CA LEU D 241 31.26 28.27 6.26
C LEU D 241 30.86 29.21 7.39
N ILE D 242 31.83 29.97 7.87
CA ILE D 242 31.56 31.03 8.82
C ILE D 242 30.34 31.83 8.41
N GLU D 243 30.30 32.24 7.14
CA GLU D 243 29.16 33.00 6.64
C GLU D 243 27.85 32.28 6.92
N LYS D 244 27.81 30.96 6.70
CA LYS D 244 26.60 30.18 6.92
C LYS D 244 26.26 30.19 8.41
N ILE D 245 27.31 30.09 9.22
CA ILE D 245 27.11 30.15 10.65
C ILE D 245 26.53 31.50 11.07
N LYS D 246 27.22 32.59 10.74
CA LYS D 246 26.75 33.95 11.10
C LYS D 246 25.26 34.16 10.73
N LYS D 247 24.80 33.54 9.65
CA LYS D 247 23.45 33.74 9.13
C LYS D 247 22.35 33.08 9.98
N ASN D 248 22.68 31.96 10.64
CA ASN D 248 21.75 31.22 11.49
C ASN D 248 21.12 32.10 12.55
N PRO D 249 19.79 32.16 12.60
CA PRO D 249 19.04 32.94 13.58
C PRO D 249 19.41 32.57 15.02
N ILE D 250 20.04 31.41 15.18
CA ILE D 250 20.45 30.97 16.48
C ILE D 250 21.68 31.71 16.99
N ALA D 251 22.56 32.12 16.08
CA ALA D 251 23.73 32.89 16.50
C ALA D 251 23.32 34.15 17.23
N ARG D 252 22.06 34.55 17.08
CA ARG D 252 21.59 35.76 17.74
C ARG D 252 21.37 35.47 19.21
N ALA D 253 20.85 34.28 19.49
CA ALA D 253 20.65 33.83 20.86
C ALA D 253 22.00 33.76 21.57
N LEU D 254 23.04 33.42 20.82
CA LEU D 254 24.35 33.12 21.40
C LEU D 254 25.28 34.31 21.40
N ARG D 255 24.77 35.47 21.00
CA ARG D 255 25.61 36.65 20.70
C ARG D 255 26.31 37.21 21.94
N ILE D 256 27.59 37.56 21.84
CA ILE D 256 28.31 37.94 23.06
C ILE D 256 27.90 39.31 23.63
N ASP D 257 28.05 39.46 24.94
CA ASP D 257 27.76 40.71 25.63
C ASP D 257 28.88 41.69 25.45
N LYS D 258 28.67 42.93 25.86
CA LYS D 258 29.70 43.94 25.68
C LYS D 258 30.92 43.70 26.58
N LEU D 259 30.69 43.22 27.80
CA LEU D 259 31.78 42.94 28.74
C LEU D 259 32.80 41.94 28.22
N THR D 260 32.34 40.76 27.78
CA THR D 260 33.28 39.78 27.22
C THR D 260 33.89 40.27 25.90
N LEU D 261 33.07 40.89 25.06
CA LEU D 261 33.55 41.47 23.82
C LEU D 261 34.77 42.37 24.05
N SER D 262 34.60 43.41 24.88
CA SER D 262 35.69 44.32 25.14
C SER D 262 36.85 43.60 25.77
N GLY D 263 36.57 42.81 26.80
CA GLY D 263 37.61 42.05 27.45
C GLY D 263 38.33 41.10 26.52
N LEU D 264 37.63 40.60 25.51
CA LEU D 264 38.25 39.71 24.55
C LEU D 264 39.16 40.56 23.67
N GLU D 265 38.69 41.76 23.35
CA GLU D 265 39.38 42.65 22.44
C GLU D 265 40.75 43.02 22.95
N MSE D 266 40.80 43.33 24.24
CA MSE D 266 42.05 43.66 24.91
C MSE D 266 42.98 42.43 25.01
O MSE D 266 44.19 42.54 24.83
CB MSE D 266 41.76 44.18 26.31
CG MSE D 266 42.96 44.75 27.01
SE MSE D 266 43.74 46.21 26.00
CE MSE D 266 45.44 46.36 26.94
N THR D 267 42.39 41.28 25.30
CA THR D 267 43.13 40.05 25.40
C THR D 267 43.92 39.77 24.12
N LEU D 268 43.22 39.89 22.99
CA LEU D 268 43.84 39.71 21.67
C LEU D 268 44.85 40.80 21.32
N LYS D 269 44.59 42.02 21.79
CA LYS D 269 45.56 43.08 21.69
C LYS D 269 46.88 42.59 22.28
N LEU D 270 46.86 42.21 23.56
CA LEU D 270 48.04 41.69 24.23
C LEU D 270 48.76 40.59 23.45
N TYR D 271 48.00 39.67 22.85
CA TYR D 271 48.58 38.62 22.02
C TYR D 271 49.27 39.23 20.81
N PHE D 272 48.57 40.16 20.17
CA PHE D 272 49.11 40.77 18.98
C PHE D 272 50.41 41.48 19.36
N GLU D 273 50.47 41.96 20.60
CA GLU D 273 51.63 42.69 21.10
C GLU D 273 52.62 41.73 21.76
N LYS D 274 52.35 40.43 21.66
CA LYS D 274 53.24 39.39 22.18
C LYS D 274 53.58 39.56 23.67
N ARG D 275 52.64 40.05 24.45
CA ARG D 275 52.82 40.29 25.88
C ARG D 275 52.22 39.21 26.75
N TYR D 276 52.76 38.00 26.64
CA TYR D 276 52.12 36.86 27.27
C TYR D 276 52.15 36.94 28.80
N GLU D 277 53.23 37.47 29.35
CA GLU D 277 53.36 37.70 30.79
C GLU D 277 52.10 38.36 31.37
N ASP D 278 51.33 38.99 30.50
CA ASP D 278 50.24 39.86 30.93
C ASP D 278 48.92 39.11 30.86
N ILE D 279 49.01 37.84 30.51
CA ILE D 279 47.85 36.99 30.48
C ILE D 279 48.08 35.92 31.51
N PRO D 280 47.26 35.92 32.56
CA PRO D 280 47.56 35.19 33.79
C PRO D 280 47.71 33.67 33.56
N VAL D 281 46.72 33.05 32.91
CA VAL D 281 46.77 31.60 32.66
C VAL D 281 48.09 31.16 32.05
N ILE D 282 48.62 32.01 31.18
CA ILE D 282 49.94 31.81 30.58
C ILE D 282 51.06 32.08 31.59
N ARG D 283 50.97 33.21 32.28
CA ARG D 283 52.00 33.60 33.23
C ARG D 283 52.20 32.50 34.25
N MSE D 284 51.08 31.95 34.73
CA MSE D 284 51.10 30.94 35.78
C MSE D 284 51.70 29.65 35.30
O MSE D 284 52.46 29.03 36.04
CB MSE D 284 49.69 30.71 36.29
CG MSE D 284 49.12 31.86 37.04
SE MSE D 284 47.35 31.45 37.68
CE MSE D 284 47.00 33.12 38.63
N LEU D 285 51.35 29.21 34.10
CA LEU D 285 51.85 27.96 33.58
C LEU D 285 53.33 28.00 33.24
N THR D 286 53.86 29.20 32.96
CA THR D 286 55.23 29.33 32.49
C THR D 286 56.21 29.75 33.58
N GLN D 287 55.68 30.02 34.78
CA GLN D 287 56.50 30.48 35.92
C GLN D 287 57.75 29.63 36.16
N ASP D 288 58.87 30.33 36.34
CA ASP D 288 60.17 29.72 36.62
C ASP D 288 60.17 28.86 37.90
N GLU D 289 60.71 27.65 37.82
CA GLU D 289 60.78 26.73 38.97
C GLU D 289 61.39 27.39 40.22
N LYS D 290 62.26 28.37 40.02
CA LYS D 290 62.93 29.06 41.13
C LYS D 290 62.01 30.11 41.71
N ALA D 291 61.16 30.66 40.86
CA ALA D 291 60.22 31.70 41.27
C ALA D 291 59.11 31.14 42.16
N LEU D 292 58.83 29.85 41.99
CA LEU D 292 57.85 29.20 42.86
C LEU D 292 58.49 28.88 44.19
N ARG D 293 59.72 28.37 44.16
CA ARG D 293 60.48 28.14 45.38
C ARG D 293 60.62 29.46 46.13
N GLN D 294 61.11 30.48 45.43
CA GLN D 294 61.23 31.83 45.97
C GLN D 294 59.95 32.23 46.73
N LYS D 295 58.82 31.96 46.11
CA LYS D 295 57.50 32.33 46.62
C LYS D 295 57.12 31.47 47.82
N ALA D 296 57.54 30.21 47.77
CA ALA D 296 57.24 29.25 48.83
C ALA D 296 57.95 29.63 50.11
N LYS D 297 59.25 29.92 50.02
CA LYS D 297 59.99 30.30 51.20
C LYS D 297 59.54 31.66 51.70
N ARG D 298 59.12 32.51 50.79
CA ARG D 298 58.69 33.84 51.18
C ARG D 298 57.45 33.76 52.05
N LEU D 299 56.66 32.70 51.88
CA LEU D 299 55.47 32.51 52.69
C LEU D 299 55.84 31.88 54.02
N GLU D 300 56.69 30.86 53.96
CA GLU D 300 57.09 30.18 55.19
C GLU D 300 57.73 31.15 56.17
N LYS D 301 58.42 32.15 55.65
CA LYS D 301 58.99 33.18 56.50
C LYS D 301 57.91 33.92 57.29
N LEU D 302 56.70 33.98 56.75
CA LEU D 302 55.62 34.74 57.39
C LEU D 302 54.83 33.90 58.38
N LEU D 303 54.94 32.59 58.28
CA LEU D 303 54.09 31.72 59.09
C LEU D 303 54.81 31.14 60.30
N LYS D 304 56.12 31.38 60.38
CA LYS D 304 56.96 30.81 61.43
C LYS D 304 56.44 31.09 62.83
N ASP D 305 56.03 32.34 63.05
CA ASP D 305 55.73 32.82 64.39
C ASP D 305 54.35 32.45 64.93
N ILE D 306 53.50 31.84 64.12
CA ILE D 306 52.22 31.38 64.64
C ILE D 306 52.39 30.08 65.45
N PRO D 307 51.69 29.99 66.58
CA PRO D 307 51.73 28.85 67.50
C PRO D 307 51.17 27.57 66.91
N GLY D 308 51.78 26.45 67.27
CA GLY D 308 51.25 25.14 66.94
C GLY D 308 51.42 24.80 65.48
N LEU D 309 52.22 25.60 64.79
CA LEU D 309 52.40 25.46 63.35
C LEU D 309 53.67 24.76 62.96
N LYS D 310 53.52 23.58 62.40
CA LYS D 310 54.63 22.91 61.76
C LYS D 310 54.59 23.32 60.29
N ILE D 311 55.66 23.92 59.79
CA ILE D 311 55.70 24.32 58.38
C ILE D 311 56.91 23.76 57.67
N SER D 312 56.69 23.21 56.48
CA SER D 312 57.77 22.74 55.64
C SER D 312 57.57 23.21 54.21
N VAL D 313 58.53 22.89 53.36
CA VAL D 313 58.46 23.24 51.95
C VAL D 313 58.91 22.07 51.11
N ILE D 314 58.06 21.65 50.18
CA ILE D 314 58.35 20.47 49.39
C ILE D 314 58.44 20.78 47.90
N LYS D 315 58.87 19.79 47.13
CA LYS D 315 58.97 19.91 45.69
C LYS D 315 58.23 18.74 45.07
N ASP D 316 57.15 19.03 44.36
CA ASP D 316 56.22 17.99 43.94
C ASP D 316 55.87 18.09 42.46
N LYS D 317 55.59 16.96 41.82
CA LYS D 317 55.00 16.97 40.49
C LYS D 317 53.50 17.12 40.65
N ALA D 318 52.95 18.22 40.14
CA ALA D 318 51.50 18.43 40.19
C ALA D 318 50.93 18.52 38.78
N LYS D 319 49.61 18.59 38.67
CA LYS D 319 48.96 18.69 37.36
C LYS D 319 48.25 20.03 37.27
N PRO D 320 48.93 21.05 36.73
CA PRO D 320 48.55 22.46 36.87
C PRO D 320 47.30 22.88 36.12
N GLY D 321 47.04 22.25 34.96
CA GLY D 321 45.86 22.57 34.18
C GLY D 321 44.76 21.57 34.44
N GLY D 322 43.61 22.07 34.87
CA GLY D 322 42.53 21.19 35.27
C GLY D 322 41.66 20.78 34.11
N GLY D 323 41.17 21.77 33.38
CA GLY D 323 40.27 21.53 32.27
C GLY D 323 40.89 21.87 30.94
N SER D 324 42.20 21.66 30.80
CA SER D 324 42.84 21.88 29.52
C SER D 324 43.95 20.86 29.24
N LEU D 325 44.91 20.73 30.15
CA LEU D 325 46.06 19.89 29.89
C LEU D 325 46.18 18.77 30.91
N PRO D 326 45.20 17.87 30.91
CA PRO D 326 45.05 16.95 32.03
C PRO D 326 46.26 16.07 32.22
N GLU D 327 46.93 15.72 31.13
CA GLU D 327 48.09 14.84 31.22
C GLU D 327 49.30 15.59 31.75
N LEU D 328 49.38 16.88 31.44
CA LEU D 328 50.55 17.65 31.80
C LEU D 328 50.92 17.55 33.27
N GLU D 329 52.17 17.21 33.51
CA GLU D 329 52.70 17.13 34.85
C GLU D 329 53.86 18.13 34.90
N LEU D 330 53.82 19.03 35.88
CA LEU D 330 54.88 20.03 36.04
C LEU D 330 55.30 20.16 37.48
N PRO D 331 56.61 20.38 37.72
CA PRO D 331 57.10 20.56 39.09
C PRO D 331 56.72 21.92 39.67
N THR D 332 56.28 21.95 40.92
CA THR D 332 55.96 23.18 41.63
C THR D 332 56.40 23.07 43.07
N TYR D 333 56.53 24.21 43.71
CA TYR D 333 56.87 24.21 45.11
C TYR D 333 55.65 24.48 46.00
N CYS D 334 55.18 23.46 46.73
CA CYS D 334 54.08 23.63 47.67
C CYS D 334 54.65 23.96 49.06
N VAL D 335 53.89 24.72 49.83
CA VAL D 335 54.19 24.91 51.24
C VAL D 335 53.20 24.10 52.05
N ALA D 336 53.71 23.24 52.94
CA ALA D 336 52.84 22.35 53.70
C ALA D 336 52.83 22.72 55.17
N ILE D 337 51.65 22.73 55.78
CA ILE D 337 51.51 23.06 57.19
C ILE D 337 50.71 22.02 57.96
N ARG D 338 50.97 21.92 59.26
CA ARG D 338 50.29 20.97 60.12
C ARG D 338 50.09 21.65 61.47
N HIS D 339 48.92 21.46 62.08
CA HIS D 339 48.63 22.02 63.38
C HIS D 339 48.41 20.92 64.40
N ASP D 340 48.77 21.18 65.65
CA ASP D 340 48.64 20.19 66.71
C ASP D 340 47.19 19.99 67.18
N ARG D 341 46.42 21.08 67.33
CA ARG D 341 45.05 21.00 67.82
C ARG D 341 44.01 20.63 66.76
N LEU D 342 44.23 21.05 65.53
CA LEU D 342 43.24 20.87 64.48
C LEU D 342 43.68 19.92 63.38
N SER D 343 42.81 18.98 63.05
CA SER D 343 43.07 18.08 61.94
C SER D 343 43.08 18.92 60.69
N SER D 344 43.92 18.56 59.73
CA SER D 344 43.99 19.34 58.51
C SER D 344 42.62 19.39 57.84
N GLN D 345 41.81 18.35 58.03
CA GLN D 345 40.48 18.31 57.44
C GLN D 345 39.61 19.42 57.99
N GLU D 346 39.74 19.69 59.28
CA GLU D 346 38.98 20.74 59.94
C GLU D 346 39.60 22.11 59.70
N LEU D 347 40.89 22.12 59.39
CA LEU D 347 41.60 23.35 59.09
C LEU D 347 41.19 23.86 57.70
N SER D 348 41.16 22.94 56.74
CA SER D 348 40.65 23.25 55.40
C SER D 348 39.23 23.73 55.43
N ARG D 349 38.38 23.07 56.19
CA ARG D 349 36.98 23.47 56.26
C ARG D 349 36.85 24.87 56.84
N ARG D 350 37.79 25.24 57.69
CA ARG D 350 37.73 26.55 58.32
C ARG D 350 38.27 27.64 57.39
N LEU D 351 39.25 27.27 56.58
CA LEU D 351 39.80 28.19 55.60
C LEU D 351 38.77 28.59 54.56
N ARG D 352 37.95 27.65 54.11
CA ARG D 352 36.95 27.95 53.08
C ARG D 352 35.84 28.84 53.59
N LEU D 353 35.62 28.87 54.89
CA LEU D 353 34.54 29.66 55.43
C LEU D 353 35.04 31.00 55.88
N ALA D 354 36.31 31.25 55.57
CA ALA D 354 36.95 32.49 55.92
C ALA D 354 36.55 33.60 54.97
N GLU D 355 36.92 34.81 55.31
CA GLU D 355 36.81 35.95 54.42
C GLU D 355 38.16 36.63 54.36
N PRO D 356 38.88 36.44 53.26
CA PRO D 356 38.40 35.72 52.08
C PRO D 356 38.70 34.24 52.23
N PRO D 357 37.96 33.39 51.51
CA PRO D 357 38.14 31.94 51.47
C PRO D 357 39.46 31.51 50.87
N ILE D 358 39.93 30.34 51.25
CA ILE D 358 41.12 29.77 50.69
C ILE D 358 40.90 28.30 50.43
N VAL D 359 41.28 27.85 49.25
CA VAL D 359 41.01 26.49 48.83
C VAL D 359 42.32 25.86 48.47
N CYS D 360 42.59 24.68 49.01
CA CYS D 360 43.88 24.01 48.82
C CYS D 360 43.78 22.52 48.72
N ARG D 361 44.86 21.89 48.26
CA ARG D 361 44.94 20.44 48.16
C ARG D 361 45.14 19.82 49.55
N ILE D 362 44.70 18.58 49.72
CA ILE D 362 45.03 17.82 50.92
C ILE D 362 45.67 16.49 50.56
N ARG D 363 46.77 16.18 51.23
CA ARG D 363 47.50 14.95 50.96
C ARG D 363 48.05 14.35 52.23
N GLU D 364 47.56 13.17 52.61
CA GLU D 364 48.12 12.46 53.74
C GLU D 364 47.92 13.24 55.03
N ASP D 365 46.75 13.85 55.21
CA ASP D 365 46.52 14.68 56.38
C ASP D 365 47.58 15.76 56.50
N GLN D 366 48.18 16.09 55.37
CA GLN D 366 49.10 17.21 55.28
C GLN D 366 48.41 18.22 54.38
N LEU D 367 48.31 19.44 54.87
CA LEU D 367 47.67 20.53 54.16
C LEU D 367 48.65 21.20 53.20
N LEU D 368 48.31 21.25 51.92
CA LEU D 368 49.25 21.76 50.93
C LEU D 368 48.78 23.05 50.28
N PHE D 369 49.67 24.01 50.16
CA PHE D 369 49.42 25.20 49.36
C PHE D 369 50.32 25.17 48.14
N ASP D 370 49.74 24.97 46.97
CA ASP D 370 50.52 24.95 45.75
C ASP D 370 50.74 26.40 45.28
N MSE D 371 51.99 26.78 45.09
CA MSE D 371 52.32 28.17 44.84
C MSE D 371 51.97 28.63 43.42
O MSE D 371 51.80 29.83 43.18
CB MSE D 371 53.78 28.43 45.16
CG MSE D 371 54.09 28.37 46.65
SE MSE D 371 53.16 29.75 47.66
CE MSE D 371 51.89 28.64 48.60
N ARG D 372 51.84 27.70 42.49
CA ARG D 372 51.52 28.04 41.11
C ARG D 372 50.37 29.05 40.98
N THR D 373 49.28 28.80 41.70
CA THR D 373 48.04 29.58 41.59
C THR D 373 47.82 30.58 42.72
N VAL D 374 48.90 30.95 43.40
CA VAL D 374 48.80 31.92 44.47
C VAL D 374 49.44 33.22 44.02
N PHE D 375 48.72 34.33 44.23
CA PHE D 375 49.25 35.64 43.88
C PHE D 375 50.15 36.19 44.97
N HIS D 376 50.85 37.28 44.66
CA HIS D 376 51.76 37.85 45.64
C HIS D 376 51.03 38.54 46.78
N GLU D 377 49.91 39.19 46.47
CA GLU D 377 49.12 39.90 47.48
C GLU D 377 48.33 38.96 48.38
N ASP D 378 48.26 37.68 48.01
CA ASP D 378 47.53 36.70 48.81
C ASP D 378 48.34 36.14 50.00
N LEU D 379 49.67 36.09 49.87
CA LEU D 379 50.51 35.61 50.95
C LEU D 379 50.16 36.31 52.24
N LYS D 380 50.19 37.63 52.22
CA LYS D 380 49.92 38.42 53.43
C LYS D 380 48.52 38.16 53.96
N THR D 381 47.60 37.77 53.08
CA THR D 381 46.24 37.48 53.50
C THR D 381 46.11 36.09 54.10
N ILE D 382 47.02 35.20 53.75
CA ILE D 382 47.00 33.86 54.31
C ILE D 382 47.52 33.91 55.74
N LYS D 383 48.60 34.65 55.94
CA LYS D 383 49.10 34.85 57.29
C LYS D 383 47.99 35.33 58.20
N LYS D 384 47.47 36.52 57.92
CA LYS D 384 46.46 37.13 58.77
C LYS D 384 45.28 36.19 58.98
N THR D 385 44.92 35.43 57.95
CA THR D 385 43.77 34.54 58.02
C THR D 385 44.05 33.34 58.91
N LEU D 386 45.26 32.81 58.83
CA LEU D 386 45.65 31.67 59.65
C LEU D 386 45.66 32.01 61.14
N GLN D 387 46.34 33.09 61.51
CA GLN D 387 46.48 33.44 62.92
C GLN D 387 45.17 33.83 63.56
N GLU D 388 44.22 34.34 62.77
CA GLU D 388 42.92 34.69 63.32
C GLU D 388 42.10 33.46 63.67
N LEU D 389 42.41 32.33 63.03
CA LEU D 389 41.68 31.08 63.28
C LEU D 389 42.26 30.34 64.45
N LEU D 390 43.59 30.36 64.49
CA LEU D 390 44.36 29.53 65.40
C LEU D 390 44.63 30.20 66.74
N SER D 391 44.77 31.52 66.74
CA SER D 391 45.10 32.23 67.97
C SER D 391 43.85 32.80 68.66
N ILE D 392 42.74 32.84 67.93
CA ILE D 392 41.49 33.48 68.37
C ILE D 392 41.12 33.23 69.84
N LYS E 2 64.33 -21.60 4.51
CA LYS E 2 64.75 -22.66 5.42
C LYS E 2 63.83 -22.78 6.64
N SER E 3 62.71 -22.06 6.65
CA SER E 3 61.81 -22.06 7.82
C SER E 3 60.83 -23.25 7.86
N LEU E 4 60.98 -24.17 6.90
CA LEU E 4 60.19 -25.42 6.87
C LEU E 4 60.97 -26.57 7.52
N MSE E 5 62.21 -26.31 7.92
CA MSE E 5 63.06 -27.30 8.58
C MSE E 5 62.91 -27.24 10.11
O MSE E 5 63.01 -28.26 10.78
CB MSE E 5 64.53 -27.11 8.20
CG MSE E 5 64.85 -27.26 6.71
SE MSE E 5 66.59 -26.52 6.19
CE MSE E 5 67.71 -27.57 7.43
N LYS E 6 62.70 -26.03 10.61
CA LYS E 6 62.44 -25.80 12.04
C LYS E 6 61.08 -25.19 12.26
N PRO E 7 60.49 -25.46 13.41
CA PRO E 7 59.26 -24.76 13.79
C PRO E 7 59.51 -23.28 14.06
N ASN E 8 58.58 -22.46 13.59
CA ASN E 8 58.65 -21.01 13.75
C ASN E 8 58.28 -20.56 15.16
N ILE E 9 57.77 -21.48 15.99
CA ILE E 9 57.42 -21.18 17.38
C ILE E 9 58.45 -21.77 18.34
N LYS E 10 58.95 -20.96 19.29
CA LYS E 10 60.01 -21.37 20.25
C LYS E 10 59.84 -20.78 21.65
N ARG E 11 60.34 -21.50 22.65
CA ARG E 11 60.37 -21.01 24.04
C ARG E 11 61.24 -19.76 24.15
N VAL E 12 60.70 -18.76 24.84
CA VAL E 12 61.39 -17.48 24.97
C VAL E 12 61.47 -17.05 26.44
N ILE E 13 62.71 -16.80 26.87
CA ILE E 13 62.99 -16.31 28.21
C ILE E 13 62.58 -14.84 28.37
N ASN E 14 61.55 -14.61 29.18
CA ASN E 14 61.00 -13.26 29.34
C ASN E 14 61.61 -12.42 30.46
N ALA E 15 62.40 -11.41 30.07
CA ALA E 15 63.02 -10.50 31.04
C ALA E 15 62.44 -9.08 30.96
N THR E 16 61.37 -8.91 30.19
CA THR E 16 60.61 -7.66 30.12
C THR E 16 59.81 -7.46 31.41
N GLY E 17 59.69 -8.54 32.19
CA GLY E 17 59.16 -8.46 33.54
C GLY E 17 57.71 -8.04 33.48
N VAL E 18 57.12 -8.36 32.33
CA VAL E 18 55.72 -8.08 32.06
C VAL E 18 54.92 -9.39 32.13
N VAL E 19 54.30 -9.59 33.29
CA VAL E 19 53.62 -10.84 33.60
C VAL E 19 52.57 -11.23 32.56
N ILE E 20 51.64 -10.35 32.22
CA ILE E 20 50.65 -10.71 31.22
C ILE E 20 50.96 -10.12 29.87
N ASN E 21 51.81 -10.79 29.10
CA ASN E 21 52.24 -10.17 27.83
C ASN E 21 51.55 -10.72 26.60
N THR E 22 50.63 -9.93 26.05
CA THR E 22 49.85 -10.40 24.92
C THR E 22 50.77 -11.00 23.84
N ASN E 23 51.95 -10.43 23.67
CA ASN E 23 52.85 -10.86 22.62
C ASN E 23 53.60 -12.16 22.91
N LEU E 24 54.04 -12.32 24.15
CA LEU E 24 54.85 -13.48 24.55
C LEU E 24 54.03 -14.71 24.98
N GLY E 25 52.74 -14.71 24.64
CA GLY E 25 51.89 -15.88 24.84
C GLY E 25 50.96 -15.85 26.04
N ARG E 26 50.83 -14.68 26.68
CA ARG E 26 50.08 -14.53 27.92
C ARG E 26 50.57 -15.50 28.99
N ALA E 27 49.63 -16.07 29.74
CA ALA E 27 49.94 -16.87 30.93
C ALA E 27 50.69 -18.17 30.65
N PRO E 28 51.96 -18.25 31.10
CA PRO E 28 52.63 -19.55 31.10
C PRO E 28 51.97 -20.48 32.09
N LEU E 29 52.10 -21.77 31.83
CA LEU E 29 51.46 -22.78 32.65
C LEU E 29 52.43 -23.37 33.67
N SER E 30 51.92 -23.68 34.85
CA SER E 30 52.74 -24.39 35.84
C SER E 30 53.17 -25.72 35.26
N LYS E 31 54.34 -26.23 35.65
CA LYS E 31 54.76 -27.49 35.05
C LYS E 31 53.90 -28.65 35.56
N ASP E 32 53.27 -28.43 36.71
CA ASP E 32 52.27 -29.36 37.24
C ASP E 32 51.18 -29.57 36.23
N VAL E 33 50.63 -28.46 35.76
CA VAL E 33 49.60 -28.48 34.74
C VAL E 33 50.12 -29.13 33.46
N ILE E 34 51.23 -28.62 32.94
CA ILE E 34 51.82 -29.09 31.68
C ILE E 34 52.08 -30.59 31.64
N ASN E 35 52.62 -31.15 32.72
CA ASN E 35 52.82 -32.61 32.77
C ASN E 35 51.47 -33.31 32.59
N PHE E 36 50.45 -32.83 33.30
CA PHE E 36 49.12 -33.43 33.23
C PHE E 36 48.57 -33.37 31.82
N ILE E 37 48.72 -32.21 31.17
CA ILE E 37 48.30 -32.06 29.77
C ILE E 37 49.04 -33.08 28.90
N SER E 38 50.36 -33.07 28.99
CA SER E 38 51.17 -34.06 28.31
C SER E 38 50.68 -35.52 28.51
N GLU E 39 50.27 -35.86 29.73
CA GLU E 39 49.86 -37.24 30.04
C GLU E 39 48.56 -37.62 29.35
N ILE E 40 47.59 -36.75 29.42
CA ILE E 40 46.29 -36.97 28.78
C ILE E 40 46.41 -37.01 27.25
N ALA E 41 47.48 -36.39 26.75
CA ALA E 41 47.68 -36.25 25.31
C ALA E 41 48.45 -37.44 24.70
N ASN E 42 49.25 -38.10 25.52
CA ASN E 42 50.21 -39.12 25.07
C ASN E 42 49.56 -40.40 24.55
N GLY E 43 48.41 -40.75 25.11
CA GLY E 43 47.65 -41.88 24.64
C GLY E 43 46.18 -41.55 24.61
N TYR E 44 45.34 -42.56 24.63
CA TYR E 44 43.91 -42.30 24.69
C TYR E 44 43.49 -41.88 26.10
N SER E 45 42.22 -41.55 26.27
CA SER E 45 41.72 -41.04 27.54
C SER E 45 40.21 -41.15 27.61
N ASN E 46 39.62 -40.68 28.71
CA ASN E 46 38.18 -40.82 28.90
C ASN E 46 37.44 -39.57 28.51
N LEU E 47 38.00 -38.86 27.53
CA LEU E 47 37.53 -37.53 27.16
C LEU E 47 36.02 -37.40 27.19
N GLU E 48 35.37 -38.10 26.27
CA GLU E 48 33.91 -38.24 26.27
C GLU E 48 33.58 -39.67 26.66
N TYR E 49 33.64 -39.98 27.95
CA TYR E 49 33.42 -41.35 28.42
C TYR E 49 33.14 -41.47 29.92
N ASN E 50 32.19 -42.33 30.25
CA ASN E 50 31.86 -42.61 31.63
C ASN E 50 32.39 -44.00 31.91
N LEU E 51 33.42 -44.09 32.73
CA LEU E 51 34.02 -45.38 33.08
C LEU E 51 33.13 -46.20 34.02
N GLU E 52 32.30 -45.50 34.79
CA GLU E 52 31.35 -46.12 35.71
C GLU E 52 30.26 -46.85 34.92
N GLU E 53 29.66 -46.14 33.96
CA GLU E 53 28.51 -46.63 33.22
C GLU E 53 28.85 -47.39 31.92
N GLY E 54 30.09 -47.28 31.46
CA GLY E 54 30.51 -47.91 30.21
C GLY E 54 29.91 -47.31 28.94
N LYS E 55 29.67 -45.99 28.97
CA LYS E 55 29.12 -45.28 27.81
C LYS E 55 29.72 -43.86 27.65
N ARG E 56 29.25 -43.14 26.64
CA ARG E 56 29.69 -41.76 26.36
C ARG E 56 29.29 -40.81 27.50
N GLY E 57 30.02 -39.72 27.67
CA GLY E 57 29.75 -38.78 28.75
C GLY E 57 30.14 -37.34 28.47
N SER E 58 29.80 -36.44 29.41
CA SER E 58 30.10 -35.01 29.30
C SER E 58 31.52 -34.68 29.76
N ARG E 59 32.23 -33.89 28.98
CA ARG E 59 33.63 -33.66 29.23
C ARG E 59 33.89 -32.55 30.25
N ILE E 60 33.01 -31.55 30.26
CA ILE E 60 33.19 -30.35 31.07
C ILE E 60 32.72 -30.53 32.52
N ALA E 61 31.82 -31.48 32.70
CA ALA E 61 31.15 -31.68 33.97
C ALA E 61 32.05 -31.42 35.17
N HIS E 62 33.33 -31.77 35.04
CA HIS E 62 34.24 -31.65 36.17
C HIS E 62 34.75 -30.21 36.33
N ILE E 63 35.28 -29.63 35.26
CA ILE E 63 35.56 -28.20 35.28
C ILE E 63 34.42 -27.43 35.94
N GLU E 64 33.22 -27.56 35.37
CA GLU E 64 32.04 -26.88 35.90
C GLU E 64 31.98 -26.97 37.44
N LYS E 65 32.10 -28.18 37.97
CA LYS E 65 31.92 -28.37 39.40
C LYS E 65 32.92 -27.52 40.19
N TYR E 66 34.15 -27.44 39.69
CA TYR E 66 35.18 -26.62 40.32
C TYR E 66 34.82 -25.15 40.29
N LEU E 67 34.32 -24.67 39.15
CA LEU E 67 33.96 -23.25 38.96
C LEU E 67 32.74 -22.82 39.75
N ASN E 68 31.67 -23.62 39.66
CA ASN E 68 30.50 -23.44 40.49
C ASN E 68 30.82 -23.27 41.97
N GLU E 69 31.75 -24.10 42.48
CA GLU E 69 32.17 -24.06 43.88
C GLU E 69 33.01 -22.83 44.20
N LEU E 70 34.09 -22.64 43.46
CA LEU E 70 35.01 -21.55 43.71
C LEU E 70 34.37 -20.17 43.59
N THR E 71 33.48 -20.01 42.61
CA THR E 71 32.90 -18.71 42.27
C THR E 71 31.60 -18.49 43.01
N GLY E 72 30.82 -19.56 43.11
CA GLY E 72 29.59 -19.53 43.87
C GLY E 72 28.39 -19.39 42.99
N ALA E 73 28.56 -19.67 41.70
CA ALA E 73 27.46 -19.55 40.76
C ALA E 73 26.60 -20.80 40.75
N GLU E 74 25.37 -20.65 40.28
CA GLU E 74 24.47 -21.78 40.08
C GLU E 74 25.07 -22.77 39.10
N SER E 75 25.38 -22.30 37.90
CA SER E 75 25.95 -23.14 36.86
C SER E 75 27.12 -22.42 36.19
N SER E 76 27.83 -23.12 35.31
CA SER E 76 28.87 -22.49 34.52
C SER E 76 29.10 -23.23 33.20
N PHE E 77 29.99 -22.68 32.38
CA PHE E 77 30.26 -23.22 31.05
C PHE E 77 31.59 -22.70 30.61
N VAL E 78 32.26 -23.44 29.75
CA VAL E 78 33.55 -23.02 29.22
C VAL E 78 33.61 -23.23 27.68
N VAL E 79 34.06 -22.20 26.98
CA VAL E 79 34.18 -22.26 25.54
C VAL E 79 35.58 -21.82 25.14
N ASN E 80 35.85 -21.88 23.84
CA ASN E 80 37.18 -21.67 23.27
C ASN E 80 37.99 -20.51 23.82
N ASN E 81 37.36 -19.34 23.86
CA ASN E 81 37.97 -18.13 24.43
C ASN E 81 36.91 -17.08 24.79
N ASN E 82 37.32 -16.00 25.47
CA ASN E 82 36.32 -15.06 25.95
C ASN E 82 35.62 -14.30 24.83
N ALA E 83 36.31 -14.08 23.71
CA ALA E 83 35.68 -13.45 22.56
C ALA E 83 34.43 -14.23 22.21
N GLY E 84 34.63 -15.54 22.10
CA GLY E 84 33.56 -16.48 21.83
C GLY E 84 32.53 -16.53 22.93
N ALA E 85 32.97 -16.44 24.19
CA ALA E 85 32.02 -16.37 25.31
C ALA E 85 31.08 -15.19 25.12
N VAL E 86 31.65 -14.05 24.78
CA VAL E 86 30.89 -12.83 24.57
C VAL E 86 29.95 -13.03 23.40
N PHE E 87 30.51 -13.55 22.33
CA PHE E 87 29.72 -13.78 21.13
C PHE E 87 28.55 -14.68 21.43
N LEU E 88 28.80 -15.70 22.22
CA LEU E 88 27.82 -16.72 22.49
C LEU E 88 26.77 -16.22 23.47
N VAL E 89 27.19 -15.39 24.41
CA VAL E 89 26.24 -14.85 25.38
C VAL E 89 25.24 -13.99 24.66
N LEU E 90 25.74 -13.08 23.81
CA LEU E 90 24.88 -12.17 23.04
C LEU E 90 24.02 -12.85 21.97
N ASN E 91 24.57 -13.81 21.21
CA ASN E 91 23.77 -14.52 20.20
C ASN E 91 22.67 -15.38 20.84
N THR E 92 22.97 -15.94 22.01
CA THR E 92 21.98 -16.73 22.72
C THR E 92 20.88 -15.86 23.30
N LEU E 93 21.24 -14.85 24.10
CA LEU E 93 20.24 -14.10 24.84
C LEU E 93 19.65 -12.84 24.16
N ALA E 94 20.31 -12.30 23.13
CA ALA E 94 19.94 -10.98 22.66
C ALA E 94 19.84 -10.89 21.14
N GLU E 95 19.83 -12.02 20.46
CA GLU E 95 19.68 -11.97 19.03
C GLU E 95 18.42 -11.22 18.72
N GLY E 96 18.56 -10.16 17.92
CA GLY E 96 17.42 -9.40 17.49
C GLY E 96 17.00 -8.40 18.52
N LYS E 97 17.56 -8.53 19.71
CA LYS E 97 17.15 -7.64 20.78
C LYS E 97 18.25 -6.63 21.10
N GLU E 98 17.95 -5.67 21.98
CA GLU E 98 18.89 -4.61 22.34
C GLU E 98 19.71 -4.94 23.60
N VAL E 99 20.96 -4.51 23.59
CA VAL E 99 21.87 -4.68 24.73
C VAL E 99 22.44 -3.33 25.09
N ILE E 100 22.07 -2.82 26.26
CA ILE E 100 22.59 -1.54 26.74
C ILE E 100 24.04 -1.67 27.20
N ILE E 101 24.88 -0.74 26.78
CA ILE E 101 26.28 -0.76 27.17
C ILE E 101 26.81 0.67 27.13
N SER E 102 27.67 1.00 28.09
CA SER E 102 28.27 2.33 28.21
C SER E 102 29.12 2.67 27.00
N ARG E 103 29.05 3.94 26.61
CA ARG E 103 29.76 4.45 25.44
C ARG E 103 31.26 4.44 25.67
N GLY E 104 31.67 4.20 26.92
CA GLY E 104 33.06 4.11 27.27
C GLY E 104 33.57 2.69 27.46
N GLU E 105 32.70 1.69 27.33
CA GLU E 105 33.12 0.29 27.44
C GLU E 105 33.10 -0.48 26.09
N LEU E 106 32.97 0.24 24.99
CA LEU E 106 33.01 -0.37 23.68
C LEU E 106 34.47 -0.46 23.32
N VAL E 107 35.10 -1.58 23.65
CA VAL E 107 36.55 -1.67 23.64
C VAL E 107 37.13 -2.43 22.47
N GLU E 108 38.42 -2.22 22.21
CA GLU E 108 39.19 -3.07 21.31
C GLU E 108 40.23 -3.78 22.15
N ILE E 109 40.15 -5.11 22.25
CA ILE E 109 41.21 -5.88 22.91
C ILE E 109 41.89 -6.68 21.80
N GLY E 110 43.21 -6.72 21.79
CA GLY E 110 43.89 -7.36 20.68
C GLY E 110 43.74 -6.55 19.40
N GLY E 111 44.00 -7.18 18.26
CA GLY E 111 43.88 -6.49 16.99
C GLY E 111 42.53 -6.77 16.34
N SER E 112 42.03 -7.97 16.59
CA SER E 112 40.85 -8.42 15.87
C SER E 112 39.58 -8.41 16.71
N PHE E 113 39.65 -7.90 17.93
CA PHE E 113 38.45 -7.93 18.79
C PHE E 113 37.91 -6.56 19.19
N ARG E 114 36.72 -6.25 18.69
CA ARG E 114 36.08 -5.00 19.00
C ARG E 114 34.66 -5.29 19.42
N ILE E 115 34.27 -4.82 20.61
CA ILE E 115 32.94 -5.15 21.13
C ILE E 115 31.87 -4.87 20.10
N PRO E 116 31.84 -3.67 19.54
CA PRO E 116 30.69 -3.46 18.68
C PRO E 116 30.69 -4.33 17.42
N ASP E 117 31.87 -4.77 16.98
CA ASP E 117 31.98 -5.53 15.73
C ASP E 117 31.46 -6.91 15.95
N ILE E 118 31.82 -7.48 17.09
CA ILE E 118 31.44 -8.83 17.37
C ILE E 118 30.07 -8.89 17.99
N MSE E 119 29.59 -7.76 18.50
CA MSE E 119 28.22 -7.72 18.94
C MSE E 119 27.31 -7.68 17.74
O MSE E 119 26.23 -8.27 17.74
CB MSE E 119 27.95 -6.52 19.83
CG MSE E 119 26.48 -6.38 20.11
SE MSE E 119 26.08 -5.01 21.41
CE MSE E 119 27.82 -4.96 22.29
N LYS E 120 27.73 -6.97 16.71
CA LYS E 120 26.93 -6.83 15.52
C LYS E 120 26.78 -8.21 14.91
N LYS E 121 27.88 -8.97 14.91
CA LYS E 121 27.91 -10.24 14.21
C LYS E 121 27.11 -11.30 14.95
N SER E 122 26.79 -10.97 16.19
CA SER E 122 26.06 -11.86 17.07
C SER E 122 24.58 -11.76 16.78
N GLY E 123 24.17 -10.65 16.20
CA GLY E 123 22.78 -10.44 15.91
C GLY E 123 22.12 -9.54 16.93
N ALA E 124 22.86 -9.21 17.97
CA ALA E 124 22.35 -8.33 19.00
C ALA E 124 22.42 -6.88 18.51
N ILE E 125 21.55 -6.05 19.07
CA ILE E 125 21.49 -4.65 18.67
C ILE E 125 22.07 -3.77 19.77
N LEU E 126 23.17 -3.11 19.46
CA LEU E 126 23.89 -2.29 20.42
C LEU E 126 23.16 -1.00 20.73
N ARG E 127 22.80 -0.81 22.00
CA ARG E 127 22.32 0.51 22.42
C ARG E 127 23.32 1.15 23.40
N GLU E 128 24.13 2.05 22.85
CA GLU E 128 25.19 2.72 23.58
C GLU E 128 24.73 3.98 24.29
N VAL E 129 25.04 4.04 25.58
CA VAL E 129 24.58 5.12 26.42
C VAL E 129 25.73 5.86 27.13
N GLY E 130 25.43 7.03 27.69
CA GLY E 130 26.42 7.84 28.38
C GLY E 130 27.39 8.53 27.45
N THR E 131 28.61 8.73 27.91
CA THR E 131 29.67 9.34 27.11
C THR E 131 30.93 8.51 27.25
N THR E 132 31.95 8.87 26.47
CA THR E 132 33.25 8.23 26.56
C THR E 132 33.70 8.17 28.01
N ASN E 133 33.89 9.34 28.62
CA ASN E 133 34.52 9.44 29.93
C ASN E 133 33.60 9.36 31.14
N LYS E 134 32.36 9.82 31.02
CA LYS E 134 31.42 9.70 32.15
C LYS E 134 30.15 8.95 31.76
N THR E 135 29.75 7.97 32.56
CA THR E 135 28.48 7.30 32.34
C THR E 135 27.78 7.03 33.66
N LYS E 136 26.54 7.46 33.73
CA LYS E 136 25.82 7.45 34.98
C LYS E 136 24.75 6.40 34.89
N VAL E 137 24.07 6.14 35.99
CA VAL E 137 23.03 5.13 36.03
C VAL E 137 21.85 5.51 35.16
N SER E 138 21.51 6.79 35.14
CA SER E 138 20.37 7.25 34.37
C SER E 138 20.53 6.91 32.88
N ASP E 139 21.79 6.82 32.43
CA ASP E 139 22.08 6.48 31.03
C ASP E 139 21.62 5.07 30.71
N TYR E 140 21.76 4.17 31.68
CA TYR E 140 21.30 2.80 31.49
C TYR E 140 19.77 2.78 31.49
N GLU E 141 19.19 3.30 32.55
CA GLU E 141 17.75 3.28 32.72
C GLU E 141 17.05 3.87 31.51
N GLY E 142 17.54 5.03 31.08
CA GLY E 142 16.94 5.78 29.99
C GLY E 142 16.80 5.04 28.65
N ALA E 143 17.72 4.13 28.38
CA ALA E 143 17.71 3.36 27.13
C ALA E 143 16.90 2.07 27.21
N ILE E 144 16.25 1.84 28.34
CA ILE E 144 15.52 0.60 28.51
C ILE E 144 14.18 0.71 27.83
N ASN E 145 13.78 -0.37 27.16
CA ASN E 145 12.49 -0.45 26.46
C ASN E 145 11.98 -1.88 26.30
N GLN E 146 10.96 -2.05 25.47
CA GLN E 146 10.36 -3.36 25.26
C GLN E 146 11.36 -4.35 24.65
N ASN E 147 12.29 -3.84 23.85
CA ASN E 147 13.26 -4.71 23.17
C ASN E 147 14.58 -4.92 23.90
N THR E 148 14.77 -4.26 25.03
CA THR E 148 15.99 -4.44 25.81
C THR E 148 16.10 -5.83 26.39
N ALA E 149 17.11 -6.59 25.96
CA ALA E 149 17.30 -7.96 26.44
C ALA E 149 18.46 -8.13 27.44
N LEU E 150 19.27 -7.11 27.62
CA LEU E 150 20.51 -7.33 28.34
C LEU E 150 21.19 -6.03 28.77
N LEU E 151 21.57 -5.97 30.05
CA LEU E 151 22.40 -4.89 30.58
C LEU E 151 23.84 -5.39 30.71
N MSE E 152 24.72 -4.86 29.88
CA MSE E 152 26.08 -5.38 29.75
C MSE E 152 27.12 -4.37 30.21
O MSE E 152 27.02 -3.16 29.95
CB MSE E 152 26.34 -5.81 28.31
CG MSE E 152 27.75 -6.29 28.02
SE MSE E 152 27.90 -6.92 26.18
CE MSE E 152 29.79 -7.42 26.21
N LYS E 153 28.10 -4.88 30.94
CA LYS E 153 29.20 -4.05 31.37
C LYS E 153 30.47 -4.71 30.93
N VAL E 154 31.39 -3.96 30.35
CA VAL E 154 32.67 -4.51 29.96
C VAL E 154 33.79 -3.88 30.75
N HIS E 155 34.62 -4.72 31.34
CA HIS E 155 35.76 -4.25 32.10
C HIS E 155 36.90 -3.81 31.18
N LYS E 156 37.38 -2.59 31.39
CA LYS E 156 38.44 -2.07 30.56
C LYS E 156 39.74 -2.77 30.91
N SER E 157 40.11 -3.83 30.19
CA SER E 157 41.29 -4.58 30.58
C SER E 157 42.64 -4.05 30.07
N ASN E 158 42.70 -3.56 28.83
CA ASN E 158 44.00 -3.19 28.23
C ASN E 158 44.32 -1.68 28.13
N PHE E 159 43.53 -0.86 28.80
CA PHE E 159 43.79 0.57 28.83
C PHE E 159 43.05 1.15 30.02
N TYR E 160 43.29 2.42 30.34
CA TYR E 160 42.52 3.08 31.39
C TYR E 160 42.35 4.56 31.11
N MSE E 161 41.40 5.15 31.85
CA MSE E 161 41.10 6.56 31.69
C MSE E 161 41.44 7.33 32.97
O MSE E 161 41.27 6.80 34.06
CB MSE E 161 39.65 6.76 31.32
CG MSE E 161 39.40 6.61 29.85
SE MSE E 161 37.53 6.87 29.37
CE MSE E 161 36.72 6.00 30.94
N GLU E 162 41.93 8.55 32.81
CA GLU E 162 42.15 9.43 33.96
C GLU E 162 41.68 10.84 33.66
N GLY E 163 41.30 11.53 34.72
CA GLY E 163 40.71 12.84 34.61
C GLY E 163 39.27 12.80 35.05
N PHE E 164 38.46 13.70 34.55
CA PHE E 164 37.06 13.71 34.92
C PHE E 164 36.37 12.47 34.38
N VAL E 165 36.20 11.49 35.26
CA VAL E 165 35.61 10.22 34.89
C VAL E 165 34.54 9.77 35.87
N GLU E 166 33.59 9.00 35.36
CA GLU E 166 32.49 8.45 36.14
C GLU E 166 32.10 7.13 35.51
N GLU E 167 31.59 6.21 36.32
CA GLU E 167 31.23 4.88 35.87
C GLU E 167 30.14 4.43 36.79
N VAL E 168 29.28 3.54 36.33
CA VAL E 168 28.22 3.07 37.20
C VAL E 168 28.78 1.95 38.02
N LYS E 169 28.46 1.97 39.32
CA LYS E 169 28.85 0.88 40.21
C LYS E 169 28.03 -0.36 39.86
N LEU E 170 28.66 -1.51 39.94
CA LEU E 170 27.97 -2.73 39.55
C LEU E 170 26.68 -2.94 40.32
N GLU E 171 26.70 -2.66 41.62
CA GLU E 171 25.49 -2.76 42.45
C GLU E 171 24.31 -2.06 41.80
N ASP E 172 24.50 -0.79 41.45
CA ASP E 172 23.47 0.04 40.82
C ASP E 172 22.91 -0.68 39.61
N LEU E 173 23.81 -1.28 38.84
CA LEU E 173 23.44 -1.97 37.61
C LEU E 173 22.57 -3.20 37.92
N VAL E 174 23.02 -4.01 38.87
CA VAL E 174 22.25 -5.17 39.31
C VAL E 174 20.90 -4.71 39.85
N LYS E 175 20.91 -3.68 40.70
CA LYS E 175 19.65 -3.12 41.22
C LYS E 175 18.75 -2.79 40.04
N LEU E 176 19.33 -2.12 39.05
CA LEU E 176 18.62 -1.68 37.86
C LEU E 176 18.13 -2.85 37.02
N GLY E 177 18.96 -3.87 36.87
CA GLY E 177 18.55 -5.10 36.24
C GLY E 177 17.36 -5.72 36.95
N HIS E 178 17.50 -5.98 38.25
CA HIS E 178 16.40 -6.54 39.03
C HIS E 178 15.13 -5.75 38.75
N LYS E 179 15.24 -4.43 38.80
CA LYS E 179 14.07 -3.55 38.69
C LYS E 179 13.21 -3.86 37.45
N TYR E 180 13.82 -3.84 36.27
CA TYR E 180 13.08 -4.06 35.02
C TYR E 180 13.18 -5.51 34.55
N GLY E 181 13.71 -6.37 35.43
CA GLY E 181 13.86 -7.79 35.16
C GLY E 181 14.71 -8.06 33.93
N ILE E 182 15.77 -7.27 33.74
CA ILE E 182 16.73 -7.46 32.67
C ILE E 182 18.01 -8.07 33.24
N PRO E 183 18.47 -9.18 32.66
CA PRO E 183 19.68 -9.84 33.14
C PRO E 183 20.93 -8.97 32.95
N THR E 184 21.89 -9.13 33.85
CA THR E 184 23.15 -8.41 33.78
C THR E 184 24.28 -9.31 33.34
N TYR E 185 25.10 -8.83 32.43
CA TYR E 185 26.22 -9.61 31.95
C TYR E 185 27.47 -8.78 32.11
N TYR E 186 28.45 -9.35 32.83
CA TYR E 186 29.74 -8.69 33.02
C TYR E 186 30.85 -9.44 32.31
N ASP E 187 31.40 -8.81 31.28
CA ASP E 187 32.63 -9.29 30.70
C ASP E 187 33.75 -8.71 31.52
N ALA E 188 34.19 -9.46 32.54
CA ALA E 188 35.30 -9.07 33.38
C ALA E 188 36.60 -9.18 32.60
N GLY E 189 36.67 -10.15 31.71
CA GLY E 189 37.77 -10.23 30.77
C GLY E 189 39.09 -10.73 31.33
N SER E 190 39.45 -10.30 32.53
CA SER E 190 40.72 -10.70 33.12
C SER E 190 40.60 -12.09 33.70
N GLY E 191 39.38 -12.52 33.97
CA GLY E 191 39.15 -13.84 34.50
C GLY E 191 39.86 -14.09 35.81
N LEU E 192 39.82 -13.10 36.69
CA LEU E 192 40.35 -13.25 38.02
C LEU E 192 39.38 -14.14 38.77
N LEU E 193 39.90 -15.11 39.50
CA LEU E 193 39.05 -16.05 40.22
C LEU E 193 38.60 -15.53 41.60
N ILE E 194 39.54 -15.01 42.37
CA ILE E 194 39.29 -14.57 43.72
C ILE E 194 39.84 -13.16 43.96
N ASN E 195 39.57 -12.60 45.14
CA ASN E 195 40.06 -11.28 45.52
C ASN E 195 41.59 -11.25 45.62
N LEU E 196 42.20 -10.21 45.04
CA LEU E 196 43.65 -10.06 44.98
C LEU E 196 44.28 -9.75 46.33
N LYS E 197 43.62 -8.88 47.08
CA LYS E 197 44.14 -8.34 48.31
C LYS E 197 44.47 -9.46 49.29
N GLU E 198 43.94 -10.64 48.99
CA GLU E 198 44.27 -11.86 49.71
C GLU E 198 45.76 -12.16 49.62
N PHE E 199 46.37 -11.85 48.47
CA PHE E 199 47.79 -12.12 48.24
C PHE E 199 48.71 -10.95 48.57
N GLY E 200 48.17 -9.91 49.18
CA GLY E 200 48.98 -8.74 49.53
C GLY E 200 49.13 -7.76 48.39
N ILE E 201 48.39 -8.02 47.31
CA ILE E 201 48.35 -7.12 46.17
C ILE E 201 47.05 -6.32 46.24
N SER E 202 47.15 -5.04 46.61
CA SER E 202 45.96 -4.18 46.70
C SER E 202 45.54 -3.54 45.36
N VAL E 203 44.36 -3.92 44.89
CA VAL E 203 43.86 -3.50 43.59
C VAL E 203 42.37 -3.76 43.48
N ASP E 204 41.70 -2.97 42.64
CA ASP E 204 40.24 -3.03 42.53
C ASP E 204 39.73 -3.99 41.46
N GLU E 205 40.64 -4.65 40.76
CA GLU E 205 40.27 -5.56 39.68
C GLU E 205 39.16 -6.52 40.10
N PRO E 206 38.10 -6.61 39.28
CA PRO E 206 36.98 -7.49 39.62
C PRO E 206 37.33 -8.98 39.48
N ASN E 207 36.67 -9.82 40.27
CA ASN E 207 36.88 -11.26 40.23
C ASN E 207 35.54 -11.97 40.13
N PHE E 208 35.57 -13.25 39.77
CA PHE E 208 34.36 -14.03 39.60
C PHE E 208 33.54 -14.12 40.87
N ARG E 209 34.14 -14.76 41.86
CA ARG E 209 33.53 -14.92 43.17
C ARG E 209 32.76 -13.68 43.59
N ASP E 210 33.47 -12.56 43.68
CA ASP E 210 32.88 -11.34 44.21
C ASP E 210 31.79 -10.77 43.31
N CYS E 211 32.01 -10.79 42.00
CA CYS E 211 31.02 -10.27 41.10
C CYS E 211 29.78 -11.15 41.08
N ILE E 212 29.96 -12.45 41.33
CA ILE E 212 28.79 -13.33 41.32
C ILE E 212 27.90 -13.06 42.50
N SER E 213 28.53 -12.78 43.64
CA SER E 213 27.80 -12.62 44.89
C SER E 213 27.14 -11.25 44.96
N LEU E 214 27.57 -10.39 44.05
CA LEU E 214 26.92 -9.10 43.81
C LEU E 214 25.56 -9.25 43.11
N GLY E 215 25.36 -10.38 42.46
CA GLY E 215 24.09 -10.65 41.82
C GLY E 215 24.14 -10.40 40.33
N ILE E 216 25.33 -10.42 39.75
CA ILE E 216 25.47 -10.33 38.30
C ILE E 216 25.03 -11.66 37.72
N ASP E 217 24.09 -11.63 36.79
CA ASP E 217 23.48 -12.87 36.33
C ASP E 217 24.45 -13.74 35.52
N LEU E 218 25.47 -13.13 34.94
CA LEU E 218 26.44 -13.85 34.13
C LEU E 218 27.75 -13.11 34.14
N VAL E 219 28.85 -13.84 34.28
CA VAL E 219 30.17 -13.21 34.26
C VAL E 219 31.08 -14.03 33.37
N SER E 220 31.80 -13.39 32.46
CA SER E 220 32.79 -14.12 31.67
C SER E 220 34.18 -13.52 31.79
N GLY E 221 35.17 -14.31 31.37
CA GLY E 221 36.53 -13.86 31.37
C GLY E 221 37.40 -14.89 30.69
N SER E 222 38.59 -14.46 30.31
CA SER E 222 39.60 -15.29 29.68
C SER E 222 40.27 -16.20 30.66
N GLY E 223 40.83 -17.30 30.14
CA GLY E 223 41.50 -18.28 30.96
C GLY E 223 43.00 -18.12 31.04
N ASP E 224 43.57 -17.36 30.11
CA ASP E 224 45.02 -17.19 30.04
C ASP E 224 45.50 -15.81 30.48
N1 LLP E 225 36.81 -8.82 26.60
C2 LLP E 225 37.64 -8.42 27.60
C2' LLP E 225 37.18 -7.32 28.60
C3 LLP E 225 38.91 -8.96 27.75
O3 LLP E 225 39.71 -8.51 28.80
C4 LLP E 225 39.36 -9.95 26.87
C4' LLP E 225 40.76 -10.58 27.00
C5 LLP E 225 38.49 -10.34 25.84
C6 LLP E 225 37.21 -9.78 25.72
C5' LLP E 225 38.90 -11.44 24.82
OP4 LLP E 225 39.67 -12.44 25.38
P LLP E 225 40.02 -13.78 24.63
OP1 LLP E 225 38.97 -14.02 23.53
OP2 LLP E 225 39.93 -14.90 25.64
OP3 LLP E 225 41.47 -13.70 24.10
N LLP E 225 44.68 -15.12 31.28
CA LLP E 225 45.10 -13.85 31.81
CB LLP E 225 44.09 -12.72 31.43
CG LLP E 225 44.35 -11.91 30.13
CD LLP E 225 42.95 -11.54 29.51
CE LLP E 225 42.93 -10.81 28.17
NZ LLP E 225 41.63 -10.21 28.00
C LLP E 225 45.33 -13.95 33.27
O LLP E 225 46.31 -14.63 33.69
N LEU E 226 44.50 -13.31 34.09
CA LEU E 226 44.75 -13.31 35.53
C LEU E 226 44.36 -14.62 36.21
N LEU E 227 43.74 -15.53 35.47
CA LEU E 227 43.47 -16.82 36.05
C LEU E 227 44.75 -17.64 36.04
N GLY E 228 45.63 -17.35 35.07
CA GLY E 228 46.92 -18.01 34.94
C GLY E 228 46.82 -19.40 34.36
N GLY E 229 45.80 -19.63 33.55
CA GLY E 229 45.58 -20.95 32.98
C GLY E 229 45.72 -21.03 31.46
N PRO E 230 45.06 -22.02 30.85
CA PRO E 230 45.13 -22.13 29.39
C PRO E 230 44.04 -21.27 28.74
N GLN E 231 44.13 -21.05 27.44
CA GLN E 231 43.19 -20.14 26.82
C GLN E 231 41.79 -20.71 27.01
N ALA E 232 40.85 -19.87 27.38
CA ALA E 232 39.50 -20.36 27.58
C ALA E 232 38.51 -19.22 27.76
N GLY E 233 37.27 -19.48 27.38
CA GLY E 233 36.19 -18.55 27.66
C GLY E 233 35.33 -19.07 28.78
N ILE E 234 35.40 -18.41 29.94
CA ILE E 234 34.76 -18.92 31.14
C ILE E 234 33.52 -18.15 31.53
N ILE E 235 32.39 -18.85 31.58
CA ILE E 235 31.10 -18.22 31.80
C ILE E 235 30.48 -18.81 33.05
N VAL E 236 30.00 -17.95 33.94
CA VAL E 236 29.41 -18.44 35.19
C VAL E 236 28.21 -17.61 35.58
N GLY E 237 27.22 -18.24 36.22
CA GLY E 237 26.04 -17.52 36.67
C GLY E 237 24.77 -18.33 36.73
N LYS E 238 23.63 -17.67 36.50
CA LYS E 238 22.31 -18.28 36.62
C LYS E 238 22.12 -19.49 35.71
N LYS E 239 21.69 -20.62 36.27
CA LYS E 239 21.55 -21.87 35.54
C LYS E 239 20.67 -21.78 34.29
N ASN E 240 19.50 -21.15 34.42
CA ASN E 240 18.55 -21.05 33.31
C ASN E 240 19.16 -20.38 32.09
N LEU E 241 20.13 -19.49 32.31
CA LEU E 241 20.83 -18.81 31.22
C LEU E 241 21.90 -19.70 30.61
N ILE E 242 22.74 -20.27 31.48
CA ILE E 242 23.80 -21.17 31.05
C ILE E 242 23.21 -22.29 30.24
N GLU E 243 22.11 -22.85 30.73
CA GLU E 243 21.43 -23.88 29.98
C GLU E 243 21.18 -23.36 28.58
N LYS E 244 20.53 -22.20 28.46
CA LYS E 244 20.23 -21.64 27.14
C LYS E 244 21.48 -21.49 26.27
N ILE E 245 22.58 -21.13 26.91
CA ILE E 245 23.84 -20.96 26.20
C ILE E 245 24.37 -22.29 25.75
N LYS E 246 24.34 -23.27 26.64
CA LYS E 246 24.87 -24.59 26.34
C LYS E 246 24.16 -25.29 25.17
N LYS E 247 22.90 -24.94 24.95
CA LYS E 247 22.07 -25.61 23.94
C LYS E 247 22.12 -24.96 22.57
N ASN E 248 22.81 -23.82 22.48
CA ASN E 248 23.07 -23.15 21.21
C ASN E 248 24.06 -23.94 20.35
N PRO E 249 23.65 -24.29 19.13
CA PRO E 249 24.51 -25.10 18.29
C PRO E 249 25.84 -24.45 18.06
N ILE E 250 25.91 -23.13 18.15
CA ILE E 250 27.18 -22.48 17.92
C ILE E 250 28.17 -22.94 18.98
N ALA E 251 27.64 -23.26 20.15
CA ALA E 251 28.47 -23.65 21.27
C ALA E 251 29.37 -24.83 20.92
N ARG E 252 28.94 -25.66 19.99
CA ARG E 252 29.77 -26.77 19.57
C ARG E 252 30.93 -26.29 18.70
N ALA E 253 30.72 -25.17 18.00
CA ALA E 253 31.78 -24.55 17.22
C ALA E 253 32.84 -23.96 18.14
N LEU E 254 32.45 -23.71 19.39
CA LEU E 254 33.34 -23.08 20.35
C LEU E 254 33.92 -24.06 21.36
N ARG E 255 33.64 -25.34 21.18
CA ARG E 255 33.93 -26.34 22.19
C ARG E 255 35.42 -26.49 22.44
N ILE E 256 35.81 -26.46 23.72
CA ILE E 256 37.23 -26.53 24.10
C ILE E 256 37.88 -27.88 23.86
N ASP E 257 39.15 -27.85 23.47
CA ASP E 257 39.92 -29.05 23.09
C ASP E 257 40.43 -29.82 24.30
N LYS E 258 40.73 -31.08 24.12
CA LYS E 258 41.19 -31.94 25.22
C LYS E 258 42.37 -31.33 26.01
N LEU E 259 43.29 -30.68 25.34
CA LEU E 259 44.44 -30.07 25.99
C LEU E 259 44.05 -28.96 26.96
N THR E 260 43.38 -27.92 26.47
CA THR E 260 42.93 -26.87 27.38
C THR E 260 42.08 -27.48 28.51
N LEU E 261 41.16 -28.35 28.16
CA LEU E 261 40.28 -28.95 29.16
C LEU E 261 41.07 -29.53 30.32
N SER E 262 42.06 -30.35 29.99
CA SER E 262 42.84 -31.01 31.02
C SER E 262 43.65 -29.95 31.73
N GLY E 263 44.20 -29.02 30.96
CA GLY E 263 45.04 -27.97 31.51
C GLY E 263 44.27 -27.12 32.52
N LEU E 264 43.06 -26.76 32.12
CA LEU E 264 42.18 -25.95 32.94
C LEU E 264 41.80 -26.69 34.23
N GLU E 265 41.47 -27.97 34.09
CA GLU E 265 41.08 -28.79 35.22
C GLU E 265 42.17 -28.78 36.28
N MSE E 266 43.41 -29.00 35.85
CA MSE E 266 44.55 -28.97 36.76
C MSE E 266 44.73 -27.59 37.39
O MSE E 266 45.06 -27.47 38.56
CB MSE E 266 45.82 -29.36 36.03
CG MSE E 266 46.97 -29.66 36.96
SE MSE E 266 46.47 -31.07 38.20
CE MSE E 266 47.73 -30.58 39.63
N THR E 267 44.53 -26.56 36.58
CA THR E 267 44.67 -25.18 37.04
C THR E 267 43.68 -24.87 38.16
N LEU E 268 42.41 -25.22 37.94
CA LEU E 268 41.37 -25.04 38.96
C LEU E 268 41.61 -25.89 40.21
N LYS E 269 42.20 -27.07 40.04
CA LYS E 269 42.48 -27.95 41.16
C LYS E 269 43.47 -27.25 42.10
N LEU E 270 44.49 -26.62 41.53
CA LEU E 270 45.42 -25.83 42.32
C LEU E 270 44.67 -24.75 43.11
N TYR E 271 43.64 -24.20 42.49
CA TYR E 271 42.92 -23.08 43.10
C TYR E 271 42.13 -23.55 44.29
N PHE E 272 41.51 -24.71 44.14
CA PHE E 272 40.73 -25.33 45.18
C PHE E 272 41.66 -25.73 46.33
N GLU E 273 42.86 -26.20 46.02
CA GLU E 273 43.85 -26.54 47.06
C GLU E 273 44.64 -25.31 47.48
N LYS E 274 44.05 -24.12 47.29
CA LYS E 274 44.68 -22.84 47.62
C LYS E 274 46.18 -22.72 47.27
N ARG E 275 46.65 -23.56 46.33
CA ARG E 275 48.06 -23.60 45.90
C ARG E 275 48.42 -22.44 44.99
N TYR E 276 48.14 -21.22 45.43
CA TYR E 276 48.23 -20.06 44.56
C TYR E 276 49.66 -19.82 44.02
N GLU E 277 50.68 -20.23 44.76
CA GLU E 277 52.07 -20.05 44.32
C GLU E 277 52.45 -21.01 43.17
N ASP E 278 51.56 -21.95 42.88
CA ASP E 278 51.86 -22.93 41.85
C ASP E 278 51.29 -22.51 40.49
N ILE E 279 50.67 -21.34 40.45
CA ILE E 279 50.23 -20.78 39.18
C ILE E 279 51.00 -19.50 38.88
N PRO E 280 51.93 -19.60 37.91
CA PRO E 280 52.97 -18.66 37.51
C PRO E 280 52.58 -17.20 37.57
N VAL E 281 51.57 -16.81 36.81
CA VAL E 281 51.17 -15.42 36.81
C VAL E 281 50.89 -14.89 38.22
N ILE E 282 50.26 -15.71 39.06
CA ILE E 282 50.03 -15.30 40.44
C ILE E 282 51.37 -15.18 41.15
N ARG E 283 52.13 -16.27 41.10
CA ARG E 283 53.44 -16.40 41.76
C ARG E 283 54.35 -15.24 41.41
N MSE E 284 54.38 -14.90 40.13
CA MSE E 284 55.24 -13.83 39.66
C MSE E 284 54.84 -12.48 40.24
O MSE E 284 55.70 -11.63 40.48
CB MSE E 284 55.23 -13.77 38.13
CG MSE E 284 55.94 -14.93 37.45
SE MSE E 284 56.06 -14.67 35.52
CE MSE E 284 55.70 -16.52 35.04
N LEU E 285 53.55 -12.28 40.47
CA LEU E 285 53.08 -10.97 40.89
C LEU E 285 53.19 -10.80 42.42
N THR E 286 53.19 -11.92 43.12
CA THR E 286 53.30 -11.89 44.58
C THR E 286 54.72 -12.11 45.09
N GLN E 287 55.66 -12.32 44.17
CA GLN E 287 57.06 -12.56 44.54
C GLN E 287 57.63 -11.62 45.60
N ASP E 288 58.22 -12.22 46.65
CA ASP E 288 58.95 -11.49 47.70
C ASP E 288 60.05 -10.65 47.08
N GLU E 289 60.12 -9.40 47.48
CA GLU E 289 61.15 -8.49 46.95
C GLU E 289 62.56 -9.02 47.23
N LYS E 290 62.70 -9.79 48.32
CA LYS E 290 63.99 -10.40 48.67
C LYS E 290 64.27 -11.62 47.80
N ALA E 291 63.22 -12.37 47.46
CA ALA E 291 63.34 -13.50 46.55
C ALA E 291 63.85 -13.05 45.17
N LEU E 292 63.40 -11.88 44.72
CA LEU E 292 63.86 -11.28 43.46
C LEU E 292 65.33 -10.91 43.56
N ARG E 293 65.70 -10.30 44.68
CA ARG E 293 67.09 -9.94 44.98
C ARG E 293 68.00 -11.17 45.04
N GLN E 294 67.55 -12.18 45.78
CA GLN E 294 68.31 -13.42 45.92
C GLN E 294 68.57 -13.97 44.54
N LYS E 295 67.52 -13.98 43.72
CA LYS E 295 67.60 -14.42 42.33
C LYS E 295 68.56 -13.55 41.48
N ALA E 296 68.46 -12.22 41.66
CA ALA E 296 69.30 -11.27 40.91
C ALA E 296 70.78 -11.50 41.17
N LYS E 297 71.14 -11.67 42.45
CA LYS E 297 72.53 -11.91 42.84
C LYS E 297 73.03 -13.31 42.42
N ARG E 298 72.12 -14.29 42.39
CA ARG E 298 72.45 -15.66 41.98
C ARG E 298 72.87 -15.76 40.51
N LEU E 299 72.28 -14.89 39.70
CA LEU E 299 72.55 -14.81 38.28
C LEU E 299 73.89 -14.12 38.05
N GLU E 300 74.07 -12.99 38.72
CA GLU E 300 75.31 -12.20 38.60
C GLU E 300 76.55 -13.01 38.98
N LYS E 301 76.42 -13.91 39.96
CA LYS E 301 77.52 -14.78 40.35
C LYS E 301 77.95 -15.70 39.19
N LEU E 302 76.99 -16.07 38.34
CA LEU E 302 77.27 -16.93 37.19
C LEU E 302 77.83 -16.19 35.99
N LEU E 303 77.63 -14.86 35.94
CA LEU E 303 78.03 -14.08 34.77
C LEU E 303 79.38 -13.34 34.89
N LYS E 304 79.93 -13.31 36.11
CA LYS E 304 81.20 -12.61 36.39
C LYS E 304 82.34 -13.00 35.44
N ASP E 305 82.48 -14.30 35.20
CA ASP E 305 83.59 -14.87 34.43
C ASP E 305 83.58 -14.57 32.94
N ILE E 306 82.42 -14.15 32.42
CA ILE E 306 82.31 -13.85 31.00
C ILE E 306 83.09 -12.58 30.67
N PRO E 307 83.87 -12.63 29.59
CA PRO E 307 84.68 -11.51 29.10
C PRO E 307 83.86 -10.32 28.60
N GLY E 308 84.43 -9.12 28.73
CA GLY E 308 83.81 -7.91 28.23
C GLY E 308 82.48 -7.60 28.86
N LEU E 309 82.20 -8.26 29.98
CA LEU E 309 80.88 -8.20 30.59
C LEU E 309 80.90 -7.40 31.87
N LYS E 310 80.25 -6.25 31.82
CA LYS E 310 80.02 -5.46 33.01
C LYS E 310 78.65 -5.87 33.53
N ILE E 311 78.58 -6.22 34.82
CA ILE E 311 77.30 -6.61 35.44
C ILE E 311 77.02 -5.84 36.72
N SER E 312 75.79 -5.34 36.82
CA SER E 312 75.34 -4.65 38.03
C SER E 312 74.01 -5.25 38.45
N VAL E 313 73.51 -4.83 39.62
CA VAL E 313 72.16 -5.20 40.04
C VAL E 313 71.44 -3.95 40.57
N ILE E 314 70.33 -3.57 39.92
CA ILE E 314 69.51 -2.44 40.38
C ILE E 314 68.13 -2.85 40.95
N LYS E 315 67.41 -1.87 41.47
CA LYS E 315 66.09 -2.11 42.03
C LYS E 315 65.17 -1.08 41.44
N ASP E 316 64.15 -1.52 40.72
CA ASP E 316 63.24 -0.55 40.09
C ASP E 316 61.76 -0.92 40.09
N LYS E 317 60.93 0.12 40.06
CA LYS E 317 59.48 -0.02 39.93
C LYS E 317 59.14 -0.37 38.49
N ALA E 318 58.37 -1.45 38.30
CA ALA E 318 57.93 -1.89 36.97
C ALA E 318 56.39 -1.94 36.85
N LYS E 319 55.86 -2.12 35.63
CA LYS E 319 54.40 -2.30 35.37
C LYS E 319 54.09 -3.71 34.88
N PRO E 320 54.00 -4.67 35.80
CA PRO E 320 54.06 -6.11 35.53
C PRO E 320 52.90 -6.70 34.75
N GLY E 321 51.71 -6.14 34.88
CA GLY E 321 50.52 -6.67 34.22
C GLY E 321 50.19 -5.92 32.94
N GLY E 322 50.31 -6.58 31.79
CA GLY E 322 50.12 -5.90 30.53
C GLY E 322 48.67 -5.82 30.10
N GLY E 323 48.05 -6.98 29.92
CA GLY E 323 46.68 -7.07 29.47
C GLY E 323 45.68 -7.32 30.58
N SER E 324 46.00 -6.80 31.75
CA SER E 324 45.04 -6.91 32.84
C SER E 324 45.08 -5.75 33.84
N LEU E 325 46.25 -5.49 34.43
CA LEU E 325 46.28 -4.51 35.50
C LEU E 325 47.15 -3.30 35.13
N PRO E 326 46.77 -2.60 34.05
CA PRO E 326 47.70 -1.61 33.48
C PRO E 326 48.14 -0.54 34.48
N GLU E 327 47.30 -0.24 35.48
CA GLU E 327 47.67 0.77 36.46
C GLU E 327 48.78 0.29 37.44
N LEU E 328 48.77 -0.99 37.80
CA LEU E 328 49.64 -1.51 38.85
C LEU E 328 51.15 -1.35 38.62
N GLU E 329 51.87 -0.81 39.61
CA GLU E 329 53.34 -0.71 39.61
C GLU E 329 53.96 -1.41 40.81
N LEU E 330 55.02 -2.19 40.58
CA LEU E 330 55.66 -2.94 41.66
C LEU E 330 57.20 -2.86 41.57
N PRO E 331 57.87 -2.91 42.73
CA PRO E 331 59.34 -2.98 42.79
C PRO E 331 59.93 -4.38 42.54
N THR E 332 60.98 -4.44 41.72
CA THR E 332 61.70 -5.68 41.44
C THR E 332 63.20 -5.46 41.23
N TYR E 333 64.00 -6.52 41.43
CA TYR E 333 65.44 -6.45 41.23
C TYR E 333 65.86 -7.01 39.88
N CYS E 334 66.45 -6.13 39.07
CA CYS E 334 66.88 -6.44 37.71
C CYS E 334 68.40 -6.61 37.67
N VAL E 335 68.90 -7.54 36.88
CA VAL E 335 70.35 -7.69 36.67
C VAL E 335 70.81 -7.04 35.37
N ALA E 336 71.51 -5.91 35.50
CA ALA E 336 71.98 -5.15 34.34
C ALA E 336 73.31 -5.69 33.81
N ILE E 337 73.43 -5.76 32.48
CA ILE E 337 74.70 -6.11 31.84
C ILE E 337 75.05 -5.16 30.70
N ARG E 338 76.33 -4.89 30.54
CA ARG E 338 76.78 -4.10 29.40
C ARG E 338 77.96 -4.82 28.78
N HIS E 339 78.09 -4.73 27.46
CA HIS E 339 79.28 -5.24 26.81
C HIS E 339 80.10 -4.09 26.23
N ASP E 340 81.39 -4.34 26.04
CA ASP E 340 82.31 -3.31 25.57
C ASP E 340 82.16 -3.02 24.07
N ARG E 341 82.30 -4.07 23.26
CA ARG E 341 82.33 -3.93 21.81
C ARG E 341 80.94 -3.75 21.17
N LEU E 342 79.90 -4.25 21.81
CA LEU E 342 78.53 -4.09 21.29
C LEU E 342 77.72 -3.06 22.09
N SER E 343 76.97 -2.20 21.39
CA SER E 343 76.00 -1.34 22.06
C SER E 343 74.86 -2.24 22.53
N SER E 344 74.13 -1.82 23.57
CA SER E 344 73.09 -2.66 24.16
C SER E 344 71.92 -2.94 23.20
N GLN E 345 71.72 -2.05 22.23
CA GLN E 345 70.69 -2.22 21.23
C GLN E 345 70.99 -3.40 20.30
N GLU E 346 72.28 -3.66 20.08
CA GLU E 346 72.69 -4.78 19.22
C GLU E 346 72.82 -6.11 19.99
N LEU E 347 73.11 -6.03 21.29
CA LEU E 347 73.17 -7.25 22.08
C LEU E 347 71.76 -7.79 22.28
N SER E 348 70.82 -6.91 22.62
CA SER E 348 69.41 -7.29 22.78
C SER E 348 68.90 -7.98 21.53
N ARG E 349 69.18 -7.39 20.38
CA ARG E 349 68.73 -7.95 19.12
C ARG E 349 69.43 -9.29 18.84
N ARG E 350 70.61 -9.46 19.43
CA ARG E 350 71.39 -10.71 19.35
C ARG E 350 70.80 -11.80 20.25
N LEU E 351 70.34 -11.39 21.44
CA LEU E 351 69.72 -12.32 22.37
C LEU E 351 68.38 -12.87 21.85
N ARG E 352 67.55 -11.99 21.27
CA ARG E 352 66.25 -12.39 20.70
C ARG E 352 66.44 -13.47 19.63
N LEU E 353 67.48 -13.33 18.82
CA LEU E 353 67.73 -14.25 17.70
C LEU E 353 68.54 -15.48 18.15
N ALA E 354 68.91 -15.50 19.42
CA ALA E 354 69.58 -16.65 20.01
C ALA E 354 68.61 -17.83 20.15
N GLU E 355 69.16 -18.98 20.54
CA GLU E 355 68.38 -20.18 20.81
C GLU E 355 68.78 -20.72 22.19
N PRO E 356 67.89 -20.60 23.19
CA PRO E 356 66.56 -19.99 23.06
C PRO E 356 66.71 -18.47 23.09
N PRO E 357 65.74 -17.74 22.52
CA PRO E 357 65.85 -16.28 22.65
C PRO E 357 65.67 -15.77 24.09
N ILE E 358 66.23 -14.58 24.33
CA ILE E 358 66.08 -13.85 25.58
C ILE E 358 65.62 -12.41 25.25
N VAL E 359 64.43 -12.05 25.73
CA VAL E 359 63.91 -10.71 25.50
C VAL E 359 63.86 -9.94 26.81
N CYS E 360 64.64 -8.86 26.87
CA CYS E 360 64.74 -8.05 28.08
C CYS E 360 64.38 -6.58 27.86
N ARG E 361 64.36 -5.84 28.97
CA ARG E 361 64.08 -4.41 28.95
C ARG E 361 65.37 -3.61 28.72
N ILE E 362 65.31 -2.61 27.84
CA ILE E 362 66.45 -1.75 27.53
C ILE E 362 66.12 -0.36 28.03
N ARG E 363 67.08 0.24 28.73
CA ARG E 363 66.89 1.58 29.24
C ARG E 363 68.13 2.43 29.06
N GLU E 364 68.13 3.20 27.97
CA GLU E 364 69.21 4.14 27.65
C GLU E 364 70.56 3.44 27.48
N ASP E 365 70.60 2.48 26.55
CA ASP E 365 71.79 1.69 26.26
C ASP E 365 72.32 0.91 27.46
N GLN E 366 71.46 0.66 28.45
CA GLN E 366 71.79 -0.26 29.53
C GLN E 366 70.81 -1.42 29.50
N LEU E 367 71.31 -2.61 29.16
CA LEU E 367 70.48 -3.80 29.04
C LEU E 367 69.96 -4.29 30.41
N LEU E 368 68.70 -4.70 30.48
CA LEU E 368 68.08 -5.03 31.76
C LEU E 368 67.24 -6.33 31.81
N PHE E 369 67.54 -7.16 32.82
CA PHE E 369 66.86 -8.43 33.05
C PHE E 369 65.99 -8.33 34.30
N ASP E 370 64.73 -7.97 34.12
CA ASP E 370 63.76 -7.97 35.20
C ASP E 370 63.51 -9.39 35.69
N MSE E 371 64.05 -9.70 36.87
CA MSE E 371 63.97 -11.06 37.47
C MSE E 371 62.56 -11.66 37.63
O MSE E 371 62.44 -12.88 37.73
CB MSE E 371 64.69 -11.10 38.83
CG MSE E 371 66.20 -10.91 38.80
SE MSE E 371 67.14 -12.27 37.77
CE MSE E 371 67.56 -11.22 36.19
N ARG E 372 61.52 -10.83 37.68
CA ARG E 372 60.18 -11.31 37.99
C ARG E 372 59.71 -12.39 37.00
N THR E 373 59.94 -12.16 35.72
CA THR E 373 59.45 -13.07 34.69
C THR E 373 60.45 -14.15 34.27
N VAL E 374 61.57 -14.23 34.98
CA VAL E 374 62.58 -15.24 34.67
C VAL E 374 62.51 -16.41 35.65
N PHE E 375 62.66 -17.60 35.12
CA PHE E 375 62.53 -18.79 35.96
C PHE E 375 63.92 -19.27 36.40
N HIS E 376 63.94 -20.24 37.31
CA HIS E 376 65.18 -20.72 37.89
C HIS E 376 66.00 -21.55 36.88
N GLU E 377 65.31 -22.27 36.00
CA GLU E 377 65.93 -23.08 34.95
C GLU E 377 66.49 -22.21 33.82
N ASP E 378 66.04 -20.96 33.79
CA ASP E 378 66.47 -20.02 32.76
C ASP E 378 67.86 -19.45 33.02
N LEU E 379 68.21 -19.30 34.31
CA LEU E 379 69.49 -18.73 34.72
C LEU E 379 70.71 -19.42 34.09
N LYS E 380 70.79 -20.74 34.23
CA LYS E 380 71.89 -21.49 33.65
C LYS E 380 71.94 -21.38 32.12
N THR E 381 70.76 -21.31 31.49
CA THR E 381 70.65 -21.12 30.04
C THR E 381 71.11 -19.71 29.61
N ILE E 382 70.78 -18.71 30.41
CA ILE E 382 71.22 -17.33 30.16
C ILE E 382 72.74 -17.25 30.13
N LYS E 383 73.36 -17.90 31.12
CA LYS E 383 74.82 -18.01 31.18
C LYS E 383 75.37 -18.64 29.91
N LYS E 384 74.90 -19.84 29.59
CA LYS E 384 75.41 -20.58 28.45
C LYS E 384 75.21 -19.79 27.14
N THR E 385 74.11 -19.06 27.07
CA THR E 385 73.75 -18.29 25.86
C THR E 385 74.64 -17.08 25.60
N LEU E 386 74.97 -16.34 26.66
CA LEU E 386 75.79 -15.13 26.54
C LEU E 386 77.26 -15.41 26.25
N GLN E 387 77.79 -16.49 26.82
CA GLN E 387 79.19 -16.86 26.59
C GLN E 387 79.37 -17.42 25.18
N GLU E 388 78.34 -18.08 24.66
CA GLU E 388 78.36 -18.55 23.27
C GLU E 388 78.39 -17.38 22.28
N LEU E 389 77.72 -16.28 22.64
CA LEU E 389 77.72 -15.04 21.86
C LEU E 389 79.07 -14.31 21.94
N LEU E 390 79.48 -13.97 23.16
CA LEU E 390 80.59 -13.04 23.41
C LEU E 390 81.97 -13.71 23.50
N SER E 391 81.99 -14.98 23.88
CA SER E 391 83.24 -15.72 24.01
C SER E 391 83.58 -16.48 22.72
N ILE E 392 82.75 -16.31 21.70
CA ILE E 392 82.98 -16.95 20.41
C ILE E 392 84.34 -16.53 19.85
N MSE F 1 31.47 -35.62 47.65
CA MSE F 1 32.34 -35.91 46.51
C MSE F 1 33.77 -36.26 46.94
O MSE F 1 34.52 -35.40 47.42
CB MSE F 1 32.39 -34.72 45.54
CG MSE F 1 31.04 -34.08 45.19
SE MSE F 1 31.14 -32.90 43.59
CE MSE F 1 29.56 -31.77 43.91
N LYS F 2 34.14 -37.54 46.77
CA LYS F 2 35.52 -37.97 46.91
C LYS F 2 36.16 -37.89 45.53
N SER F 3 35.37 -37.45 44.55
CA SER F 3 35.80 -37.32 43.16
C SER F 3 36.58 -36.03 42.89
N LEU F 4 36.24 -34.95 43.61
CA LEU F 4 36.90 -33.63 43.44
C LEU F 4 38.38 -33.60 43.85
N MSE F 5 38.81 -34.57 44.66
CA MSE F 5 40.21 -34.64 45.10
C MSE F 5 41.13 -34.72 43.88
O MSE F 5 42.10 -33.98 43.78
CB MSE F 5 40.45 -35.84 46.04
CG MSE F 5 39.58 -35.87 47.31
SE MSE F 5 39.87 -34.44 48.61
CE MSE F 5 41.70 -34.87 49.20
N LYS F 6 40.80 -35.64 42.97
CA LYS F 6 41.59 -35.83 41.75
C LYS F 6 40.76 -35.60 40.47
N PRO F 7 41.43 -35.23 39.37
CA PRO F 7 40.78 -34.96 38.08
C PRO F 7 40.02 -36.17 37.52
N ASN F 8 38.93 -35.89 36.83
CA ASN F 8 38.13 -36.92 36.18
C ASN F 8 38.78 -37.42 34.88
N ILE F 9 39.69 -36.62 34.31
CA ILE F 9 40.38 -37.01 33.08
C ILE F 9 41.66 -37.80 33.36
N LYS F 10 41.74 -39.02 32.80
CA LYS F 10 42.90 -39.88 33.02
C LYS F 10 43.35 -40.56 31.73
N ARG F 11 44.63 -40.93 31.67
CA ARG F 11 45.11 -41.74 30.58
C ARG F 11 44.33 -43.04 30.63
N VAL F 12 44.05 -43.60 29.47
CA VAL F 12 43.28 -44.85 29.39
C VAL F 12 43.87 -45.79 28.32
N ILE F 13 44.21 -47.00 28.72
CA ILE F 13 44.78 -47.95 27.77
C ILE F 13 43.73 -48.48 26.80
N ASN F 14 43.95 -48.27 25.50
CA ASN F 14 42.95 -48.67 24.52
C ASN F 14 43.23 -50.02 23.87
N ALA F 15 42.38 -51.00 24.13
CA ALA F 15 42.49 -52.29 23.49
C ALA F 15 41.33 -52.57 22.52
N THR F 16 40.50 -51.55 22.24
CA THR F 16 39.38 -51.75 21.33
C THR F 16 39.91 -51.83 19.91
N GLY F 17 41.20 -51.60 19.77
CA GLY F 17 41.82 -51.60 18.46
C GLY F 17 41.09 -50.71 17.47
N VAL F 18 40.38 -49.71 17.99
CA VAL F 18 39.77 -48.66 17.17
C VAL F 18 40.63 -47.40 17.25
N VAL F 19 41.23 -47.06 16.12
CA VAL F 19 42.24 -46.01 16.07
C VAL F 19 41.70 -44.60 16.24
N ILE F 20 40.70 -44.23 15.46
CA ILE F 20 40.03 -42.94 15.66
C ILE F 20 38.83 -43.16 16.54
N ASN F 21 39.00 -42.96 17.83
CA ASN F 21 37.96 -43.28 18.78
C ASN F 21 37.30 -42.05 19.38
N THR F 22 36.10 -41.75 18.91
CA THR F 22 35.35 -40.60 19.40
C THR F 22 35.25 -40.58 20.93
N ASN F 23 35.10 -41.77 21.53
CA ASN F 23 34.94 -41.91 22.99
C ASN F 23 36.22 -41.81 23.81
N LEU F 24 37.32 -42.33 23.29
CA LEU F 24 38.58 -42.34 24.02
C LEU F 24 39.56 -41.19 23.70
N GLY F 25 39.07 -40.13 23.07
CA GLY F 25 39.82 -38.90 22.94
C GLY F 25 40.42 -38.64 21.56
N ARG F 26 39.92 -39.37 20.57
CA ARG F 26 40.39 -39.19 19.20
C ARG F 26 41.90 -39.44 19.10
N ALA F 27 42.56 -38.71 18.22
CA ALA F 27 43.96 -38.98 17.93
C ALA F 27 44.84 -38.68 19.11
N PRO F 28 45.64 -39.67 19.54
CA PRO F 28 46.70 -39.38 20.53
C PRO F 28 47.87 -38.68 19.85
N LEU F 29 48.68 -37.96 20.62
CA LEU F 29 49.79 -37.21 20.04
C LEU F 29 51.14 -37.88 20.30
N SER F 30 52.03 -37.87 19.31
CA SER F 30 53.36 -38.46 19.48
C SER F 30 54.12 -37.76 20.60
N LYS F 31 55.10 -38.44 21.17
CA LYS F 31 55.89 -37.83 22.22
C LYS F 31 56.72 -36.63 21.72
N ASP F 32 57.24 -36.71 20.49
CA ASP F 32 57.97 -35.60 19.87
C ASP F 32 57.15 -34.31 19.85
N VAL F 33 55.85 -34.46 19.63
CA VAL F 33 54.96 -33.31 19.51
C VAL F 33 54.61 -32.81 20.88
N ILE F 34 54.17 -33.72 21.73
CA ILE F 34 53.77 -33.36 23.09
C ILE F 34 54.87 -32.63 23.82
N ASN F 35 56.10 -33.11 23.67
CA ASN F 35 57.23 -32.44 24.32
C ASN F 35 57.40 -31.00 23.82
N PHE F 36 57.24 -30.79 22.51
CA PHE F 36 57.32 -29.45 21.94
C PHE F 36 56.15 -28.57 22.33
N ILE F 37 55.00 -29.18 22.58
CA ILE F 37 53.86 -28.44 23.14
C ILE F 37 54.21 -27.99 24.55
N SER F 38 54.72 -28.94 25.31
CA SER F 38 55.11 -28.74 26.69
C SER F 38 56.14 -27.59 26.80
N GLU F 39 57.08 -27.55 25.85
CA GLU F 39 58.16 -26.57 25.87
C GLU F 39 57.65 -25.16 25.59
N ILE F 40 56.69 -25.04 24.69
CA ILE F 40 56.12 -23.74 24.34
C ILE F 40 55.17 -23.27 25.43
N ALA F 41 54.72 -24.21 26.25
CA ALA F 41 53.71 -23.95 27.25
C ALA F 41 54.35 -23.50 28.53
N ASN F 42 55.54 -24.03 28.76
CA ASN F 42 56.25 -23.89 30.03
C ASN F 42 56.65 -22.46 30.39
N GLY F 43 56.93 -21.64 29.38
CA GLY F 43 57.19 -20.25 29.65
C GLY F 43 56.60 -19.36 28.58
N TYR F 44 57.23 -18.21 28.41
CA TYR F 44 56.81 -17.25 27.39
C TYR F 44 57.31 -17.69 26.02
N SER F 45 56.85 -16.99 24.98
CA SER F 45 57.04 -17.44 23.60
C SER F 45 56.69 -16.35 22.59
N ASN F 46 56.93 -16.62 21.33
CA ASN F 46 56.74 -15.63 20.28
C ASN F 46 55.36 -15.75 19.71
N LEU F 47 54.51 -16.49 20.42
CA LEU F 47 53.15 -16.77 19.98
C LEU F 47 52.64 -15.73 18.97
N GLU F 48 52.27 -14.58 19.50
CA GLU F 48 51.86 -13.46 18.67
C GLU F 48 53.01 -12.48 18.77
N TYR F 49 54.03 -12.72 17.95
CA TYR F 49 55.24 -11.91 18.02
C TYR F 49 56.20 -12.20 16.85
N ASN F 50 56.98 -11.17 16.51
CA ASN F 50 57.97 -11.25 15.45
C ASN F 50 59.33 -10.99 16.06
N LEU F 51 60.12 -12.04 16.22
CA LEU F 51 61.47 -11.89 16.79
C LEU F 51 62.39 -11.05 15.89
N GLU F 52 62.09 -11.06 14.59
CA GLU F 52 62.84 -10.25 13.61
C GLU F 52 62.59 -8.75 13.82
N GLU F 53 61.32 -8.35 13.71
CA GLU F 53 60.92 -6.94 13.74
C GLU F 53 60.83 -6.34 15.15
N GLY F 54 60.67 -7.19 16.16
CA GLY F 54 60.44 -6.73 17.50
C GLY F 54 59.04 -6.18 17.68
N LYS F 55 58.07 -6.79 17.01
CA LYS F 55 56.67 -6.34 17.02
C LYS F 55 55.69 -7.53 17.10
N ARG F 56 54.41 -7.21 17.30
CA ARG F 56 53.33 -8.20 17.25
C ARG F 56 53.44 -8.97 15.96
N GLY F 57 52.85 -10.16 15.90
CA GLY F 57 52.84 -10.96 14.68
C GLY F 57 51.67 -11.91 14.62
N SER F 58 51.39 -12.44 13.43
CA SER F 58 50.31 -13.43 13.27
C SER F 58 50.74 -14.78 13.80
N ARG F 59 49.83 -15.43 14.50
CA ARG F 59 50.14 -16.72 15.09
C ARG F 59 50.04 -17.80 14.02
N ILE F 60 48.91 -17.84 13.32
CA ILE F 60 48.70 -18.84 12.30
C ILE F 60 49.85 -18.86 11.27
N ALA F 61 50.45 -17.71 11.02
CA ALA F 61 51.55 -17.58 10.05
C ALA F 61 52.42 -18.83 10.03
N HIS F 62 52.98 -19.13 11.19
CA HIS F 62 53.83 -20.30 11.38
C HIS F 62 53.31 -21.51 10.57
N ILE F 63 52.04 -21.82 10.78
CA ILE F 63 51.36 -23.01 10.25
C ILE F 63 51.06 -22.96 8.75
N GLU F 64 50.35 -21.92 8.33
CA GLU F 64 49.78 -21.90 7.00
C GLU F 64 50.79 -22.20 5.87
N LYS F 65 52.08 -21.93 6.09
CA LYS F 65 53.11 -22.29 5.10
C LYS F 65 53.10 -23.79 4.84
N TYR F 66 53.20 -24.55 5.92
CA TYR F 66 53.13 -25.98 5.87
C TYR F 66 51.87 -26.47 5.15
N LEU F 67 50.72 -25.99 5.62
CA LEU F 67 49.45 -26.36 5.01
C LEU F 67 49.46 -26.06 3.51
N ASN F 68 49.93 -24.88 3.14
CA ASN F 68 49.91 -24.49 1.74
C ASN F 68 50.78 -25.40 0.87
N GLU F 69 52.00 -25.68 1.36
CA GLU F 69 52.93 -26.56 0.68
C GLU F 69 52.35 -27.98 0.55
N LEU F 70 51.93 -28.56 1.68
CA LEU F 70 51.39 -29.92 1.68
C LEU F 70 50.17 -30.05 0.80
N THR F 71 49.16 -29.23 1.04
CA THR F 71 47.89 -29.38 0.33
C THR F 71 47.92 -28.79 -1.09
N GLY F 72 48.73 -27.75 -1.28
CA GLY F 72 48.82 -27.11 -2.57
C GLY F 72 47.71 -26.12 -2.85
N ALA F 73 46.99 -25.72 -1.81
CA ALA F 73 45.98 -24.67 -1.94
C ALA F 73 46.70 -23.33 -1.97
N GLU F 74 46.05 -22.30 -2.51
CA GLU F 74 46.60 -20.93 -2.46
C GLU F 74 46.87 -20.40 -1.03
N SER F 75 45.85 -20.48 -0.19
CA SER F 75 45.94 -20.04 1.19
C SER F 75 45.26 -21.04 2.12
N SER F 76 45.32 -20.77 3.41
CA SER F 76 44.77 -21.63 4.45
C SER F 76 44.54 -20.87 5.73
N PHE F 77 43.89 -21.53 6.68
CA PHE F 77 43.54 -20.92 7.94
C PHE F 77 43.15 -22.01 8.91
N VAL F 78 43.19 -21.72 10.21
CA VAL F 78 42.82 -22.73 11.18
C VAL F 78 41.99 -22.14 12.31
N VAL F 79 40.89 -22.79 12.63
CA VAL F 79 40.08 -22.34 13.74
C VAL F 79 39.93 -23.44 14.82
N ASN F 80 39.15 -23.14 15.85
CA ASN F 80 39.01 -24.02 16.99
C ASN F 80 38.78 -25.48 16.63
N ASN F 81 37.81 -25.72 15.77
CA ASN F 81 37.48 -27.07 15.37
C ASN F 81 36.69 -27.06 14.06
N ASN F 82 36.54 -28.23 13.44
CA ASN F 82 35.81 -28.30 12.17
C ASN F 82 34.37 -27.80 12.21
N ALA F 83 33.69 -27.98 13.34
CA ALA F 83 32.34 -27.46 13.52
C ALA F 83 32.38 -25.96 13.29
N GLY F 84 33.27 -25.30 14.02
CA GLY F 84 33.53 -23.88 13.82
C GLY F 84 33.91 -23.55 12.37
N ALA F 85 34.70 -24.41 11.73
CA ALA F 85 35.13 -24.12 10.37
C ALA F 85 33.91 -23.96 9.49
N VAL F 86 33.04 -24.97 9.50
CA VAL F 86 31.79 -24.94 8.77
C VAL F 86 30.97 -23.69 9.07
N PHE F 87 30.76 -23.42 10.36
CA PHE F 87 29.96 -22.28 10.78
C PHE F 87 30.58 -20.99 10.29
N LEU F 88 31.90 -20.94 10.29
CA LEU F 88 32.62 -19.76 9.82
C LEU F 88 32.53 -19.59 8.30
N VAL F 89 32.70 -20.70 7.57
CA VAL F 89 32.62 -20.65 6.12
C VAL F 89 31.23 -20.22 5.67
N LEU F 90 30.20 -20.78 6.29
CA LEU F 90 28.84 -20.42 5.95
C LEU F 90 28.51 -19.00 6.36
N ASN F 91 28.72 -18.63 7.62
CA ASN F 91 28.45 -17.25 8.00
C ASN F 91 29.19 -16.23 7.11
N THR F 92 30.42 -16.53 6.70
CA THR F 92 31.22 -15.60 5.89
C THR F 92 30.74 -15.41 4.47
N LEU F 93 30.54 -16.54 3.78
CA LEU F 93 30.22 -16.51 2.36
C LEU F 93 28.72 -16.50 2.09
N ALA F 94 27.92 -17.00 3.01
CA ALA F 94 26.54 -17.30 2.66
C ALA F 94 25.50 -16.67 3.60
N GLU F 95 25.85 -15.59 4.30
CA GLU F 95 24.86 -15.05 5.20
C GLU F 95 23.70 -14.60 4.33
N GLY F 96 22.51 -15.12 4.63
CA GLY F 96 21.32 -14.69 3.93
C GLY F 96 21.11 -15.25 2.53
N LYS F 97 22.19 -15.78 1.96
CA LYS F 97 22.09 -16.43 0.66
C LYS F 97 21.87 -17.94 0.80
N GLU F 98 21.85 -18.65 -0.33
CA GLU F 98 21.44 -20.05 -0.35
C GLU F 98 22.61 -21.01 -0.58
N VAL F 99 22.63 -22.08 0.23
CA VAL F 99 23.65 -23.12 0.10
C VAL F 99 23.04 -24.44 -0.33
N ILE F 100 23.53 -24.99 -1.44
CA ILE F 100 22.98 -26.21 -2.00
C ILE F 100 23.76 -27.45 -1.59
N ILE F 101 23.04 -28.45 -1.07
CA ILE F 101 23.67 -29.62 -0.46
C ILE F 101 22.73 -30.82 -0.55
N SER F 102 23.30 -32.04 -0.68
CA SER F 102 22.42 -33.20 -0.94
C SER F 102 21.67 -33.62 0.32
N ARG F 103 20.46 -34.18 0.14
CA ARG F 103 19.60 -34.53 1.29
C ARG F 103 20.18 -35.68 2.07
N GLY F 104 21.33 -36.15 1.57
CA GLY F 104 21.98 -37.32 2.14
C GLY F 104 23.25 -36.96 2.88
N GLU F 105 23.60 -35.68 2.82
CA GLU F 105 24.81 -35.18 3.47
C GLU F 105 24.46 -34.23 4.62
N LEU F 106 23.22 -34.30 5.08
CA LEU F 106 22.76 -33.45 6.19
C LEU F 106 22.97 -34.17 7.49
N VAL F 107 24.23 -34.24 7.95
CA VAL F 107 24.64 -35.21 8.96
C VAL F 107 24.45 -34.74 10.40
N GLU F 108 24.45 -35.72 11.31
CA GLU F 108 24.59 -35.49 12.74
C GLU F 108 25.84 -36.21 13.21
N ILE F 109 26.94 -35.49 13.40
CA ILE F 109 28.15 -36.12 13.94
C ILE F 109 28.25 -35.74 15.41
N GLY F 110 28.57 -36.70 16.27
CA GLY F 110 28.57 -36.49 17.70
C GLY F 110 27.16 -36.22 18.23
N GLY F 111 27.07 -35.62 19.42
CA GLY F 111 25.77 -35.36 20.04
C GLY F 111 25.21 -33.98 19.72
N SER F 112 26.11 -33.02 19.56
CA SER F 112 25.68 -31.63 19.54
C SER F 112 25.78 -30.99 18.18
N PHE F 113 26.31 -31.73 17.20
CA PHE F 113 26.54 -31.15 15.88
C PHE F 113 25.61 -31.67 14.77
N ARG F 114 24.69 -30.81 14.32
CA ARG F 114 23.83 -31.14 13.20
C ARG F 114 24.07 -30.13 12.08
N ILE F 115 24.47 -30.62 10.91
CA ILE F 115 24.76 -29.73 9.76
C ILE F 115 23.65 -28.70 9.56
N PRO F 116 22.41 -29.19 9.44
CA PRO F 116 21.33 -28.23 9.20
C PRO F 116 21.13 -27.30 10.42
N ASP F 117 21.37 -27.79 11.63
CA ASP F 117 21.18 -26.95 12.82
C ASP F 117 22.20 -25.84 12.87
N ILE F 118 23.47 -26.17 12.62
CA ILE F 118 24.53 -25.17 12.69
C ILE F 118 24.45 -24.26 11.50
N MSE F 119 24.02 -24.81 10.37
CA MSE F 119 23.89 -24.05 9.15
C MSE F 119 22.83 -22.96 9.29
O MSE F 119 23.01 -21.85 8.79
CB MSE F 119 23.53 -24.99 7.99
CG MSE F 119 23.37 -24.34 6.62
SE MSE F 119 23.29 -25.79 5.37
CE MSE F 119 24.32 -27.05 6.45
N LYS F 120 21.75 -23.29 9.98
CA LYS F 120 20.68 -22.33 10.21
C LYS F 120 21.20 -21.15 11.03
N LYS F 121 21.94 -21.47 12.10
CA LYS F 121 22.48 -20.46 13.02
C LYS F 121 23.58 -19.67 12.36
N SER F 122 24.11 -20.20 11.26
CA SER F 122 25.18 -19.55 10.54
C SER F 122 24.62 -18.34 9.87
N GLY F 123 23.32 -18.39 9.59
CA GLY F 123 22.63 -17.37 8.83
C GLY F 123 22.36 -17.76 7.38
N ALA F 124 22.97 -18.87 6.97
CA ALA F 124 22.81 -19.34 5.60
C ALA F 124 21.43 -19.91 5.43
N ILE F 125 21.03 -20.07 4.19
CA ILE F 125 19.73 -20.66 3.85
C ILE F 125 19.93 -22.00 3.17
N LEU F 126 19.58 -23.04 3.90
CA LEU F 126 19.72 -24.41 3.43
C LEU F 126 18.85 -24.75 2.20
N ARG F 127 19.50 -25.03 1.07
CA ARG F 127 18.76 -25.58 -0.06
C ARG F 127 19.11 -27.03 -0.30
N GLU F 128 18.22 -27.89 0.15
CA GLU F 128 18.44 -29.33 0.19
C GLU F 128 17.93 -29.95 -1.10
N VAL F 129 18.77 -30.73 -1.77
CA VAL F 129 18.41 -31.30 -3.07
C VAL F 129 18.58 -32.82 -3.10
N GLY F 130 17.98 -33.48 -4.10
CA GLY F 130 18.13 -34.91 -4.29
C GLY F 130 17.32 -35.74 -3.29
N THR F 131 17.77 -36.95 -3.01
CA THR F 131 17.11 -37.77 -2.02
C THR F 131 18.15 -38.30 -1.07
N THR F 132 17.66 -38.87 0.03
CA THR F 132 18.51 -39.49 1.03
C THR F 132 19.57 -40.36 0.36
N ASN F 133 19.13 -41.36 -0.40
CA ASN F 133 20.04 -42.38 -0.90
C ASN F 133 20.64 -42.15 -2.29
N LYS F 134 19.99 -41.35 -3.12
CA LYS F 134 20.52 -41.11 -4.46
C LYS F 134 20.43 -39.65 -4.80
N THR F 135 21.58 -39.04 -5.10
CA THR F 135 21.65 -37.65 -5.58
C THR F 135 22.52 -37.54 -6.82
N LYS F 136 22.05 -36.76 -7.78
CA LYS F 136 22.71 -36.64 -9.08
C LYS F 136 23.23 -35.22 -9.23
N VAL F 137 23.91 -34.92 -10.35
CA VAL F 137 24.33 -33.56 -10.66
C VAL F 137 23.12 -32.66 -10.88
N SER F 138 22.19 -33.15 -11.71
CA SER F 138 20.98 -32.39 -12.03
C SER F 138 20.37 -31.78 -10.77
N ASP F 139 20.38 -32.54 -9.65
CA ASP F 139 19.74 -32.11 -8.43
C ASP F 139 20.33 -30.80 -7.97
N TYR F 140 21.66 -30.72 -8.09
CA TYR F 140 22.42 -29.53 -7.69
C TYR F 140 22.10 -28.36 -8.65
N GLU F 141 22.45 -28.52 -9.91
CA GLU F 141 22.11 -27.51 -10.91
C GLU F 141 20.69 -26.97 -10.76
N GLY F 142 19.74 -27.88 -10.58
CA GLY F 142 18.32 -27.55 -10.54
C GLY F 142 17.90 -26.54 -9.51
N ALA F 143 18.69 -26.36 -8.45
CA ALA F 143 18.32 -25.46 -7.37
C ALA F 143 19.14 -24.19 -7.39
N ILE F 144 20.07 -24.10 -8.34
CA ILE F 144 20.82 -22.87 -8.55
C ILE F 144 19.89 -21.69 -8.89
N ASN F 145 20.21 -20.53 -8.33
CA ASN F 145 19.47 -19.31 -8.62
C ASN F 145 20.26 -18.04 -8.28
N GLN F 146 19.57 -16.90 -8.31
CA GLN F 146 20.24 -15.62 -8.06
C GLN F 146 20.80 -15.62 -6.65
N ASN F 147 20.05 -16.18 -5.71
CA ASN F 147 20.41 -16.19 -4.29
C ASN F 147 21.40 -17.30 -3.87
N THR F 148 21.71 -18.22 -4.78
CA THR F 148 22.65 -19.29 -4.48
C THR F 148 24.09 -18.78 -4.28
N ALA F 149 24.60 -18.95 -3.06
CA ALA F 149 25.97 -18.54 -2.74
C ALA F 149 26.99 -19.69 -2.71
N LEU F 150 26.52 -20.92 -2.52
CA LEU F 150 27.44 -22.01 -2.24
C LEU F 150 26.94 -23.41 -2.63
N LEU F 151 27.84 -24.16 -3.27
CA LEU F 151 27.65 -25.58 -3.50
C LEU F 151 28.51 -26.34 -2.48
N MSE F 152 27.82 -26.98 -1.55
CA MSE F 152 28.51 -27.62 -0.45
C MSE F 152 28.31 -29.11 -0.47
O MSE F 152 27.23 -29.61 -0.80
CB MSE F 152 27.99 -27.07 0.87
CG MSE F 152 28.69 -27.64 2.12
SE MSE F 152 28.07 -26.73 3.76
CE MSE F 152 27.63 -28.24 4.85
N LYS F 153 29.37 -29.83 -0.11
CA LYS F 153 29.29 -31.28 0.02
C LYS F 153 29.90 -31.64 1.36
N VAL F 154 29.20 -32.47 2.11
CA VAL F 154 29.68 -32.93 3.41
C VAL F 154 30.04 -34.41 3.28
N HIS F 155 31.25 -34.80 3.66
CA HIS F 155 31.62 -36.23 3.65
C HIS F 155 31.08 -36.97 4.87
N LYS F 156 30.30 -38.02 4.62
CA LYS F 156 29.73 -38.82 5.68
C LYS F 156 30.83 -39.56 6.42
N SER F 157 31.32 -38.97 7.50
CA SER F 157 32.40 -39.56 8.31
C SER F 157 31.92 -40.65 9.29
N ASN F 158 30.78 -40.44 9.95
CA ASN F 158 30.35 -41.31 11.03
C ASN F 158 29.35 -42.42 10.68
N PHE F 159 28.84 -42.42 9.46
CA PHE F 159 27.97 -43.51 9.00
C PHE F 159 28.18 -43.73 7.50
N TYR F 160 27.55 -44.76 6.96
CA TYR F 160 27.59 -44.98 5.52
C TYR F 160 26.34 -45.68 4.99
N MSE F 161 26.15 -45.60 3.67
CA MSE F 161 24.97 -46.21 3.08
C MSE F 161 25.31 -47.29 2.08
O MSE F 161 26.23 -47.14 1.28
CB MSE F 161 24.11 -45.16 2.40
CG MSE F 161 23.41 -44.24 3.37
SE MSE F 161 22.37 -42.93 2.42
CE MSE F 161 23.70 -42.48 1.03
N GLU F 162 24.58 -48.39 2.15
CA GLU F 162 24.73 -49.46 1.19
C GLU F 162 23.42 -49.88 0.53
N GLY F 163 23.54 -50.28 -0.73
CA GLY F 163 22.38 -50.60 -1.54
C GLY F 163 22.30 -49.69 -2.74
N PHE F 164 21.11 -49.54 -3.29
CA PHE F 164 20.93 -48.60 -4.38
C PHE F 164 21.31 -47.24 -3.84
N VAL F 165 22.47 -46.77 -4.25
CA VAL F 165 22.97 -45.48 -3.84
C VAL F 165 23.66 -44.79 -5.00
N GLU F 166 23.65 -43.46 -4.98
CA GLU F 166 24.23 -42.66 -6.05
C GLU F 166 24.63 -41.38 -5.37
N GLU F 167 25.65 -40.73 -5.93
CA GLU F 167 26.33 -39.60 -5.31
C GLU F 167 27.00 -38.86 -6.45
N VAL F 168 27.23 -37.57 -6.25
CA VAL F 168 27.81 -36.76 -7.30
C VAL F 168 29.31 -36.76 -7.14
N LYS F 169 30.00 -37.22 -8.19
CA LYS F 169 31.46 -37.12 -8.22
C LYS F 169 31.84 -35.64 -8.03
N LEU F 170 32.85 -35.37 -7.20
CA LEU F 170 33.27 -33.99 -6.96
C LEU F 170 33.62 -33.23 -8.26
N GLU F 171 34.35 -33.88 -9.17
CA GLU F 171 34.70 -33.27 -10.45
C GLU F 171 33.50 -32.55 -11.01
N ASP F 172 32.37 -33.24 -11.01
CA ASP F 172 31.10 -32.72 -11.50
C ASP F 172 30.72 -31.42 -10.77
N LEU F 173 30.88 -31.41 -9.44
CA LEU F 173 30.56 -30.22 -8.65
C LEU F 173 31.45 -29.06 -9.01
N VAL F 174 32.76 -29.33 -9.09
CA VAL F 174 33.70 -28.31 -9.51
C VAL F 174 33.33 -27.76 -10.89
N LYS F 175 33.05 -28.67 -11.83
CA LYS F 175 32.59 -28.27 -13.16
C LYS F 175 31.29 -27.44 -13.10
N LEU F 176 30.33 -27.88 -12.28
CA LEU F 176 29.09 -27.12 -12.10
C LEU F 176 29.43 -25.74 -11.54
N GLY F 177 30.21 -25.77 -10.46
CA GLY F 177 30.73 -24.58 -9.80
C GLY F 177 31.41 -23.58 -10.72
N HIS F 178 32.36 -24.06 -11.53
CA HIS F 178 32.95 -23.23 -12.59
C HIS F 178 31.83 -22.56 -13.38
N LYS F 179 30.85 -23.39 -13.78
CA LYS F 179 29.84 -22.98 -14.75
C LYS F 179 29.06 -21.77 -14.35
N TYR F 180 28.55 -21.79 -13.12
CA TYR F 180 27.74 -20.68 -12.65
C TYR F 180 28.56 -19.62 -11.90
N GLY F 181 29.87 -19.84 -11.86
CA GLY F 181 30.76 -18.99 -11.10
C GLY F 181 30.35 -19.01 -9.64
N ILE F 182 30.01 -20.19 -9.15
CA ILE F 182 29.69 -20.37 -7.73
C ILE F 182 30.78 -21.20 -7.03
N PRO F 183 31.20 -20.77 -5.83
CA PRO F 183 32.30 -21.45 -5.15
C PRO F 183 31.88 -22.83 -4.61
N THR F 184 32.81 -23.78 -4.53
CA THR F 184 32.52 -25.09 -3.96
C THR F 184 33.23 -25.28 -2.61
N TYR F 185 32.48 -25.79 -1.63
CA TYR F 185 33.02 -26.05 -0.29
C TYR F 185 32.83 -27.51 0.08
N TYR F 186 33.94 -28.20 0.35
CA TYR F 186 33.92 -29.59 0.77
C TYR F 186 34.37 -29.66 2.21
N ASP F 187 33.47 -30.12 3.07
CA ASP F 187 33.80 -30.46 4.43
C ASP F 187 34.19 -31.95 4.43
N ALA F 188 35.48 -32.24 4.22
CA ALA F 188 35.99 -33.61 4.35
C ALA F 188 35.84 -34.15 5.78
N GLY F 189 36.15 -33.32 6.77
CA GLY F 189 35.91 -33.69 8.15
C GLY F 189 37.01 -34.57 8.74
N SER F 190 37.41 -35.60 8.00
CA SER F 190 38.45 -36.52 8.49
C SER F 190 39.78 -35.78 8.50
N GLY F 191 39.94 -34.87 7.55
CA GLY F 191 41.14 -34.05 7.52
C GLY F 191 42.34 -34.91 7.25
N LEU F 192 42.11 -35.97 6.47
CA LEU F 192 43.19 -36.80 5.98
C LEU F 192 44.07 -35.94 5.10
N LEU F 193 45.38 -36.03 5.28
CA LEU F 193 46.30 -35.11 4.63
C LEU F 193 46.66 -35.56 3.24
N ILE F 194 46.81 -36.87 3.09
CA ILE F 194 47.48 -37.47 1.95
C ILE F 194 46.75 -38.77 1.62
N ASN F 195 46.75 -39.12 0.33
CA ASN F 195 46.16 -40.37 -0.15
C ASN F 195 46.65 -41.57 0.67
N LEU F 196 45.71 -42.38 1.12
CA LEU F 196 46.05 -43.52 1.96
C LEU F 196 46.72 -44.61 1.18
N LYS F 197 46.31 -44.76 -0.07
CA LYS F 197 46.77 -45.85 -0.93
C LYS F 197 48.29 -45.93 -0.94
N GLU F 198 48.94 -44.81 -0.65
CA GLU F 198 50.39 -44.78 -0.60
C GLU F 198 50.96 -45.67 0.50
N PHE F 199 50.16 -45.97 1.52
CA PHE F 199 50.64 -46.74 2.66
C PHE F 199 50.16 -48.17 2.63
N GLY F 200 49.56 -48.59 1.52
CA GLY F 200 49.10 -49.95 1.38
C GLY F 200 47.70 -50.16 1.89
N ILE F 201 47.03 -49.06 2.25
CA ILE F 201 45.62 -49.10 2.66
C ILE F 201 44.73 -48.55 1.56
N SER F 202 43.98 -49.43 0.89
CA SER F 202 43.14 -49.03 -0.23
C SER F 202 41.77 -48.54 0.22
N VAL F 203 41.55 -47.24 0.17
CA VAL F 203 40.25 -46.67 0.44
C VAL F 203 40.03 -45.42 -0.40
N ASP F 204 38.78 -44.99 -0.47
CA ASP F 204 38.43 -43.83 -1.28
C ASP F 204 38.24 -42.57 -0.43
N GLU F 205 38.72 -42.62 0.80
CA GLU F 205 38.58 -41.48 1.72
C GLU F 205 39.28 -40.26 1.16
N PRO F 206 38.58 -39.11 1.14
CA PRO F 206 39.11 -37.90 0.51
C PRO F 206 40.24 -37.31 1.31
N ASN F 207 41.25 -36.80 0.63
CA ASN F 207 42.29 -36.08 1.34
C ASN F 207 42.49 -34.66 0.83
N PHE F 208 43.10 -33.81 1.64
CA PHE F 208 43.27 -32.40 1.32
C PHE F 208 43.95 -32.22 -0.01
N ARG F 209 45.18 -32.74 -0.11
CA ARG F 209 45.99 -32.46 -1.30
C ARG F 209 45.23 -32.72 -2.58
N ASP F 210 44.67 -33.93 -2.67
CA ASP F 210 43.92 -34.38 -3.83
C ASP F 210 42.67 -33.55 -4.08
N CYS F 211 41.88 -33.37 -3.04
CA CYS F 211 40.66 -32.59 -3.16
C CYS F 211 40.94 -31.16 -3.63
N ILE F 212 42.11 -30.63 -3.28
CA ILE F 212 42.48 -29.28 -3.73
C ILE F 212 42.90 -29.28 -5.19
N SER F 213 43.71 -30.26 -5.58
CA SER F 213 44.17 -30.31 -6.96
C SER F 213 43.03 -30.58 -7.96
N LEU F 214 41.86 -30.98 -7.45
CA LEU F 214 40.69 -31.18 -8.30
C LEU F 214 39.91 -29.87 -8.51
N GLY F 215 40.35 -28.81 -7.84
CA GLY F 215 39.80 -27.48 -8.03
C GLY F 215 38.61 -27.13 -7.15
N ILE F 216 38.52 -27.80 -6.01
CA ILE F 216 37.53 -27.45 -5.00
C ILE F 216 37.95 -26.11 -4.44
N ASP F 217 37.03 -25.16 -4.35
CA ASP F 217 37.39 -23.81 -3.91
C ASP F 217 37.77 -23.76 -2.42
N LEU F 218 37.13 -24.58 -1.59
CA LEU F 218 37.46 -24.67 -0.15
C LEU F 218 37.33 -26.10 0.39
N VAL F 219 38.27 -26.50 1.22
CA VAL F 219 38.20 -27.81 1.85
C VAL F 219 38.53 -27.64 3.33
N SER F 220 37.70 -28.22 4.19
CA SER F 220 37.95 -28.16 5.63
C SER F 220 38.00 -29.56 6.23
N GLY F 221 38.40 -29.63 7.51
CA GLY F 221 38.54 -30.90 8.20
C GLY F 221 39.02 -30.73 9.62
N SER F 222 38.78 -31.74 10.43
CA SER F 222 39.28 -31.80 11.81
C SER F 222 40.76 -32.16 11.86
N GLY F 223 41.45 -31.63 12.86
CA GLY F 223 42.85 -31.93 13.05
C GLY F 223 43.11 -33.17 13.88
N ASP F 224 42.14 -33.56 14.70
CA ASP F 224 42.33 -34.71 15.58
C ASP F 224 41.64 -35.98 15.10
N1 LLP F 225 31.71 -32.40 9.75
C2 LLP F 225 32.30 -33.59 9.42
C2' LLP F 225 31.98 -34.20 8.03
C3 LLP F 225 33.18 -34.22 10.29
O3 LLP F 225 33.78 -35.43 9.95
C4 LLP F 225 33.45 -33.63 11.53
C4' LLP F 225 34.41 -34.30 12.52
C5 LLP F 225 32.81 -32.41 11.84
C6 LLP F 225 31.95 -31.82 10.93
C5' LLP F 225 33.07 -31.71 13.19
OP4 LLP F 225 34.39 -31.83 13.55
P LLP F 225 35.00 -31.14 14.80
OP1 LLP F 225 34.42 -29.73 14.94
OP2 LLP F 225 36.50 -31.08 14.56
OP3 LLP F 225 34.70 -31.96 16.07
N LLP F 225 41.52 -36.13 13.78
CA LLP F 225 40.99 -37.35 13.22
CB LLP F 225 39.71 -37.11 12.40
CG LLP F 225 38.45 -36.92 13.25
CD LLP F 225 37.26 -36.30 12.40
CE LLP F 225 35.95 -36.10 13.16
NZ LLP F 225 35.05 -35.48 12.25
C LLP F 225 42.06 -37.98 12.46
O LLP F 225 43.10 -38.36 13.07
N LEU F 226 41.92 -38.08 11.14
CA LEU F 226 42.91 -38.75 10.30
C LEU F 226 44.21 -37.97 10.09
N LEU F 227 44.26 -36.72 10.56
CA LEU F 227 45.51 -35.98 10.43
C LEU F 227 46.43 -36.43 11.56
N GLY F 228 45.83 -36.80 12.67
CA GLY F 228 46.61 -37.34 13.77
C GLY F 228 47.20 -36.24 14.60
N GLY F 229 46.58 -35.06 14.55
CA GLY F 229 47.05 -33.92 15.31
C GLY F 229 46.10 -33.49 16.44
N PRO F 230 46.32 -32.30 16.96
CA PRO F 230 45.48 -31.73 18.01
C PRO F 230 44.19 -31.23 17.38
N GLN F 231 43.16 -31.04 18.19
CA GLN F 231 41.87 -30.57 17.70
C GLN F 231 42.00 -29.29 16.89
N ALA F 232 41.30 -29.22 15.76
CA ALA F 232 41.42 -28.03 14.94
C ALA F 232 40.45 -28.08 13.78
N GLY F 233 39.91 -26.92 13.42
CA GLY F 233 39.25 -26.74 12.14
C GLY F 233 40.21 -26.21 11.07
N ILE F 234 40.41 -26.99 10.03
CA ILE F 234 41.43 -26.65 9.06
C ILE F 234 40.76 -26.36 7.74
N ILE F 235 41.10 -25.22 7.15
CA ILE F 235 40.46 -24.74 5.94
C ILE F 235 41.55 -24.41 4.95
N VAL F 236 41.42 -24.88 3.72
CA VAL F 236 42.42 -24.60 2.70
C VAL F 236 41.73 -24.28 1.38
N GLY F 237 42.37 -23.49 0.53
CA GLY F 237 41.77 -23.09 -0.73
C GLY F 237 42.04 -21.68 -1.24
N LYS F 238 41.22 -21.22 -2.20
CA LYS F 238 41.45 -19.96 -2.90
C LYS F 238 41.74 -18.81 -1.93
N LYS F 239 42.69 -17.96 -2.30
CA LYS F 239 43.16 -16.91 -1.39
C LYS F 239 42.09 -15.86 -1.14
N ASN F 240 41.34 -15.51 -2.17
CA ASN F 240 40.32 -14.48 -2.06
C ASN F 240 39.27 -14.84 -1.02
N LEU F 241 39.06 -16.14 -0.81
CA LEU F 241 37.99 -16.60 0.08
C LEU F 241 38.47 -16.69 1.52
N ILE F 242 39.54 -17.48 1.73
CA ILE F 242 40.26 -17.49 2.99
C ILE F 242 40.38 -16.06 3.51
N GLU F 243 40.86 -15.14 2.68
CA GLU F 243 40.93 -13.76 3.08
C GLU F 243 39.60 -13.27 3.64
N LYS F 244 38.48 -13.51 2.96
CA LYS F 244 37.19 -13.05 3.45
C LYS F 244 36.85 -13.69 4.81
N ILE F 245 37.09 -14.99 4.91
CA ILE F 245 36.94 -15.71 6.18
C ILE F 245 37.82 -15.12 7.31
N LYS F 246 39.11 -14.94 7.04
CA LYS F 246 40.07 -14.45 8.02
C LYS F 246 39.60 -13.13 8.65
N LYS F 247 38.89 -12.34 7.86
CA LYS F 247 38.47 -11.00 8.25
C LYS F 247 37.17 -10.98 9.04
N ASN F 248 36.49 -12.11 9.11
CA ASN F 248 35.26 -12.15 9.87
C ASN F 248 35.58 -11.97 11.32
N PRO F 249 34.85 -11.06 11.99
CA PRO F 249 35.06 -10.88 13.42
C PRO F 249 34.89 -12.20 14.18
N ILE F 250 33.94 -13.03 13.78
CA ILE F 250 33.73 -14.34 14.40
C ILE F 250 34.99 -15.22 14.42
N ALA F 251 35.85 -15.08 13.42
CA ALA F 251 37.07 -15.87 13.37
C ALA F 251 37.91 -15.65 14.63
N ARG F 252 37.61 -14.60 15.37
CA ARG F 252 38.39 -14.25 16.55
C ARG F 252 37.84 -15.03 17.72
N ALA F 253 36.52 -15.22 17.73
CA ALA F 253 35.89 -16.11 18.69
C ALA F 253 36.36 -17.56 18.47
N LEU F 254 36.68 -17.91 17.23
CA LEU F 254 37.12 -19.26 16.90
C LEU F 254 38.62 -19.45 16.89
N ARG F 255 39.37 -18.49 17.37
CA ARG F 255 40.83 -18.52 17.23
C ARG F 255 41.49 -19.61 18.06
N ILE F 256 42.49 -20.26 17.51
CA ILE F 256 43.09 -21.39 18.21
C ILE F 256 44.10 -21.04 19.31
N ASP F 257 44.09 -21.88 20.35
CA ASP F 257 44.99 -21.77 21.50
C ASP F 257 46.49 -21.98 21.21
N LYS F 258 47.33 -21.45 22.09
CA LYS F 258 48.77 -21.66 22.01
C LYS F 258 49.16 -23.15 21.97
N LEU F 259 48.47 -23.98 22.76
CA LEU F 259 48.72 -25.42 22.79
C LEU F 259 48.46 -26.13 21.47
N THR F 260 47.24 -26.07 20.95
CA THR F 260 46.95 -26.73 19.67
C THR F 260 47.83 -26.17 18.54
N LEU F 261 47.96 -24.86 18.47
CA LEU F 261 48.83 -24.21 17.49
C LEU F 261 50.21 -24.87 17.41
N SER F 262 50.91 -24.90 18.53
CA SER F 262 52.25 -25.47 18.58
C SER F 262 52.23 -26.95 18.23
N GLY F 263 51.29 -27.68 18.81
CA GLY F 263 51.15 -29.08 18.53
C GLY F 263 50.89 -29.32 17.05
N LEU F 264 50.05 -28.50 16.45
CA LEU F 264 49.72 -28.69 15.05
C LEU F 264 50.94 -28.42 14.21
N GLU F 265 51.75 -27.45 14.64
CA GLU F 265 52.93 -27.11 13.89
C GLU F 265 53.92 -28.26 13.83
N MSE F 266 54.19 -28.86 14.98
CA MSE F 266 55.13 -29.97 15.05
C MSE F 266 54.56 -31.12 14.26
O MSE F 266 55.29 -31.86 13.60
CB MSE F 266 55.34 -30.41 16.50
CG MSE F 266 56.42 -31.49 16.69
SE MSE F 266 58.14 -31.06 15.89
CE MSE F 266 59.21 -32.45 16.76
N THR F 267 53.24 -31.28 14.32
CA THR F 267 52.54 -32.33 13.59
C THR F 267 52.77 -32.16 12.08
N LEU F 268 52.70 -30.92 11.62
CA LEU F 268 52.94 -30.62 10.21
C LEU F 268 54.41 -30.75 9.81
N LYS F 269 55.32 -30.42 10.71
CA LYS F 269 56.73 -30.57 10.38
C LYS F 269 56.98 -32.05 10.19
N LEU F 270 56.29 -32.87 10.97
CA LEU F 270 56.43 -34.31 10.83
C LEU F 270 55.97 -34.73 9.44
N TYR F 271 54.80 -34.27 9.03
CA TYR F 271 54.32 -34.58 7.69
C TYR F 271 55.30 -34.11 6.63
N PHE F 272 55.78 -32.87 6.75
CA PHE F 272 56.79 -32.32 5.85
C PHE F 272 58.01 -33.25 5.79
N GLU F 273 58.50 -33.66 6.96
CA GLU F 273 59.67 -34.53 7.05
C GLU F 273 59.34 -35.99 6.69
N LYS F 274 58.11 -36.23 6.24
CA LYS F 274 57.66 -37.56 5.84
C LYS F 274 57.97 -38.65 6.87
N ARG F 275 57.99 -38.21 8.13
CA ARG F 275 58.18 -39.08 9.27
C ARG F 275 56.85 -39.62 9.74
N TYR F 276 56.12 -40.26 8.84
CA TYR F 276 54.75 -40.70 9.14
C TYR F 276 54.72 -41.62 10.33
N GLU F 277 55.79 -42.40 10.45
CA GLU F 277 55.93 -43.33 11.55
C GLU F 277 55.90 -42.60 12.89
N ASP F 278 55.97 -41.28 12.84
CA ASP F 278 56.05 -40.48 14.06
C ASP F 278 54.75 -39.75 14.36
N ILE F 279 53.68 -40.10 13.68
CA ILE F 279 52.37 -39.61 14.06
C ILE F 279 51.44 -40.79 14.25
N PRO F 280 50.99 -41.00 15.49
CA PRO F 280 50.38 -42.24 15.96
C PRO F 280 49.26 -42.75 15.06
N VAL F 281 48.32 -41.90 14.68
CA VAL F 281 47.18 -42.41 13.94
C VAL F 281 47.58 -43.05 12.63
N ILE F 282 48.56 -42.47 11.94
CA ILE F 282 49.05 -43.08 10.71
C ILE F 282 49.82 -44.34 11.05
N ARG F 283 50.72 -44.25 12.02
CA ARG F 283 51.54 -45.41 12.40
C ARG F 283 50.66 -46.61 12.66
N MSE F 284 49.53 -46.37 13.34
CA MSE F 284 48.65 -47.42 13.80
C MSE F 284 47.85 -48.10 12.68
O MSE F 284 47.60 -49.31 12.74
CB MSE F 284 47.69 -46.90 14.86
CG MSE F 284 48.35 -46.67 16.19
SE MSE F 284 47.05 -46.12 17.50
CE MSE F 284 48.20 -46.21 19.08
N LEU F 285 47.43 -47.34 11.67
CA LEU F 285 46.64 -47.92 10.60
C LEU F 285 47.54 -48.60 9.57
N THR F 286 48.82 -48.28 9.61
CA THR F 286 49.76 -48.82 8.64
C THR F 286 50.59 -49.92 9.26
N GLN F 287 50.25 -50.26 10.51
CA GLN F 287 51.03 -51.23 11.23
C GLN F 287 51.06 -52.52 10.47
N ASP F 288 52.27 -53.07 10.37
CA ASP F 288 52.50 -54.35 9.72
C ASP F 288 51.77 -55.45 10.45
N GLU F 289 51.13 -56.34 9.69
CA GLU F 289 50.37 -57.46 10.25
C GLU F 289 51.24 -58.33 11.16
N LYS F 290 52.51 -58.47 10.79
CA LYS F 290 53.49 -59.23 11.55
C LYS F 290 53.85 -58.51 12.85
N ALA F 291 53.87 -57.18 12.81
CA ALA F 291 54.17 -56.40 14.01
C ALA F 291 53.06 -56.53 15.04
N LEU F 292 51.82 -56.70 14.57
CA LEU F 292 50.68 -56.90 15.46
C LEU F 292 50.78 -58.24 16.17
N ARG F 293 51.11 -59.27 15.40
CA ARG F 293 51.33 -60.59 15.99
C ARG F 293 52.53 -60.52 16.93
N GLN F 294 53.65 -60.02 16.45
CA GLN F 294 54.87 -59.95 17.26
C GLN F 294 54.57 -59.33 18.61
N LYS F 295 53.70 -58.33 18.63
CA LYS F 295 53.30 -57.66 19.85
C LYS F 295 52.34 -58.53 20.63
N ALA F 296 51.39 -59.15 19.93
CA ALA F 296 50.40 -59.98 20.59
C ALA F 296 51.07 -61.11 21.37
N LYS F 297 52.07 -61.72 20.75
CA LYS F 297 52.79 -62.82 21.35
C LYS F 297 53.73 -62.34 22.45
N ARG F 298 54.20 -61.10 22.34
CA ARG F 298 55.07 -60.53 23.37
C ARG F 298 54.29 -60.33 24.66
N LEU F 299 52.99 -60.10 24.53
CA LEU F 299 52.14 -59.89 25.69
C LEU F 299 51.80 -61.21 26.35
N GLU F 300 51.43 -62.21 25.54
CA GLU F 300 51.05 -63.51 26.07
C GLU F 300 52.24 -64.17 26.79
N LYS F 301 53.45 -63.77 26.43
CA LYS F 301 54.65 -64.22 27.13
C LYS F 301 54.66 -63.74 28.58
N LEU F 302 54.16 -62.52 28.78
CA LEU F 302 54.13 -61.92 30.11
C LEU F 302 52.99 -62.44 30.97
N LEU F 303 51.99 -63.04 30.34
CA LEU F 303 50.76 -63.39 31.03
C LEU F 303 50.57 -64.87 31.43
N LYS F 304 51.49 -65.75 31.02
CA LYS F 304 51.30 -67.18 31.25
C LYS F 304 51.43 -67.58 32.71
N ASP F 305 52.21 -66.80 33.46
CA ASP F 305 52.43 -67.03 34.90
C ASP F 305 51.21 -66.78 35.79
N ILE F 306 50.31 -65.88 35.38
CA ILE F 306 49.16 -65.52 36.22
C ILE F 306 48.14 -66.64 36.32
N PRO F 307 47.64 -66.89 37.54
CA PRO F 307 46.69 -67.96 37.88
C PRO F 307 45.31 -67.81 37.25
N GLY F 308 44.69 -68.94 36.95
CA GLY F 308 43.34 -68.98 36.43
C GLY F 308 43.19 -68.39 35.03
N LEU F 309 44.32 -68.02 34.43
CA LEU F 309 44.33 -67.31 33.14
C LEU F 309 44.49 -68.20 31.93
N LYS F 310 43.44 -68.27 31.12
CA LYS F 310 43.48 -68.97 29.84
C LYS F 310 43.80 -67.95 28.75
N ILE F 311 44.94 -68.12 28.11
CA ILE F 311 45.41 -67.12 27.15
C ILE F 311 45.61 -67.70 25.75
N SER F 312 44.95 -67.09 24.78
CA SER F 312 45.14 -67.44 23.39
C SER F 312 45.52 -66.21 22.57
N VAL F 313 45.69 -66.41 21.27
CA VAL F 313 45.97 -65.33 20.36
C VAL F 313 45.26 -65.62 19.06
N ILE F 314 44.40 -64.71 18.62
CA ILE F 314 43.64 -64.93 17.41
C ILE F 314 43.98 -63.92 16.31
N LYS F 315 43.48 -64.17 15.12
CA LYS F 315 43.65 -63.26 14.00
C LYS F 315 42.26 -62.84 13.56
N ASP F 316 42.01 -61.54 13.56
CA ASP F 316 40.66 -61.02 13.47
C ASP F 316 40.58 -59.87 12.47
N LYS F 317 39.48 -59.80 11.73
CA LYS F 317 39.21 -58.66 10.90
C LYS F 317 38.44 -57.67 11.75
N ALA F 318 38.99 -56.48 11.96
CA ALA F 318 38.33 -55.45 12.76
C ALA F 318 38.10 -54.19 11.94
N LYS F 319 37.38 -53.22 12.50
CA LYS F 319 37.20 -51.94 11.83
C LYS F 319 37.88 -50.79 12.58
N PRO F 320 39.14 -50.52 12.24
CA PRO F 320 40.08 -49.69 13.00
C PRO F 320 39.72 -48.21 13.10
N GLY F 321 39.25 -47.61 12.02
CA GLY F 321 38.89 -46.20 12.05
C GLY F 321 37.46 -46.07 12.49
N GLY F 322 37.21 -45.23 13.48
CA GLY F 322 35.86 -45.10 14.05
C GLY F 322 35.06 -43.94 13.48
N GLY F 323 35.59 -42.73 13.65
CA GLY F 323 34.94 -41.53 13.14
C GLY F 323 35.59 -41.04 11.86
N SER F 324 36.07 -41.96 11.04
CA SER F 324 36.59 -41.57 9.73
C SER F 324 36.37 -42.60 8.61
N LEU F 325 36.90 -43.81 8.78
CA LEU F 325 36.81 -44.81 7.71
C LEU F 325 35.93 -45.97 8.13
N PRO F 326 34.63 -45.71 8.37
CA PRO F 326 33.80 -46.72 9.04
C PRO F 326 33.60 -47.97 8.20
N GLU F 327 33.82 -47.86 6.89
CA GLU F 327 33.78 -49.03 6.02
C GLU F 327 35.02 -49.90 6.17
N LEU F 328 36.18 -49.25 6.19
CA LEU F 328 37.44 -49.97 6.18
C LEU F 328 37.52 -51.09 7.20
N GLU F 329 37.89 -52.28 6.73
CA GLU F 329 38.15 -53.41 7.62
C GLU F 329 39.58 -53.89 7.42
N LEU F 330 40.27 -54.18 8.51
CA LEU F 330 41.66 -54.61 8.46
C LEU F 330 41.90 -55.74 9.42
N PRO F 331 42.84 -56.62 9.09
CA PRO F 331 43.19 -57.73 9.95
C PRO F 331 44.07 -57.26 11.08
N THR F 332 43.89 -57.81 12.28
CA THR F 332 44.75 -57.53 13.41
C THR F 332 44.86 -58.74 14.34
N TYR F 333 45.93 -58.82 15.14
CA TYR F 333 46.06 -59.91 16.10
C TYR F 333 45.63 -59.46 17.50
N CYS F 334 44.52 -59.99 17.99
CA CYS F 334 44.07 -59.75 19.36
C CYS F 334 44.63 -60.82 20.30
N VAL F 335 44.92 -60.46 21.54
CA VAL F 335 45.23 -61.44 22.57
C VAL F 335 43.99 -61.68 23.41
N ALA F 336 43.49 -62.90 23.40
CA ALA F 336 42.25 -63.19 24.11
C ALA F 336 42.53 -63.85 25.46
N ILE F 337 41.75 -63.49 26.47
CA ILE F 337 41.91 -64.09 27.79
C ILE F 337 40.57 -64.46 28.44
N ARG F 338 40.63 -65.45 29.33
CA ARG F 338 39.46 -65.93 30.05
C ARG F 338 39.92 -66.31 31.44
N HIS F 339 39.05 -66.12 32.42
CA HIS F 339 39.34 -66.49 33.78
C HIS F 339 38.29 -67.52 34.21
N ASP F 340 38.66 -68.44 35.09
CA ASP F 340 37.73 -69.46 35.54
C ASP F 340 36.72 -68.91 36.55
N ARG F 341 37.20 -68.04 37.44
CA ARG F 341 36.36 -67.53 38.52
C ARG F 341 35.53 -66.31 38.09
N LEU F 342 36.07 -65.49 37.20
CA LEU F 342 35.39 -64.28 36.76
C LEU F 342 34.84 -64.39 35.34
N SER F 343 33.63 -63.90 35.13
CA SER F 343 33.09 -63.77 33.79
C SER F 343 33.81 -62.59 33.15
N SER F 344 33.94 -62.63 31.82
CA SER F 344 34.65 -61.58 31.10
C SER F 344 34.00 -60.21 31.30
N GLN F 345 32.70 -60.19 31.45
CA GLN F 345 31.97 -58.93 31.65
C GLN F 345 32.32 -58.29 32.99
N GLU F 346 32.61 -59.12 34.00
CA GLU F 346 33.02 -58.62 35.32
C GLU F 346 34.51 -58.33 35.32
N LEU F 347 35.24 -58.99 34.43
CA LEU F 347 36.67 -58.76 34.26
C LEU F 347 36.96 -57.43 33.54
N SER F 348 36.24 -57.15 32.45
CA SER F 348 36.37 -55.87 31.78
C SER F 348 35.92 -54.77 32.72
N ARG F 349 34.86 -55.04 33.47
CA ARG F 349 34.31 -54.06 34.40
C ARG F 349 35.36 -53.68 35.44
N ARG F 350 36.20 -54.66 35.78
CA ARG F 350 37.24 -54.48 36.80
C ARG F 350 38.44 -53.73 36.21
N LEU F 351 38.73 -54.01 34.95
CA LEU F 351 39.79 -53.30 34.24
C LEU F 351 39.48 -51.81 34.08
N ARG F 352 38.23 -51.49 33.79
CA ARG F 352 37.84 -50.09 33.62
C ARG F 352 38.09 -49.31 34.90
N LEU F 353 37.86 -49.96 36.03
CA LEU F 353 37.98 -49.31 37.34
C LEU F 353 39.43 -49.27 37.83
N ALA F 354 40.31 -49.92 37.09
CA ALA F 354 41.70 -49.99 37.47
C ALA F 354 42.42 -48.65 37.30
N GLU F 355 43.67 -48.60 37.74
CA GLU F 355 44.51 -47.42 37.59
C GLU F 355 45.86 -47.86 37.04
N PRO F 356 46.14 -47.50 35.77
CA PRO F 356 45.19 -46.80 34.91
C PRO F 356 44.16 -47.76 34.30
N PRO F 357 43.01 -47.22 33.84
CA PRO F 357 41.93 -48.06 33.29
C PRO F 357 42.39 -48.75 32.02
N ILE F 358 41.77 -49.87 31.70
CA ILE F 358 42.05 -50.57 30.45
C ILE F 358 40.72 -50.86 29.76
N VAL F 359 40.59 -50.38 28.52
CA VAL F 359 39.34 -50.53 27.79
C VAL F 359 39.57 -51.49 26.66
N CYS F 360 38.70 -52.51 26.57
CA CYS F 360 38.79 -53.52 25.52
C CYS F 360 37.43 -53.87 24.94
N ARG F 361 37.45 -54.63 23.84
CA ARG F 361 36.23 -55.17 23.26
C ARG F 361 35.94 -56.56 23.86
N ILE F 362 34.68 -56.95 23.88
CA ILE F 362 34.30 -58.28 24.35
C ILE F 362 33.55 -59.01 23.25
N ARG F 363 33.81 -60.30 23.09
CA ARG F 363 33.03 -61.09 22.14
C ARG F 363 32.73 -62.51 22.64
N GLU F 364 31.44 -62.78 22.83
CA GLU F 364 30.95 -64.06 23.30
C GLU F 364 31.72 -64.55 24.52
N ASP F 365 31.72 -63.74 25.57
CA ASP F 365 32.40 -64.07 26.82
C ASP F 365 33.88 -64.40 26.60
N GLN F 366 34.44 -63.87 25.53
CA GLN F 366 35.88 -63.93 25.33
C GLN F 366 36.44 -62.50 25.33
N LEU F 367 37.33 -62.23 26.26
CA LEU F 367 37.94 -60.91 26.40
C LEU F 367 39.06 -60.71 25.38
N LEU F 368 38.98 -59.59 24.64
CA LEU F 368 39.93 -59.33 23.55
C LEU F 368 40.75 -58.06 23.78
N PHE F 369 42.06 -58.15 23.60
CA PHE F 369 42.93 -56.97 23.55
C PHE F 369 43.46 -56.78 22.14
N ASP F 370 42.88 -55.87 21.38
CA ASP F 370 43.33 -55.64 20.01
C ASP F 370 44.66 -54.88 20.00
N MSE F 371 45.69 -55.51 19.44
CA MSE F 371 47.04 -54.97 19.54
C MSE F 371 47.23 -53.67 18.80
O MSE F 371 48.18 -52.95 19.09
CB MSE F 371 48.07 -55.98 19.05
CG MSE F 371 48.28 -57.18 19.95
SE MSE F 371 48.69 -56.62 21.76
CE MSE F 371 46.90 -56.75 22.54
N ARG F 372 46.37 -53.39 17.82
CA ARG F 372 46.50 -52.20 16.98
C ARG F 372 46.66 -50.90 17.77
N THR F 373 45.81 -50.69 18.77
CA THR F 373 45.79 -49.45 19.56
C THR F 373 46.48 -49.53 20.93
N VAL F 374 47.36 -50.53 21.08
CA VAL F 374 48.10 -50.70 22.30
C VAL F 374 49.53 -50.24 22.07
N PHE F 375 50.05 -49.43 22.98
CA PHE F 375 51.44 -49.01 22.87
C PHE F 375 52.38 -50.03 23.53
N HIS F 376 53.69 -49.86 23.33
CA HIS F 376 54.68 -50.77 23.92
C HIS F 376 54.76 -50.69 25.46
N GLU F 377 54.76 -49.47 26.00
CA GLU F 377 54.82 -49.30 27.46
C GLU F 377 53.53 -49.75 28.12
N ASP F 378 52.49 -49.96 27.31
CA ASP F 378 51.19 -50.42 27.80
C ASP F 378 51.29 -51.86 28.28
N LEU F 379 52.06 -52.66 27.56
CA LEU F 379 52.23 -54.08 27.85
C LEU F 379 52.54 -54.29 29.32
N LYS F 380 53.68 -53.75 29.75
CA LYS F 380 54.14 -53.90 31.12
C LYS F 380 53.06 -53.51 32.11
N THR F 381 52.33 -52.45 31.78
CA THR F 381 51.25 -51.93 32.62
C THR F 381 50.08 -52.93 32.72
N ILE F 382 49.81 -53.65 31.64
CA ILE F 382 48.73 -54.62 31.62
C ILE F 382 49.06 -55.85 32.46
N LYS F 383 50.31 -56.31 32.39
CA LYS F 383 50.77 -57.39 33.23
C LYS F 383 50.54 -56.99 34.68
N LYS F 384 51.17 -55.89 35.10
CA LYS F 384 51.09 -55.42 36.48
C LYS F 384 49.65 -55.29 36.97
N THR F 385 48.78 -54.73 36.13
CA THR F 385 47.40 -54.49 36.51
C THR F 385 46.61 -55.79 36.65
N LEU F 386 46.86 -56.75 35.78
CA LEU F 386 46.14 -58.01 35.79
C LEU F 386 46.47 -58.89 36.99
N GLN F 387 47.74 -58.91 37.36
CA GLN F 387 48.18 -59.67 38.52
C GLN F 387 47.65 -59.05 39.81
N GLU F 388 47.56 -57.72 39.84
CA GLU F 388 47.05 -57.00 41.00
C GLU F 388 45.61 -57.41 41.31
N LEU F 389 44.81 -57.57 40.24
CA LEU F 389 43.39 -57.91 40.38
C LEU F 389 43.17 -59.38 40.78
N LEU F 390 43.88 -60.28 40.10
CA LEU F 390 43.58 -61.70 40.15
C LEU F 390 44.59 -62.56 40.93
N SER F 391 45.46 -61.92 41.71
CA SER F 391 46.52 -62.64 42.42
C SER F 391 46.43 -62.59 43.94
N ILE F 392 47.03 -61.56 44.54
CA ILE F 392 47.15 -61.51 45.99
C ILE F 392 46.42 -60.31 46.60
N LEU G 4 13.33 -55.26 -34.71
CA LEU G 4 11.87 -55.10 -34.80
C LEU G 4 11.20 -56.33 -35.39
N MSE G 5 11.97 -57.16 -36.10
CA MSE G 5 11.43 -58.38 -36.70
C MSE G 5 10.84 -59.29 -35.63
O MSE G 5 9.89 -60.04 -35.88
CB MSE G 5 12.51 -59.13 -37.48
CG MSE G 5 12.91 -58.46 -38.81
SE MSE G 5 11.46 -58.50 -40.13
CE MSE G 5 11.29 -60.43 -40.37
N LYS G 6 11.42 -59.22 -34.43
CA LYS G 6 10.97 -60.02 -33.30
C LYS G 6 10.65 -59.11 -32.12
N PRO G 7 10.02 -59.66 -31.07
CA PRO G 7 9.71 -58.88 -29.86
C PRO G 7 10.96 -58.61 -29.01
N ASN G 8 11.09 -57.38 -28.48
CA ASN G 8 12.26 -57.03 -27.68
C ASN G 8 12.20 -57.55 -26.24
N ILE G 9 11.00 -57.88 -25.75
CA ILE G 9 10.89 -58.47 -24.42
C ILE G 9 11.04 -59.97 -24.45
N LYS G 10 12.02 -60.46 -23.69
CA LYS G 10 12.39 -61.86 -23.69
C LYS G 10 12.57 -62.45 -22.29
N ARG G 11 12.27 -63.73 -22.18
CA ARG G 11 12.51 -64.50 -20.97
C ARG G 11 14.01 -64.54 -20.70
N VAL G 12 14.42 -64.15 -19.50
CA VAL G 12 15.84 -64.14 -19.16
C VAL G 12 16.13 -65.07 -17.98
N ILE G 13 17.12 -65.95 -18.15
CA ILE G 13 17.61 -66.79 -17.07
C ILE G 13 18.41 -65.99 -16.04
N ASN G 14 17.89 -65.84 -14.83
CA ASN G 14 18.50 -65.00 -13.79
C ASN G 14 19.40 -65.80 -12.86
N ALA G 15 20.71 -65.69 -13.05
CA ALA G 15 21.67 -66.43 -12.21
C ALA G 15 22.34 -65.54 -11.18
N THR G 16 21.83 -64.32 -11.03
CA THR G 16 22.36 -63.39 -10.06
C THR G 16 21.98 -63.78 -8.62
N GLY G 17 21.03 -64.70 -8.49
CA GLY G 17 20.56 -65.07 -7.17
C GLY G 17 19.98 -63.88 -6.43
N VAL G 18 19.47 -62.92 -7.20
CA VAL G 18 18.73 -61.81 -6.64
C VAL G 18 17.22 -61.97 -6.91
N VAL G 19 16.51 -62.35 -5.84
CA VAL G 19 15.08 -62.67 -5.92
C VAL G 19 14.24 -61.49 -6.38
N ILE G 20 14.26 -60.39 -5.65
CA ILE G 20 13.57 -59.21 -6.15
C ILE G 20 14.54 -58.40 -6.99
N ASN G 21 14.55 -58.65 -8.29
CA ASN G 21 15.49 -58.00 -9.20
C ASN G 21 14.81 -56.88 -10.01
N THR G 22 14.96 -55.62 -9.56
CA THR G 22 14.32 -54.48 -10.23
C THR G 22 14.57 -54.52 -11.72
N ASN G 23 15.80 -54.91 -12.10
CA ASN G 23 16.18 -54.98 -13.50
C ASN G 23 15.50 -56.11 -14.26
N LEU G 24 15.35 -57.26 -13.60
CA LEU G 24 14.92 -58.50 -14.29
C LEU G 24 13.41 -58.85 -14.22
N GLY G 25 12.62 -57.85 -13.81
CA GLY G 25 11.17 -57.92 -13.90
C GLY G 25 10.51 -58.13 -12.55
N ARG G 26 11.23 -57.77 -11.49
CA ARG G 26 10.74 -58.02 -10.15
C ARG G 26 10.16 -59.43 -10.06
N ALA G 27 9.07 -59.59 -9.32
CA ALA G 27 8.54 -60.92 -9.00
C ALA G 27 8.05 -61.70 -10.22
N PRO G 28 8.45 -62.97 -10.30
CA PRO G 28 7.91 -63.90 -11.31
C PRO G 28 6.54 -64.43 -10.83
N LEU G 29 5.66 -64.86 -11.73
CA LEU G 29 4.33 -65.33 -11.34
C LEU G 29 4.18 -66.85 -11.36
N SER G 30 3.38 -67.39 -10.42
CA SER G 30 3.05 -68.82 -10.37
C SER G 30 2.16 -69.23 -11.55
N LYS G 31 2.23 -70.50 -11.95
CA LYS G 31 1.52 -70.94 -13.15
C LYS G 31 0.02 -70.90 -12.89
N ASP G 32 -0.39 -71.26 -11.67
CA ASP G 32 -1.80 -71.15 -11.27
C ASP G 32 -2.36 -69.76 -11.52
N VAL G 33 -1.64 -68.75 -11.03
CA VAL G 33 -2.01 -67.36 -11.19
C VAL G 33 -2.02 -66.96 -12.67
N ILE G 34 -0.95 -67.29 -13.38
CA ILE G 34 -0.89 -67.00 -14.82
C ILE G 34 -2.04 -67.62 -15.62
N ASN G 35 -2.39 -68.88 -15.32
CA ASN G 35 -3.52 -69.52 -15.98
C ASN G 35 -4.82 -68.77 -15.73
N PHE G 36 -5.06 -68.38 -14.48
CA PHE G 36 -6.25 -67.60 -14.12
C PHE G 36 -6.33 -66.28 -14.91
N ILE G 37 -5.22 -65.54 -14.92
CA ILE G 37 -5.11 -64.34 -15.75
C ILE G 37 -5.40 -64.69 -17.21
N SER G 38 -4.79 -65.78 -17.70
CA SER G 38 -4.99 -66.20 -19.09
C SER G 38 -6.48 -66.39 -19.41
N GLU G 39 -7.21 -66.96 -18.45
CA GLU G 39 -8.65 -67.23 -18.62
C GLU G 39 -9.46 -65.94 -18.78
N ILE G 40 -9.44 -65.12 -17.75
CA ILE G 40 -10.17 -63.86 -17.73
C ILE G 40 -9.89 -63.00 -18.97
N ALA G 41 -8.62 -63.00 -19.40
CA ALA G 41 -8.19 -62.22 -20.56
C ALA G 41 -8.66 -62.81 -21.88
N ASN G 42 -8.92 -64.12 -21.91
CA ASN G 42 -9.21 -64.83 -23.15
C ASN G 42 -10.50 -64.40 -23.86
N GLY G 43 -11.54 -64.11 -23.07
CA GLY G 43 -12.80 -63.62 -23.61
C GLY G 43 -13.35 -62.47 -22.78
N TYR G 44 -14.68 -62.34 -22.72
CA TYR G 44 -15.28 -61.31 -21.89
C TYR G 44 -15.40 -61.78 -20.41
N SER G 45 -15.86 -60.88 -19.55
CA SER G 45 -15.83 -61.13 -18.10
C SER G 45 -16.71 -60.14 -17.32
N ASN G 46 -16.80 -60.36 -16.00
CA ASN G 46 -17.62 -59.51 -15.11
C ASN G 46 -16.82 -58.35 -14.51
N LEU G 47 -15.84 -57.84 -15.25
CA LEU G 47 -14.94 -56.84 -14.71
C LEU G 47 -15.69 -55.77 -13.91
N GLU G 48 -16.49 -54.97 -14.57
CA GLU G 48 -17.32 -54.01 -13.87
C GLU G 48 -18.75 -54.44 -14.08
N TYR G 49 -19.22 -55.40 -13.29
CA TYR G 49 -20.61 -55.85 -13.44
C TYR G 49 -21.07 -56.64 -12.22
N ASN G 50 -22.34 -56.48 -11.89
CA ASN G 50 -22.95 -57.24 -10.82
C ASN G 50 -23.88 -58.25 -11.46
N LEU G 51 -23.47 -59.51 -11.49
CA LEU G 51 -24.27 -60.53 -12.16
C LEU G 51 -25.61 -60.73 -11.43
N GLU G 52 -25.63 -60.41 -10.14
CA GLU G 52 -26.83 -60.58 -9.32
C GLU G 52 -27.91 -59.51 -9.60
N GLU G 53 -27.50 -58.24 -9.64
CA GLU G 53 -28.44 -57.15 -9.84
C GLU G 53 -28.60 -56.74 -11.31
N GLY G 54 -27.76 -57.29 -12.18
CA GLY G 54 -27.84 -57.05 -13.61
C GLY G 54 -27.44 -55.65 -14.05
N LYS G 55 -26.53 -55.04 -13.31
CA LYS G 55 -26.09 -53.66 -13.54
C LYS G 55 -24.57 -53.55 -13.40
N ARG G 56 -24.02 -52.37 -13.69
CA ARG G 56 -22.59 -52.14 -13.52
C ARG G 56 -22.21 -52.27 -12.06
N GLY G 57 -20.97 -52.67 -11.80
CA GLY G 57 -20.53 -52.91 -10.43
C GLY G 57 -19.10 -52.46 -10.19
N SER G 58 -18.62 -52.72 -8.99
CA SER G 58 -17.26 -52.35 -8.62
C SER G 58 -16.25 -53.46 -8.89
N ARG G 59 -15.17 -53.08 -9.58
CA ARG G 59 -14.15 -54.03 -10.02
C ARG G 59 -13.24 -54.50 -8.87
N ILE G 60 -12.91 -53.57 -7.98
CA ILE G 60 -12.02 -53.81 -6.85
C ILE G 60 -12.70 -54.57 -5.71
N ALA G 61 -14.03 -54.50 -5.68
CA ALA G 61 -14.83 -55.05 -4.58
C ALA G 61 -14.23 -56.30 -3.95
N HIS G 62 -13.96 -57.32 -4.77
CA HIS G 62 -13.47 -58.61 -4.26
C HIS G 62 -12.02 -58.56 -3.70
N ILE G 63 -11.13 -57.87 -4.42
CA ILE G 63 -9.79 -57.63 -3.93
C ILE G 63 -9.91 -57.08 -2.52
N GLU G 64 -10.80 -56.08 -2.38
CA GLU G 64 -10.96 -55.39 -1.08
C GLU G 64 -11.28 -56.39 0.02
N LYS G 65 -12.30 -57.22 -0.19
CA LYS G 65 -12.69 -58.24 0.79
C LYS G 65 -11.49 -59.02 1.32
N TYR G 66 -10.75 -59.67 0.42
CA TYR G 66 -9.46 -60.29 0.77
C TYR G 66 -8.58 -59.42 1.69
N LEU G 67 -8.09 -58.31 1.16
CA LEU G 67 -7.24 -57.41 1.94
C LEU G 67 -7.79 -57.13 3.34
N ASN G 68 -9.05 -56.71 3.37
CA ASN G 68 -9.70 -56.33 4.61
C ASN G 68 -9.73 -57.48 5.63
N GLU G 69 -9.75 -58.72 5.14
CA GLU G 69 -9.61 -59.89 6.02
C GLU G 69 -8.15 -60.17 6.37
N LEU G 70 -7.32 -60.33 5.34
CA LEU G 70 -5.92 -60.64 5.58
C LEU G 70 -5.23 -59.55 6.43
N THR G 71 -5.33 -58.27 6.05
CA THR G 71 -4.64 -57.26 6.87
C THR G 71 -5.35 -56.91 8.19
N GLY G 72 -6.69 -56.93 8.17
CA GLY G 72 -7.48 -56.58 9.33
C GLY G 72 -7.86 -55.10 9.34
N ALA G 73 -7.44 -54.39 8.30
CA ALA G 73 -7.77 -52.98 8.15
C ALA G 73 -9.26 -52.83 7.86
N GLU G 74 -9.84 -51.72 8.32
CA GLU G 74 -11.27 -51.39 8.10
C GLU G 74 -11.70 -51.44 6.63
N SER G 75 -10.90 -50.82 5.76
CA SER G 75 -11.15 -50.85 4.33
C SER G 75 -9.83 -50.91 3.56
N SER G 76 -9.93 -50.99 2.24
CA SER G 76 -8.75 -51.06 1.37
C SER G 76 -9.01 -50.51 -0.04
N PHE G 77 -7.94 -50.39 -0.81
CA PHE G 77 -8.02 -49.93 -2.20
C PHE G 77 -6.74 -50.28 -2.95
N VAL G 78 -6.88 -50.49 -4.25
CA VAL G 78 -5.75 -50.81 -5.08
C VAL G 78 -5.68 -49.89 -6.28
N VAL G 79 -4.51 -49.29 -6.48
CA VAL G 79 -4.24 -48.56 -7.72
C VAL G 79 -3.07 -49.17 -8.50
N ASN G 80 -2.74 -48.51 -9.61
CA ASN G 80 -1.73 -48.94 -10.57
C ASN G 80 -0.39 -49.38 -9.99
N ASN G 81 0.16 -48.57 -9.07
CA ASN G 81 1.42 -48.92 -8.40
C ASN G 81 1.67 -48.10 -7.12
N ASN G 82 2.67 -48.50 -6.33
CA ASN G 82 2.88 -47.84 -5.04
C ASN G 82 3.26 -46.37 -5.21
N ALA G 83 4.06 -46.10 -6.24
CA ALA G 83 4.30 -44.72 -6.67
C ALA G 83 2.97 -43.97 -6.64
N GLY G 84 2.03 -44.44 -7.46
CA GLY G 84 0.69 -43.85 -7.55
C GLY G 84 -0.02 -43.84 -6.20
N ALA G 85 0.08 -44.93 -5.45
CA ALA G 85 -0.52 -44.95 -4.11
C ALA G 85 -0.01 -43.75 -3.31
N VAL G 86 1.30 -43.66 -3.15
CA VAL G 86 1.86 -42.54 -2.41
C VAL G 86 1.32 -41.20 -2.91
N PHE G 87 1.34 -40.99 -4.23
CA PHE G 87 0.86 -39.74 -4.85
C PHE G 87 -0.58 -39.39 -4.49
N LEU G 88 -1.44 -40.38 -4.73
CA LEU G 88 -2.88 -40.30 -4.46
C LEU G 88 -3.19 -40.04 -2.98
N VAL G 89 -2.49 -40.73 -2.08
CA VAL G 89 -2.67 -40.51 -0.64
C VAL G 89 -2.31 -39.07 -0.25
N LEU G 90 -1.15 -38.62 -0.70
CA LEU G 90 -0.71 -37.26 -0.43
C LEU G 90 -1.64 -36.26 -1.10
N ASN G 91 -1.91 -36.40 -2.39
CA ASN G 91 -2.78 -35.43 -3.04
C ASN G 91 -4.16 -35.38 -2.40
N THR G 92 -4.67 -36.54 -2.03
CA THR G 92 -5.98 -36.59 -1.38
C THR G 92 -5.96 -35.85 -0.03
N LEU G 93 -5.14 -36.33 0.91
CA LEU G 93 -5.22 -35.90 2.31
C LEU G 93 -4.38 -34.67 2.73
N ALA G 94 -3.43 -34.28 1.89
CA ALA G 94 -2.46 -33.27 2.28
C ALA G 94 -2.35 -32.11 1.28
N GLU G 95 -3.35 -31.93 0.44
CA GLU G 95 -3.20 -30.90 -0.58
C GLU G 95 -3.09 -29.52 0.10
N GLY G 96 -2.02 -28.81 -0.21
CA GLY G 96 -1.80 -27.47 0.33
C GLY G 96 -1.44 -27.47 1.80
N LYS G 97 -1.49 -28.64 2.43
CA LYS G 97 -1.13 -28.76 3.84
C LYS G 97 0.26 -29.42 4.03
N GLU G 98 0.75 -29.50 5.27
CA GLU G 98 2.10 -29.96 5.52
C GLU G 98 2.16 -31.44 5.93
N VAL G 99 3.15 -32.16 5.41
CA VAL G 99 3.40 -33.54 5.79
C VAL G 99 4.77 -33.69 6.46
N ILE G 100 4.77 -34.20 7.69
CA ILE G 100 6.02 -34.35 8.41
C ILE G 100 6.66 -35.70 8.10
N ILE G 101 7.97 -35.66 7.81
CA ILE G 101 8.72 -36.85 7.38
C ILE G 101 10.22 -36.71 7.70
N SER G 102 10.85 -37.77 8.23
CA SER G 102 12.26 -37.68 8.61
C SER G 102 13.16 -37.56 7.38
N ARG G 103 14.21 -36.75 7.49
CA ARG G 103 15.12 -36.47 6.36
C ARG G 103 15.87 -37.72 5.91
N GLY G 104 15.73 -38.81 6.67
CA GLY G 104 16.39 -40.04 6.35
C GLY G 104 15.51 -40.98 5.53
N GLU G 105 14.25 -40.59 5.34
CA GLU G 105 13.26 -41.40 4.61
C GLU G 105 12.82 -40.81 3.25
N LEU G 106 13.41 -39.67 2.88
CA LEU G 106 13.19 -39.11 1.55
C LEU G 106 13.93 -39.94 0.50
N VAL G 107 13.30 -41.01 0.02
CA VAL G 107 13.99 -42.00 -0.83
C VAL G 107 13.83 -41.87 -2.35
N GLU G 108 14.82 -42.39 -3.07
CA GLU G 108 14.74 -42.65 -4.50
C GLU G 108 14.76 -44.17 -4.70
N ILE G 109 13.66 -44.69 -5.22
CA ILE G 109 13.59 -46.09 -5.56
C ILE G 109 13.32 -46.21 -7.06
N GLY G 110 14.13 -46.99 -7.77
CA GLY G 110 14.13 -46.97 -9.22
C GLY G 110 14.89 -45.75 -9.75
N GLY G 111 14.54 -45.30 -10.95
CA GLY G 111 15.21 -44.14 -11.54
C GLY G 111 14.35 -42.89 -11.66
N SER G 112 13.04 -43.10 -11.70
CA SER G 112 12.12 -42.00 -11.91
C SER G 112 11.30 -41.71 -10.65
N PHE G 113 11.56 -42.45 -9.58
CA PHE G 113 10.76 -42.25 -8.37
C PHE G 113 11.53 -41.64 -7.20
N ARG G 114 11.11 -40.45 -6.79
CA ARG G 114 11.73 -39.71 -5.69
C ARG G 114 10.65 -39.11 -4.81
N ILE G 115 10.59 -39.53 -3.55
CA ILE G 115 9.59 -38.99 -2.63
C ILE G 115 9.45 -37.46 -2.62
N PRO G 116 10.56 -36.70 -2.46
CA PRO G 116 10.27 -35.27 -2.41
C PRO G 116 9.75 -34.71 -3.75
N ASP G 117 10.09 -35.32 -4.88
CA ASP G 117 9.62 -34.87 -6.19
C ASP G 117 8.12 -35.11 -6.38
N ILE G 118 7.72 -36.34 -6.07
CA ILE G 118 6.35 -36.76 -6.28
C ILE G 118 5.47 -36.09 -5.26
N MSE G 119 5.94 -35.96 -4.03
CA MSE G 119 5.17 -35.27 -3.01
C MSE G 119 4.87 -33.85 -3.46
O MSE G 119 3.78 -33.34 -3.24
CB MSE G 119 5.85 -35.21 -1.66
CG MSE G 119 5.00 -34.38 -0.66
SE MSE G 119 5.71 -34.44 1.11
CE MSE G 119 6.64 -36.18 0.96
N LYS G 120 5.85 -33.22 -4.11
CA LYS G 120 5.66 -31.87 -4.61
C LYS G 120 4.54 -31.90 -5.64
N LYS G 121 4.67 -32.75 -6.64
CA LYS G 121 3.64 -32.85 -7.65
C LYS G 121 2.27 -33.22 -7.05
N SER G 122 2.23 -33.74 -5.82
CA SER G 122 0.96 -34.11 -5.20
C SER G 122 0.23 -32.91 -4.60
N GLY G 123 0.92 -31.79 -4.46
CA GLY G 123 0.31 -30.59 -3.96
C GLY G 123 0.57 -30.41 -2.48
N ALA G 124 1.00 -31.49 -1.84
CA ALA G 124 1.37 -31.45 -0.43
C ALA G 124 2.61 -30.60 -0.22
N ILE G 125 2.83 -30.26 1.05
CA ILE G 125 3.93 -29.41 1.45
C ILE G 125 4.89 -30.17 2.35
N LEU G 126 6.05 -30.46 1.80
CA LEU G 126 7.05 -31.25 2.49
C LEU G 126 7.65 -30.55 3.70
N ARG G 127 7.37 -31.07 4.90
CA ARG G 127 8.14 -30.68 6.10
C ARG G 127 9.15 -31.74 6.56
N GLU G 128 10.42 -31.43 6.37
CA GLU G 128 11.48 -32.39 6.59
C GLU G 128 12.17 -32.17 7.95
N VAL G 129 12.09 -33.16 8.83
CA VAL G 129 12.63 -32.97 10.17
C VAL G 129 13.78 -33.94 10.38
N GLY G 130 14.61 -33.68 11.39
CA GLY G 130 15.68 -34.60 11.73
C GLY G 130 16.97 -34.39 10.95
N THR G 131 17.71 -35.48 10.75
CA THR G 131 18.96 -35.47 10.00
C THR G 131 18.99 -36.75 9.16
N THR G 132 19.89 -36.81 8.20
CA THR G 132 19.97 -37.98 7.33
C THR G 132 19.99 -39.27 8.15
N ASN G 133 21.02 -39.39 8.99
CA ASN G 133 21.32 -40.59 9.79
C ASN G 133 20.60 -40.70 11.15
N LYS G 134 20.35 -39.57 11.82
CA LYS G 134 19.66 -39.63 13.10
C LYS G 134 18.35 -38.80 13.14
N THR G 135 17.23 -39.45 13.43
CA THR G 135 15.98 -38.71 13.68
C THR G 135 15.22 -39.22 14.90
N LYS G 136 14.74 -38.28 15.72
CA LYS G 136 14.11 -38.59 17.01
C LYS G 136 12.63 -38.18 17.02
N VAL G 137 11.90 -38.65 18.04
CA VAL G 137 10.49 -38.28 18.18
C VAL G 137 10.28 -36.76 18.25
N SER G 138 11.15 -36.09 18.99
CA SER G 138 11.07 -34.64 19.09
C SER G 138 11.00 -33.99 17.71
N ASP G 139 11.85 -34.42 16.78
CA ASP G 139 11.91 -33.80 15.45
C ASP G 139 10.55 -33.82 14.75
N TYR G 140 9.81 -34.90 15.00
CA TYR G 140 8.45 -35.05 14.50
C TYR G 140 7.52 -34.06 15.19
N GLU G 141 7.38 -34.20 16.50
CA GLU G 141 6.54 -33.31 17.29
C GLU G 141 6.89 -31.84 17.03
N GLY G 142 8.18 -31.54 16.90
CA GLY G 142 8.66 -30.17 16.73
C GLY G 142 8.02 -29.44 15.56
N ALA G 143 7.81 -30.18 14.48
CA ALA G 143 7.33 -29.59 13.23
C ALA G 143 5.82 -29.41 13.20
N ILE G 144 5.12 -29.97 14.17
CA ILE G 144 3.66 -29.96 14.11
C ILE G 144 3.07 -28.56 14.28
N ASN G 145 2.07 -28.24 13.46
CA ASN G 145 1.34 -26.98 13.59
C ASN G 145 -0.11 -27.08 13.12
N GLN G 146 -0.74 -25.93 12.85
CA GLN G 146 -2.13 -25.93 12.40
C GLN G 146 -2.26 -26.55 11.00
N ASN G 147 -1.22 -26.37 10.18
CA ASN G 147 -1.23 -26.91 8.81
C ASN G 147 -0.76 -28.36 8.64
N THR G 148 -0.33 -28.99 9.72
CA THR G 148 0.11 -30.37 9.64
C THR G 148 -1.07 -31.28 9.35
N ALA G 149 -1.09 -31.83 8.14
CA ALA G 149 -2.15 -32.75 7.71
C ALA G 149 -1.78 -34.24 7.87
N LEU G 150 -0.51 -34.52 8.10
CA LEU G 150 -0.07 -35.92 8.01
C LEU G 150 1.29 -36.23 8.64
N LEU G 151 1.36 -37.35 9.35
CA LEU G 151 2.64 -37.89 9.78
C LEU G 151 2.97 -39.07 8.87
N MSE G 152 4.10 -39.02 8.17
CA MSE G 152 4.41 -40.05 7.18
C MSE G 152 5.74 -40.74 7.41
O MSE G 152 6.74 -40.10 7.76
CB MSE G 152 4.36 -39.47 5.78
CG MSE G 152 4.90 -40.36 4.68
SE MSE G 152 4.52 -39.56 2.92
CE MSE G 152 6.01 -40.34 1.92
N LYS G 153 5.76 -42.05 7.22
CA LYS G 153 7.02 -42.80 7.29
C LYS G 153 7.21 -43.62 6.02
N VAL G 154 8.44 -43.61 5.51
CA VAL G 154 8.80 -44.38 4.34
C VAL G 154 9.85 -45.43 4.71
N HIS G 155 9.52 -46.71 4.51
CA HIS G 155 10.52 -47.74 4.71
C HIS G 155 11.62 -47.69 3.65
N LYS G 156 12.87 -47.76 4.08
CA LYS G 156 13.99 -47.69 3.14
C LYS G 156 14.18 -49.06 2.50
N SER G 157 13.63 -49.26 1.30
CA SER G 157 13.50 -50.62 0.74
C SER G 157 14.70 -51.12 -0.07
N ASN G 158 15.42 -50.20 -0.73
CA ASN G 158 16.44 -50.59 -1.71
C ASN G 158 17.86 -50.36 -1.21
N PHE G 159 17.99 -49.56 -0.15
CA PHE G 159 19.29 -49.27 0.49
C PHE G 159 19.16 -49.37 2.00
N TYR G 160 20.29 -49.37 2.70
CA TYR G 160 20.28 -49.33 4.16
C TYR G 160 21.44 -48.54 4.73
N MSE G 161 21.28 -48.05 5.96
CA MSE G 161 22.34 -47.27 6.59
C MSE G 161 23.05 -48.06 7.66
O MSE G 161 22.43 -48.83 8.39
CB MSE G 161 21.76 -46.00 7.20
CG MSE G 161 21.07 -45.11 6.19
SE MSE G 161 20.84 -43.29 6.81
CE MSE G 161 19.82 -43.66 8.43
N GLU G 162 24.36 -47.86 7.76
CA GLU G 162 25.18 -48.45 8.84
C GLU G 162 26.01 -47.40 9.58
N GLY G 163 26.38 -47.72 10.82
CA GLY G 163 27.07 -46.79 11.69
C GLY G 163 26.13 -46.08 12.65
N PHE G 164 26.48 -44.86 13.07
CA PHE G 164 25.67 -44.11 14.01
C PHE G 164 24.33 -43.72 13.38
N VAL G 165 23.25 -44.28 13.92
CA VAL G 165 21.91 -44.10 13.31
C VAL G 165 20.73 -44.19 14.30
N GLU G 166 19.72 -43.34 14.10
CA GLU G 166 18.57 -43.29 14.98
C GLU G 166 17.28 -43.20 14.15
N GLU G 167 16.18 -43.72 14.71
CA GLU G 167 14.90 -43.79 14.01
C GLU G 167 13.75 -43.72 15.04
N VAL G 168 12.58 -43.27 14.60
CA VAL G 168 11.46 -43.19 15.52
C VAL G 168 10.62 -44.44 15.43
N LYS G 169 10.48 -45.09 16.58
CA LYS G 169 9.59 -46.24 16.75
C LYS G 169 8.19 -45.90 16.22
N LEU G 170 7.62 -46.82 15.43
CA LEU G 170 6.30 -46.59 14.84
C LEU G 170 5.27 -46.33 15.94
N GLU G 171 5.33 -47.17 16.98
CA GLU G 171 4.52 -47.01 18.18
C GLU G 171 4.46 -45.53 18.60
N ASP G 172 5.63 -44.89 18.69
CA ASP G 172 5.73 -43.48 19.07
C ASP G 172 5.01 -42.59 18.06
N LEU G 173 5.17 -42.90 16.78
CA LEU G 173 4.51 -42.10 15.75
C LEU G 173 3.00 -42.16 15.94
N VAL G 174 2.43 -43.37 16.02
CA VAL G 174 1.00 -43.49 16.27
C VAL G 174 0.67 -42.66 17.51
N LYS G 175 1.35 -42.99 18.61
CA LYS G 175 1.19 -42.28 19.89
C LYS G 175 1.11 -40.79 19.60
N LEU G 176 2.15 -40.26 18.96
CA LEU G 176 2.23 -38.84 18.65
C LEU G 176 1.05 -38.37 17.80
N GLY G 177 0.72 -39.14 16.78
CA GLY G 177 -0.39 -38.79 15.93
C GLY G 177 -1.69 -38.72 16.72
N HIS G 178 -1.97 -39.76 17.51
CA HIS G 178 -3.17 -39.80 18.34
C HIS G 178 -3.25 -38.55 19.22
N LYS G 179 -2.12 -38.19 19.85
CA LYS G 179 -2.05 -36.98 20.68
C LYS G 179 -2.63 -35.74 19.96
N TYR G 180 -2.06 -35.37 18.81
CA TYR G 180 -2.45 -34.10 18.18
C TYR G 180 -3.53 -34.25 17.12
N GLY G 181 -4.15 -35.42 17.05
CA GLY G 181 -5.23 -35.65 16.09
C GLY G 181 -4.81 -35.74 14.63
N ILE G 182 -3.52 -36.02 14.37
CA ILE G 182 -3.03 -36.25 13.02
C ILE G 182 -2.94 -37.72 12.64
N PRO G 183 -3.51 -38.07 11.48
CA PRO G 183 -3.40 -39.41 10.88
C PRO G 183 -1.97 -39.75 10.47
N THR G 184 -1.64 -41.02 10.55
CA THR G 184 -0.29 -41.50 10.25
C THR G 184 -0.24 -42.38 8.96
N TYR G 185 0.63 -42.00 8.02
CA TYR G 185 0.76 -42.76 6.76
C TYR G 185 2.13 -43.46 6.60
N TYR G 186 2.10 -44.77 6.39
CA TYR G 186 3.32 -45.56 6.34
C TYR G 186 3.50 -46.25 5.00
N ASP G 187 4.31 -45.64 4.14
CA ASP G 187 4.71 -46.31 2.92
C ASP G 187 5.66 -47.46 3.26
N ALA G 188 5.10 -48.65 3.44
CA ALA G 188 5.89 -49.85 3.64
C ALA G 188 6.78 -50.09 2.43
N GLY G 189 6.21 -49.91 1.24
CA GLY G 189 6.92 -50.14 -0.01
C GLY G 189 7.07 -51.60 -0.40
N SER G 190 7.59 -52.42 0.50
CA SER G 190 7.83 -53.81 0.21
C SER G 190 6.52 -54.56 -0.10
N GLY G 191 5.43 -54.16 0.56
CA GLY G 191 4.15 -54.81 0.34
C GLY G 191 4.08 -56.21 0.93
N LEU G 192 4.94 -56.50 1.91
CA LEU G 192 4.91 -57.76 2.63
C LEU G 192 3.57 -57.93 3.33
N LEU G 193 2.88 -59.04 3.05
CA LEU G 193 1.54 -59.26 3.61
C LEU G 193 1.54 -59.70 5.08
N ILE G 194 2.42 -60.65 5.40
CA ILE G 194 2.42 -61.28 6.70
C ILE G 194 3.83 -61.27 7.30
N ASN G 195 3.90 -61.40 8.63
CA ASN G 195 5.17 -61.51 9.32
C ASN G 195 6.05 -62.62 8.74
N LEU G 196 7.33 -62.32 8.56
CA LEU G 196 8.24 -63.26 7.93
C LEU G 196 8.63 -64.41 8.85
N LYS G 197 8.77 -64.10 10.13
CA LYS G 197 9.24 -65.06 11.12
C LYS G 197 8.41 -66.34 11.06
N GLU G 198 7.22 -66.25 10.46
CA GLU G 198 6.37 -67.42 10.28
C GLU G 198 6.96 -68.47 9.33
N PHE G 199 7.79 -68.05 8.37
CA PHE G 199 8.49 -68.99 7.47
C PHE G 199 9.92 -69.31 7.91
N GLY G 200 10.24 -68.98 9.16
CA GLY G 200 11.54 -69.31 9.70
C GLY G 200 12.62 -68.34 9.29
N ILE G 201 12.23 -67.23 8.68
CA ILE G 201 13.16 -66.15 8.38
C ILE G 201 12.91 -64.98 9.34
N SER G 202 13.83 -64.76 10.28
CA SER G 202 13.64 -63.73 11.29
C SER G 202 14.25 -62.38 10.90
N VAL G 203 13.36 -61.42 10.62
CA VAL G 203 13.76 -60.09 10.22
C VAL G 203 12.73 -59.09 10.74
N ASP G 204 13.15 -57.83 10.88
CA ASP G 204 12.27 -56.77 11.35
C ASP G 204 11.33 -56.21 10.28
N GLU G 205 11.42 -56.72 9.05
CA GLU G 205 10.68 -56.13 7.93
C GLU G 205 9.17 -56.03 8.20
N PRO G 206 8.63 -54.80 8.15
CA PRO G 206 7.23 -54.51 8.44
C PRO G 206 6.29 -55.14 7.41
N ASN G 207 5.14 -55.61 7.89
CA ASN G 207 4.15 -56.19 6.99
C ASN G 207 2.79 -55.55 7.24
N PHE G 208 1.90 -55.64 6.24
CA PHE G 208 0.55 -55.07 6.35
C PHE G 208 -0.11 -55.43 7.69
N ARG G 209 -0.52 -56.70 7.85
CA ARG G 209 -1.21 -57.14 9.06
C ARG G 209 -0.65 -56.56 10.38
N ASP G 210 0.67 -56.58 10.55
CA ASP G 210 1.26 -56.18 11.83
C ASP G 210 1.28 -54.65 12.00
N CYS G 211 1.65 -53.95 10.93
CA CYS G 211 1.71 -52.50 10.97
C CYS G 211 0.31 -51.88 11.08
N ILE G 212 -0.71 -52.63 10.67
CA ILE G 212 -2.10 -52.20 10.79
C ILE G 212 -2.52 -52.26 12.24
N SER G 213 -2.14 -53.37 12.86
CA SER G 213 -2.55 -53.68 14.22
C SER G 213 -1.82 -52.80 15.25
N LEU G 214 -0.79 -52.11 14.79
CA LEU G 214 -0.09 -51.15 15.64
C LEU G 214 -0.89 -49.85 15.73
N GLY G 215 -1.81 -49.63 14.78
CA GLY G 215 -2.64 -48.44 14.81
C GLY G 215 -2.24 -47.38 13.82
N ILE G 216 -1.54 -47.81 12.78
CA ILE G 216 -1.23 -46.91 11.68
C ILE G 216 -2.50 -46.71 10.83
N ASP G 217 -2.80 -45.44 10.52
CA ASP G 217 -4.05 -45.10 9.83
C ASP G 217 -4.09 -45.59 8.38
N LEU G 218 -2.92 -45.60 7.74
CA LEU G 218 -2.79 -46.07 6.36
C LEU G 218 -1.45 -46.75 6.12
N VAL G 219 -1.50 -47.90 5.45
CA VAL G 219 -0.27 -48.47 4.94
C VAL G 219 -0.36 -48.95 3.49
N SER G 220 0.64 -48.52 2.69
CA SER G 220 0.75 -48.86 1.26
C SER G 220 1.96 -49.76 0.98
N GLY G 221 2.03 -50.27 -0.25
CA GLY G 221 3.15 -51.12 -0.69
C GLY G 221 2.98 -51.68 -2.09
N SER G 222 4.06 -52.13 -2.72
CA SER G 222 3.96 -52.68 -4.06
C SER G 222 3.35 -54.10 -4.05
N GLY G 223 2.85 -54.51 -5.21
CA GLY G 223 2.30 -55.84 -5.32
C GLY G 223 3.36 -56.80 -5.87
N ASP G 224 4.31 -56.24 -6.61
CA ASP G 224 5.30 -57.05 -7.32
C ASP G 224 6.62 -57.19 -6.56
N1 LLP G 225 8.18 -46.31 -2.15
C2 LLP G 225 8.90 -47.29 -1.54
C2' LLP G 225 9.47 -47.05 -0.11
C3 LLP G 225 9.13 -48.51 -2.17
O3 LLP G 225 9.87 -49.51 -1.54
C4 LLP G 225 8.61 -48.73 -3.46
C4' LLP G 225 8.86 -50.07 -4.16
C5 LLP G 225 7.86 -47.70 -4.07
C6 LLP G 225 7.67 -46.50 -3.38
C5' LLP G 225 7.25 -47.85 -5.49
OP4 LLP G 225 7.15 -49.10 -6.07
P LLP G 225 6.20 -49.29 -7.31
OP1 LLP G 225 5.32 -48.05 -7.49
OP2 LLP G 225 5.26 -50.46 -7.00
OP3 LLP G 225 6.99 -49.56 -8.59
N LLP G 225 6.56 -56.94 -5.25
CA LLP G 225 7.74 -57.09 -4.42
CB LLP G 225 8.06 -55.69 -3.77
CG LLP G 225 8.49 -54.58 -4.76
CD LLP G 225 8.47 -53.18 -4.23
CE LLP G 225 9.70 -52.32 -4.32
NZ LLP G 225 9.58 -51.08 -3.60
C LLP G 225 7.60 -58.20 -3.50
O LLP G 225 7.55 -59.36 -3.95
N LEU G 226 7.54 -57.92 -2.20
CA LEU G 226 7.51 -58.99 -1.20
C LEU G 226 6.18 -59.76 -1.06
N LEU G 227 5.18 -59.29 -1.80
CA LEU G 227 3.88 -59.93 -1.82
C LEU G 227 3.88 -60.96 -2.94
N GLY G 228 4.83 -60.79 -3.87
CA GLY G 228 5.12 -61.77 -4.91
C GLY G 228 3.96 -61.91 -5.84
N GLY G 229 3.30 -60.77 -6.10
CA GLY G 229 2.17 -60.71 -7.02
C GLY G 229 2.38 -59.70 -8.14
N PRO G 230 1.29 -59.39 -8.88
CA PRO G 230 1.44 -58.49 -10.01
C PRO G 230 1.76 -57.08 -9.57
N GLN G 231 2.10 -56.20 -10.50
CA GLN G 231 2.34 -54.81 -10.16
C GLN G 231 1.10 -54.20 -9.51
N ALA G 232 1.29 -53.47 -8.40
CA ALA G 232 0.16 -52.87 -7.72
C ALA G 232 0.56 -51.91 -6.64
N GLY G 233 -0.23 -50.84 -6.53
CA GLY G 233 -0.24 -50.00 -5.35
C GLY G 233 -1.33 -50.51 -4.42
N ILE G 234 -0.95 -50.96 -3.24
CA ILE G 234 -1.90 -51.45 -2.27
C ILE G 234 -2.01 -50.50 -1.06
N ILE G 235 -3.24 -50.06 -0.80
CA ILE G 235 -3.51 -49.17 0.32
C ILE G 235 -4.54 -49.75 1.29
N VAL G 236 -4.19 -49.78 2.57
CA VAL G 236 -5.11 -50.29 3.60
C VAL G 236 -5.18 -49.38 4.83
N GLY G 237 -6.31 -49.38 5.52
CA GLY G 237 -6.43 -48.61 6.75
C GLY G 237 -7.83 -48.17 7.13
N LYS G 238 -7.90 -47.05 7.84
CA LYS G 238 -9.18 -46.50 8.31
C LYS G 238 -10.14 -46.23 7.16
N LYS G 239 -11.33 -46.80 7.24
CA LYS G 239 -12.37 -46.64 6.21
C LYS G 239 -12.58 -45.16 5.80
N ASN G 240 -12.66 -44.30 6.81
CA ASN G 240 -12.80 -42.85 6.64
C ASN G 240 -11.91 -42.29 5.52
N LEU G 241 -10.62 -42.66 5.56
CA LEU G 241 -9.58 -42.10 4.70
C LEU G 241 -9.55 -42.75 3.33
N ILE G 242 -9.67 -44.06 3.32
CA ILE G 242 -9.78 -44.79 2.07
C ILE G 242 -10.91 -44.17 1.26
N GLU G 243 -12.09 -44.08 1.87
CA GLU G 243 -13.26 -43.47 1.24
C GLU G 243 -12.84 -42.17 0.52
N LYS G 244 -12.13 -41.30 1.25
CA LYS G 244 -11.70 -40.02 0.67
C LYS G 244 -10.78 -40.21 -0.53
N ILE G 245 -9.81 -41.11 -0.38
CA ILE G 245 -8.92 -41.50 -1.48
C ILE G 245 -9.69 -42.00 -2.72
N LYS G 246 -10.53 -43.02 -2.52
CA LYS G 246 -11.35 -43.58 -3.59
C LYS G 246 -12.12 -42.48 -4.38
N LYS G 247 -12.44 -41.38 -3.72
CA LYS G 247 -13.30 -40.36 -4.31
C LYS G 247 -12.50 -39.36 -5.09
N ASN G 248 -11.18 -39.42 -4.97
CA ASN G 248 -10.36 -38.52 -5.77
C ASN G 248 -10.36 -38.93 -7.23
N PRO G 249 -10.72 -38.00 -8.11
CA PRO G 249 -10.83 -38.25 -9.55
C PRO G 249 -9.54 -38.83 -10.13
N ILE G 250 -8.42 -38.49 -9.50
CA ILE G 250 -7.10 -38.98 -9.92
C ILE G 250 -7.04 -40.50 -9.78
N ALA G 251 -7.70 -41.04 -8.76
CA ALA G 251 -7.84 -42.48 -8.61
C ALA G 251 -8.20 -43.14 -9.90
N ARG G 252 -8.95 -42.45 -10.76
CA ARG G 252 -9.46 -43.08 -11.98
C ARG G 252 -8.34 -43.24 -12.99
N ALA G 253 -7.41 -42.29 -12.94
CA ALA G 253 -6.22 -42.28 -13.78
C ALA G 253 -5.27 -43.39 -13.35
N LEU G 254 -5.39 -43.83 -12.10
CA LEU G 254 -4.50 -44.87 -11.56
C LEU G 254 -5.20 -46.24 -11.42
N ARG G 255 -6.34 -46.38 -12.08
CA ARG G 255 -7.21 -47.57 -11.94
C ARG G 255 -6.58 -48.83 -12.55
N ILE G 256 -6.50 -49.92 -11.77
CA ILE G 256 -5.78 -51.10 -12.24
C ILE G 256 -6.50 -51.82 -13.35
N ASP G 257 -5.72 -52.50 -14.20
CA ASP G 257 -6.26 -53.19 -15.37
C ASP G 257 -6.73 -54.61 -15.08
N LYS G 258 -7.59 -55.11 -15.94
CA LYS G 258 -8.16 -56.46 -15.81
C LYS G 258 -7.08 -57.49 -15.47
N LEU G 259 -5.98 -57.49 -16.23
CA LEU G 259 -4.87 -58.42 -16.00
C LEU G 259 -4.38 -58.43 -14.55
N THR G 260 -3.82 -57.30 -14.10
CA THR G 260 -3.29 -57.22 -12.73
C THR G 260 -4.38 -57.52 -11.69
N LEU G 261 -5.59 -57.03 -11.94
CA LEU G 261 -6.71 -57.29 -11.05
C LEU G 261 -6.90 -58.79 -10.85
N SER G 262 -7.10 -59.52 -11.95
CA SER G 262 -7.29 -60.98 -11.90
C SER G 262 -6.08 -61.67 -11.27
N GLY G 263 -4.89 -61.26 -11.70
CA GLY G 263 -3.66 -61.84 -11.16
C GLY G 263 -3.54 -61.62 -9.65
N LEU G 264 -3.96 -60.43 -9.22
CA LEU G 264 -3.90 -60.07 -7.81
C LEU G 264 -4.93 -60.90 -7.05
N GLU G 265 -6.10 -61.07 -7.64
CA GLU G 265 -7.15 -61.79 -6.97
C GLU G 265 -6.79 -63.27 -6.75
N MSE G 266 -6.10 -63.87 -7.73
CA MSE G 266 -5.57 -65.24 -7.57
C MSE G 266 -4.44 -65.31 -6.54
O MSE G 266 -4.45 -66.17 -5.67
CB MSE G 266 -5.10 -65.80 -8.92
CG MSE G 266 -4.70 -67.27 -8.91
SE MSE G 266 -6.07 -68.55 -8.26
CE MSE G 266 -5.27 -70.21 -8.91
N THR G 267 -3.49 -64.39 -6.64
CA THR G 267 -2.38 -64.28 -5.70
C THR G 267 -2.92 -64.28 -4.28
N LEU G 268 -3.84 -63.36 -3.96
CA LEU G 268 -4.40 -63.25 -2.60
C LEU G 268 -5.14 -64.55 -2.17
N LYS G 269 -5.79 -65.21 -3.12
CA LYS G 269 -6.50 -66.47 -2.86
C LYS G 269 -5.54 -67.52 -2.29
N LEU G 270 -4.35 -67.62 -2.90
CA LEU G 270 -3.28 -68.46 -2.40
C LEU G 270 -2.92 -68.11 -0.93
N TYR G 271 -2.80 -66.82 -0.62
CA TYR G 271 -2.49 -66.37 0.75
C TYR G 271 -3.54 -66.89 1.74
N PHE G 272 -4.80 -66.57 1.46
CA PHE G 272 -5.91 -67.08 2.23
C PHE G 272 -5.79 -68.60 2.42
N GLU G 273 -5.39 -69.30 1.35
CA GLU G 273 -5.23 -70.76 1.42
C GLU G 273 -3.88 -71.17 2.01
N LYS G 274 -3.09 -70.18 2.41
CA LYS G 274 -1.80 -70.42 3.02
C LYS G 274 -0.92 -71.33 2.16
N ARG G 275 -0.86 -71.08 0.85
CA ARG G 275 -0.07 -71.90 -0.07
C ARG G 275 1.17 -71.14 -0.55
N TYR G 276 2.07 -70.93 0.39
CA TYR G 276 3.23 -70.05 0.21
C TYR G 276 4.29 -70.56 -0.80
N GLU G 277 4.47 -71.88 -0.84
CA GLU G 277 5.34 -72.53 -1.84
C GLU G 277 4.95 -72.16 -3.29
N ASP G 278 3.72 -71.72 -3.47
CA ASP G 278 3.21 -71.41 -4.81
C ASP G 278 3.50 -69.98 -5.25
N ILE G 279 4.03 -69.15 -4.37
CA ILE G 279 4.40 -67.81 -4.78
C ILE G 279 5.93 -67.71 -4.81
N PRO G 280 6.48 -67.69 -6.03
CA PRO G 280 7.91 -67.78 -6.36
C PRO G 280 8.86 -67.04 -5.40
N VAL G 281 8.69 -65.72 -5.30
CA VAL G 281 9.53 -64.92 -4.43
C VAL G 281 9.62 -65.55 -3.03
N ILE G 282 8.48 -65.94 -2.46
CA ILE G 282 8.48 -66.55 -1.12
C ILE G 282 9.18 -67.92 -1.10
N ARG G 283 8.85 -68.75 -2.07
CA ARG G 283 9.51 -70.05 -2.23
C ARG G 283 11.01 -69.87 -2.43
N MSE G 284 11.37 -68.86 -3.23
CA MSE G 284 12.78 -68.62 -3.53
C MSE G 284 13.62 -68.27 -2.28
O MSE G 284 14.74 -68.74 -2.12
CB MSE G 284 12.92 -67.54 -4.63
CG MSE G 284 12.30 -67.97 -5.97
SE MSE G 284 13.12 -67.12 -7.54
CE MSE G 284 13.19 -68.67 -8.75
N LEU G 285 13.04 -67.47 -1.39
CA LEU G 285 13.72 -67.04 -0.17
C LEU G 285 13.58 -68.04 0.99
N THR G 286 12.71 -69.03 0.81
CA THR G 286 12.53 -70.07 1.83
C THR G 286 13.19 -71.41 1.44
N GLN G 287 13.81 -71.43 0.25
CA GLN G 287 14.50 -72.62 -0.26
C GLN G 287 15.54 -73.15 0.74
N ASP G 288 15.66 -74.47 0.78
CA ASP G 288 16.57 -75.15 1.68
C ASP G 288 18.01 -75.07 1.18
N GLU G 289 18.95 -74.81 2.09
CA GLU G 289 20.37 -74.77 1.76
C GLU G 289 20.86 -76.03 1.03
N LYS G 290 20.37 -77.19 1.46
CA LYS G 290 20.70 -78.46 0.82
C LYS G 290 20.18 -78.50 -0.59
N ALA G 291 18.91 -78.15 -0.77
CA ALA G 291 18.34 -78.07 -2.10
C ALA G 291 19.17 -77.18 -3.07
N LEU G 292 19.76 -76.09 -2.55
CA LEU G 292 20.60 -75.21 -3.36
C LEU G 292 21.87 -75.92 -3.86
N ARG G 293 22.53 -76.62 -2.94
CA ARG G 293 23.66 -77.49 -3.26
C ARG G 293 23.25 -78.58 -4.29
N GLN G 294 22.12 -79.24 -4.01
CA GLN G 294 21.59 -80.30 -4.87
C GLN G 294 21.42 -79.79 -6.31
N LYS G 295 20.95 -78.55 -6.43
CA LYS G 295 20.77 -77.90 -7.73
C LYS G 295 22.11 -77.54 -8.35
N ALA G 296 23.03 -77.09 -7.51
CA ALA G 296 24.35 -76.66 -7.95
C ALA G 296 25.16 -77.81 -8.55
N LYS G 297 25.29 -78.91 -7.82
CA LYS G 297 26.00 -80.06 -8.33
C LYS G 297 25.25 -80.74 -9.49
N ARG G 298 23.94 -80.52 -9.56
CA ARG G 298 23.14 -81.06 -10.66
C ARG G 298 23.46 -80.38 -12.00
N LEU G 299 23.90 -79.13 -11.92
CA LEU G 299 24.32 -78.38 -13.10
C LEU G 299 25.73 -78.79 -13.50
N GLU G 300 26.64 -78.73 -12.51
CA GLU G 300 28.02 -79.19 -12.61
C GLU G 300 28.14 -80.53 -13.34
N LYS G 301 27.17 -81.41 -13.09
CA LYS G 301 27.05 -82.70 -13.78
C LYS G 301 26.95 -82.50 -15.29
N LEU G 302 26.25 -81.44 -15.69
CA LEU G 302 25.94 -81.18 -17.10
C LEU G 302 27.02 -80.37 -17.84
N LEU G 303 27.94 -79.79 -17.09
CA LEU G 303 28.93 -78.89 -17.66
C LEU G 303 30.31 -79.50 -17.88
N LYS G 304 30.54 -80.64 -17.26
CA LYS G 304 31.85 -81.29 -17.28
C LYS G 304 32.39 -81.49 -18.71
N ASP G 305 31.53 -82.03 -19.58
CA ASP G 305 31.90 -82.47 -20.93
C ASP G 305 32.39 -81.34 -21.86
N ILE G 306 31.99 -80.11 -21.57
CA ILE G 306 32.31 -78.99 -22.45
C ILE G 306 33.78 -78.57 -22.33
N PRO G 307 34.41 -78.27 -23.49
CA PRO G 307 35.86 -77.98 -23.62
C PRO G 307 36.31 -76.66 -22.97
N GLY G 308 37.54 -76.65 -22.46
CA GLY G 308 38.14 -75.47 -21.88
C GLY G 308 37.38 -74.91 -20.69
N LEU G 309 36.51 -75.75 -20.13
CA LEU G 309 35.62 -75.32 -19.04
C LEU G 309 36.09 -75.80 -17.66
N LYS G 310 36.44 -74.83 -16.81
CA LYS G 310 36.76 -75.11 -15.42
C LYS G 310 35.51 -74.91 -14.56
N ILE G 311 35.09 -75.97 -13.88
CA ILE G 311 33.87 -75.93 -13.07
C ILE G 311 34.12 -76.25 -11.62
N SER G 312 33.75 -75.33 -10.76
CA SER G 312 33.78 -75.60 -9.33
C SER G 312 32.38 -75.38 -8.76
N VAL G 313 32.24 -75.55 -7.46
CA VAL G 313 30.98 -75.24 -6.77
C VAL G 313 31.36 -74.56 -5.46
N ILE G 314 30.83 -73.37 -5.20
CA ILE G 314 31.19 -72.62 -3.98
C ILE G 314 30.02 -72.50 -2.98
N LYS G 315 30.31 -71.98 -1.80
CA LYS G 315 29.29 -71.70 -0.80
C LYS G 315 29.46 -70.25 -0.37
N ASP G 316 28.44 -69.44 -0.60
CA ASP G 316 28.59 -68.00 -0.50
C ASP G 316 27.45 -67.36 0.27
N LYS G 317 27.77 -66.33 1.04
CA LYS G 317 26.75 -65.46 1.58
C LYS G 317 26.40 -64.44 0.51
N ALA G 318 25.14 -64.36 0.15
CA ALA G 318 24.69 -63.36 -0.83
C ALA G 318 23.59 -62.51 -0.22
N LYS G 319 23.27 -61.39 -0.86
CA LYS G 319 22.10 -60.61 -0.44
C LYS G 319 21.02 -60.74 -1.52
N PRO G 320 20.13 -61.71 -1.34
CA PRO G 320 19.21 -62.24 -2.36
C PRO G 320 18.13 -61.28 -2.84
N GLY G 321 17.56 -60.49 -1.92
CA GLY G 321 16.53 -59.53 -2.26
C GLY G 321 17.16 -58.20 -2.65
N GLY G 322 16.91 -57.77 -3.88
CA GLY G 322 17.55 -56.59 -4.42
C GLY G 322 16.76 -55.31 -4.17
N GLY G 323 15.45 -55.39 -4.36
CA GLY G 323 14.62 -54.22 -4.18
C GLY G 323 13.65 -54.31 -3.02
N SER G 324 13.93 -55.17 -2.05
CA SER G 324 13.05 -55.27 -0.90
C SER G 324 13.79 -55.46 0.42
N LEU G 325 14.71 -56.41 0.47
CA LEU G 325 15.41 -56.72 1.73
C LEU G 325 16.91 -56.50 1.63
N PRO G 326 17.32 -55.23 1.67
CA PRO G 326 18.70 -54.91 1.30
C PRO G 326 19.70 -55.31 2.36
N GLU G 327 19.30 -55.39 3.62
CA GLU G 327 20.26 -55.78 4.64
C GLU G 327 20.43 -57.31 4.76
N LEU G 328 19.37 -58.05 4.43
CA LEU G 328 19.38 -59.54 4.50
C LEU G 328 20.51 -60.25 3.71
N GLU G 329 21.26 -61.09 4.42
CA GLU G 329 22.29 -61.93 3.82
C GLU G 329 21.98 -63.41 4.08
N LEU G 330 21.88 -64.19 3.00
CA LEU G 330 21.66 -65.64 3.12
C LEU G 330 22.73 -66.42 2.38
N PRO G 331 23.09 -67.62 2.90
CA PRO G 331 24.02 -68.53 2.24
C PRO G 331 23.38 -69.15 1.00
N THR G 332 24.18 -69.34 -0.04
CA THR G 332 23.72 -70.07 -1.22
C THR G 332 24.88 -70.80 -1.89
N TYR G 333 24.56 -71.73 -2.78
CA TYR G 333 25.58 -72.46 -3.52
C TYR G 333 25.67 -72.01 -4.98
N CYS G 334 26.70 -71.23 -5.29
CA CYS G 334 27.00 -70.81 -6.68
C CYS G 334 27.83 -71.86 -7.42
N VAL G 335 27.51 -72.06 -8.70
CA VAL G 335 28.36 -72.86 -9.59
C VAL G 335 29.30 -71.95 -10.38
N ALA G 336 30.58 -71.98 -10.03
CA ALA G 336 31.58 -71.12 -10.66
C ALA G 336 32.18 -71.73 -11.93
N ILE G 337 32.40 -70.89 -12.95
CA ILE G 337 32.98 -71.34 -14.21
C ILE G 337 34.01 -70.34 -14.80
N ARG G 338 35.01 -70.90 -15.47
CA ARG G 338 36.10 -70.14 -16.09
C ARG G 338 36.52 -70.81 -17.40
N HIS G 339 36.76 -70.01 -18.43
CA HIS G 339 37.22 -70.52 -19.73
C HIS G 339 38.66 -70.08 -19.97
N ASP G 340 39.40 -70.87 -20.74
CA ASP G 340 40.80 -70.57 -21.07
C ASP G 340 40.94 -69.44 -22.10
N ARG G 341 40.20 -69.56 -23.20
CA ARG G 341 40.29 -68.62 -24.32
C ARG G 341 39.59 -67.28 -24.06
N LEU G 342 38.44 -67.32 -23.39
CA LEU G 342 37.66 -66.10 -23.15
C LEU G 342 37.86 -65.57 -21.73
N SER G 343 37.90 -64.24 -21.63
CA SER G 343 37.84 -63.59 -20.32
C SER G 343 36.38 -63.67 -19.84
N SER G 344 36.18 -63.70 -18.52
CA SER G 344 34.83 -63.83 -17.97
C SER G 344 33.94 -62.66 -18.40
N GLN G 345 34.54 -61.48 -18.56
CA GLN G 345 33.81 -60.29 -18.99
C GLN G 345 33.32 -60.38 -20.42
N GLU G 346 34.01 -61.16 -21.26
CA GLU G 346 33.55 -61.39 -22.62
C GLU G 346 32.60 -62.59 -22.68
N LEU G 347 32.75 -63.50 -21.72
CA LEU G 347 31.84 -64.65 -21.60
C LEU G 347 30.46 -64.22 -21.14
N SER G 348 30.40 -63.40 -20.09
CA SER G 348 29.12 -62.84 -19.63
C SER G 348 28.42 -62.02 -20.73
N ARG G 349 29.20 -61.20 -21.42
CA ARG G 349 28.68 -60.38 -22.50
C ARG G 349 28.10 -61.21 -23.66
N ARG G 350 28.65 -62.41 -23.86
CA ARG G 350 28.14 -63.33 -24.88
C ARG G 350 26.95 -64.10 -24.32
N LEU G 351 26.88 -64.20 -22.99
CA LEU G 351 25.79 -64.90 -22.33
C LEU G 351 24.51 -64.07 -22.37
N ARG G 352 24.66 -62.76 -22.16
CA ARG G 352 23.55 -61.82 -22.30
C ARG G 352 22.99 -61.82 -23.73
N LEU G 353 23.89 -61.88 -24.71
CA LEU G 353 23.53 -61.85 -26.13
C LEU G 353 22.93 -63.16 -26.64
N ALA G 354 22.93 -64.20 -25.80
CA ALA G 354 22.41 -65.51 -26.19
C ALA G 354 20.88 -65.55 -26.17
N GLU G 355 20.33 -66.69 -26.56
CA GLU G 355 18.88 -66.85 -26.65
C GLU G 355 18.45 -68.24 -26.17
N PRO G 356 17.86 -68.31 -24.97
CA PRO G 356 17.59 -67.15 -24.10
C PRO G 356 18.84 -66.56 -23.47
N PRO G 357 18.80 -65.25 -23.16
CA PRO G 357 19.91 -64.60 -22.48
C PRO G 357 20.20 -65.24 -21.13
N ILE G 358 21.46 -65.12 -20.73
CA ILE G 358 21.91 -65.62 -19.44
C ILE G 358 22.58 -64.48 -18.66
N VAL G 359 22.10 -64.24 -17.44
CA VAL G 359 22.63 -63.19 -16.61
C VAL G 359 23.23 -63.77 -15.34
N CYS G 360 24.52 -63.50 -15.12
CA CYS G 360 25.25 -64.03 -13.97
C CYS G 360 26.07 -62.97 -13.23
N ARG G 361 26.54 -63.33 -12.04
CA ARG G 361 27.38 -62.46 -11.20
C ARG G 361 28.88 -62.54 -11.57
N ILE G 362 29.59 -61.42 -11.44
CA ILE G 362 31.04 -61.38 -11.72
C ILE G 362 31.85 -61.01 -10.47
N ARG G 363 32.87 -61.82 -10.18
CA ARG G 363 33.79 -61.55 -9.07
C ARG G 363 35.21 -61.93 -9.43
N GLU G 364 36.06 -60.92 -9.67
CA GLU G 364 37.46 -61.15 -9.98
C GLU G 364 37.65 -62.05 -11.20
N ASP G 365 37.02 -61.69 -12.32
CA ASP G 365 37.12 -62.49 -13.55
C ASP G 365 36.71 -63.95 -13.33
N GLN G 366 35.84 -64.17 -12.35
CA GLN G 366 35.25 -65.48 -12.11
C GLN G 366 33.74 -65.39 -12.21
N LEU G 367 33.15 -66.25 -13.03
CA LEU G 367 31.72 -66.23 -13.31
C LEU G 367 30.91 -67.12 -12.36
N LEU G 368 29.97 -66.49 -11.66
CA LEU G 368 29.14 -67.17 -10.66
C LEU G 368 27.68 -67.28 -11.10
N PHE G 369 27.12 -68.47 -10.95
CA PHE G 369 25.67 -68.65 -11.12
C PHE G 369 25.06 -68.95 -9.76
N ASP G 370 24.31 -68.01 -9.20
CA ASP G 370 23.60 -68.22 -7.94
C ASP G 370 22.35 -69.09 -8.18
N MSE G 371 22.26 -70.21 -7.47
CA MSE G 371 21.21 -71.19 -7.72
C MSE G 371 19.84 -70.85 -7.11
O MSE G 371 18.83 -71.47 -7.46
CB MSE G 371 21.64 -72.61 -7.30
CG MSE G 371 22.87 -73.12 -8.03
SE MSE G 371 22.67 -73.25 -9.97
CE MSE G 371 23.06 -71.42 -10.52
N ARG G 372 19.83 -69.86 -6.22
CA ARG G 372 18.58 -69.36 -5.65
C ARG G 372 17.54 -68.95 -6.74
N THR G 373 17.98 -68.19 -7.74
CA THR G 373 17.07 -67.59 -8.73
C THR G 373 17.01 -68.37 -10.05
N VAL G 374 17.45 -69.62 -9.97
CA VAL G 374 17.49 -70.47 -11.16
C VAL G 374 16.41 -71.56 -11.08
N PHE G 375 15.67 -71.73 -12.17
CA PHE G 375 14.62 -72.75 -12.27
C PHE G 375 15.20 -74.09 -12.73
N HIS G 376 14.45 -75.19 -12.53
CA HIS G 376 14.89 -76.52 -12.96
C HIS G 376 14.99 -76.62 -14.47
N GLU G 377 14.03 -76.01 -15.16
CA GLU G 377 13.98 -76.01 -16.60
C GLU G 377 15.14 -75.22 -17.22
N ASP G 378 15.75 -74.33 -16.42
CA ASP G 378 16.85 -73.48 -16.89
C ASP G 378 18.16 -74.25 -17.07
N LEU G 379 18.39 -75.21 -16.19
CA LEU G 379 19.61 -76.00 -16.26
C LEU G 379 19.89 -76.44 -17.71
N LYS G 380 19.00 -77.29 -18.25
CA LYS G 380 19.14 -77.78 -19.63
C LYS G 380 19.50 -76.68 -20.65
N THR G 381 18.84 -75.52 -20.51
CA THR G 381 19.08 -74.37 -21.38
C THR G 381 20.50 -73.86 -21.24
N ILE G 382 21.00 -73.87 -20.00
CA ILE G 382 22.36 -73.43 -19.70
C ILE G 382 23.40 -74.29 -20.44
N LYS G 383 23.25 -75.62 -20.33
CA LYS G 383 24.13 -76.55 -21.02
C LYS G 383 24.18 -76.22 -22.49
N LYS G 384 23.02 -76.31 -23.14
CA LYS G 384 22.91 -76.12 -24.59
C LYS G 384 23.43 -74.76 -25.07
N THR G 385 23.23 -73.71 -24.27
CA THR G 385 23.71 -72.38 -24.68
C THR G 385 25.22 -72.23 -24.47
N LEU G 386 25.76 -72.93 -23.47
CA LEU G 386 27.21 -72.86 -23.19
C LEU G 386 28.03 -73.53 -24.27
N GLN G 387 27.67 -74.76 -24.61
CA GLN G 387 28.40 -75.50 -25.63
C GLN G 387 28.23 -74.83 -26.99
N GLU G 388 27.09 -74.19 -27.21
CA GLU G 388 26.85 -73.44 -28.44
C GLU G 388 27.89 -72.34 -28.65
N LEU G 389 28.22 -71.62 -27.57
CA LEU G 389 29.16 -70.51 -27.65
C LEU G 389 30.61 -70.99 -27.65
N LEU G 390 30.90 -71.96 -26.78
CA LEU G 390 32.25 -72.49 -26.60
C LEU G 390 32.75 -73.35 -27.76
N SER G 391 32.18 -74.55 -27.87
CA SER G 391 32.66 -75.56 -28.82
C SER G 391 32.30 -75.31 -30.29
N ILE G 392 31.32 -74.44 -30.55
CA ILE G 392 30.80 -74.22 -31.90
C ILE G 392 31.90 -74.22 -32.98
N SER H 3 -17.29 -66.30 0.95
CA SER H 3 -17.34 -65.88 -0.44
C SER H 3 -15.94 -65.85 -1.05
N LEU H 4 -14.92 -65.83 -0.20
CA LEU H 4 -13.55 -65.65 -0.64
C LEU H 4 -12.92 -66.90 -1.26
N MSE H 5 -13.56 -68.04 -1.08
CA MSE H 5 -13.02 -69.33 -1.55
C MSE H 5 -13.03 -69.50 -3.08
O MSE H 5 -12.17 -70.19 -3.64
CB MSE H 5 -13.77 -70.48 -0.87
CG MSE H 5 -15.28 -70.29 -0.79
SE MSE H 5 -16.16 -71.80 0.08
CE MSE H 5 -15.28 -71.72 1.85
N LYS H 6 -14.02 -68.89 -3.73
CA LYS H 6 -14.11 -68.90 -5.19
C LYS H 6 -14.09 -67.46 -5.74
N PRO H 7 -13.16 -67.17 -6.67
CA PRO H 7 -12.91 -65.81 -7.16
C PRO H 7 -14.13 -65.19 -7.82
N ASN H 8 -14.33 -63.90 -7.58
CA ASN H 8 -15.51 -63.19 -8.04
C ASN H 8 -15.37 -62.68 -9.50
N ILE H 9 -14.19 -62.87 -10.09
CA ILE H 9 -13.94 -62.51 -11.48
C ILE H 9 -13.82 -63.78 -12.34
N LYS H 10 -14.74 -63.92 -13.29
CA LYS H 10 -14.89 -65.16 -14.05
C LYS H 10 -15.11 -64.86 -15.51
N ARG H 11 -14.81 -65.83 -16.37
CA ARG H 11 -15.10 -65.68 -17.79
C ARG H 11 -16.60 -65.58 -18.03
N VAL H 12 -17.00 -64.60 -18.83
CA VAL H 12 -18.42 -64.42 -19.15
C VAL H 12 -18.77 -64.45 -20.66
N ILE H 13 -19.67 -65.36 -21.02
CA ILE H 13 -20.04 -65.52 -22.41
C ILE H 13 -20.92 -64.35 -22.87
N ASN H 14 -20.34 -63.51 -23.73
CA ASN H 14 -20.99 -62.29 -24.19
C ASN H 14 -21.88 -62.47 -25.42
N ALA H 15 -23.19 -62.39 -25.19
CA ALA H 15 -24.14 -62.45 -26.28
C ALA H 15 -24.80 -61.09 -26.55
N THR H 16 -24.36 -60.01 -25.91
CA THR H 16 -24.98 -58.70 -26.19
C THR H 16 -24.61 -58.15 -27.58
N GLY H 17 -23.74 -58.86 -28.28
CA GLY H 17 -23.24 -58.40 -29.56
C GLY H 17 -22.58 -57.03 -29.46
N VAL H 18 -22.24 -56.62 -28.25
CA VAL H 18 -21.50 -55.37 -28.04
C VAL H 18 -20.00 -55.64 -27.89
N VAL H 19 -19.27 -55.36 -28.97
CA VAL H 19 -17.89 -55.75 -29.07
C VAL H 19 -17.02 -54.99 -28.06
N ILE H 20 -17.16 -53.67 -27.98
CA ILE H 20 -16.47 -52.92 -26.95
C ILE H 20 -17.41 -52.67 -25.79
N ASN H 21 -17.34 -53.54 -24.80
CA ASN H 21 -18.28 -53.49 -23.69
C ASN H 21 -17.63 -53.04 -22.39
N THR H 22 -17.99 -51.83 -21.98
CA THR H 22 -17.43 -51.20 -20.80
C THR H 22 -17.56 -52.12 -19.55
N ASN H 23 -18.72 -52.75 -19.39
CA ASN H 23 -18.99 -53.65 -18.27
C ASN H 23 -18.21 -54.94 -18.32
N LEU H 24 -18.21 -55.59 -19.49
CA LEU H 24 -17.68 -56.95 -19.67
C LEU H 24 -16.16 -57.04 -19.90
N GLY H 25 -15.46 -55.94 -19.71
CA GLY H 25 -14.01 -55.95 -19.67
C GLY H 25 -13.38 -55.53 -20.96
N ARG H 26 -14.15 -54.82 -21.78
CA ARG H 26 -13.65 -54.31 -23.05
C ARG H 26 -12.98 -55.38 -23.90
N ALA H 27 -11.89 -55.03 -24.58
CA ALA H 27 -11.25 -55.93 -25.54
C ALA H 27 -10.70 -57.26 -24.97
N PRO H 28 -11.24 -58.42 -25.43
CA PRO H 28 -10.51 -59.66 -25.13
C PRO H 28 -9.20 -59.76 -25.93
N LEU H 29 -8.28 -60.60 -25.43
CA LEU H 29 -6.99 -60.83 -26.09
C LEU H 29 -6.91 -62.13 -26.88
N SER H 30 -6.10 -62.12 -27.93
CA SER H 30 -5.85 -63.29 -28.77
C SER H 30 -4.94 -64.25 -28.02
N LYS H 31 -5.12 -65.55 -28.23
CA LYS H 31 -4.34 -66.52 -27.46
C LYS H 31 -2.83 -66.40 -27.76
N ASP H 32 -2.49 -65.93 -28.97
CA ASP H 32 -1.09 -65.69 -29.32
C ASP H 32 -0.46 -64.63 -28.40
N VAL H 33 -1.23 -63.58 -28.13
CA VAL H 33 -0.78 -62.54 -27.21
C VAL H 33 -0.70 -63.11 -25.80
N ILE H 34 -1.78 -63.77 -25.38
CA ILE H 34 -1.87 -64.26 -24.01
C ILE H 34 -0.78 -65.27 -23.65
N ASN H 35 -0.34 -66.04 -24.65
CA ASN H 35 0.73 -66.99 -24.42
C ASN H 35 2.03 -66.24 -24.21
N PHE H 36 2.23 -65.21 -25.04
CA PHE H 36 3.41 -64.37 -24.93
C PHE H 36 3.45 -63.66 -23.57
N ILE H 37 2.31 -63.12 -23.14
CA ILE H 37 2.19 -62.51 -21.80
C ILE H 37 2.54 -63.52 -20.71
N SER H 38 1.95 -64.71 -20.85
CA SER H 38 2.10 -65.79 -19.90
C SER H 38 3.55 -66.23 -19.80
N GLU H 39 4.22 -66.24 -20.95
CA GLU H 39 5.65 -66.55 -20.99
C GLU H 39 6.51 -65.53 -20.19
N ILE H 40 6.37 -64.25 -20.52
CA ILE H 40 7.22 -63.23 -19.92
C ILE H 40 6.93 -63.12 -18.41
N ALA H 41 5.73 -63.52 -18.01
CA ALA H 41 5.30 -63.34 -16.63
C ALA H 41 5.76 -64.50 -15.74
N ASN H 42 5.96 -65.65 -16.38
CA ASN H 42 6.24 -66.89 -15.68
C ASN H 42 7.59 -66.93 -14.91
N GLY H 43 8.55 -66.12 -15.35
CA GLY H 43 9.83 -66.02 -14.68
C GLY H 43 10.46 -64.66 -14.93
N TYR H 44 11.78 -64.57 -14.78
CA TYR H 44 12.45 -63.29 -15.02
C TYR H 44 12.56 -62.96 -16.50
N SER H 45 12.97 -61.71 -16.74
CA SER H 45 12.90 -61.11 -18.07
C SER H 45 13.79 -59.87 -18.18
N ASN H 46 13.90 -59.36 -19.40
CA ASN H 46 14.72 -58.20 -19.68
C ASN H 46 13.92 -56.91 -19.51
N LEU H 47 12.84 -56.98 -18.73
CA LEU H 47 11.94 -55.82 -18.56
C LEU H 47 12.65 -54.45 -18.57
N GLU H 48 13.40 -54.15 -17.51
CA GLU H 48 14.22 -52.93 -17.45
C GLU H 48 15.71 -53.24 -17.59
N TYR H 49 16.12 -53.61 -18.79
CA TYR H 49 17.48 -54.06 -19.03
C TYR H 49 17.91 -53.88 -20.50
N ASN H 50 19.22 -53.79 -20.69
CA ASN H 50 19.82 -53.71 -22.01
C ASN H 50 20.79 -54.88 -22.11
N LEU H 51 20.37 -55.97 -22.75
CA LEU H 51 21.20 -57.17 -22.85
C LEU H 51 22.51 -56.91 -23.60
N GLU H 52 22.48 -55.96 -24.53
CA GLU H 52 23.67 -55.59 -25.29
C GLU H 52 24.73 -54.94 -24.39
N GLU H 53 24.30 -53.97 -23.58
CA GLU H 53 25.21 -53.14 -22.78
C GLU H 53 25.45 -53.64 -21.36
N GLY H 54 24.58 -54.54 -20.89
CA GLY H 54 24.71 -55.12 -19.56
C GLY H 54 24.32 -54.18 -18.42
N LYS H 55 23.38 -53.28 -18.69
CA LYS H 55 22.91 -52.32 -17.68
C LYS H 55 21.40 -52.04 -17.81
N ARG H 56 20.86 -51.22 -16.91
CA ARG H 56 19.43 -50.92 -16.92
C ARG H 56 19.00 -50.24 -18.21
N GLY H 57 17.75 -50.45 -18.59
CA GLY H 57 17.22 -49.89 -19.82
C GLY H 57 15.77 -49.48 -19.76
N SER H 58 15.32 -48.73 -20.78
CA SER H 58 13.94 -48.28 -20.85
C SER H 58 13.02 -49.43 -21.22
N ARG H 59 11.95 -49.60 -20.45
CA ARG H 59 11.03 -50.70 -20.68
C ARG H 59 10.12 -50.44 -21.88
N ILE H 60 9.75 -49.18 -22.07
CA ILE H 60 8.81 -48.75 -23.12
C ILE H 60 9.46 -48.71 -24.51
N ALA H 61 10.78 -48.51 -24.52
CA ALA H 61 11.53 -48.25 -25.75
C ALA H 61 11.00 -48.96 -26.98
N HIS H 62 10.71 -50.26 -26.83
CA HIS H 62 10.33 -51.07 -27.98
C HIS H 62 8.90 -50.76 -28.45
N ILE H 63 7.96 -50.74 -27.52
CA ILE H 63 6.62 -50.25 -27.84
C ILE H 63 6.73 -48.99 -28.68
N GLU H 64 7.28 -47.94 -28.07
CA GLU H 64 7.44 -46.65 -28.74
C GLU H 64 7.79 -46.84 -30.22
N LYS H 65 8.80 -47.67 -30.49
CA LYS H 65 9.25 -47.89 -31.86
C LYS H 65 8.11 -48.36 -32.76
N TYR H 66 7.36 -49.37 -32.30
CA TYR H 66 6.16 -49.83 -33.02
C TYR H 66 5.16 -48.68 -33.30
N LEU H 67 4.79 -47.95 -32.25
CA LEU H 67 3.84 -46.86 -32.37
C LEU H 67 4.31 -45.81 -33.36
N ASN H 68 5.55 -45.38 -33.18
CA ASN H 68 6.13 -44.40 -34.07
C ASN H 68 5.99 -44.81 -35.55
N GLU H 69 6.30 -46.06 -35.85
CA GLU H 69 6.20 -46.53 -37.22
C GLU H 69 4.75 -46.59 -37.65
N LEU H 70 3.93 -47.29 -36.87
CA LEU H 70 2.52 -47.46 -37.18
C LEU H 70 1.75 -46.14 -37.37
N THR H 71 1.84 -45.25 -36.38
CA THR H 71 1.09 -43.99 -36.40
C THR H 71 1.76 -42.92 -37.24
N GLY H 72 3.09 -42.91 -37.24
CA GLY H 72 3.83 -41.94 -38.02
C GLY H 72 4.27 -40.75 -37.19
N ALA H 73 3.96 -40.79 -35.91
CA ALA H 73 4.32 -39.72 -35.01
C ALA H 73 5.84 -39.72 -34.75
N GLU H 74 6.38 -38.53 -34.43
CA GLU H 74 7.79 -38.43 -34.10
C GLU H 74 8.14 -39.37 -32.96
N SER H 75 7.33 -39.28 -31.92
CA SER H 75 7.56 -39.97 -30.67
C SER H 75 6.22 -40.40 -30.04
N SER H 76 6.31 -41.29 -29.06
CA SER H 76 5.13 -41.78 -28.37
C SER H 76 5.46 -42.13 -26.93
N PHE H 77 4.44 -42.44 -26.16
CA PHE H 77 4.58 -42.81 -24.75
C PHE H 77 3.36 -43.65 -24.36
N VAL H 78 3.53 -44.55 -23.39
CA VAL H 78 2.35 -45.26 -22.90
C VAL H 78 2.25 -45.21 -21.39
N VAL H 79 1.06 -44.86 -20.89
CA VAL H 79 0.80 -44.92 -19.45
C VAL H 79 -0.39 -45.83 -19.06
N ASN H 80 -0.75 -45.79 -17.78
CA ASN H 80 -1.75 -46.70 -17.23
C ASN H 80 -3.02 -46.84 -18.06
N ASN H 81 -3.69 -45.72 -18.31
CA ASN H 81 -4.92 -45.68 -19.10
C ASN H 81 -5.06 -44.34 -19.81
N ASN H 82 -6.11 -44.14 -20.59
CA ASN H 82 -6.26 -42.85 -21.24
C ASN H 82 -6.69 -41.74 -20.25
N ALA H 83 -7.42 -42.11 -19.20
CA ALA H 83 -7.70 -41.16 -18.13
C ALA H 83 -6.41 -40.47 -17.71
N GLY H 84 -5.43 -41.27 -17.31
CA GLY H 84 -4.14 -40.77 -16.90
C GLY H 84 -3.38 -40.07 -18.02
N ALA H 85 -3.53 -40.56 -19.24
CA ALA H 85 -2.87 -39.89 -20.35
C ALA H 85 -3.39 -38.45 -20.40
N VAL H 86 -4.71 -38.29 -20.42
CA VAL H 86 -5.32 -36.95 -20.36
C VAL H 86 -4.75 -36.12 -19.21
N PHE H 87 -4.78 -36.69 -18.00
CA PHE H 87 -4.29 -36.00 -16.83
C PHE H 87 -2.81 -35.64 -16.95
N LEU H 88 -2.00 -36.58 -17.42
CA LEU H 88 -0.56 -36.38 -17.55
C LEU H 88 -0.22 -35.31 -18.57
N VAL H 89 -0.99 -35.26 -19.66
CA VAL H 89 -0.77 -34.26 -20.72
C VAL H 89 -1.13 -32.85 -20.21
N LEU H 90 -2.31 -32.73 -19.59
CA LEU H 90 -2.75 -31.47 -19.02
C LEU H 90 -1.83 -31.03 -17.93
N ASN H 91 -1.54 -31.91 -16.98
CA ASN H 91 -0.66 -31.52 -15.88
C ASN H 91 0.70 -31.08 -16.38
N THR H 92 1.21 -31.71 -17.41
CA THR H 92 2.51 -31.32 -17.95
C THR H 92 2.53 -29.97 -18.70
N LEU H 93 1.67 -29.85 -19.72
CA LEU H 93 1.76 -28.75 -20.67
C LEU H 93 0.92 -27.55 -20.32
N ALA H 94 -0.03 -27.72 -19.39
CA ALA H 94 -1.00 -26.67 -19.10
C ALA H 94 -1.15 -26.32 -17.62
N GLU H 95 -0.20 -26.76 -16.79
CA GLU H 95 -0.26 -26.40 -15.38
C GLU H 95 -0.39 -24.89 -15.26
N GLY H 96 -1.40 -24.47 -14.49
CA GLY H 96 -1.66 -23.06 -14.29
C GLY H 96 -1.85 -22.24 -15.55
N LYS H 97 -1.97 -22.91 -16.68
CA LYS H 97 -2.21 -22.18 -17.91
C LYS H 97 -3.62 -22.52 -18.42
N GLU H 98 -4.03 -22.00 -19.56
CA GLU H 98 -5.40 -22.19 -20.01
C GLU H 98 -5.53 -23.25 -21.11
N VAL H 99 -6.56 -24.09 -21.00
CA VAL H 99 -6.85 -25.06 -22.06
C VAL H 99 -8.21 -24.78 -22.69
N ILE H 100 -8.23 -24.59 -24.00
CA ILE H 100 -9.47 -24.26 -24.68
C ILE H 100 -10.16 -25.54 -25.16
N ILE H 101 -11.44 -25.68 -24.89
CA ILE H 101 -12.15 -26.91 -25.24
C ILE H 101 -13.63 -26.58 -25.44
N SER H 102 -14.27 -27.23 -26.40
CA SER H 102 -15.67 -26.93 -26.74
C SER H 102 -16.63 -27.31 -25.62
N ARG H 103 -17.60 -26.45 -25.32
CA ARG H 103 -18.59 -26.74 -24.26
C ARG H 103 -19.35 -28.07 -24.45
N GLY H 104 -19.24 -28.65 -25.65
CA GLY H 104 -19.94 -29.87 -25.98
C GLY H 104 -19.08 -31.12 -25.89
N GLU H 105 -17.80 -30.93 -25.63
CA GLU H 105 -16.87 -32.04 -25.48
C GLU H 105 -16.39 -32.20 -24.05
N LEU H 106 -17.13 -31.64 -23.08
CA LEU H 106 -16.80 -31.79 -21.66
C LEU H 106 -17.55 -32.99 -21.09
N VAL H 107 -16.99 -34.17 -21.30
CA VAL H 107 -17.77 -35.40 -21.16
C VAL H 107 -17.56 -36.15 -19.88
N GLU H 108 -18.39 -37.15 -19.70
CA GLU H 108 -18.17 -38.13 -18.66
C GLU H 108 -18.23 -39.50 -19.30
N ILE H 109 -17.06 -40.16 -19.34
CA ILE H 109 -16.99 -41.54 -19.81
C ILE H 109 -16.85 -42.39 -18.56
N GLY H 110 -17.61 -43.48 -18.47
CA GLY H 110 -17.63 -44.29 -17.26
C GLY H 110 -18.30 -43.56 -16.10
N GLY H 111 -18.03 -44.00 -14.87
CA GLY H 111 -18.65 -43.37 -13.72
C GLY H 111 -17.77 -42.35 -13.03
N SER H 112 -16.47 -42.54 -13.15
CA SER H 112 -15.54 -41.78 -12.36
C SER H 112 -14.83 -40.73 -13.18
N PHE H 113 -14.99 -40.77 -14.50
CA PHE H 113 -14.18 -39.90 -15.35
C PHE H 113 -14.90 -38.76 -16.05
N ARG H 114 -14.60 -37.54 -15.60
CA ARG H 114 -15.21 -36.34 -16.12
C ARG H 114 -14.13 -35.38 -16.53
N ILE H 115 -14.13 -35.00 -17.80
CA ILE H 115 -13.07 -34.13 -18.28
C ILE H 115 -12.85 -32.97 -17.32
N PRO H 116 -13.88 -32.13 -17.12
CA PRO H 116 -13.66 -30.99 -16.25
C PRO H 116 -13.12 -31.36 -14.86
N ASP H 117 -13.56 -32.47 -14.28
CA ASP H 117 -13.06 -32.88 -12.96
C ASP H 117 -11.58 -33.20 -13.00
N ILE H 118 -11.18 -33.96 -14.01
CA ILE H 118 -9.79 -34.37 -14.08
C ILE H 118 -8.94 -33.19 -14.49
N MSE H 119 -9.50 -32.33 -15.32
CA MSE H 119 -8.71 -31.21 -15.76
C MSE H 119 -8.43 -30.28 -14.60
O MSE H 119 -7.35 -29.69 -14.53
CB MSE H 119 -9.41 -30.48 -16.90
CG MSE H 119 -8.66 -29.22 -17.37
SE MSE H 119 -9.41 -28.68 -19.07
CE MSE H 119 -10.17 -30.42 -19.60
N LYS H 120 -9.38 -30.14 -13.68
CA LYS H 120 -9.20 -29.26 -12.53
C LYS H 120 -8.07 -29.82 -11.68
N LYS H 121 -8.10 -31.13 -11.46
CA LYS H 121 -7.06 -31.79 -10.66
C LYS H 121 -5.67 -31.70 -11.30
N SER H 122 -5.62 -31.48 -12.61
CA SER H 122 -4.34 -31.50 -13.33
C SER H 122 -3.53 -30.24 -13.08
N GLY H 123 -4.25 -29.20 -12.66
CA GLY H 123 -3.65 -27.89 -12.43
C GLY H 123 -3.96 -26.94 -13.58
N ALA H 124 -4.60 -27.48 -14.60
CA ALA H 124 -4.91 -26.72 -15.80
C ALA H 124 -6.17 -25.88 -15.59
N ILE H 125 -6.27 -24.79 -16.34
CA ILE H 125 -7.38 -23.85 -16.19
C ILE H 125 -8.33 -23.92 -17.40
N LEU H 126 -9.55 -24.36 -17.12
CA LEU H 126 -10.51 -24.73 -18.16
C LEU H 126 -11.15 -23.51 -18.83
N ARG H 127 -10.81 -23.30 -20.11
CA ARG H 127 -11.40 -22.25 -20.92
C ARG H 127 -12.43 -22.85 -21.86
N GLU H 128 -13.68 -22.84 -21.43
CA GLU H 128 -14.79 -23.45 -22.15
C GLU H 128 -15.45 -22.50 -23.16
N VAL H 129 -15.50 -22.91 -24.41
CA VAL H 129 -16.01 -22.05 -25.48
C VAL H 129 -17.13 -22.70 -26.28
N GLY H 130 -17.95 -21.87 -26.90
CA GLY H 130 -19.04 -22.36 -27.72
C GLY H 130 -20.31 -22.65 -26.94
N THR H 131 -21.09 -23.59 -27.45
CA THR H 131 -22.30 -24.01 -26.77
C THR H 131 -22.32 -25.52 -26.77
N THR H 132 -23.20 -26.09 -25.97
CA THR H 132 -23.34 -27.54 -25.92
C THR H 132 -23.38 -28.12 -27.34
N ASN H 133 -24.43 -27.77 -28.09
CA ASN H 133 -24.70 -28.32 -29.42
C ASN H 133 -23.86 -27.78 -30.58
N LYS H 134 -23.51 -26.50 -30.54
CA LYS H 134 -22.92 -25.84 -31.70
C LYS H 134 -21.68 -25.04 -31.30
N THR H 135 -20.55 -25.42 -31.86
CA THR H 135 -19.31 -24.75 -31.54
C THR H 135 -18.54 -24.51 -32.82
N LYS H 136 -18.12 -23.27 -33.06
CA LYS H 136 -17.37 -22.92 -34.26
C LYS H 136 -15.94 -22.47 -33.99
N VAL H 137 -15.17 -22.38 -35.06
CA VAL H 137 -13.79 -21.94 -35.01
C VAL H 137 -13.64 -20.60 -34.26
N SER H 138 -14.53 -19.65 -34.55
CA SER H 138 -14.49 -18.35 -33.87
C SER H 138 -14.41 -18.47 -32.34
N ASP H 139 -15.15 -19.42 -31.78
CA ASP H 139 -15.18 -19.66 -30.33
C ASP H 139 -13.78 -19.97 -29.79
N TYR H 140 -13.04 -20.76 -30.55
CA TYR H 140 -11.70 -21.18 -30.17
C TYR H 140 -10.75 -19.98 -30.27
N GLU H 141 -10.67 -19.36 -31.45
CA GLU H 141 -9.82 -18.17 -31.66
C GLU H 141 -10.11 -17.14 -30.59
N GLY H 142 -11.37 -16.79 -30.43
CA GLY H 142 -11.80 -15.83 -29.43
C GLY H 142 -11.28 -15.99 -28.01
N ALA H 143 -10.99 -17.22 -27.58
CA ALA H 143 -10.61 -17.45 -26.19
C ALA H 143 -9.11 -17.53 -26.01
N ILE H 144 -8.37 -17.28 -27.09
CA ILE H 144 -6.92 -17.30 -26.98
C ILE H 144 -6.42 -16.06 -26.26
N ASN H 145 -5.31 -16.20 -25.55
CA ASN H 145 -4.72 -15.07 -24.87
C ASN H 145 -3.28 -15.38 -24.42
N GLN H 146 -2.72 -14.51 -23.60
CA GLN H 146 -1.35 -14.65 -23.11
C GLN H 146 -1.15 -16.03 -22.51
N ASN H 147 -2.14 -16.44 -21.70
CA ASN H 147 -2.06 -17.66 -20.89
C ASN H 147 -2.67 -18.94 -21.51
N THR H 148 -3.09 -18.85 -22.76
CA THR H 148 -3.56 -20.03 -23.47
C THR H 148 -2.36 -20.93 -23.72
N ALA H 149 -2.48 -22.17 -23.26
CA ALA H 149 -1.40 -23.15 -23.37
C ALA H 149 -1.72 -24.28 -24.36
N LEU H 150 -3.00 -24.45 -24.66
CA LEU H 150 -3.39 -25.70 -25.29
C LEU H 150 -4.75 -25.71 -25.98
N LEU H 151 -4.79 -26.21 -27.21
CA LEU H 151 -6.05 -26.42 -27.91
C LEU H 151 -6.46 -27.88 -27.83
N MSE H 152 -7.64 -28.13 -27.27
CA MSE H 152 -8.01 -29.47 -26.95
C MSE H 152 -9.37 -29.87 -27.48
O MSE H 152 -10.34 -29.11 -27.47
CB MSE H 152 -7.97 -29.72 -25.45
CG MSE H 152 -8.10 -31.17 -25.11
SE MSE H 152 -8.08 -31.48 -23.22
CE MSE H 152 -9.52 -32.78 -23.12
N LYS H 153 -9.39 -31.11 -27.94
CA LYS H 153 -10.58 -31.67 -28.52
C LYS H 153 -10.79 -33.04 -27.95
N VAL H 154 -12.02 -33.36 -27.60
CA VAL H 154 -12.31 -34.68 -27.08
C VAL H 154 -13.31 -35.37 -27.99
N HIS H 155 -13.01 -36.60 -28.38
CA HIS H 155 -13.93 -37.36 -29.20
C HIS H 155 -15.06 -37.80 -28.26
N LYS H 156 -16.30 -37.59 -28.66
CA LYS H 156 -17.39 -38.05 -27.81
C LYS H 156 -17.60 -39.53 -28.07
N SER H 157 -16.89 -40.37 -27.31
CA SER H 157 -16.89 -41.81 -27.48
C SER H 157 -18.18 -42.51 -27.03
N ASN H 158 -18.71 -42.14 -25.87
CA ASN H 158 -19.84 -42.90 -25.31
C ASN H 158 -21.26 -42.34 -25.56
N PHE H 159 -21.35 -41.18 -26.17
CA PHE H 159 -22.64 -40.57 -26.49
C PHE H 159 -22.52 -39.75 -27.77
N TYR H 160 -23.66 -39.30 -28.29
CA TYR H 160 -23.68 -38.46 -29.49
C TYR H 160 -24.86 -37.51 -29.48
N MSE H 161 -24.76 -36.46 -30.29
CA MSE H 161 -25.82 -35.48 -30.41
C MSE H 161 -26.49 -35.51 -31.78
O MSE H 161 -25.81 -35.64 -32.79
CB MSE H 161 -25.27 -34.07 -30.18
CG MSE H 161 -24.87 -33.81 -28.75
SE MSE H 161 -23.82 -32.19 -28.63
CE MSE H 161 -22.57 -32.54 -30.13
N GLU H 162 -27.81 -35.40 -31.79
CA GLU H 162 -28.57 -35.20 -33.02
C GLU H 162 -29.44 -33.95 -32.91
N GLY H 163 -29.76 -33.36 -34.06
CA GLY H 163 -30.54 -32.13 -34.11
C GLY H 163 -29.70 -30.97 -34.63
N PHE H 164 -29.97 -29.77 -34.11
CA PHE H 164 -29.15 -28.61 -34.48
C PHE H 164 -27.79 -28.68 -33.84
N VAL H 165 -26.80 -29.03 -34.65
CA VAL H 165 -25.47 -29.37 -34.15
C VAL H 165 -24.33 -28.87 -35.02
N GLU H 166 -23.26 -28.40 -34.40
CA GLU H 166 -22.06 -28.02 -35.13
C GLU H 166 -20.80 -28.27 -34.29
N GLU H 167 -19.69 -28.46 -34.99
CA GLU H 167 -18.45 -28.84 -34.38
C GLU H 167 -17.36 -28.30 -35.26
N VAL H 168 -16.16 -28.13 -34.73
CA VAL H 168 -15.04 -27.67 -35.55
C VAL H 168 -14.29 -28.84 -36.17
N LYS H 169 -14.05 -28.76 -37.47
CA LYS H 169 -13.20 -29.73 -38.14
C LYS H 169 -11.80 -29.63 -37.55
N LEU H 170 -11.14 -30.77 -37.39
CA LEU H 170 -9.82 -30.78 -36.77
C LEU H 170 -8.80 -30.01 -37.61
N GLU H 171 -8.98 -30.02 -38.93
CA GLU H 171 -8.11 -29.29 -39.85
C GLU H 171 -8.00 -27.86 -39.37
N ASP H 172 -9.17 -27.27 -39.11
CA ASP H 172 -9.29 -25.91 -38.59
C ASP H 172 -8.54 -25.75 -37.26
N LEU H 173 -8.68 -26.70 -36.36
CA LEU H 173 -7.95 -26.56 -35.11
C LEU H 173 -6.45 -26.54 -35.32
N VAL H 174 -5.96 -27.40 -36.21
CA VAL H 174 -4.54 -27.43 -36.48
C VAL H 174 -4.11 -26.10 -37.07
N LYS H 175 -4.96 -25.57 -37.95
CA LYS H 175 -4.71 -24.29 -38.61
C LYS H 175 -4.55 -23.19 -37.56
N LEU H 176 -5.56 -23.00 -36.72
CA LEU H 176 -5.47 -22.03 -35.62
C LEU H 176 -4.23 -22.21 -34.79
N GLY H 177 -4.07 -23.41 -34.22
CA GLY H 177 -2.90 -23.76 -33.45
C GLY H 177 -1.61 -23.34 -34.12
N HIS H 178 -1.48 -23.63 -35.41
CA HIS H 178 -0.32 -23.21 -36.18
C HIS H 178 -0.22 -21.68 -36.16
N LYS H 179 -1.34 -21.02 -36.41
CA LYS H 179 -1.44 -19.55 -36.43
C LYS H 179 -0.91 -18.88 -35.15
N TYR H 180 -1.40 -19.28 -33.99
CA TYR H 180 -1.02 -18.64 -32.74
C TYR H 180 0.16 -19.31 -32.05
N GLY H 181 0.63 -20.42 -32.62
CA GLY H 181 1.76 -21.15 -32.07
C GLY H 181 1.40 -21.93 -30.83
N ILE H 182 0.18 -22.47 -30.83
CA ILE H 182 -0.35 -23.27 -29.74
C ILE H 182 -0.49 -24.72 -30.17
N PRO H 183 -0.03 -25.65 -29.33
CA PRO H 183 -0.12 -27.08 -29.67
C PRO H 183 -1.57 -27.59 -29.57
N THR H 184 -1.94 -28.50 -30.46
CA THR H 184 -3.28 -29.12 -30.44
C THR H 184 -3.24 -30.54 -29.86
N TYR H 185 -4.09 -30.82 -28.89
CA TYR H 185 -4.14 -32.14 -28.26
C TYR H 185 -5.49 -32.79 -28.43
N TYR H 186 -5.50 -33.97 -29.05
CA TYR H 186 -6.71 -34.75 -29.33
C TYR H 186 -6.82 -36.05 -28.54
N ASP H 187 -7.77 -36.10 -27.60
CA ASP H 187 -8.11 -37.30 -26.88
C ASP H 187 -9.09 -38.06 -27.74
N ALA H 188 -8.58 -38.89 -28.65
CA ALA H 188 -9.46 -39.71 -29.48
C ALA H 188 -10.18 -40.74 -28.61
N GLY H 189 -9.45 -41.31 -27.66
CA GLY H 189 -10.07 -42.18 -26.66
C GLY H 189 -10.27 -43.61 -27.14
N SER H 190 -10.79 -43.75 -28.35
CA SER H 190 -11.04 -45.07 -28.96
C SER H 190 -9.73 -45.79 -29.24
N GLY H 191 -8.66 -45.03 -29.41
CA GLY H 191 -7.36 -45.61 -29.69
C GLY H 191 -7.37 -46.48 -30.93
N LEU H 192 -8.19 -46.13 -31.91
CA LEU H 192 -8.15 -46.77 -33.20
C LEU H 192 -6.76 -46.49 -33.80
N LEU H 193 -6.10 -47.53 -34.31
CA LEU H 193 -4.74 -47.39 -34.84
C LEU H 193 -4.75 -46.87 -36.28
N ILE H 194 -5.54 -47.52 -37.12
CA ILE H 194 -5.55 -47.26 -38.55
C ILE H 194 -6.98 -47.06 -39.02
N ASN H 195 -7.12 -46.63 -40.27
CA ASN H 195 -8.42 -46.35 -40.87
C ASN H 195 -9.30 -47.57 -41.04
N LEU H 196 -10.53 -47.46 -40.55
CA LEU H 196 -11.47 -48.58 -40.60
C LEU H 196 -11.84 -48.97 -42.01
N LYS H 197 -11.97 -47.96 -42.88
CA LYS H 197 -12.38 -48.20 -44.26
C LYS H 197 -11.50 -49.28 -44.89
N GLU H 198 -10.28 -49.42 -44.38
CA GLU H 198 -9.37 -50.46 -44.85
C GLU H 198 -9.99 -51.84 -44.72
N PHE H 199 -10.82 -52.02 -43.69
CA PHE H 199 -11.42 -53.32 -43.41
C PHE H 199 -12.85 -53.45 -43.91
N GLY H 200 -13.28 -52.55 -44.79
CA GLY H 200 -14.60 -52.64 -45.39
C GLY H 200 -15.69 -52.05 -44.53
N ILE H 201 -15.28 -51.44 -43.42
CA ILE H 201 -16.22 -50.76 -42.54
C ILE H 201 -16.07 -49.26 -42.72
N SER H 202 -17.07 -48.64 -43.34
CA SER H 202 -17.04 -47.21 -43.60
C SER H 202 -17.55 -46.41 -42.42
N VAL H 203 -16.65 -45.69 -41.75
CA VAL H 203 -17.01 -44.76 -40.70
C VAL H 203 -15.96 -43.66 -40.64
N ASP H 204 -16.32 -42.55 -40.01
CA ASP H 204 -15.46 -41.37 -39.98
C ASP H 204 -14.67 -41.29 -38.68
N GLU H 205 -14.72 -42.38 -37.90
CA GLU H 205 -14.01 -42.47 -36.63
C GLU H 205 -12.49 -42.24 -36.74
N PRO H 206 -11.96 -41.28 -35.96
CA PRO H 206 -10.54 -40.92 -36.03
C PRO H 206 -9.62 -42.03 -35.54
N ASN H 207 -8.49 -42.12 -36.22
CA ASN H 207 -7.43 -43.06 -35.87
C ASN H 207 -6.13 -42.30 -35.62
N PHE H 208 -5.16 -43.00 -35.02
CA PHE H 208 -3.86 -42.40 -34.71
C PHE H 208 -3.16 -41.93 -35.99
N ARG H 209 -2.82 -42.89 -36.85
CA ARG H 209 -2.09 -42.62 -38.07
C ARG H 209 -2.64 -41.40 -38.82
N ASP H 210 -3.95 -41.38 -39.06
CA ASP H 210 -4.56 -40.32 -39.83
C ASP H 210 -4.51 -39.03 -39.05
N CYS H 211 -4.92 -39.08 -37.78
CA CYS H 211 -5.00 -37.83 -37.05
C CYS H 211 -3.65 -37.20 -36.82
N ILE H 212 -2.57 -38.00 -36.85
CA ILE H 212 -1.23 -37.43 -36.72
C ILE H 212 -0.82 -36.75 -38.02
N SER H 213 -1.11 -37.43 -39.12
CA SER H 213 -0.79 -36.90 -40.44
C SER H 213 -1.61 -35.65 -40.79
N LEU H 214 -2.56 -35.27 -39.95
CA LEU H 214 -3.24 -33.97 -40.10
C LEU H 214 -2.43 -32.84 -39.47
N GLY H 215 -1.47 -33.19 -38.60
CA GLY H 215 -0.69 -32.20 -37.86
C GLY H 215 -1.22 -31.91 -36.47
N ILE H 216 -2.01 -32.82 -35.94
CA ILE H 216 -2.31 -32.76 -34.53
C ILE H 216 -1.02 -33.06 -33.80
N ASP H 217 -0.68 -32.19 -32.85
CA ASP H 217 0.60 -32.26 -32.17
C ASP H 217 0.66 -33.40 -31.15
N LEU H 218 -0.48 -33.77 -30.60
CA LEU H 218 -0.58 -34.87 -29.65
C LEU H 218 -1.91 -35.59 -29.77
N VAL H 219 -1.88 -36.93 -29.75
CA VAL H 219 -3.10 -37.71 -29.81
C VAL H 219 -3.05 -38.89 -28.85
N SER H 220 -4.09 -39.04 -28.03
CA SER H 220 -4.12 -40.14 -27.07
C SER H 220 -5.35 -41.00 -27.25
N GLY H 221 -5.28 -42.22 -26.72
CA GLY H 221 -6.40 -43.13 -26.74
C GLY H 221 -6.20 -44.30 -25.80
N SER H 222 -7.29 -45.01 -25.52
CA SER H 222 -7.26 -46.21 -24.69
C SER H 222 -6.61 -47.34 -25.47
N GLY H 223 -6.01 -48.28 -24.74
CA GLY H 223 -5.48 -49.48 -25.36
C GLY H 223 -6.45 -50.67 -25.48
N ASP H 224 -7.52 -50.66 -24.67
CA ASP H 224 -8.46 -51.78 -24.64
C ASP H 224 -9.80 -51.46 -25.30
N1 LLP H 225 -11.49 -40.19 -22.85
C2 LLP H 225 -12.02 -40.82 -23.94
C2' LLP H 225 -12.47 -39.97 -25.16
C3 LLP H 225 -12.18 -42.20 -23.98
O3 LLP H 225 -12.72 -42.79 -25.11
C4 LLP H 225 -11.77 -42.95 -22.88
C4' LLP H 225 -11.92 -44.48 -22.89
C5 LLP H 225 -11.23 -42.27 -21.77
C6 LLP H 225 -11.09 -40.88 -21.78
C5' LLP H 225 -10.76 -43.08 -20.53
OP4 LLP H 225 -9.67 -43.87 -20.80
P LLP H 225 -9.41 -45.17 -19.98
OP1 LLP H 225 -8.88 -44.79 -18.59
OP2 LLP H 225 -8.37 -45.95 -20.79
OP3 LLP H 225 -10.71 -45.95 -19.82
N LLP H 225 -9.80 -50.51 -26.23
CA LLP H 225 -10.98 -50.26 -27.02
CB LLP H 225 -11.39 -48.78 -26.92
CG LLP H 225 -12.21 -48.42 -25.70
CD LLP H 225 -11.80 -47.04 -25.20
CE LLP H 225 -12.58 -46.51 -24.04
NZ LLP H 225 -12.45 -45.11 -23.96
C LLP H 225 -10.81 -50.71 -28.41
O LLP H 225 -10.82 -51.95 -28.66
N LEU H 226 -10.65 -49.76 -29.35
CA LEU H 226 -10.64 -50.09 -30.78
C LEU H 226 -9.30 -50.61 -31.25
N LEU H 227 -8.32 -50.61 -30.36
CA LEU H 227 -7.04 -51.17 -30.72
C LEU H 227 -6.97 -52.68 -30.39
N GLY H 228 -7.85 -53.14 -29.49
CA GLY H 228 -7.98 -54.55 -29.22
C GLY H 228 -6.86 -55.10 -28.35
N GLY H 229 -6.19 -54.21 -27.63
CA GLY H 229 -5.11 -54.62 -26.76
C GLY H 229 -5.46 -54.49 -25.29
N PRO H 230 -4.44 -54.62 -24.43
CA PRO H 230 -4.64 -54.54 -22.97
C PRO H 230 -4.91 -53.09 -22.59
N GLN H 231 -5.36 -52.85 -21.35
CA GLN H 231 -5.70 -51.50 -20.96
C GLN H 231 -4.45 -50.62 -20.98
N ALA H 232 -4.57 -49.43 -21.54
CA ALA H 232 -3.40 -48.59 -21.68
C ALA H 232 -3.76 -47.21 -22.18
N GLY H 233 -3.09 -46.19 -21.65
CA GLY H 233 -3.15 -44.85 -22.19
C GLY H 233 -2.02 -44.60 -23.17
N ILE H 234 -2.39 -44.41 -24.43
CA ILE H 234 -1.40 -44.23 -25.49
C ILE H 234 -1.30 -42.80 -25.99
N ILE H 235 -0.08 -42.35 -26.20
CA ILE H 235 0.17 -40.98 -26.57
C ILE H 235 1.21 -40.94 -27.67
N VAL H 236 0.87 -40.26 -28.75
CA VAL H 236 1.77 -40.12 -29.88
C VAL H 236 1.81 -38.67 -30.32
N GLY H 237 2.97 -38.21 -30.73
CA GLY H 237 3.07 -36.86 -31.28
C GLY H 237 4.46 -36.26 -31.27
N LYS H 238 4.51 -34.93 -31.35
CA LYS H 238 5.77 -34.20 -31.42
C LYS H 238 6.74 -34.57 -30.31
N LYS H 239 7.99 -34.87 -30.70
CA LYS H 239 9.03 -35.35 -29.80
C LYS H 239 9.26 -34.44 -28.60
N ASN H 240 9.30 -33.14 -28.82
CA ASN H 240 9.56 -32.25 -27.70
C ASN H 240 8.48 -32.31 -26.62
N LEU H 241 7.25 -32.63 -27.00
CA LEU H 241 6.13 -32.65 -26.06
C LEU H 241 6.12 -33.94 -25.25
N ILE H 242 6.30 -35.04 -25.97
CA ILE H 242 6.42 -36.37 -25.39
C ILE H 242 7.54 -36.32 -24.34
N GLU H 243 8.71 -35.84 -24.73
CA GLU H 243 9.83 -35.73 -23.81
C GLU H 243 9.42 -34.97 -22.55
N LYS H 244 8.73 -33.84 -22.70
CA LYS H 244 8.32 -33.12 -21.49
C LYS H 244 7.40 -34.00 -20.65
N ILE H 245 6.49 -34.68 -21.32
CA ILE H 245 5.56 -35.58 -20.63
C ILE H 245 6.32 -36.68 -19.89
N LYS H 246 7.21 -37.37 -20.59
CA LYS H 246 8.00 -38.44 -20.01
C LYS H 246 8.67 -37.98 -18.72
N LYS H 247 9.09 -36.71 -18.68
CA LYS H 247 9.88 -36.21 -17.55
C LYS H 247 9.04 -35.82 -16.31
N ASN H 248 7.72 -35.84 -16.45
CA ASN H 248 6.84 -35.51 -15.33
C ASN H 248 6.87 -36.62 -14.33
N PRO H 249 7.27 -36.31 -13.11
CA PRO H 249 7.40 -37.34 -12.08
C PRO H 249 6.12 -38.15 -11.94
N ILE H 250 4.99 -37.53 -12.27
CA ILE H 250 3.73 -38.22 -12.13
C ILE H 250 3.68 -39.38 -13.10
N ALA H 251 4.41 -39.29 -14.20
CA ALA H 251 4.40 -40.36 -15.19
C ALA H 251 4.82 -41.70 -14.59
N ARG H 252 5.60 -41.67 -13.51
CA ARG H 252 6.01 -42.93 -12.90
C ARG H 252 4.84 -43.55 -12.12
N ALA H 253 3.99 -42.70 -11.57
CA ALA H 253 2.80 -43.17 -10.86
C ALA H 253 1.78 -43.74 -11.86
N LEU H 254 1.97 -43.42 -13.14
CA LEU H 254 1.10 -43.93 -14.20
C LEU H 254 1.77 -45.01 -15.05
N ARG H 255 2.87 -45.57 -14.53
CA ARG H 255 3.73 -46.48 -15.30
C ARG H 255 3.12 -47.86 -15.52
N ILE H 256 3.11 -48.32 -16.77
CA ILE H 256 2.44 -49.56 -17.06
C ILE H 256 3.16 -50.79 -16.55
N ASP H 257 2.34 -51.80 -16.25
CA ASP H 257 2.79 -53.07 -15.71
C ASP H 257 3.40 -54.02 -16.74
N LYS H 258 4.26 -54.90 -16.24
CA LYS H 258 4.90 -55.94 -17.07
C LYS H 258 3.87 -56.61 -17.98
N LEU H 259 2.69 -56.91 -17.44
CA LEU H 259 1.64 -57.61 -18.20
C LEU H 259 1.14 -56.84 -19.42
N THR H 260 0.57 -55.65 -19.22
CA THR H 260 0.04 -54.90 -20.36
C THR H 260 1.16 -54.45 -21.28
N LEU H 261 2.37 -54.35 -20.76
CA LEU H 261 3.51 -54.07 -21.64
C LEU H 261 3.71 -55.19 -22.68
N SER H 262 3.87 -56.41 -22.19
CA SER H 262 4.02 -57.59 -23.02
C SER H 262 2.87 -57.72 -24.01
N GLY H 263 1.66 -57.71 -23.46
CA GLY H 263 0.46 -57.90 -24.25
C GLY H 263 0.36 -56.86 -25.34
N LEU H 264 0.85 -55.67 -25.03
CA LEU H 264 0.73 -54.54 -25.92
C LEU H 264 1.77 -54.63 -27.03
N GLU H 265 2.94 -55.13 -26.66
CA GLU H 265 4.01 -55.37 -27.63
C GLU H 265 3.59 -56.42 -28.67
N MSE H 266 3.08 -57.56 -28.19
CA MSE H 266 2.58 -58.58 -29.08
C MSE H 266 1.43 -58.01 -29.93
O MSE H 266 1.39 -58.24 -31.15
CB MSE H 266 2.16 -59.85 -28.31
CG MSE H 266 1.96 -61.10 -29.19
SE MSE H 266 3.48 -61.58 -30.32
CE MSE H 266 2.81 -63.25 -31.10
N THR H 267 0.55 -57.25 -29.29
CA THR H 267 -0.60 -56.64 -29.99
C THR H 267 -0.14 -55.80 -31.20
N LEU H 268 0.85 -54.95 -30.95
CA LEU H 268 1.45 -54.15 -32.03
C LEU H 268 2.15 -55.01 -33.08
N LYS H 269 2.90 -56.02 -32.64
CA LYS H 269 3.56 -56.92 -33.56
C LYS H 269 2.51 -57.39 -34.56
N LEU H 270 1.39 -57.88 -34.03
CA LEU H 270 0.26 -58.31 -34.87
C LEU H 270 -0.15 -57.25 -35.87
N TYR H 271 -0.26 -56.00 -35.42
CA TYR H 271 -0.64 -54.90 -36.33
C TYR H 271 0.41 -54.70 -37.40
N PHE H 272 1.67 -54.77 -36.98
CA PHE H 272 2.81 -54.62 -37.87
C PHE H 272 2.77 -55.68 -38.97
N GLU H 273 2.45 -56.91 -38.56
CA GLU H 273 2.40 -58.04 -39.47
C GLU H 273 1.04 -58.13 -40.19
N LYS H 274 0.25 -57.07 -40.08
CA LYS H 274 -1.08 -57.00 -40.68
C LYS H 274 -1.96 -58.22 -40.35
N ARG H 275 -1.65 -58.88 -39.23
CA ARG H 275 -2.42 -60.04 -38.78
C ARG H 275 -3.69 -59.61 -38.03
N TYR H 276 -4.50 -58.79 -38.71
CA TYR H 276 -5.68 -58.15 -38.11
C TYR H 276 -6.66 -59.17 -37.57
N GLU H 277 -6.74 -60.34 -38.22
CA GLU H 277 -7.72 -61.36 -37.89
C GLU H 277 -7.35 -62.05 -36.59
N ASP H 278 -6.14 -61.80 -36.11
CA ASP H 278 -5.68 -62.41 -34.87
C ASP H 278 -5.88 -61.48 -33.68
N ILE H 279 -6.61 -60.39 -33.91
CA ILE H 279 -6.94 -59.41 -32.88
C ILE H 279 -8.43 -59.34 -32.71
N PRO H 280 -8.93 -59.94 -31.63
CA PRO H 280 -10.36 -60.23 -31.44
C PRO H 280 -11.30 -59.06 -31.72
N VAL H 281 -11.07 -57.88 -31.15
CA VAL H 281 -12.01 -56.78 -31.41
C VAL H 281 -12.16 -56.46 -32.91
N ILE H 282 -11.04 -56.51 -33.63
CA ILE H 282 -11.04 -56.27 -35.07
C ILE H 282 -11.70 -57.41 -35.82
N ARG H 283 -11.35 -58.64 -35.47
CA ARG H 283 -11.93 -59.83 -36.10
C ARG H 283 -13.46 -59.80 -35.99
N MSE H 284 -13.96 -59.53 -34.77
CA MSE H 284 -15.40 -59.48 -34.50
C MSE H 284 -16.17 -58.42 -35.31
O MSE H 284 -17.30 -58.66 -35.73
CB MSE H 284 -15.65 -59.23 -33.01
CG MSE H 284 -15.77 -60.51 -32.21
SE MSE H 284 -15.60 -60.18 -30.31
CE MSE H 284 -14.09 -61.37 -30.02
N LEU H 285 -15.55 -57.24 -35.49
CA LEU H 285 -16.17 -56.13 -36.20
C LEU H 285 -16.12 -56.30 -37.71
N THR H 286 -15.13 -57.06 -38.16
CA THR H 286 -14.95 -57.35 -39.59
C THR H 286 -15.69 -58.62 -40.03
N GLN H 287 -16.18 -59.38 -39.07
CA GLN H 287 -16.87 -60.65 -39.33
C GLN H 287 -17.85 -60.54 -40.47
N ASP H 288 -17.84 -61.56 -41.33
CA ASP H 288 -18.68 -61.66 -42.52
C ASP H 288 -20.13 -61.97 -42.12
N GLU H 289 -21.08 -61.24 -42.72
CA GLU H 289 -22.51 -61.44 -42.46
C GLU H 289 -22.92 -62.93 -42.57
N LYS H 290 -22.30 -63.64 -43.50
CA LYS H 290 -22.59 -65.06 -43.72
C LYS H 290 -22.05 -65.88 -42.56
N ALA H 291 -20.86 -65.53 -42.08
CA ALA H 291 -20.23 -66.22 -40.97
C ALA H 291 -21.10 -66.13 -39.73
N LEU H 292 -21.73 -64.95 -39.58
CA LEU H 292 -22.66 -64.66 -38.49
C LEU H 292 -23.88 -65.57 -38.56
N ARG H 293 -24.54 -65.61 -39.72
CA ARG H 293 -25.63 -66.56 -39.91
C ARG H 293 -25.15 -68.01 -39.71
N GLN H 294 -23.98 -68.32 -40.29
CA GLN H 294 -23.40 -69.66 -40.15
C GLN H 294 -23.22 -70.07 -38.69
N LYS H 295 -22.81 -69.11 -37.86
CA LYS H 295 -22.73 -69.38 -36.44
C LYS H 295 -24.13 -69.48 -35.82
N ALA H 296 -25.02 -68.54 -36.17
CA ALA H 296 -26.36 -68.49 -35.59
C ALA H 296 -27.13 -69.78 -35.83
N LYS H 297 -27.11 -70.26 -37.07
CA LYS H 297 -27.74 -71.53 -37.40
C LYS H 297 -27.03 -72.72 -36.72
N ARG H 298 -25.73 -72.61 -36.53
CA ARG H 298 -24.95 -73.67 -35.89
C ARG H 298 -25.35 -73.84 -34.42
N LEU H 299 -25.64 -72.71 -33.77
CA LEU H 299 -26.14 -72.71 -32.38
C LEU H 299 -27.54 -73.34 -32.27
N GLU H 300 -28.47 -72.84 -33.07
CA GLU H 300 -29.85 -73.34 -33.02
C GLU H 300 -29.92 -74.85 -33.26
N LYS H 301 -28.98 -75.38 -34.04
CA LYS H 301 -28.88 -76.83 -34.22
C LYS H 301 -28.71 -77.51 -32.86
N LEU H 302 -27.97 -76.83 -31.99
CA LEU H 302 -27.61 -77.38 -30.69
C LEU H 302 -28.73 -77.24 -29.64
N LEU H 303 -29.74 -76.44 -29.94
CA LEU H 303 -30.73 -76.08 -28.93
C LEU H 303 -32.14 -76.58 -29.25
N LYS H 304 -32.27 -77.34 -30.34
CA LYS H 304 -33.57 -77.91 -30.75
C LYS H 304 -34.18 -78.88 -29.74
N ASP H 305 -33.34 -79.75 -29.19
CA ASP H 305 -33.78 -80.85 -28.34
C ASP H 305 -33.99 -80.48 -26.85
N ILE H 306 -33.77 -79.22 -26.50
CA ILE H 306 -34.05 -78.74 -25.14
C ILE H 306 -35.54 -78.43 -25.02
N PRO H 307 -36.16 -78.88 -23.92
CA PRO H 307 -37.61 -78.76 -23.70
C PRO H 307 -38.09 -77.33 -23.44
N GLY H 308 -39.34 -77.04 -23.79
CA GLY H 308 -39.94 -75.75 -23.53
C GLY H 308 -39.27 -74.59 -24.25
N LEU H 309 -38.39 -74.91 -25.19
CA LEU H 309 -37.60 -73.88 -25.88
C LEU H 309 -38.07 -73.54 -27.30
N LYS H 310 -38.50 -72.30 -27.48
CA LYS H 310 -38.78 -71.75 -28.81
C LYS H 310 -37.50 -71.14 -29.35
N ILE H 311 -36.97 -71.70 -30.43
CA ILE H 311 -35.75 -71.13 -31.00
C ILE H 311 -35.94 -70.55 -32.40
N SER H 312 -35.65 -69.26 -32.52
CA SER H 312 -35.66 -68.60 -33.81
C SER H 312 -34.30 -67.97 -34.14
N VAL H 313 -34.13 -67.61 -35.40
CA VAL H 313 -32.95 -66.93 -35.88
C VAL H 313 -33.41 -65.73 -36.71
N ILE H 314 -33.00 -64.52 -36.31
CA ILE H 314 -33.37 -63.30 -37.03
C ILE H 314 -32.14 -62.56 -37.55
N LYS H 315 -32.40 -61.45 -38.25
CA LYS H 315 -31.36 -60.56 -38.79
C LYS H 315 -31.67 -59.13 -38.34
N ASP H 316 -30.70 -58.48 -37.70
CA ASP H 316 -30.97 -57.17 -37.12
C ASP H 316 -29.84 -56.15 -37.33
N LYS H 317 -30.22 -54.88 -37.38
CA LYS H 317 -29.27 -53.80 -37.35
C LYS H 317 -28.93 -53.55 -35.88
N ALA H 318 -27.70 -53.86 -35.48
CA ALA H 318 -27.27 -53.65 -34.11
C ALA H 318 -26.26 -52.53 -34.03
N LYS H 319 -25.87 -52.20 -32.80
CA LYS H 319 -24.86 -51.17 -32.60
C LYS H 319 -23.64 -51.77 -31.90
N PRO H 320 -22.79 -52.49 -32.66
CA PRO H 320 -21.74 -53.39 -32.14
C PRO H 320 -20.72 -52.70 -31.23
N GLY H 321 -20.42 -51.44 -31.48
CA GLY H 321 -19.48 -50.73 -30.65
C GLY H 321 -20.15 -49.98 -29.51
N GLY H 322 -19.86 -50.36 -28.26
CA GLY H 322 -20.50 -49.73 -27.12
C GLY H 322 -19.83 -48.46 -26.60
N GLY H 323 -18.55 -48.59 -26.25
CA GLY H 323 -17.74 -47.47 -25.75
C GLY H 323 -16.80 -46.88 -26.80
N SER H 324 -17.23 -46.91 -28.05
CA SER H 324 -16.41 -46.36 -29.11
C SER H 324 -17.26 -45.77 -30.24
N LEU H 325 -18.10 -46.60 -30.86
CA LEU H 325 -18.78 -46.21 -32.09
C LEU H 325 -20.26 -46.18 -31.88
N PRO H 326 -20.73 -45.20 -31.10
CA PRO H 326 -22.12 -45.26 -30.63
C PRO H 326 -23.10 -45.08 -31.78
N GLU H 327 -22.76 -44.24 -32.73
CA GLU H 327 -23.62 -44.06 -33.89
C GLU H 327 -23.70 -45.32 -34.77
N LEU H 328 -22.63 -46.11 -34.77
CA LEU H 328 -22.50 -47.17 -35.76
C LEU H 328 -23.55 -48.28 -35.69
N GLU H 329 -24.03 -48.68 -36.86
CA GLU H 329 -24.96 -49.78 -36.96
C GLU H 329 -24.49 -50.80 -37.97
N LEU H 330 -24.52 -52.06 -37.58
CA LEU H 330 -24.15 -53.13 -38.48
C LEU H 330 -25.14 -54.25 -38.30
N PRO H 331 -25.42 -54.96 -39.40
CA PRO H 331 -26.30 -56.12 -39.44
C PRO H 331 -25.65 -57.34 -38.79
N THR H 332 -26.42 -58.11 -38.04
CA THR H 332 -25.97 -59.38 -37.44
C THR H 332 -27.11 -60.41 -37.35
N TYR H 333 -26.75 -61.69 -37.23
CA TYR H 333 -27.74 -62.73 -36.95
C TYR H 333 -27.79 -63.04 -35.46
N CYS H 334 -28.93 -62.73 -34.84
CA CYS H 334 -29.17 -63.08 -33.44
C CYS H 334 -29.98 -64.39 -33.37
N VAL H 335 -29.66 -65.26 -32.42
CA VAL H 335 -30.51 -66.43 -32.16
C VAL H 335 -31.46 -66.08 -31.01
N ALA H 336 -32.74 -65.92 -31.33
CA ALA H 336 -33.74 -65.57 -30.32
C ALA H 336 -34.38 -66.81 -29.71
N ILE H 337 -34.57 -66.78 -28.40
CA ILE H 337 -35.18 -67.91 -27.71
C ILE H 337 -36.21 -67.51 -26.66
N ARG H 338 -37.19 -68.41 -26.49
CA ARG H 338 -38.34 -68.19 -25.61
C ARG H 338 -38.72 -69.48 -24.88
N HIS H 339 -39.04 -69.37 -23.60
CA HIS H 339 -39.48 -70.52 -22.82
C HIS H 339 -40.94 -70.33 -22.41
N ASP H 340 -41.69 -71.41 -22.34
CA ASP H 340 -43.10 -71.30 -22.00
C ASP H 340 -43.30 -70.94 -20.52
N ARG H 341 -42.79 -71.78 -19.62
CA ARG H 341 -42.99 -71.60 -18.19
C ARG H 341 -42.37 -70.30 -17.65
N LEU H 342 -41.25 -69.90 -18.25
CA LEU H 342 -40.51 -68.73 -17.77
C LEU H 342 -40.69 -67.52 -18.68
N SER H 343 -40.74 -66.35 -18.06
CA SER H 343 -40.63 -65.08 -18.77
C SER H 343 -39.16 -64.85 -19.12
N SER H 344 -38.91 -64.21 -20.25
CA SER H 344 -37.54 -63.99 -20.72
C SER H 344 -36.68 -63.22 -19.72
N GLN H 345 -37.32 -62.37 -18.91
CA GLN H 345 -36.61 -61.56 -17.91
C GLN H 345 -36.09 -62.43 -16.79
N GLU H 346 -36.88 -63.44 -16.44
CA GLU H 346 -36.47 -64.42 -15.45
C GLU H 346 -35.46 -65.40 -16.04
N LEU H 347 -35.58 -65.64 -17.34
CA LEU H 347 -34.65 -66.50 -18.07
C LEU H 347 -33.25 -65.85 -18.13
N SER H 348 -33.19 -64.58 -18.51
CA SER H 348 -31.92 -63.85 -18.56
C SER H 348 -31.26 -63.79 -17.18
N ARG H 349 -32.08 -63.58 -16.15
CA ARG H 349 -31.55 -63.46 -14.79
C ARG H 349 -30.93 -64.77 -14.33
N ARG H 350 -31.47 -65.88 -14.83
CA ARG H 350 -30.95 -67.19 -14.48
C ARG H 350 -29.69 -67.52 -15.29
N LEU H 351 -29.64 -67.01 -16.52
CA LEU H 351 -28.45 -67.11 -17.37
C LEU H 351 -27.25 -66.31 -16.83
N ARG H 352 -27.51 -65.12 -16.29
CA ARG H 352 -26.46 -64.33 -15.69
C ARG H 352 -25.89 -65.09 -14.48
N LEU H 353 -26.73 -65.85 -13.80
CA LEU H 353 -26.32 -66.50 -12.56
C LEU H 353 -25.67 -67.85 -12.82
N ALA H 354 -25.78 -68.31 -14.06
CA ALA H 354 -25.22 -69.59 -14.44
C ALA H 354 -23.70 -69.62 -14.28
N GLU H 355 -23.13 -70.83 -14.31
CA GLU H 355 -21.68 -71.02 -14.38
C GLU H 355 -21.35 -71.87 -15.61
N PRO H 356 -20.75 -71.25 -16.64
CA PRO H 356 -20.40 -69.83 -16.71
C PRO H 356 -21.61 -68.95 -16.96
N PRO H 357 -21.50 -67.66 -16.62
CA PRO H 357 -22.60 -66.70 -16.83
C PRO H 357 -22.87 -66.45 -18.32
N ILE H 358 -24.10 -66.09 -18.65
CA ILE H 358 -24.41 -65.63 -20.01
C ILE H 358 -25.23 -64.36 -19.99
N VAL H 359 -24.66 -63.27 -20.50
CA VAL H 359 -25.36 -61.98 -20.57
C VAL H 359 -25.82 -61.76 -21.99
N CYS H 360 -27.08 -61.34 -22.15
CA CYS H 360 -27.72 -61.22 -23.45
C CYS H 360 -28.66 -60.02 -23.52
N ARG H 361 -29.06 -59.63 -24.74
CA ARG H 361 -30.01 -58.53 -24.95
C ARG H 361 -31.46 -59.05 -25.01
N ILE H 362 -32.38 -58.27 -24.44
CA ILE H 362 -33.80 -58.61 -24.48
C ILE H 362 -34.55 -57.64 -25.37
N ARG H 363 -35.51 -58.17 -26.12
CA ARG H 363 -36.47 -57.32 -26.82
C ARG H 363 -37.87 -57.93 -26.71
N GLU H 364 -38.72 -57.26 -25.93
CA GLU H 364 -40.11 -57.66 -25.76
C GLU H 364 -40.24 -59.13 -25.36
N ASP H 365 -39.66 -59.49 -24.21
CA ASP H 365 -39.76 -60.84 -23.67
C ASP H 365 -39.22 -61.88 -24.66
N GLN H 366 -38.52 -61.42 -25.69
CA GLN H 366 -37.77 -62.34 -26.56
C GLN H 366 -36.29 -62.21 -26.18
N LEU H 367 -35.66 -63.36 -25.94
CA LEU H 367 -34.25 -63.37 -25.56
C LEU H 367 -33.39 -63.42 -26.82
N LEU H 368 -32.35 -62.60 -26.88
CA LEU H 368 -31.54 -62.52 -28.09
C LEU H 368 -30.06 -62.81 -27.89
N PHE H 369 -29.54 -63.82 -28.59
CA PHE H 369 -28.09 -64.07 -28.64
C PHE H 369 -27.48 -63.50 -29.94
N ASP H 370 -26.74 -62.39 -29.82
CA ASP H 370 -26.01 -61.80 -30.95
C ASP H 370 -24.67 -62.53 -31.18
N MSE H 371 -24.55 -63.20 -32.33
CA MSE H 371 -23.43 -64.08 -32.64
C MSE H 371 -22.06 -63.40 -32.77
O MSE H 371 -21.02 -64.03 -32.57
CB MSE H 371 -23.70 -64.89 -33.90
CG MSE H 371 -24.82 -65.91 -33.76
SE MSE H 371 -24.59 -67.01 -32.19
CE MSE H 371 -25.81 -66.09 -31.00
N ARG H 372 -22.09 -62.12 -33.17
CA ARG H 372 -20.88 -61.33 -33.33
C ARG H 372 -19.90 -61.59 -32.17
N THR H 373 -20.39 -61.35 -30.96
CA THR H 373 -19.57 -61.46 -29.76
C THR H 373 -19.49 -62.87 -29.20
N VAL H 374 -19.89 -63.86 -29.98
CA VAL H 374 -19.85 -65.23 -29.44
C VAL H 374 -18.76 -66.08 -30.13
N PHE H 375 -17.92 -66.72 -29.32
CA PHE H 375 -16.84 -67.60 -29.81
C PHE H 375 -17.34 -69.01 -30.18
N HIS H 376 -16.53 -69.77 -30.90
CA HIS H 376 -16.91 -71.15 -31.30
C HIS H 376 -16.97 -72.11 -30.10
N GLU H 377 -16.07 -71.86 -29.15
CA GLU H 377 -16.00 -72.67 -27.94
C GLU H 377 -17.24 -72.45 -27.09
N ASP H 378 -17.75 -71.22 -27.13
CA ASP H 378 -18.93 -70.84 -26.34
C ASP H 378 -20.17 -71.66 -26.70
N LEU H 379 -20.36 -71.93 -27.99
CA LEU H 379 -21.53 -72.66 -28.49
C LEU H 379 -21.85 -73.87 -27.61
N LYS H 380 -20.91 -74.80 -27.54
CA LYS H 380 -21.07 -76.02 -26.73
C LYS H 380 -21.42 -75.70 -25.28
N THR H 381 -20.83 -74.62 -24.76
CA THR H 381 -21.12 -74.20 -23.39
C THR H 381 -22.54 -73.63 -23.23
N ILE H 382 -23.05 -73.00 -24.27
CA ILE H 382 -24.42 -72.49 -24.24
C ILE H 382 -25.42 -73.63 -24.19
N LYS H 383 -25.23 -74.64 -25.04
CA LYS H 383 -26.02 -75.87 -25.01
C LYS H 383 -26.06 -76.49 -23.60
N LYS H 384 -24.89 -76.86 -23.07
CA LYS H 384 -24.85 -77.55 -21.79
C LYS H 384 -25.45 -76.74 -20.63
N THR H 385 -25.29 -75.42 -20.70
CA THR H 385 -25.76 -74.54 -19.66
C THR H 385 -27.29 -74.38 -19.66
N LEU H 386 -27.88 -74.26 -20.84
CA LEU H 386 -29.34 -74.16 -20.96
C LEU H 386 -30.06 -75.42 -20.52
N GLN H 387 -29.53 -76.58 -20.93
CA GLN H 387 -30.17 -77.85 -20.59
C GLN H 387 -30.12 -78.12 -19.10
N GLU H 388 -29.08 -77.62 -18.44
CA GLU H 388 -28.97 -77.77 -17.00
C GLU H 388 -29.93 -76.85 -16.25
N LEU H 389 -30.37 -75.78 -16.88
CA LEU H 389 -31.28 -74.82 -16.25
C LEU H 389 -32.76 -75.21 -16.35
N LEU H 390 -33.22 -75.51 -17.57
CA LEU H 390 -34.63 -75.80 -17.80
C LEU H 390 -35.00 -77.29 -17.60
N SER H 391 -34.03 -78.17 -17.82
CA SER H 391 -34.26 -79.62 -17.71
C SER H 391 -33.85 -80.20 -16.34
N ILE H 392 -33.61 -79.32 -15.37
CA ILE H 392 -33.34 -79.75 -14.02
C ILE H 392 -34.52 -80.61 -13.54
N LEU I 4 -40.20 -4.15 -53.82
CA LEU I 4 -40.53 -2.97 -53.02
C LEU I 4 -41.93 -2.48 -53.34
N MSE I 5 -42.37 -2.71 -54.57
CA MSE I 5 -43.71 -2.35 -54.96
C MSE I 5 -44.70 -2.98 -54.00
O MSE I 5 -45.52 -2.29 -53.37
CB MSE I 5 -43.98 -2.81 -56.40
CG MSE I 5 -43.00 -2.26 -57.42
SE MSE I 5 -43.30 -3.02 -59.19
CE MSE I 5 -42.48 -4.78 -58.92
N LYS I 6 -44.60 -4.29 -53.86
CA LYS I 6 -45.54 -5.07 -53.06
C LYS I 6 -44.78 -5.83 -51.99
N PRO I 7 -45.50 -6.21 -50.91
CA PRO I 7 -44.89 -6.75 -49.68
C PRO I 7 -44.11 -8.05 -49.89
N ASN I 8 -42.99 -8.17 -49.18
CA ASN I 8 -42.08 -9.31 -49.26
C ASN I 8 -42.53 -10.47 -48.40
N ILE I 9 -43.51 -10.22 -47.55
CA ILE I 9 -44.09 -11.24 -46.66
C ILE I 9 -45.42 -11.71 -47.25
N LYS I 10 -45.67 -13.00 -47.18
CA LYS I 10 -46.86 -13.52 -47.85
C LYS I 10 -47.35 -14.81 -47.21
N ARG I 11 -48.63 -15.10 -47.40
CA ARG I 11 -49.21 -16.32 -46.87
C ARG I 11 -48.62 -17.52 -47.60
N VAL I 12 -48.13 -18.52 -46.86
CA VAL I 12 -47.55 -19.71 -47.50
C VAL I 12 -48.30 -21.00 -47.16
N ILE I 13 -48.70 -21.73 -48.19
CA ILE I 13 -49.34 -23.01 -47.99
C ILE I 13 -48.30 -24.00 -47.53
N ASN I 14 -48.45 -24.48 -46.29
CA ASN I 14 -47.44 -25.36 -45.70
C ASN I 14 -47.82 -26.83 -45.82
N ALA I 15 -47.01 -27.57 -46.57
CA ALA I 15 -47.32 -28.96 -46.81
C ALA I 15 -46.24 -29.84 -46.23
N THR I 16 -45.37 -29.25 -45.41
CA THR I 16 -44.27 -30.01 -44.82
C THR I 16 -44.77 -30.95 -43.71
N GLY I 17 -45.98 -30.69 -43.22
CA GLY I 17 -46.56 -31.48 -42.15
C GLY I 17 -45.80 -31.27 -40.85
N VAL I 18 -45.19 -30.10 -40.74
CA VAL I 18 -44.44 -29.69 -39.57
C VAL I 18 -45.19 -28.54 -38.91
N VAL I 19 -45.85 -28.84 -37.78
CA VAL I 19 -46.80 -27.92 -37.15
C VAL I 19 -46.16 -26.66 -36.58
N ILE I 20 -45.10 -26.82 -35.79
CA ILE I 20 -44.34 -25.67 -35.30
C ILE I 20 -43.17 -25.47 -36.21
N ASN I 21 -43.25 -24.47 -37.06
CA ASN I 21 -42.18 -24.32 -38.04
C ASN I 21 -41.47 -22.98 -37.91
N THR I 22 -40.28 -23.01 -37.35
CA THR I 22 -39.46 -21.82 -37.23
C THR I 22 -39.47 -21.02 -38.52
N ASN I 23 -39.22 -21.70 -39.63
CA ASN I 23 -39.07 -20.99 -40.90
C ASN I 23 -40.38 -20.38 -41.39
N LEU I 24 -41.47 -21.11 -41.17
CA LEU I 24 -42.76 -20.74 -41.74
C LEU I 24 -43.60 -19.80 -40.88
N GLY I 25 -43.09 -19.38 -39.73
CA GLY I 25 -43.77 -18.37 -38.95
C GLY I 25 -44.40 -18.88 -37.66
N ARG I 26 -43.96 -20.06 -37.22
CA ARG I 26 -44.44 -20.70 -36.00
C ARG I 26 -45.96 -20.82 -35.98
N ALA I 27 -46.55 -20.69 -34.79
CA ALA I 27 -47.97 -20.96 -34.62
C ALA I 27 -48.86 -20.03 -35.44
N PRO I 28 -49.74 -20.62 -36.29
CA PRO I 28 -50.78 -19.76 -36.90
C PRO I 28 -51.88 -19.45 -35.89
N LEU I 29 -52.63 -18.39 -36.11
CA LEU I 29 -53.65 -17.95 -35.17
C LEU I 29 -55.05 -18.27 -35.65
N SER I 30 -55.88 -18.77 -34.72
CA SER I 30 -57.28 -19.07 -35.04
C SER I 30 -58.00 -17.80 -35.52
N LYS I 31 -59.02 -17.99 -36.36
CA LYS I 31 -59.78 -16.88 -36.90
C LYS I 31 -60.41 -16.02 -35.79
N ASP I 32 -60.91 -16.68 -34.74
CA ASP I 32 -61.46 -15.99 -33.57
C ASP I 32 -60.46 -14.97 -33.04
N VAL I 33 -59.27 -15.45 -32.73
CA VAL I 33 -58.22 -14.63 -32.19
C VAL I 33 -57.89 -13.48 -33.12
N ILE I 34 -57.76 -13.79 -34.41
CA ILE I 34 -57.38 -12.80 -35.40
C ILE I 34 -58.37 -11.63 -35.51
N ASN I 35 -59.65 -11.97 -35.57
CA ASN I 35 -60.70 -10.94 -35.60
C ASN I 35 -60.69 -10.05 -34.37
N PHE I 36 -60.34 -10.63 -33.21
CA PHE I 36 -60.20 -9.86 -31.96
C PHE I 36 -58.98 -8.94 -31.99
N ILE I 37 -57.88 -9.41 -32.55
CA ILE I 37 -56.72 -8.55 -32.72
C ILE I 37 -57.17 -7.46 -33.67
N SER I 38 -57.73 -7.86 -34.80
CA SER I 38 -58.22 -6.93 -35.80
C SER I 38 -59.07 -5.81 -35.19
N GLU I 39 -60.03 -6.18 -34.34
CA GLU I 39 -60.93 -5.23 -33.68
C GLU I 39 -60.22 -4.21 -32.77
N ILE I 40 -59.31 -4.71 -31.95
CA ILE I 40 -58.60 -3.89 -30.99
C ILE I 40 -57.64 -2.91 -31.70
N ALA I 41 -57.16 -3.31 -32.87
CA ALA I 41 -56.14 -2.55 -33.56
C ALA I 41 -56.76 -1.49 -34.45
N ASN I 42 -57.99 -1.75 -34.87
CA ASN I 42 -58.72 -0.92 -35.82
C ASN I 42 -59.00 0.49 -35.30
N GLY I 43 -58.99 0.65 -33.99
CA GLY I 43 -59.16 1.96 -33.39
C GLY I 43 -58.48 2.08 -32.05
N TYR I 44 -59.00 3.00 -31.23
CA TYR I 44 -58.51 3.20 -29.88
C TYR I 44 -59.03 2.16 -28.90
N SER I 45 -58.51 2.19 -27.68
CA SER I 45 -58.72 1.08 -26.77
C SER I 45 -58.15 1.39 -25.38
N ASN I 46 -58.27 0.43 -24.45
CA ASN I 46 -57.81 0.67 -23.08
C ASN I 46 -56.45 0.03 -22.76
N LEU I 47 -55.70 -0.35 -23.79
CA LEU I 47 -54.40 -1.04 -23.65
C LEU I 47 -53.80 -0.79 -22.29
N GLU I 48 -53.14 0.37 -22.17
CA GLU I 48 -52.45 0.80 -20.95
C GLU I 48 -53.32 1.87 -20.34
N TYR I 49 -54.43 1.45 -19.74
CA TYR I 49 -55.43 2.41 -19.27
C TYR I 49 -56.34 1.78 -18.25
N ASN I 50 -56.95 2.62 -17.42
CA ASN I 50 -57.94 2.21 -16.45
C ASN I 50 -59.20 3.03 -16.70
N LEU I 51 -60.12 2.49 -17.50
CA LEU I 51 -61.37 3.18 -17.85
C LEU I 51 -62.13 3.57 -16.58
N GLU I 52 -62.04 2.71 -15.58
CA GLU I 52 -62.67 2.94 -14.29
C GLU I 52 -62.16 4.24 -13.66
N GLU I 53 -60.85 4.32 -13.49
CA GLU I 53 -60.23 5.42 -12.76
C GLU I 53 -59.87 6.61 -13.66
N GLY I 54 -59.78 6.36 -14.97
CA GLY I 54 -59.42 7.39 -15.94
C GLY I 54 -57.95 7.74 -15.94
N LYS I 55 -57.10 6.77 -15.62
CA LYS I 55 -55.65 6.98 -15.62
C LYS I 55 -54.94 5.86 -16.40
N ARG I 56 -53.61 5.99 -16.50
CA ARG I 56 -52.75 4.93 -17.05
C ARG I 56 -52.87 3.67 -16.18
N GLY I 57 -52.83 2.51 -16.82
CA GLY I 57 -53.00 1.25 -16.13
C GLY I 57 -52.00 0.20 -16.55
N SER I 58 -52.06 -0.95 -15.89
CA SER I 58 -51.21 -2.07 -16.26
C SER I 58 -51.85 -2.88 -17.37
N ARG I 59 -51.22 -2.86 -18.53
CA ARG I 59 -51.77 -3.60 -19.64
C ARG I 59 -51.75 -5.12 -19.39
N ILE I 60 -50.67 -5.64 -18.79
CA ILE I 60 -50.64 -7.08 -18.56
C ILE I 60 -51.73 -7.52 -17.58
N ALA I 61 -52.30 -6.57 -16.84
CA ALA I 61 -53.36 -6.88 -15.87
C ALA I 61 -54.40 -7.82 -16.48
N HIS I 62 -54.99 -7.38 -17.59
CA HIS I 62 -55.91 -8.20 -18.36
C HIS I 62 -55.51 -9.70 -18.36
N ILE I 63 -54.29 -9.97 -18.82
CA ILE I 63 -53.74 -11.32 -18.96
C ILE I 63 -53.51 -12.07 -17.66
N GLU I 64 -52.71 -11.50 -16.78
CA GLU I 64 -52.17 -12.21 -15.61
C GLU I 64 -53.17 -13.16 -14.98
N LYS I 65 -54.39 -12.68 -14.72
CA LYS I 65 -55.45 -13.50 -14.13
C LYS I 65 -55.59 -14.85 -14.83
N TYR I 66 -55.71 -14.81 -16.15
CA TYR I 66 -55.82 -16.03 -16.97
C TYR I 66 -54.67 -17.00 -16.71
N LEU I 67 -53.45 -16.47 -16.77
CA LEU I 67 -52.23 -17.27 -16.55
C LEU I 67 -52.20 -17.88 -15.17
N ASN I 68 -52.49 -17.05 -14.17
CA ASN I 68 -52.45 -17.50 -12.79
C ASN I 68 -53.39 -18.67 -12.59
N GLU I 69 -54.64 -18.51 -13.01
CA GLU I 69 -55.64 -19.56 -12.81
C GLU I 69 -55.35 -20.80 -13.67
N LEU I 70 -54.84 -20.60 -14.88
CA LEU I 70 -54.55 -21.72 -15.76
C LEU I 70 -53.35 -22.53 -15.27
N THR I 71 -52.26 -21.85 -14.94
CA THR I 71 -51.01 -22.51 -14.52
C THR I 71 -51.02 -22.87 -13.04
N GLY I 72 -51.63 -22.03 -12.23
CA GLY I 72 -51.64 -22.25 -10.79
C GLY I 72 -50.56 -21.46 -10.07
N ALA I 73 -49.73 -20.74 -10.82
CA ALA I 73 -48.68 -19.94 -10.22
C ALA I 73 -49.29 -18.80 -9.42
N GLU I 74 -48.53 -18.25 -8.47
CA GLU I 74 -49.02 -17.12 -7.69
C GLU I 74 -49.24 -15.86 -8.55
N SER I 75 -48.29 -15.57 -9.42
CA SER I 75 -48.38 -14.41 -10.29
C SER I 75 -47.65 -14.70 -11.61
N SER I 76 -47.83 -13.82 -12.58
CA SER I 76 -47.23 -14.00 -13.89
C SER I 76 -46.98 -12.66 -14.59
N PHE I 77 -46.31 -12.71 -15.73
CA PHE I 77 -45.87 -11.51 -16.43
C PHE I 77 -45.51 -11.90 -17.85
N VAL I 78 -45.61 -10.96 -18.78
CA VAL I 78 -45.32 -11.31 -20.16
C VAL I 78 -44.50 -10.23 -20.84
N VAL I 79 -43.39 -10.68 -21.42
CA VAL I 79 -42.58 -9.80 -22.24
C VAL I 79 -42.54 -10.25 -23.71
N ASN I 80 -41.84 -9.46 -24.50
CA ASN I 80 -41.67 -9.64 -25.93
C ASN I 80 -41.49 -11.07 -26.44
N ASN I 81 -40.57 -11.80 -25.84
CA ASN I 81 -40.34 -13.17 -26.28
C ASN I 81 -39.59 -13.93 -25.19
N ASN I 82 -39.48 -15.25 -25.32
CA ASN I 82 -38.81 -15.98 -24.26
C ASN I 82 -37.33 -15.62 -24.03
N ALA I 83 -36.65 -15.21 -25.10
CA ALA I 83 -35.26 -14.75 -25.02
C ALA I 83 -35.20 -13.54 -24.09
N GLY I 84 -36.20 -12.69 -24.20
CA GLY I 84 -36.31 -11.54 -23.34
C GLY I 84 -36.64 -11.92 -21.91
N ALA I 85 -37.53 -12.90 -21.74
CA ALA I 85 -37.85 -13.40 -20.40
C ALA I 85 -36.58 -13.87 -19.69
N VAL I 86 -35.86 -14.80 -20.33
CA VAL I 86 -34.60 -15.29 -19.80
C VAL I 86 -33.64 -14.14 -19.49
N PHE I 87 -33.57 -13.16 -20.37
CA PHE I 87 -32.67 -12.04 -20.16
C PHE I 87 -33.14 -11.19 -19.01
N LEU I 88 -34.44 -10.98 -18.92
CA LEU I 88 -35.03 -10.17 -17.87
C LEU I 88 -34.88 -10.82 -16.48
N VAL I 89 -35.14 -12.13 -16.44
CA VAL I 89 -35.00 -12.93 -15.21
C VAL I 89 -33.58 -12.88 -14.64
N LEU I 90 -32.61 -13.22 -15.48
CA LEU I 90 -31.21 -13.21 -15.06
C LEU I 90 -30.78 -11.82 -14.62
N ASN I 91 -31.16 -10.81 -15.39
CA ASN I 91 -30.74 -9.44 -15.09
C ASN I 91 -31.38 -8.93 -13.81
N THR I 92 -32.65 -9.26 -13.61
CA THR I 92 -33.35 -8.88 -12.38
C THR I 92 -32.79 -9.57 -11.14
N LEU I 93 -32.65 -10.88 -11.21
CA LEU I 93 -32.42 -11.71 -10.03
C LEU I 93 -30.96 -12.06 -9.74
N ALA I 94 -30.08 -11.95 -10.73
CA ALA I 94 -28.72 -12.48 -10.57
C ALA I 94 -27.60 -11.58 -11.06
N GLU I 95 -27.85 -10.27 -11.09
CA GLU I 95 -26.84 -9.36 -11.63
C GLU I 95 -25.65 -9.42 -10.71
N GLY I 96 -24.49 -9.75 -11.28
CA GLY I 96 -23.27 -9.83 -10.49
C GLY I 96 -23.22 -11.00 -9.52
N LYS I 97 -24.27 -11.82 -9.54
CA LYS I 97 -24.28 -13.02 -8.73
C LYS I 97 -24.16 -14.27 -9.62
N GLU I 98 -24.17 -15.45 -9.02
CA GLU I 98 -23.91 -16.68 -9.74
C GLU I 98 -25.20 -17.46 -10.08
N VAL I 99 -25.24 -18.04 -11.28
CA VAL I 99 -26.34 -18.90 -11.66
C VAL I 99 -25.80 -20.27 -12.00
N ILE I 100 -26.33 -21.25 -11.29
CA ILE I 100 -25.88 -22.63 -11.46
C ILE I 100 -26.73 -23.28 -12.55
N ILE I 101 -26.06 -23.77 -13.58
CA ILE I 101 -26.75 -24.44 -14.68
C ILE I 101 -25.90 -25.62 -15.19
N SER I 102 -26.57 -26.65 -15.71
CA SER I 102 -25.88 -27.82 -16.26
C SER I 102 -25.06 -27.50 -17.52
N ARG I 103 -23.95 -28.20 -17.73
CA ARG I 103 -23.10 -27.95 -18.92
C ARG I 103 -23.75 -28.49 -20.15
N GLY I 104 -24.80 -29.27 -19.94
CA GLY I 104 -25.56 -29.82 -21.04
C GLY I 104 -26.73 -28.94 -21.47
N GLU I 105 -27.12 -28.01 -20.61
CA GLU I 105 -28.25 -27.15 -20.91
C GLU I 105 -27.84 -25.75 -21.43
N LEU I 106 -26.57 -25.58 -21.80
CA LEU I 106 -26.08 -24.30 -22.35
C LEU I 106 -26.22 -24.27 -23.85
N VAL I 107 -27.39 -23.90 -24.32
CA VAL I 107 -27.82 -24.16 -25.70
C VAL I 107 -27.76 -22.99 -26.71
N GLU I 108 -27.86 -23.35 -27.98
CA GLU I 108 -28.08 -22.38 -29.03
C GLU I 108 -29.38 -22.69 -29.74
N ILE I 109 -30.41 -21.90 -29.50
CA ILE I 109 -31.68 -22.06 -30.18
C ILE I 109 -31.76 -20.95 -31.24
N GLY I 110 -32.12 -21.30 -32.48
CA GLY I 110 -32.08 -20.30 -33.54
C GLY I 110 -30.65 -19.88 -33.91
N GLY I 111 -30.49 -18.76 -34.61
CA GLY I 111 -29.17 -18.34 -35.04
C GLY I 111 -28.54 -17.29 -34.16
N SER I 112 -29.38 -16.57 -33.42
CA SER I 112 -28.90 -15.42 -32.65
C SER I 112 -29.02 -15.61 -31.15
N PHE I 113 -29.60 -16.73 -30.72
CA PHE I 113 -29.80 -16.96 -29.28
C PHE I 113 -28.88 -18.03 -28.67
N ARG I 114 -27.95 -17.60 -27.81
CA ARG I 114 -27.02 -18.50 -27.15
C ARG I 114 -27.14 -18.29 -25.66
N ILE I 115 -27.49 -19.33 -24.91
CA ILE I 115 -27.67 -19.20 -23.48
C ILE I 115 -26.49 -18.51 -22.83
N PRO I 116 -25.30 -19.10 -22.97
CA PRO I 116 -24.16 -18.47 -22.29
C PRO I 116 -23.95 -17.01 -22.71
N ASP I 117 -24.33 -16.66 -23.95
CA ASP I 117 -24.06 -15.31 -24.44
C ASP I 117 -25.06 -14.32 -23.88
N ILE I 118 -26.32 -14.71 -23.75
CA ILE I 118 -27.32 -13.78 -23.27
C ILE I 118 -27.24 -13.65 -21.77
N MSE I 119 -26.96 -14.77 -21.11
CA MSE I 119 -26.67 -14.80 -19.69
C MSE I 119 -25.56 -13.81 -19.34
O MSE I 119 -25.63 -13.09 -18.36
CB MSE I 119 -26.23 -16.21 -19.31
CG MSE I 119 -26.28 -16.55 -17.82
SE MSE I 119 -26.57 -18.47 -17.59
CE MSE I 119 -27.79 -18.80 -19.09
N LYS I 120 -24.53 -13.80 -20.18
CA LYS I 120 -23.40 -12.89 -20.00
C LYS I 120 -23.83 -11.43 -20.10
N LYS I 121 -24.64 -11.10 -21.10
CA LYS I 121 -25.09 -9.71 -21.24
C LYS I 121 -26.10 -9.28 -20.15
N SER I 122 -26.73 -10.28 -19.53
CA SER I 122 -27.72 -10.01 -18.49
C SER I 122 -27.06 -9.44 -17.24
N GLY I 123 -25.79 -9.78 -17.05
CA GLY I 123 -25.02 -9.33 -15.90
C GLY I 123 -24.79 -10.46 -14.92
N ALA I 124 -25.43 -11.59 -15.21
CA ALA I 124 -25.31 -12.78 -14.39
C ALA I 124 -23.99 -13.48 -14.62
N ILE I 125 -23.58 -14.23 -13.63
CA ILE I 125 -22.33 -14.94 -13.69
C ILE I 125 -22.61 -16.42 -13.80
N LEU I 126 -22.27 -16.94 -14.96
CA LEU I 126 -22.51 -18.33 -15.32
C LEU I 126 -21.68 -19.30 -14.48
N ARG I 127 -22.35 -20.17 -13.73
CA ARG I 127 -21.62 -21.23 -13.03
C ARG I 127 -22.05 -22.59 -13.60
N GLU I 128 -21.17 -23.22 -14.38
CA GLU I 128 -21.56 -24.40 -15.13
C GLU I 128 -21.10 -25.68 -14.46
N VAL I 129 -22.02 -26.61 -14.26
CA VAL I 129 -21.73 -27.77 -13.45
C VAL I 129 -22.02 -29.06 -14.19
N GLY I 130 -21.37 -30.13 -13.79
CA GLY I 130 -21.63 -31.43 -14.35
C GLY I 130 -20.79 -31.62 -15.58
N THR I 131 -21.30 -32.41 -16.51
CA THR I 131 -20.64 -32.59 -17.79
C THR I 131 -21.71 -32.42 -18.86
N THR I 132 -21.29 -32.45 -20.11
CA THR I 132 -22.21 -32.37 -21.22
C THR I 132 -23.33 -33.41 -21.06
N ASN I 133 -22.95 -34.69 -21.07
CA ASN I 133 -23.89 -35.83 -21.12
C ASN I 133 -24.46 -36.35 -19.79
N LYS I 134 -23.70 -36.16 -18.72
CA LYS I 134 -24.16 -36.60 -17.40
C LYS I 134 -24.04 -35.48 -16.40
N THR I 135 -25.16 -35.12 -15.80
CA THR I 135 -25.15 -34.13 -14.75
C THR I 135 -26.09 -34.57 -13.65
N LYS I 136 -25.59 -34.52 -12.42
CA LYS I 136 -26.30 -35.04 -11.27
C LYS I 136 -26.60 -33.91 -10.27
N VAL I 137 -27.35 -34.25 -9.23
CA VAL I 137 -27.71 -33.27 -8.22
C VAL I 137 -26.48 -32.78 -7.47
N SER I 138 -25.58 -33.68 -7.10
CA SER I 138 -24.36 -33.29 -6.42
C SER I 138 -23.66 -32.15 -7.17
N ASP I 139 -23.77 -32.14 -8.50
CA ASP I 139 -23.11 -31.10 -9.31
C ASP I 139 -23.70 -29.73 -9.06
N TYR I 140 -25.00 -29.69 -8.86
CA TYR I 140 -25.68 -28.44 -8.53
C TYR I 140 -25.31 -27.98 -7.11
N GLU I 141 -25.52 -28.85 -6.12
CA GLU I 141 -25.24 -28.51 -4.71
C GLU I 141 -23.81 -28.02 -4.51
N GLY I 142 -22.86 -28.78 -5.05
CA GLY I 142 -21.45 -28.46 -4.91
C GLY I 142 -21.07 -27.05 -5.32
N ALA I 143 -21.76 -26.50 -6.32
CA ALA I 143 -21.43 -25.17 -6.82
C ALA I 143 -22.21 -24.08 -6.09
N ILE I 144 -22.92 -24.45 -5.01
CA ILE I 144 -23.64 -23.47 -4.21
C ILE I 144 -22.67 -22.69 -3.35
N ASN I 145 -22.90 -21.38 -3.24
CA ASN I 145 -22.11 -20.56 -2.32
C ASN I 145 -22.77 -19.21 -2.03
N GLN I 146 -22.06 -18.36 -1.28
CA GLN I 146 -22.57 -17.06 -0.82
C GLN I 146 -23.20 -16.24 -1.95
N ASN I 147 -22.58 -16.28 -3.13
CA ASN I 147 -23.04 -15.50 -4.29
C ASN I 147 -24.02 -16.24 -5.21
N THR I 148 -24.40 -17.46 -4.86
CA THR I 148 -25.33 -18.20 -5.69
C THR I 148 -26.73 -17.60 -5.57
N ALA I 149 -27.21 -17.05 -6.69
CA ALA I 149 -28.51 -16.37 -6.76
C ALA I 149 -29.60 -17.27 -7.31
N LEU I 150 -29.23 -18.22 -8.15
CA LEU I 150 -30.24 -18.90 -8.95
C LEU I 150 -29.80 -20.30 -9.39
N LEU I 151 -30.68 -21.28 -9.19
CA LEU I 151 -30.52 -22.60 -9.78
C LEU I 151 -31.37 -22.65 -11.05
N MSE I 152 -30.73 -22.91 -12.19
CA MSE I 152 -31.40 -22.80 -13.47
C MSE I 152 -31.33 -24.05 -14.34
O MSE I 152 -30.33 -24.76 -14.41
CB MSE I 152 -30.87 -21.60 -14.25
CG MSE I 152 -31.58 -21.38 -15.58
SE MSE I 152 -30.77 -19.89 -16.52
CE MSE I 152 -31.93 -19.75 -18.11
N LYS I 153 -32.45 -24.29 -15.01
CA LYS I 153 -32.58 -25.44 -15.88
C LYS I 153 -33.14 -24.94 -17.20
N VAL I 154 -32.55 -25.38 -18.30
CA VAL I 154 -33.00 -24.99 -19.64
C VAL I 154 -33.35 -26.28 -20.33
N HIS I 155 -34.58 -26.36 -20.84
CA HIS I 155 -35.06 -27.55 -21.54
C HIS I 155 -34.55 -27.53 -22.97
N LYS I 156 -33.95 -28.63 -23.39
CA LYS I 156 -33.33 -28.69 -24.71
C LYS I 156 -34.43 -28.83 -25.75
N SER I 157 -34.83 -27.71 -26.34
CA SER I 157 -35.93 -27.69 -27.29
C SER I 157 -35.52 -28.12 -28.71
N ASN I 158 -34.32 -27.68 -29.15
CA ASN I 158 -33.91 -27.80 -30.56
C ASN I 158 -32.92 -28.94 -30.89
N PHE I 159 -32.54 -29.71 -29.87
CA PHE I 159 -31.64 -30.85 -30.06
C PHE I 159 -31.80 -31.83 -28.91
N TYR I 160 -31.20 -33.00 -29.04
CA TYR I 160 -31.30 -33.98 -27.97
C TYR I 160 -30.09 -34.89 -27.95
N MSE I 161 -29.90 -35.58 -26.82
CA MSE I 161 -28.79 -36.50 -26.68
C MSE I 161 -29.25 -37.93 -26.44
O MSE I 161 -30.20 -38.20 -25.71
CB MSE I 161 -27.88 -36.08 -25.54
CG MSE I 161 -26.83 -35.06 -25.95
SE MSE I 161 -26.00 -34.28 -24.38
CE MSE I 161 -27.66 -33.66 -23.50
N GLU I 162 -28.56 -38.85 -27.08
CA GLU I 162 -28.83 -40.24 -26.84
C GLU I 162 -27.49 -40.88 -26.53
N GLY I 163 -27.55 -42.00 -25.81
CA GLY I 163 -26.38 -42.68 -25.28
C GLY I 163 -26.36 -42.61 -23.76
N PHE I 164 -25.17 -42.66 -23.18
CA PHE I 164 -25.03 -42.51 -21.72
C PHE I 164 -25.28 -41.06 -21.31
N VAL I 165 -26.49 -40.79 -20.82
CA VAL I 165 -26.93 -39.43 -20.53
C VAL I 165 -27.57 -39.34 -19.14
N GLU I 166 -27.39 -38.20 -18.46
CA GLU I 166 -28.05 -37.99 -17.18
C GLU I 166 -28.53 -36.56 -17.03
N GLU I 167 -29.56 -36.40 -16.19
CA GLU I 167 -30.20 -35.11 -15.96
C GLU I 167 -30.68 -35.14 -14.55
N VAL I 168 -30.85 -33.97 -13.94
CA VAL I 168 -31.42 -33.93 -12.60
C VAL I 168 -32.94 -33.92 -12.62
N LYS I 169 -33.53 -34.85 -11.89
CA LYS I 169 -34.97 -34.79 -11.68
C LYS I 169 -35.34 -33.41 -11.10
N LEU I 170 -36.27 -32.71 -11.74
CA LEU I 170 -36.70 -31.40 -11.26
C LEU I 170 -37.04 -31.41 -9.76
N GLU I 171 -37.79 -32.41 -9.33
CA GLU I 171 -38.15 -32.53 -7.92
C GLU I 171 -36.94 -32.24 -7.05
N ASP I 172 -35.82 -32.88 -7.40
CA ASP I 172 -34.58 -32.77 -6.66
C ASP I 172 -34.04 -31.34 -6.68
N LEU I 173 -34.18 -30.67 -7.82
CA LEU I 173 -33.81 -29.25 -7.90
C LEU I 173 -34.64 -28.46 -6.92
N VAL I 174 -35.95 -28.67 -6.95
CA VAL I 174 -36.82 -27.97 -6.02
C VAL I 174 -36.30 -28.22 -4.61
N LYS I 175 -36.16 -29.50 -4.25
CA LYS I 175 -35.62 -29.90 -2.95
C LYS I 175 -34.34 -29.15 -2.59
N LEU I 176 -33.36 -29.25 -3.48
CA LEU I 176 -32.07 -28.63 -3.27
C LEU I 176 -32.26 -27.15 -3.07
N GLY I 177 -33.17 -26.58 -3.86
CA GLY I 177 -33.41 -25.16 -3.83
C GLY I 177 -33.92 -24.74 -2.48
N HIS I 178 -35.01 -25.39 -2.06
CA HIS I 178 -35.64 -25.00 -0.80
C HIS I 178 -34.72 -25.28 0.35
N LYS I 179 -33.78 -26.22 0.15
CA LYS I 179 -32.78 -26.52 1.16
C LYS I 179 -31.84 -25.33 1.38
N TYR I 180 -31.41 -24.68 0.32
CA TYR I 180 -30.42 -23.62 0.45
C TYR I 180 -31.01 -22.24 0.32
N GLY I 181 -32.34 -22.18 0.22
CA GLY I 181 -33.05 -20.92 0.11
C GLY I 181 -32.76 -20.19 -1.19
N ILE I 182 -32.45 -20.97 -2.24
CA ILE I 182 -32.17 -20.43 -3.58
C ILE I 182 -33.31 -20.75 -4.52
N PRO I 183 -33.82 -19.72 -5.22
CA PRO I 183 -34.96 -19.92 -6.10
C PRO I 183 -34.57 -20.71 -7.35
N THR I 184 -35.51 -21.47 -7.90
CA THR I 184 -35.23 -22.30 -9.06
C THR I 184 -35.94 -21.77 -10.29
N TYR I 185 -35.18 -21.51 -11.35
CA TYR I 185 -35.74 -20.99 -12.58
C TYR I 185 -35.66 -22.05 -13.66
N TYR I 186 -36.82 -22.43 -14.20
CA TYR I 186 -36.94 -23.38 -15.31
C TYR I 186 -37.39 -22.70 -16.59
N ASP I 187 -36.49 -22.62 -17.57
CA ASP I 187 -36.87 -22.24 -18.92
C ASP I 187 -37.34 -23.48 -19.68
N ALA I 188 -38.66 -23.63 -19.80
CA ALA I 188 -39.27 -24.70 -20.57
C ALA I 188 -39.15 -24.43 -22.07
N GLY I 189 -39.26 -23.15 -22.41
CA GLY I 189 -39.11 -22.71 -23.78
C GLY I 189 -40.24 -23.10 -24.68
N SER I 190 -40.77 -24.31 -24.52
CA SER I 190 -41.85 -24.83 -25.38
C SER I 190 -43.13 -24.08 -25.04
N GLY I 191 -43.20 -23.62 -23.80
CA GLY I 191 -44.34 -22.85 -23.32
C GLY I 191 -45.64 -23.63 -23.48
N LEU I 192 -45.55 -24.95 -23.36
CA LEU I 192 -46.73 -25.80 -23.32
C LEU I 192 -47.53 -25.42 -22.08
N LEU I 193 -48.84 -25.24 -22.24
CA LEU I 193 -49.65 -24.75 -21.12
C LEU I 193 -50.02 -25.84 -20.11
N ILE I 194 -50.66 -26.90 -20.61
CA ILE I 194 -51.10 -28.01 -19.78
C ILE I 194 -50.52 -29.31 -20.33
N ASN I 195 -50.58 -30.35 -19.52
CA ASN I 195 -50.04 -31.66 -19.87
C ASN I 195 -50.64 -32.28 -21.13
N LEU I 196 -49.77 -32.72 -22.03
CA LEU I 196 -50.19 -33.27 -23.31
C LEU I 196 -51.01 -34.57 -23.17
N LYS I 197 -50.65 -35.40 -22.20
CA LYS I 197 -51.33 -36.68 -22.02
C LYS I 197 -52.85 -36.49 -21.97
N GLU I 198 -53.28 -35.27 -21.67
CA GLU I 198 -54.70 -34.93 -21.69
C GLU I 198 -55.31 -35.19 -23.07
N PHE I 199 -54.58 -34.77 -24.10
CA PHE I 199 -55.08 -34.84 -25.47
C PHE I 199 -54.76 -36.15 -26.16
N GLY I 200 -54.28 -37.14 -25.41
CA GLY I 200 -53.97 -38.43 -25.98
C GLY I 200 -52.62 -38.49 -26.66
N ILE I 201 -51.78 -37.49 -26.40
CA ILE I 201 -50.40 -37.51 -26.83
C ILE I 201 -49.49 -37.73 -25.63
N SER I 202 -48.84 -38.89 -25.59
CA SER I 202 -47.99 -39.25 -24.44
C SER I 202 -46.56 -38.83 -24.67
N VAL I 203 -46.11 -37.86 -23.88
CA VAL I 203 -44.75 -37.36 -23.96
C VAL I 203 -44.39 -36.76 -22.61
N ASP I 204 -43.10 -36.55 -22.39
CA ASP I 204 -42.62 -36.06 -21.11
C ASP I 204 -42.47 -34.54 -21.07
N GLU I 205 -42.77 -33.88 -22.18
CA GLU I 205 -42.56 -32.43 -22.31
C GLU I 205 -43.14 -31.59 -21.17
N PRO I 206 -42.31 -30.71 -20.59
CA PRO I 206 -42.79 -29.96 -19.43
C PRO I 206 -43.83 -28.95 -19.84
N ASN I 207 -44.70 -28.66 -18.90
CA ASN I 207 -45.69 -27.64 -19.11
C ASN I 207 -45.72 -26.71 -17.89
N PHE I 208 -46.38 -25.57 -18.04
CA PHE I 208 -46.48 -24.59 -16.96
C PHE I 208 -47.14 -25.16 -15.72
N ARG I 209 -48.45 -25.40 -15.81
CA ARG I 209 -49.25 -26.00 -14.73
C ARG I 209 -48.51 -27.03 -13.85
N ASP I 210 -48.02 -28.09 -14.50
CA ASP I 210 -47.35 -29.18 -13.81
C ASP I 210 -46.04 -28.70 -13.18
N CYS I 211 -45.25 -27.99 -13.97
CA CYS I 211 -43.97 -27.51 -13.47
C CYS I 211 -44.16 -26.50 -12.34
N ILE I 212 -45.28 -25.78 -12.34
CA ILE I 212 -45.59 -24.86 -11.23
C ILE I 212 -45.89 -25.63 -9.96
N SER I 213 -46.73 -26.65 -10.10
CA SER I 213 -47.14 -27.46 -8.96
C SER I 213 -45.99 -28.29 -8.35
N LEU I 214 -44.89 -28.44 -9.09
CA LEU I 214 -43.71 -29.13 -8.57
C LEU I 214 -42.98 -28.29 -7.54
N GLY I 215 -43.25 -26.98 -7.56
CA GLY I 215 -42.65 -26.06 -6.61
C GLY I 215 -41.46 -25.30 -7.18
N ILE I 216 -41.36 -25.29 -8.50
CA ILE I 216 -40.40 -24.46 -9.21
C ILE I 216 -40.78 -23.00 -8.99
N ASP I 217 -39.82 -22.19 -8.57
CA ASP I 217 -40.09 -20.78 -8.26
C ASP I 217 -40.47 -19.94 -9.52
N LEU I 218 -39.88 -20.27 -10.67
CA LEU I 218 -40.13 -19.51 -11.90
C LEU I 218 -40.10 -20.42 -13.12
N VAL I 219 -41.10 -20.27 -14.00
CA VAL I 219 -41.08 -20.94 -15.29
C VAL I 219 -41.37 -19.96 -16.44
N SER I 220 -40.64 -20.11 -17.53
CA SER I 220 -40.85 -19.27 -18.71
C SER I 220 -40.89 -20.13 -19.96
N GLY I 221 -41.38 -19.53 -21.05
CA GLY I 221 -41.53 -20.21 -22.32
C GLY I 221 -42.08 -19.22 -23.32
N SER I 222 -41.98 -19.58 -24.61
CA SER I 222 -42.49 -18.75 -25.71
C SER I 222 -44.00 -18.87 -25.81
N GLY I 223 -44.62 -17.90 -26.46
CA GLY I 223 -46.05 -17.96 -26.69
C GLY I 223 -46.47 -18.55 -28.02
N ASP I 224 -45.56 -18.52 -29.00
CA ASP I 224 -45.86 -18.99 -30.35
C ASP I 224 -45.32 -20.41 -30.67
N1 LLP I 225 -35.05 -20.89 -24.60
C2 LLP I 225 -35.59 -22.10 -24.92
C2' LLP I 225 -35.20 -23.34 -24.08
C3 LLP I 225 -36.50 -22.22 -25.99
O3 LLP I 225 -37.04 -23.46 -26.28
C4 LLP I 225 -36.85 -21.09 -26.75
C4' LLP I 225 -37.83 -21.14 -27.93
C5 LLP I 225 -36.26 -19.87 -26.38
C6 LLP I 225 -35.36 -19.79 -25.30
C5' LLP I 225 -36.60 -18.58 -27.17
OP4 LLP I 225 -37.93 -18.30 -27.37
P LLP I 225 -38.36 -17.01 -28.16
OP1 LLP I 225 -37.39 -15.86 -27.79
OP2 LLP I 225 -39.80 -16.66 -27.76
OP3 LLP I 225 -38.29 -17.26 -29.69
N LLP I 225 -45.10 -21.22 -29.63
CA LLP I 225 -44.66 -22.58 -29.87
CB LLP I 225 -43.28 -22.90 -29.25
CG LLP I 225 -42.02 -22.27 -29.89
CD LLP I 225 -40.79 -22.41 -28.92
CE LLP I 225 -39.40 -22.23 -29.47
NZ LLP I 225 -38.48 -22.27 -28.39
C LLP I 225 -45.75 -23.50 -29.50
O LLP I 225 -46.77 -23.57 -30.23
N LEU I 226 -45.63 -24.22 -28.39
CA LEU I 226 -46.70 -25.16 -28.04
C LEU I 226 -47.91 -24.51 -27.36
N LEU I 227 -47.84 -23.21 -27.07
CA LEU I 227 -49.02 -22.55 -26.51
C LEU I 227 -49.98 -22.20 -27.65
N GLY I 228 -49.41 -21.97 -28.85
CA GLY I 228 -50.19 -21.76 -30.06
C GLY I 228 -50.73 -20.35 -30.11
N GLY I 229 -50.05 -19.47 -29.39
CA GLY I 229 -50.43 -18.07 -29.39
C GLY I 229 -49.48 -17.26 -30.24
N PRO I 230 -49.51 -15.94 -30.05
CA PRO I 230 -48.60 -15.02 -30.73
C PRO I 230 -47.25 -15.06 -30.03
N GLN I 231 -46.29 -14.30 -30.54
CA GLN I 231 -44.97 -14.33 -29.93
C GLN I 231 -45.02 -13.65 -28.58
N ALA I 232 -44.35 -14.26 -27.60
CA ALA I 232 -44.35 -13.73 -26.26
C ALA I 232 -43.40 -14.49 -25.36
N GLY I 233 -42.81 -13.76 -24.41
CA GLY I 233 -42.11 -14.33 -23.28
C GLY I 233 -43.04 -14.39 -22.07
N ILE I 234 -43.36 -15.62 -21.66
CA ILE I 234 -44.33 -15.86 -20.62
C ILE I 234 -43.62 -16.35 -19.37
N ILE I 235 -43.84 -15.67 -18.25
CA ILE I 235 -43.19 -15.97 -16.98
C ILE I 235 -44.22 -16.17 -15.88
N VAL I 236 -44.21 -17.32 -15.22
CA VAL I 236 -45.14 -17.59 -14.11
C VAL I 236 -44.41 -18.15 -12.86
N GLY I 237 -44.89 -17.81 -11.66
CA GLY I 237 -44.25 -18.27 -10.43
C GLY I 237 -44.52 -17.42 -9.19
N LYS I 238 -43.57 -17.43 -8.25
CA LYS I 238 -43.65 -16.70 -6.98
C LYS I 238 -43.85 -15.19 -7.09
N LYS I 239 -44.84 -14.66 -6.36
CA LYS I 239 -45.22 -13.24 -6.42
C LYS I 239 -44.06 -12.29 -6.13
N ASN I 240 -43.26 -12.63 -5.12
CA ASN I 240 -42.15 -11.76 -4.76
C ASN I 240 -41.15 -11.63 -5.89
N LEU I 241 -40.91 -12.71 -6.60
CA LEU I 241 -39.97 -12.67 -7.72
C LEU I 241 -40.55 -11.86 -8.86
N ILE I 242 -41.73 -12.26 -9.32
CA ILE I 242 -42.42 -11.55 -10.41
C ILE I 242 -42.36 -10.03 -10.21
N GLU I 243 -42.72 -9.60 -9.00
CA GLU I 243 -42.66 -8.20 -8.59
C GLU I 243 -41.32 -7.55 -8.94
N LYS I 244 -40.24 -8.06 -8.36
CA LYS I 244 -38.88 -7.57 -8.67
C LYS I 244 -38.67 -7.47 -10.18
N ILE I 245 -39.10 -8.51 -10.90
CA ILE I 245 -38.98 -8.53 -12.34
C ILE I 245 -39.73 -7.36 -12.97
N LYS I 246 -41.04 -7.25 -12.69
CA LYS I 246 -41.85 -6.15 -13.26
C LYS I 246 -41.26 -4.76 -12.98
N LYS I 247 -40.52 -4.61 -11.87
CA LYS I 247 -40.06 -3.28 -11.50
C LYS I 247 -38.71 -2.96 -12.09
N ASN I 248 -38.14 -3.91 -12.82
CA ASN I 248 -36.91 -3.66 -13.57
C ASN I 248 -37.23 -2.72 -14.71
N PRO I 249 -36.48 -1.62 -14.82
CA PRO I 249 -36.77 -0.68 -15.91
C PRO I 249 -36.60 -1.36 -17.26
N ILE I 250 -35.78 -2.41 -17.34
CA ILE I 250 -35.54 -3.09 -18.60
C ILE I 250 -36.83 -3.74 -19.15
N ALA I 251 -37.73 -4.09 -18.24
CA ALA I 251 -38.99 -4.72 -18.63
C ALA I 251 -39.85 -3.82 -19.54
N ARG I 252 -39.49 -2.55 -19.59
CA ARG I 252 -40.22 -1.58 -20.40
C ARG I 252 -39.72 -1.71 -21.81
N ALA I 253 -38.42 -1.95 -21.95
CA ALA I 253 -37.86 -2.19 -23.28
C ALA I 253 -38.40 -3.49 -23.85
N LEU I 254 -38.86 -4.38 -22.99
CA LEU I 254 -39.35 -5.69 -23.42
C LEU I 254 -40.86 -5.72 -23.55
N ARG I 255 -41.51 -4.61 -23.22
CA ARG I 255 -42.97 -4.61 -23.12
C ARG I 255 -43.67 -5.08 -24.40
N ILE I 256 -44.70 -5.92 -24.28
CA ILE I 256 -45.39 -6.44 -25.47
C ILE I 256 -46.28 -5.38 -26.05
N ASP I 257 -46.48 -5.50 -27.35
CA ASP I 257 -47.34 -4.60 -28.10
C ASP I 257 -48.83 -4.93 -27.93
N LYS I 258 -49.67 -3.98 -28.30
CA LYS I 258 -51.12 -4.16 -28.27
C LYS I 258 -51.61 -5.39 -29.07
N LEU I 259 -51.00 -5.63 -30.24
CA LEU I 259 -51.38 -6.80 -31.05
C LEU I 259 -51.21 -8.15 -30.34
N THR I 260 -49.99 -8.41 -29.82
CA THR I 260 -49.69 -9.68 -29.17
C THR I 260 -50.48 -9.84 -27.87
N LEU I 261 -50.68 -8.72 -27.18
CA LEU I 261 -51.49 -8.71 -25.99
C LEU I 261 -52.93 -9.16 -26.29
N SER I 262 -53.60 -8.48 -27.22
CA SER I 262 -54.93 -8.86 -27.66
C SER I 262 -54.97 -10.34 -28.01
N GLY I 263 -54.15 -10.69 -29.00
CA GLY I 263 -54.00 -12.07 -29.44
C GLY I 263 -53.77 -13.04 -28.30
N LEU I 264 -52.87 -12.70 -27.38
CA LEU I 264 -52.59 -13.58 -26.24
C LEU I 264 -53.85 -13.75 -25.39
N GLU I 265 -54.51 -12.64 -25.05
CA GLU I 265 -55.74 -12.73 -24.27
C GLU I 265 -56.73 -13.75 -24.85
N MSE I 266 -57.09 -13.56 -26.11
CA MSE I 266 -58.00 -14.49 -26.81
C MSE I 266 -57.49 -15.92 -26.73
O MSE I 266 -58.25 -16.83 -26.39
CB MSE I 266 -58.21 -14.10 -28.28
CG MSE I 266 -59.42 -14.78 -28.94
SE MSE I 266 -61.13 -14.50 -28.02
CE MSE I 266 -61.20 -12.55 -28.07
N THR I 267 -56.21 -16.10 -27.00
CA THR I 267 -55.63 -17.44 -26.98
C THR I 267 -55.92 -18.10 -25.63
N LEU I 268 -55.66 -17.36 -24.57
CA LEU I 268 -55.89 -17.85 -23.21
C LEU I 268 -57.38 -18.05 -22.88
N LYS I 269 -58.25 -17.19 -23.40
CA LYS I 269 -59.68 -17.35 -23.16
C LYS I 269 -60.10 -18.72 -23.66
N LEU I 270 -59.69 -19.04 -24.89
CA LEU I 270 -59.96 -20.34 -25.49
C LEU I 270 -59.48 -21.45 -24.55
N TYR I 271 -58.27 -21.33 -24.01
CA TYR I 271 -57.77 -22.33 -23.06
C TYR I 271 -58.68 -22.45 -21.86
N PHE I 272 -59.10 -21.30 -21.32
CA PHE I 272 -60.04 -21.27 -20.21
C PHE I 272 -61.33 -21.99 -20.64
N GLU I 273 -61.80 -21.70 -21.85
CA GLU I 273 -63.01 -22.33 -22.36
C GLU I 273 -62.80 -23.76 -22.88
N LYS I 274 -61.64 -24.35 -22.57
CA LYS I 274 -61.35 -25.74 -22.93
C LYS I 274 -61.57 -26.00 -24.42
N ARG I 275 -61.52 -24.95 -25.22
CA ARG I 275 -61.75 -25.11 -26.66
C ARG I 275 -60.44 -25.35 -27.37
N TYR I 276 -59.82 -26.49 -27.11
CA TYR I 276 -58.48 -26.75 -27.62
C TYR I 276 -58.50 -26.88 -29.14
N GLU I 277 -59.65 -27.29 -29.69
CA GLU I 277 -59.83 -27.43 -31.13
C GLU I 277 -59.81 -26.08 -31.85
N ASP I 278 -59.87 -25.00 -31.08
CA ASP I 278 -59.86 -23.67 -31.65
C ASP I 278 -58.46 -23.03 -31.61
N ILE I 279 -57.47 -23.84 -31.29
CA ILE I 279 -56.09 -23.41 -31.23
C ILE I 279 -55.31 -24.27 -32.21
N PRO I 280 -54.89 -23.67 -33.33
CA PRO I 280 -54.40 -24.40 -34.51
C PRO I 280 -53.29 -25.41 -34.21
N VAL I 281 -52.29 -24.98 -33.46
CA VAL I 281 -51.15 -25.84 -33.16
C VAL I 281 -51.60 -27.12 -32.49
N ILE I 282 -52.53 -26.97 -31.54
CA ILE I 282 -53.10 -28.11 -30.80
C ILE I 282 -53.96 -28.98 -31.72
N ARG I 283 -54.85 -28.31 -32.46
CA ARG I 283 -55.75 -28.99 -33.38
C ARG I 283 -54.92 -29.85 -34.28
N MSE I 284 -53.83 -29.29 -34.77
CA MSE I 284 -53.01 -29.94 -35.78
C MSE I 284 -52.31 -31.19 -35.26
O MSE I 284 -52.22 -32.19 -35.96
CB MSE I 284 -51.99 -28.95 -36.37
CG MSE I 284 -52.62 -27.82 -37.14
SE MSE I 284 -51.46 -27.08 -38.52
CE MSE I 284 -52.56 -25.56 -39.05
N LEU I 285 -51.83 -31.14 -34.02
CA LEU I 285 -51.10 -32.28 -33.47
C LEU I 285 -52.03 -33.40 -33.01
N THR I 286 -53.30 -33.06 -32.84
CA THR I 286 -54.29 -34.00 -32.29
C THR I 286 -55.20 -34.57 -33.37
N GLN I 287 -55.01 -34.09 -34.60
CA GLN I 287 -55.86 -34.50 -35.72
C GLN I 287 -55.96 -36.00 -35.84
N ASP I 288 -57.19 -36.47 -35.98
CA ASP I 288 -57.47 -37.88 -36.10
C ASP I 288 -56.84 -38.44 -37.36
N GLU I 289 -56.25 -39.62 -37.21
CA GLU I 289 -55.64 -40.31 -38.34
C GLU I 289 -56.61 -40.46 -39.52
N LYS I 290 -57.87 -40.74 -39.21
CA LYS I 290 -58.92 -40.86 -40.23
C LYS I 290 -59.23 -39.54 -40.92
N ALA I 291 -59.17 -38.45 -40.15
CA ALA I 291 -59.42 -37.12 -40.68
C ALA I 291 -58.32 -36.69 -41.64
N LEU I 292 -57.10 -37.16 -41.40
CA LEU I 292 -55.97 -36.88 -42.29
C LEU I 292 -56.15 -37.58 -43.62
N ARG I 293 -56.55 -38.85 -43.54
CA ARG I 293 -56.86 -39.66 -44.71
C ARG I 293 -58.03 -39.07 -45.49
N GLN I 294 -59.08 -38.68 -44.79
CA GLN I 294 -60.26 -38.09 -45.42
C GLN I 294 -59.88 -36.85 -46.24
N LYS I 295 -59.04 -36.00 -45.66
CA LYS I 295 -58.54 -34.83 -46.36
C LYS I 295 -57.65 -35.24 -47.54
N ALA I 296 -56.79 -36.22 -47.31
CA ALA I 296 -55.83 -36.66 -48.32
C ALA I 296 -56.55 -37.12 -49.58
N LYS I 297 -57.59 -37.92 -49.41
CA LYS I 297 -58.33 -38.46 -50.55
C LYS I 297 -59.24 -37.40 -51.17
N ARG I 298 -59.73 -36.48 -50.34
CA ARG I 298 -60.53 -35.38 -50.86
C ARG I 298 -59.70 -34.49 -51.80
N LEU I 299 -58.39 -34.42 -51.58
CA LEU I 299 -57.47 -33.63 -52.40
C LEU I 299 -57.09 -34.37 -53.68
N GLU I 300 -56.84 -35.67 -53.53
CA GLU I 300 -56.57 -36.58 -54.65
C GLU I 300 -57.74 -36.53 -55.63
N LYS I 301 -58.94 -36.37 -55.08
CA LYS I 301 -60.15 -36.26 -55.87
C LYS I 301 -60.12 -35.05 -56.81
N LEU I 302 -59.46 -33.98 -56.39
CA LEU I 302 -59.38 -32.73 -57.14
C LEU I 302 -58.27 -32.66 -58.17
N LEU I 303 -57.31 -33.57 -58.08
CA LEU I 303 -56.10 -33.48 -58.88
C LEU I 303 -55.97 -34.58 -59.93
N LYS I 304 -56.97 -35.46 -60.00
CA LYS I 304 -56.92 -36.57 -60.94
C LYS I 304 -56.88 -36.05 -62.39
N ASP I 305 -57.69 -35.04 -62.67
CA ASP I 305 -57.89 -34.54 -64.04
C ASP I 305 -56.76 -33.71 -64.67
N ILE I 306 -55.73 -33.32 -63.91
CA ILE I 306 -54.61 -32.62 -64.53
C ILE I 306 -53.66 -33.58 -65.24
N PRO I 307 -53.27 -33.21 -66.46
CA PRO I 307 -52.33 -33.93 -67.32
C PRO I 307 -50.98 -34.21 -66.67
N GLY I 308 -50.36 -35.30 -67.11
CA GLY I 308 -49.02 -35.68 -66.68
C GLY I 308 -48.92 -35.97 -65.20
N LEU I 309 -50.07 -36.06 -64.53
CA LEU I 309 -50.15 -36.14 -63.07
C LEU I 309 -50.33 -37.56 -62.53
N LYS I 310 -49.30 -38.06 -61.88
CA LYS I 310 -49.36 -39.31 -61.14
C LYS I 310 -49.63 -39.01 -59.66
N ILE I 311 -50.80 -39.41 -59.16
CA ILE I 311 -51.20 -39.13 -57.77
C ILE I 311 -51.40 -40.41 -56.96
N SER I 312 -50.79 -40.47 -55.78
CA SER I 312 -51.00 -41.58 -54.86
C SER I 312 -51.26 -40.99 -53.47
N VAL I 313 -51.70 -41.83 -52.54
CA VAL I 313 -51.84 -41.43 -51.13
C VAL I 313 -51.16 -42.47 -50.23
N ILE I 314 -50.14 -42.04 -49.47
CA ILE I 314 -49.43 -42.98 -48.59
C ILE I 314 -49.66 -42.70 -47.11
N LYS I 315 -49.17 -43.60 -46.27
CA LYS I 315 -49.29 -43.50 -44.81
C LYS I 315 -47.89 -43.56 -44.23
N ASP I 316 -47.48 -42.49 -43.57
CA ASP I 316 -46.10 -42.38 -43.09
C ASP I 316 -46.00 -41.92 -41.63
N LYS I 317 -44.87 -42.21 -40.99
CA LYS I 317 -44.55 -41.65 -39.68
C LYS I 317 -43.68 -40.40 -39.86
N ALA I 318 -44.20 -39.26 -39.41
CA ALA I 318 -43.52 -37.97 -39.57
C ALA I 318 -43.17 -37.36 -38.21
N LYS I 319 -42.29 -36.36 -38.22
CA LYS I 319 -41.89 -35.65 -37.02
C LYS I 319 -42.51 -34.25 -37.02
N PRO I 320 -43.75 -34.13 -36.51
CA PRO I 320 -44.66 -32.98 -36.68
C PRO I 320 -44.19 -31.68 -36.02
N GLY I 321 -43.71 -31.74 -34.79
CA GLY I 321 -43.29 -30.55 -34.08
C GLY I 321 -41.83 -30.24 -34.38
N GLY I 322 -41.55 -29.03 -34.85
CA GLY I 322 -40.20 -28.67 -35.28
C GLY I 322 -39.30 -28.18 -34.16
N GLY I 323 -39.69 -27.06 -33.56
CA GLY I 323 -38.92 -26.44 -32.49
C GLY I 323 -39.51 -26.64 -31.12
N SER I 324 -40.14 -27.79 -30.91
CA SER I 324 -40.68 -28.13 -29.61
C SER I 324 -40.44 -29.60 -29.22
N LEU I 325 -40.91 -30.52 -30.07
CA LEU I 325 -40.90 -31.95 -29.74
C LEU I 325 -40.17 -32.76 -30.80
N PRO I 326 -38.84 -32.63 -30.85
CA PRO I 326 -38.04 -33.14 -31.97
C PRO I 326 -38.05 -34.66 -32.06
N GLU I 327 -38.20 -35.34 -30.93
CA GLU I 327 -38.20 -36.79 -30.92
C GLU I 327 -39.52 -37.37 -31.43
N LEU I 328 -40.61 -36.64 -31.16
CA LEU I 328 -41.97 -37.10 -31.43
C LEU I 328 -42.24 -37.51 -32.86
N GLU I 329 -42.85 -38.68 -33.00
CA GLU I 329 -43.25 -39.20 -34.30
C GLU I 329 -44.71 -39.62 -34.33
N LEU I 330 -45.46 -39.04 -35.28
CA LEU I 330 -46.87 -39.34 -35.43
C LEU I 330 -47.16 -39.77 -36.85
N PRO I 331 -48.08 -40.73 -37.00
CA PRO I 331 -48.54 -41.16 -38.32
C PRO I 331 -49.45 -40.11 -38.96
N THR I 332 -49.30 -39.93 -40.27
CA THR I 332 -50.14 -39.00 -41.03
C THR I 332 -50.25 -39.42 -42.50
N TYR I 333 -51.32 -38.99 -43.15
CA TYR I 333 -51.53 -39.32 -44.54
C TYR I 333 -51.00 -38.21 -45.45
N CYS I 334 -49.97 -38.53 -46.22
CA CYS I 334 -49.46 -37.66 -47.29
C CYS I 334 -50.07 -38.00 -48.67
N VAL I 335 -50.26 -36.96 -49.47
CA VAL I 335 -50.67 -37.11 -50.85
C VAL I 335 -49.43 -36.92 -51.71
N ALA I 336 -49.03 -37.98 -52.42
CA ALA I 336 -47.82 -37.92 -53.22
C ALA I 336 -48.14 -37.67 -54.69
N ILE I 337 -47.36 -36.79 -55.32
CA ILE I 337 -47.55 -36.51 -56.75
C ILE I 337 -46.27 -36.46 -57.56
N ARG I 338 -46.41 -36.81 -58.83
CA ARG I 338 -45.29 -36.84 -59.75
C ARG I 338 -45.71 -36.41 -61.16
N HIS I 339 -44.81 -35.74 -61.86
CA HIS I 339 -45.07 -35.33 -63.24
C HIS I 339 -44.04 -35.99 -64.16
N ASP I 340 -44.45 -36.33 -65.38
CA ASP I 340 -43.52 -37.00 -66.30
C ASP I 340 -42.45 -36.05 -66.85
N ARG I 341 -42.85 -34.86 -67.26
CA ARG I 341 -41.94 -33.90 -67.88
C ARG I 341 -40.95 -33.36 -66.86
N LEU I 342 -41.46 -33.11 -65.65
CA LEU I 342 -40.72 -32.36 -64.64
C LEU I 342 -40.13 -33.21 -63.51
N SER I 343 -38.88 -32.92 -63.17
CA SER I 343 -38.26 -33.48 -61.99
C SER I 343 -38.91 -32.86 -60.76
N SER I 344 -39.03 -33.64 -59.70
CA SER I 344 -39.72 -33.16 -58.51
C SER I 344 -39.00 -31.98 -57.89
N GLN I 345 -37.68 -31.93 -58.07
CA GLN I 345 -36.89 -30.80 -57.58
C GLN I 345 -37.27 -29.51 -58.28
N GLU I 346 -37.54 -29.58 -59.57
CA GLU I 346 -37.96 -28.41 -60.34
C GLU I 346 -39.43 -28.13 -60.09
N LEU I 347 -40.16 -29.19 -59.77
CA LEU I 347 -41.59 -29.11 -59.48
C LEU I 347 -41.82 -28.32 -58.18
N SER I 348 -41.11 -28.69 -57.13
CA SER I 348 -41.16 -27.97 -55.87
C SER I 348 -40.70 -26.54 -56.07
N ARG I 349 -39.61 -26.37 -56.83
CA ARG I 349 -39.05 -25.06 -57.09
C ARG I 349 -40.08 -24.12 -57.70
N ARG I 350 -40.91 -24.66 -58.59
CA ARG I 350 -41.92 -23.86 -59.27
C ARG I 350 -43.12 -23.61 -58.37
N LEU I 351 -43.31 -24.51 -57.41
CA LEU I 351 -44.40 -24.38 -56.46
C LEU I 351 -44.13 -23.26 -55.46
N ARG I 352 -42.88 -23.11 -55.06
CA ARG I 352 -42.50 -22.09 -54.09
C ARG I 352 -42.56 -20.70 -54.74
N LEU I 353 -42.46 -20.67 -56.06
CA LEU I 353 -42.48 -19.44 -56.82
C LEU I 353 -43.91 -19.10 -57.26
N ALA I 354 -44.85 -19.97 -56.89
CA ALA I 354 -46.24 -19.78 -57.27
C ALA I 354 -46.89 -18.75 -56.35
N GLU I 355 -48.07 -18.29 -56.74
CA GLU I 355 -48.85 -17.36 -55.92
C GLU I 355 -50.25 -17.92 -55.65
N PRO I 356 -50.49 -18.31 -54.38
CA PRO I 356 -49.53 -18.22 -53.27
C PRO I 356 -48.51 -19.36 -53.28
N PRO I 357 -47.36 -19.18 -52.59
CA PRO I 357 -46.31 -20.21 -52.57
C PRO I 357 -46.80 -21.54 -51.98
N ILE I 358 -46.14 -22.64 -52.35
CA ILE I 358 -46.42 -23.93 -51.75
C ILE I 358 -45.15 -24.70 -51.40
N VAL I 359 -44.98 -24.93 -50.10
CA VAL I 359 -43.80 -25.61 -49.59
C VAL I 359 -44.12 -27.07 -49.25
N CYS I 360 -43.38 -27.99 -49.86
CA CYS I 360 -43.61 -29.43 -49.72
C CYS I 360 -42.34 -30.20 -49.37
N ARG I 361 -42.52 -31.39 -48.83
CA ARG I 361 -41.37 -32.25 -48.53
C ARG I 361 -40.95 -33.03 -49.76
N ILE I 362 -39.66 -33.30 -49.84
CA ILE I 362 -39.14 -34.11 -50.93
C ILE I 362 -38.48 -35.32 -50.34
N ARG I 363 -38.70 -36.46 -50.99
CA ARG I 363 -38.07 -37.70 -50.58
C ARG I 363 -37.68 -38.49 -51.81
N GLU I 364 -36.38 -38.55 -52.07
CA GLU I 364 -35.84 -39.21 -53.26
C GLU I 364 -36.62 -38.89 -54.53
N ASP I 365 -36.74 -37.61 -54.86
CA ASP I 365 -37.41 -37.20 -56.09
C ASP I 365 -38.87 -37.64 -56.12
N GLN I 366 -39.49 -37.74 -54.94
CA GLN I 366 -40.91 -38.02 -54.79
C GLN I 366 -41.58 -36.88 -54.00
N LEU I 367 -42.53 -36.18 -54.64
CA LEU I 367 -43.13 -34.98 -54.06
C LEU I 367 -44.29 -35.28 -53.11
N LEU I 368 -44.15 -34.88 -51.85
CA LEU I 368 -45.17 -35.16 -50.83
C LEU I 368 -45.88 -33.92 -50.28
N PHE I 369 -47.19 -34.05 -50.09
CA PHE I 369 -47.98 -33.05 -49.37
C PHE I 369 -48.48 -33.68 -48.06
N ASP I 370 -47.95 -33.21 -46.93
CA ASP I 370 -48.37 -33.73 -45.64
C ASP I 370 -49.63 -33.00 -45.18
N MSE I 371 -50.67 -33.77 -44.89
CA MSE I 371 -52.02 -33.23 -44.68
C MSE I 371 -52.17 -32.47 -43.37
O MSE I 371 -53.09 -31.67 -43.21
CB MSE I 371 -53.07 -34.34 -44.79
CG MSE I 371 -53.22 -34.91 -46.21
SE MSE I 371 -53.58 -33.50 -47.50
CE MSE I 371 -51.76 -33.15 -48.13
N ARG I 372 -51.25 -32.76 -42.46
CA ARG I 372 -51.27 -32.25 -41.09
C ARG I 372 -51.27 -30.72 -41.02
N THR I 373 -50.43 -30.10 -41.85
CA THR I 373 -50.21 -28.67 -41.85
C THR I 373 -51.03 -27.94 -42.93
N VAL I 374 -52.02 -28.65 -43.48
CA VAL I 374 -52.77 -28.13 -44.60
C VAL I 374 -54.23 -27.81 -44.22
N PHE I 375 -54.66 -26.59 -44.56
CA PHE I 375 -56.03 -26.11 -44.26
C PHE I 375 -57.04 -26.52 -45.33
N HIS I 376 -58.32 -26.47 -44.98
CA HIS I 376 -59.40 -26.82 -45.91
C HIS I 376 -59.42 -25.88 -47.10
N GLU I 377 -59.21 -24.60 -46.83
CA GLU I 377 -59.26 -23.58 -47.88
C GLU I 377 -58.04 -23.67 -48.79
N ASP I 378 -56.98 -24.31 -48.29
CA ASP I 378 -55.77 -24.48 -49.09
C ASP I 378 -55.98 -25.45 -50.25
N LEU I 379 -56.79 -26.47 -50.04
CA LEU I 379 -57.09 -27.48 -51.04
C LEU I 379 -57.41 -26.83 -52.38
N LYS I 380 -58.50 -26.07 -52.41
CA LYS I 380 -58.95 -25.42 -53.65
C LYS I 380 -57.85 -24.59 -54.31
N THR I 381 -56.97 -23.99 -53.50
CA THR I 381 -55.89 -23.17 -54.03
C THR I 381 -54.74 -24.02 -54.59
N ILE I 382 -54.53 -25.19 -54.00
CA ILE I 382 -53.54 -26.12 -54.53
C ILE I 382 -53.90 -26.59 -55.94
N LYS I 383 -55.17 -26.96 -56.15
CA LYS I 383 -55.66 -27.34 -57.48
C LYS I 383 -55.46 -26.21 -58.50
N LYS I 384 -56.09 -25.06 -58.26
CA LYS I 384 -55.94 -23.92 -59.17
C LYS I 384 -54.47 -23.54 -59.44
N THR I 385 -53.59 -23.72 -58.45
CA THR I 385 -52.18 -23.36 -58.64
C THR I 385 -51.40 -24.40 -59.46
N LEU I 386 -51.76 -25.67 -59.27
CA LEU I 386 -51.11 -26.76 -59.99
C LEU I 386 -51.43 -26.74 -61.47
N GLN I 387 -52.70 -26.51 -61.77
CA GLN I 387 -53.15 -26.49 -63.14
C GLN I 387 -52.57 -25.28 -63.86
N GLU I 388 -52.41 -24.17 -63.13
CA GLU I 388 -51.84 -22.96 -63.71
C GLU I 388 -50.40 -23.15 -64.16
N LEU I 389 -49.66 -24.00 -63.45
CA LEU I 389 -48.27 -24.27 -63.80
C LEU I 389 -48.15 -25.31 -64.92
N LEU I 390 -48.95 -26.37 -64.84
CA LEU I 390 -48.79 -27.55 -65.69
C LEU I 390 -49.64 -27.56 -66.97
N SER I 391 -50.90 -27.19 -66.84
CA SER I 391 -51.86 -27.29 -67.95
C SER I 391 -51.46 -26.53 -69.21
N ILE I 392 -50.95 -25.30 -69.05
CA ILE I 392 -50.72 -24.40 -70.19
C ILE I 392 -49.96 -25.03 -71.36
N LEU J 4 -66.03 -13.36 -15.07
CA LEU J 4 -66.19 -12.49 -16.24
C LEU J 4 -66.22 -13.29 -17.54
N MSE J 5 -67.31 -13.17 -18.30
CA MSE J 5 -67.37 -13.72 -19.66
C MSE J 5 -66.51 -12.91 -20.63
O MSE J 5 -65.94 -13.43 -21.59
CB MSE J 5 -68.82 -13.75 -20.17
CG MSE J 5 -69.74 -14.70 -19.42
SE MSE J 5 -68.98 -16.49 -19.31
CE MSE J 5 -68.94 -16.93 -21.21
N LYS J 6 -66.42 -11.61 -20.35
CA LYS J 6 -65.75 -10.65 -21.23
C LYS J 6 -64.24 -10.57 -21.04
N PRO J 7 -63.51 -10.42 -22.17
CA PRO J 7 -62.10 -10.02 -22.16
C PRO J 7 -61.98 -8.57 -21.68
N ASN J 8 -60.90 -8.27 -20.98
CA ASN J 8 -60.70 -6.93 -20.43
C ASN J 8 -60.27 -5.87 -21.47
N ILE J 9 -59.67 -6.31 -22.58
CA ILE J 9 -59.21 -5.41 -23.64
C ILE J 9 -60.36 -5.06 -24.56
N LYS J 10 -60.81 -3.82 -24.49
CA LYS J 10 -62.00 -3.40 -25.22
C LYS J 10 -61.70 -2.24 -26.18
N ARG J 11 -62.45 -2.19 -27.29
CA ARG J 11 -62.42 -1.00 -28.15
C ARG J 11 -63.02 0.20 -27.41
N VAL J 12 -62.26 1.29 -27.32
CA VAL J 12 -62.72 2.45 -26.59
C VAL J 12 -62.89 3.66 -27.50
N ILE J 13 -64.04 4.32 -27.40
CA ILE J 13 -64.33 5.50 -28.20
C ILE J 13 -63.59 6.75 -27.68
N ASN J 14 -62.64 7.23 -28.47
CA ASN J 14 -61.81 8.36 -28.08
C ASN J 14 -62.41 9.70 -28.50
N ALA J 15 -62.84 10.48 -27.51
CA ALA J 15 -63.41 11.79 -27.75
C ALA J 15 -62.50 12.91 -27.23
N THR J 16 -61.33 12.53 -26.74
CA THR J 16 -60.42 13.50 -26.15
C THR J 16 -59.88 14.47 -27.19
N GLY J 17 -60.02 14.12 -28.46
CA GLY J 17 -59.43 14.88 -29.54
C GLY J 17 -57.91 14.81 -29.51
N VAL J 18 -57.39 13.88 -28.72
CA VAL J 18 -55.94 13.63 -28.69
C VAL J 18 -55.55 12.45 -29.57
N VAL J 19 -54.86 12.77 -30.66
CA VAL J 19 -54.53 11.80 -31.69
C VAL J 19 -53.46 10.79 -31.30
N ILE J 20 -52.32 11.25 -30.81
CA ILE J 20 -51.34 10.35 -30.22
C ILE J 20 -51.57 10.22 -28.72
N ASN J 21 -52.38 9.26 -28.32
CA ASN J 21 -52.72 9.12 -26.91
C ASN J 21 -52.06 7.93 -26.22
N THR J 22 -51.08 8.23 -25.39
CA THR J 22 -50.29 7.20 -24.70
C THR J 22 -51.21 6.19 -23.97
N ASN J 23 -52.32 6.70 -23.42
CA ASN J 23 -53.28 5.90 -22.64
C ASN J 23 -54.25 5.06 -23.46
N LEU J 24 -54.64 5.58 -24.62
CA LEU J 24 -55.66 4.95 -25.45
C LEU J 24 -55.13 4.08 -26.58
N GLY J 25 -53.87 3.67 -26.47
CA GLY J 25 -53.30 2.71 -27.41
C GLY J 25 -52.50 3.29 -28.56
N ARG J 26 -52.10 4.55 -28.42
CA ARG J 26 -51.37 5.25 -29.48
C ARG J 26 -52.09 5.14 -30.82
N ALA J 27 -51.29 5.01 -31.89
CA ALA J 27 -51.80 4.93 -33.26
C ALA J 27 -52.76 3.76 -33.52
N PRO J 28 -54.01 4.09 -33.93
CA PRO J 28 -54.89 3.08 -34.54
C PRO J 28 -54.40 2.73 -35.96
N LEU J 29 -54.83 1.56 -36.45
CA LEU J 29 -54.40 1.06 -37.77
C LEU J 29 -55.51 1.11 -38.84
N SER J 30 -55.10 1.35 -40.09
CA SER J 30 -55.99 1.32 -41.24
C SER J 30 -56.44 -0.10 -41.55
N LYS J 31 -57.69 -0.24 -42.00
CA LYS J 31 -58.25 -1.56 -42.31
C LYS J 31 -57.40 -2.30 -43.34
N ASP J 32 -56.79 -1.56 -44.26
CA ASP J 32 -55.89 -2.17 -45.24
C ASP J 32 -54.71 -2.89 -44.57
N VAL J 33 -54.06 -2.20 -43.64
CA VAL J 33 -52.97 -2.80 -42.87
C VAL J 33 -53.44 -4.01 -42.06
N ILE J 34 -54.52 -3.86 -41.30
CA ILE J 34 -54.98 -4.94 -40.45
C ILE J 34 -55.37 -6.19 -41.22
N ASN J 35 -55.96 -6.00 -42.41
CA ASN J 35 -56.31 -7.12 -43.28
C ASN J 35 -55.07 -7.93 -43.65
N PHE J 36 -54.00 -7.20 -43.98
CA PHE J 36 -52.73 -7.82 -44.34
C PHE J 36 -52.17 -8.56 -43.15
N ILE J 37 -52.20 -7.91 -41.99
CA ILE J 37 -51.74 -8.55 -40.75
C ILE J 37 -52.55 -9.83 -40.50
N SER J 38 -53.86 -9.70 -40.68
CA SER J 38 -54.77 -10.79 -40.43
C SER J 38 -54.44 -11.95 -41.35
N GLU J 39 -54.17 -11.64 -42.62
CA GLU J 39 -53.78 -12.64 -43.62
C GLU J 39 -52.52 -13.45 -43.25
N ILE J 40 -51.46 -12.73 -42.86
CA ILE J 40 -50.16 -13.32 -42.52
C ILE J 40 -50.23 -14.10 -41.22
N ALA J 41 -51.20 -13.76 -40.38
CA ALA J 41 -51.36 -14.42 -39.10
C ALA J 41 -52.24 -15.65 -39.20
N ASN J 42 -53.04 -15.74 -40.27
CA ASN J 42 -54.03 -16.81 -40.38
C ASN J 42 -53.46 -18.15 -40.79
N GLY J 43 -52.26 -18.14 -41.37
CA GLY J 43 -51.61 -19.38 -41.73
C GLY J 43 -50.10 -19.23 -41.64
N TYR J 44 -49.38 -20.13 -42.29
CA TYR J 44 -47.93 -20.04 -42.33
C TYR J 44 -47.48 -19.04 -43.39
N SER J 45 -46.18 -18.84 -43.45
CA SER J 45 -45.64 -17.74 -44.22
C SER J 45 -44.15 -17.90 -44.42
N ASN J 46 -43.55 -16.87 -45.02
CA ASN J 46 -42.13 -16.87 -45.29
C ASN J 46 -41.40 -16.01 -44.25
N LEU J 47 -41.90 -16.03 -43.01
CA LEU J 47 -41.37 -15.17 -41.95
C LEU J 47 -39.85 -15.15 -41.95
N GLU J 48 -39.25 -16.27 -41.56
CA GLU J 48 -37.81 -16.45 -41.71
C GLU J 48 -37.58 -17.51 -42.77
N TYR J 49 -37.63 -17.11 -44.04
CA TYR J 49 -37.55 -18.05 -45.14
C TYR J 49 -37.23 -17.38 -46.47
N ASN J 50 -36.49 -18.08 -47.32
CA ASN J 50 -36.27 -17.62 -48.68
C ASN J 50 -36.92 -18.59 -49.65
N LEU J 51 -38.00 -18.17 -50.29
CA LEU J 51 -38.74 -19.03 -51.21
C LEU J 51 -37.94 -19.31 -52.48
N GLU J 52 -37.06 -18.38 -52.84
CA GLU J 52 -36.17 -18.57 -53.98
C GLU J 52 -35.22 -19.73 -53.74
N GLU J 53 -34.46 -19.66 -52.64
CA GLU J 53 -33.37 -20.60 -52.37
C GLU J 53 -33.79 -21.86 -51.59
N GLY J 54 -34.99 -21.83 -51.01
CA GLY J 54 -35.49 -22.96 -50.23
C GLY J 54 -34.88 -23.11 -48.84
N LYS J 55 -34.37 -22.01 -48.26
CA LYS J 55 -33.80 -22.06 -46.92
C LYS J 55 -34.15 -20.84 -46.08
N ARG J 56 -33.72 -20.86 -44.82
CA ARG J 56 -34.04 -19.80 -43.87
C ARG J 56 -33.52 -18.43 -44.34
N GLY J 57 -34.26 -17.37 -44.01
CA GLY J 57 -33.87 -16.01 -44.35
C GLY J 57 -34.19 -15.04 -43.21
N SER J 58 -33.62 -13.82 -43.24
CA SER J 58 -33.79 -12.81 -42.16
C SER J 58 -35.12 -12.12 -42.27
N ARG J 59 -35.82 -12.00 -41.15
CA ARG J 59 -37.18 -11.44 -41.15
C ARG J 59 -37.21 -9.92 -41.43
N ILE J 60 -36.34 -9.18 -40.76
CA ILE J 60 -36.22 -7.72 -40.91
C ILE J 60 -35.85 -7.31 -42.33
N ALA J 61 -35.22 -8.21 -43.08
CA ALA J 61 -34.77 -7.95 -44.45
C ALA J 61 -35.85 -7.25 -45.28
N HIS J 62 -37.05 -7.84 -45.28
CA HIS J 62 -38.21 -7.30 -46.00
C HIS J 62 -38.38 -5.78 -45.80
N ILE J 63 -38.32 -5.36 -44.53
CA ILE J 63 -38.53 -3.98 -44.09
C ILE J 63 -37.38 -3.01 -44.41
N GLU J 64 -36.17 -3.35 -43.99
CA GLU J 64 -35.08 -2.38 -43.99
C GLU J 64 -34.93 -1.68 -45.34
N LYS J 65 -35.14 -2.42 -46.43
CA LYS J 65 -35.05 -1.85 -47.77
C LYS J 65 -35.91 -0.60 -47.92
N TYR J 66 -37.19 -0.71 -47.57
CA TYR J 66 -38.09 0.43 -47.52
C TYR J 66 -37.50 1.57 -46.69
N LEU J 67 -37.11 1.25 -45.47
CA LEU J 67 -36.57 2.25 -44.55
C LEU J 67 -35.39 3.01 -45.17
N ASN J 68 -34.44 2.23 -45.69
CA ASN J 68 -33.25 2.77 -46.35
C ASN J 68 -33.55 3.80 -47.46
N GLU J 69 -34.41 3.41 -48.40
CA GLU J 69 -34.77 4.28 -49.50
C GLU J 69 -35.68 5.41 -49.04
N LEU J 70 -36.58 5.13 -48.10
CA LEU J 70 -37.43 6.19 -47.56
C LEU J 70 -36.68 7.27 -46.75
N THR J 71 -35.73 6.83 -45.91
CA THR J 71 -34.98 7.74 -45.05
C THR J 71 -33.64 8.18 -45.64
N GLY J 72 -33.13 7.39 -46.58
CA GLY J 72 -31.84 7.68 -47.18
C GLY J 72 -30.65 7.23 -46.35
N ALA J 73 -30.93 6.55 -45.24
CA ALA J 73 -29.87 6.03 -44.38
C ALA J 73 -29.20 4.82 -45.03
N GLU J 74 -27.94 4.60 -44.68
CA GLU J 74 -27.22 3.46 -45.23
C GLU J 74 -27.90 2.14 -44.86
N SER J 75 -28.04 1.89 -43.55
CA SER J 75 -28.72 0.68 -43.09
C SER J 75 -29.75 1.00 -42.02
N SER J 76 -30.59 0.01 -41.70
CA SER J 76 -31.62 0.17 -40.67
C SER J 76 -32.00 -1.15 -39.99
N PHE J 77 -32.56 -1.01 -38.80
CA PHE J 77 -32.94 -2.17 -38.01
C PHE J 77 -34.22 -1.79 -37.28
N VAL J 78 -34.99 -2.82 -36.86
CA VAL J 78 -36.17 -2.61 -36.03
C VAL J 78 -36.36 -3.59 -34.86
N VAL J 79 -36.53 -3.04 -33.66
CA VAL J 79 -36.73 -3.84 -32.45
C VAL J 79 -38.02 -3.47 -31.69
N ASN J 80 -38.32 -4.25 -30.67
CA ASN J 80 -39.62 -4.21 -29.99
C ASN J 80 -40.31 -2.86 -29.84
N ASN J 81 -39.56 -1.88 -29.35
CA ASN J 81 -40.08 -0.52 -29.14
C ASN J 81 -38.90 0.45 -29.02
N ASN J 82 -39.18 1.75 -29.05
CA ASN J 82 -38.10 2.73 -29.04
C ASN J 82 -37.31 2.67 -27.72
N ALA J 83 -38.03 2.42 -26.63
CA ALA J 83 -37.39 2.14 -25.36
C ALA J 83 -36.20 1.25 -25.66
N GLY J 84 -36.50 0.08 -26.21
CA GLY J 84 -35.49 -0.90 -26.51
C GLY J 84 -34.45 -0.33 -27.45
N ALA J 85 -34.90 0.41 -28.45
CA ALA J 85 -33.99 1.00 -29.42
C ALA J 85 -32.90 1.71 -28.65
N VAL J 86 -33.34 2.55 -27.72
CA VAL J 86 -32.45 3.37 -26.93
C VAL J 86 -31.51 2.48 -26.15
N PHE J 87 -32.10 1.50 -25.46
CA PHE J 87 -31.34 0.58 -24.62
C PHE J 87 -30.28 -0.13 -25.44
N LEU J 88 -30.71 -0.67 -26.58
CA LEU J 88 -29.82 -1.40 -27.45
C LEU J 88 -28.69 -0.48 -27.93
N VAL J 89 -29.05 0.65 -28.51
CA VAL J 89 -28.06 1.58 -29.07
C VAL J 89 -27.02 1.95 -28.03
N LEU J 90 -27.47 2.25 -26.81
CA LEU J 90 -26.54 2.60 -25.76
C LEU J 90 -25.67 1.42 -25.40
N ASN J 91 -26.28 0.27 -25.13
CA ASN J 91 -25.58 -0.91 -24.61
C ASN J 91 -24.51 -1.41 -25.59
N THR J 92 -24.82 -1.22 -26.87
CA THR J 92 -23.93 -1.65 -27.93
C THR J 92 -22.71 -0.74 -28.09
N LEU J 93 -22.93 0.57 -28.05
CA LEU J 93 -21.90 1.54 -28.43
C LEU J 93 -21.19 2.20 -27.24
N ALA J 94 -21.79 2.13 -26.05
CA ALA J 94 -21.34 2.98 -24.96
C ALA J 94 -21.12 2.25 -23.65
N GLU J 95 -21.26 0.92 -23.66
CA GLU J 95 -21.08 0.17 -22.43
C GLU J 95 -19.75 0.57 -21.84
N GLY J 96 -19.80 1.03 -20.59
CA GLY J 96 -18.60 1.47 -19.89
C GLY J 96 -18.15 2.89 -20.18
N LYS J 97 -18.67 3.48 -21.27
CA LYS J 97 -18.16 4.77 -21.69
C LYS J 97 -19.18 5.86 -21.44
N GLU J 98 -18.83 7.08 -21.83
CA GLU J 98 -19.60 8.25 -21.45
C GLU J 98 -20.48 8.72 -22.59
N VAL J 99 -21.73 9.07 -22.29
CA VAL J 99 -22.62 9.63 -23.30
C VAL J 99 -23.07 11.03 -22.91
N ILE J 100 -22.72 12.00 -23.74
CA ILE J 100 -23.03 13.39 -23.44
C ILE J 100 -24.47 13.67 -23.79
N ILE J 101 -25.16 14.39 -22.92
CA ILE J 101 -26.55 14.74 -23.17
C ILE J 101 -26.95 15.97 -22.39
N SER J 102 -27.79 16.81 -23.01
CA SER J 102 -28.28 18.05 -22.40
C SER J 102 -29.12 17.78 -21.14
N ARG J 103 -28.93 18.61 -20.10
CA ARG J 103 -29.72 18.52 -18.86
C ARG J 103 -31.19 18.74 -19.12
N GLY J 104 -31.51 19.16 -20.33
CA GLY J 104 -32.89 19.50 -20.63
C GLY J 104 -33.56 18.44 -21.48
N GLU J 105 -32.83 17.38 -21.80
CA GLU J 105 -33.37 16.31 -22.64
C GLU J 105 -33.35 14.97 -21.91
N LEU J 106 -33.08 15.00 -20.61
CA LEU J 106 -33.24 13.81 -19.80
C LEU J 106 -34.72 13.69 -19.46
N VAL J 107 -35.41 12.82 -20.19
CA VAL J 107 -36.87 12.83 -20.17
C VAL J 107 -37.49 11.61 -19.55
N GLU J 108 -38.66 11.79 -18.97
CA GLU J 108 -39.57 10.70 -18.63
C GLU J 108 -40.69 10.72 -19.68
N ILE J 109 -40.85 9.64 -20.44
CA ILE J 109 -41.98 9.47 -21.35
C ILE J 109 -42.77 8.32 -20.78
N GLY J 110 -44.08 8.44 -20.67
CA GLY J 110 -44.85 7.39 -20.03
C GLY J 110 -44.49 7.31 -18.56
N GLY J 111 -44.88 6.23 -17.88
CA GLY J 111 -44.59 6.07 -16.47
C GLY J 111 -43.31 5.31 -16.19
N SER J 112 -42.95 4.43 -17.11
CA SER J 112 -41.88 3.46 -16.88
C SER J 112 -40.60 3.80 -17.63
N PHE J 113 -40.62 4.88 -18.39
CA PHE J 113 -39.42 5.19 -19.17
C PHE J 113 -38.75 6.53 -18.79
N ARG J 114 -37.48 6.43 -18.40
CA ARG J 114 -36.70 7.58 -17.98
C ARG J 114 -35.34 7.41 -18.61
N ILE J 115 -34.85 8.45 -19.28
CA ILE J 115 -33.59 8.34 -20.00
C ILE J 115 -32.51 7.90 -19.05
N PRO J 116 -32.34 8.65 -17.95
CA PRO J 116 -31.19 8.28 -17.11
C PRO J 116 -31.31 6.84 -16.52
N ASP J 117 -32.54 6.39 -16.24
CA ASP J 117 -32.75 5.05 -15.75
C ASP J 117 -32.41 3.98 -16.78
N ILE J 118 -32.95 4.08 -17.99
CA ILE J 118 -32.59 3.07 -19.00
C ILE J 118 -31.12 3.17 -19.32
N MSE J 119 -30.63 4.39 -19.42
CA MSE J 119 -29.21 4.61 -19.67
C MSE J 119 -28.30 3.96 -18.64
O MSE J 119 -27.31 3.34 -18.98
CB MSE J 119 -28.90 6.10 -19.74
CG MSE J 119 -27.41 6.42 -19.82
SE MSE J 119 -27.08 8.04 -20.81
CE MSE J 119 -28.70 9.05 -20.35
N LYS J 120 -28.62 4.15 -17.36
CA LYS J 120 -27.88 3.49 -16.30
C LYS J 120 -27.88 1.98 -16.52
N LYS J 121 -29.06 1.43 -16.80
CA LYS J 121 -29.23 -0.01 -16.91
C LYS J 121 -28.48 -0.49 -18.14
N SER J 122 -28.24 0.40 -19.07
CA SER J 122 -27.61 0.01 -20.32
C SER J 122 -26.16 -0.35 -20.07
N GLY J 123 -25.55 0.37 -19.15
CA GLY J 123 -24.16 0.15 -18.84
C GLY J 123 -23.36 1.35 -19.29
N ALA J 124 -24.04 2.27 -19.95
CA ALA J 124 -23.43 3.50 -20.44
C ALA J 124 -23.28 4.46 -19.27
N ILE J 125 -22.35 5.39 -19.40
CA ILE J 125 -22.13 6.34 -18.33
C ILE J 125 -22.67 7.72 -18.69
N LEU J 126 -23.66 8.18 -17.92
CA LEU J 126 -24.31 9.45 -18.20
C LEU J 126 -23.39 10.63 -17.89
N ARG J 127 -23.10 11.45 -18.88
CA ARG J 127 -22.42 12.72 -18.63
C ARG J 127 -23.31 13.88 -19.07
N GLU J 128 -23.93 14.53 -18.09
CA GLU J 128 -24.94 15.55 -18.31
C GLU J 128 -24.37 16.98 -18.39
N VAL J 129 -24.70 17.69 -19.47
CA VAL J 129 -24.13 19.01 -19.72
C VAL J 129 -25.18 20.11 -19.88
N GLY J 130 -24.77 21.33 -19.58
CA GLY J 130 -25.63 22.48 -19.81
C GLY J 130 -26.57 22.73 -18.64
N THR J 131 -27.69 23.39 -18.92
CA THR J 131 -28.71 23.60 -17.88
C THR J 131 -30.07 23.08 -18.35
N THR J 132 -31.02 23.00 -17.43
CA THR J 132 -32.38 22.61 -17.75
C THR J 132 -32.87 23.34 -19.01
N ASN J 133 -32.99 24.66 -18.90
CA ASN J 133 -33.60 25.48 -19.95
C ASN J 133 -32.69 25.97 -21.09
N LYS J 134 -31.39 26.06 -20.85
CA LYS J 134 -30.48 26.52 -21.91
C LYS J 134 -29.25 25.62 -22.02
N THR J 135 -28.95 25.19 -23.23
CA THR J 135 -27.76 24.37 -23.43
C THR J 135 -27.04 24.77 -24.70
N LYS J 136 -25.77 25.09 -24.56
CA LYS J 136 -25.00 25.61 -25.69
C LYS J 136 -24.11 24.51 -26.22
N VAL J 137 -23.49 24.79 -27.37
CA VAL J 137 -22.54 23.87 -27.98
C VAL J 137 -21.35 23.61 -27.07
N SER J 138 -20.81 24.68 -26.50
CA SER J 138 -19.67 24.58 -25.58
C SER J 138 -19.88 23.49 -24.56
N ASP J 139 -21.12 23.38 -24.07
CA ASP J 139 -21.41 22.43 -23.01
C ASP J 139 -21.12 21.01 -23.46
N TYR J 140 -21.49 20.69 -24.69
CA TYR J 140 -21.25 19.35 -25.22
C TYR J 140 -19.75 19.16 -25.40
N GLU J 141 -19.11 20.08 -26.13
CA GLU J 141 -17.69 20.00 -26.41
C GLU J 141 -16.86 19.94 -25.13
N GLY J 142 -17.16 20.84 -24.20
CA GLY J 142 -16.52 20.85 -22.89
C GLY J 142 -16.41 19.49 -22.20
N ALA J 143 -17.38 18.59 -22.47
CA ALA J 143 -17.50 17.32 -21.76
C ALA J 143 -16.86 16.15 -22.49
N ILE J 144 -16.23 16.45 -23.64
CA ILE J 144 -15.59 15.41 -24.44
C ILE J 144 -14.26 15.01 -23.80
N ASN J 145 -13.93 13.71 -23.92
CA ASN J 145 -12.69 13.15 -23.37
C ASN J 145 -12.34 11.79 -23.97
N GLN J 146 -11.35 11.12 -23.39
CA GLN J 146 -10.94 9.81 -23.85
C GLN J 146 -12.12 8.83 -23.86
N ASN J 147 -12.95 8.92 -22.83
CA ASN J 147 -14.03 7.94 -22.65
C ASN J 147 -15.41 8.39 -23.16
N THR J 148 -15.43 9.41 -23.99
CA THR J 148 -16.66 9.79 -24.66
C THR J 148 -16.93 8.83 -25.82
N ALA J 149 -18.01 8.06 -25.71
CA ALA J 149 -18.42 7.13 -26.77
C ALA J 149 -19.48 7.74 -27.69
N LEU J 150 -20.22 8.70 -27.17
CA LEU J 150 -21.47 9.04 -27.84
C LEU J 150 -21.97 10.46 -27.60
N LEU J 151 -22.49 11.07 -28.66
CA LEU J 151 -23.16 12.34 -28.54
C LEU J 151 -24.62 12.06 -28.76
N MSE J 152 -25.43 12.35 -27.75
CA MSE J 152 -26.83 11.99 -27.81
C MSE J 152 -27.76 13.17 -27.65
O MSE J 152 -27.53 14.10 -26.86
CB MSE J 152 -27.12 10.92 -26.74
CG MSE J 152 -28.58 10.54 -26.61
SE MSE J 152 -28.78 8.93 -25.58
CE MSE J 152 -30.72 8.87 -25.39
N LYS J 153 -28.83 13.15 -28.43
CA LYS J 153 -29.88 14.14 -28.29
C LYS J 153 -31.20 13.38 -28.21
N VAL J 154 -32.08 13.83 -27.32
CA VAL J 154 -33.41 13.26 -27.23
C VAL J 154 -34.42 14.36 -27.54
N HIS J 155 -35.40 14.04 -28.38
CA HIS J 155 -36.44 15.02 -28.69
C HIS J 155 -37.51 14.98 -27.60
N LYS J 156 -37.84 16.16 -27.08
CA LYS J 156 -38.83 16.27 -26.03
C LYS J 156 -40.20 16.05 -26.68
N SER J 157 -40.66 14.80 -26.68
CA SER J 157 -41.91 14.48 -27.40
C SER J 157 -43.17 14.78 -26.58
N ASN J 158 -43.08 14.73 -25.26
CA ASN J 158 -44.29 14.88 -24.46
C ASN J 158 -44.49 16.21 -23.75
N PHE J 159 -43.49 17.08 -23.81
CA PHE J 159 -43.58 18.38 -23.17
C PHE J 159 -42.70 19.36 -23.91
N TYR J 160 -42.78 20.63 -23.52
CA TYR J 160 -41.96 21.68 -24.14
C TYR J 160 -41.72 22.85 -23.21
N MSE J 161 -40.71 23.64 -23.54
CA MSE J 161 -40.33 24.76 -22.72
C MSE J 161 -40.51 26.06 -23.48
O MSE J 161 -40.36 26.10 -24.70
CB MSE J 161 -38.86 24.63 -22.31
CG MSE J 161 -38.60 23.50 -21.33
SE MSE J 161 -36.74 23.36 -20.83
CE MSE J 161 -35.97 23.30 -22.65
N GLU J 162 -40.85 27.11 -22.74
CA GLU J 162 -40.96 28.44 -23.34
C GLU J 162 -40.36 29.47 -22.40
N GLY J 163 -40.00 30.59 -22.99
CA GLY J 163 -39.29 31.64 -22.28
C GLY J 163 -37.82 31.65 -22.68
N PHE J 164 -36.96 32.07 -21.77
CA PHE J 164 -35.53 32.05 -22.01
C PHE J 164 -35.03 30.60 -22.19
N VAL J 165 -34.89 30.21 -23.45
CA VAL J 165 -34.60 28.84 -23.81
C VAL J 165 -33.51 28.82 -24.87
N GLU J 166 -32.60 27.86 -24.79
CA GLU J 166 -31.64 27.59 -25.86
C GLU J 166 -31.49 26.10 -26.08
N GLU J 167 -30.88 25.76 -27.21
CA GLU J 167 -30.76 24.38 -27.66
C GLU J 167 -29.66 24.32 -28.71
N VAL J 168 -28.86 23.27 -28.71
CA VAL J 168 -27.86 23.13 -29.73
C VAL J 168 -28.52 22.63 -31.01
N LYS J 169 -28.38 23.42 -32.06
CA LYS J 169 -28.73 23.06 -33.42
C LYS J 169 -28.13 21.69 -33.80
N LEU J 170 -28.94 20.81 -34.37
CA LEU J 170 -28.45 19.48 -34.67
C LEU J 170 -27.22 19.54 -35.55
N GLU J 171 -27.26 20.44 -36.53
CA GLU J 171 -26.14 20.68 -37.43
C GLU J 171 -24.85 20.87 -36.62
N ASP J 172 -24.90 21.78 -35.66
CA ASP J 172 -23.78 21.99 -34.74
C ASP J 172 -23.33 20.67 -34.12
N LEU J 173 -24.30 19.86 -33.70
CA LEU J 173 -24.00 18.58 -33.07
C LEU J 173 -23.30 17.67 -34.06
N VAL J 174 -23.83 17.61 -35.28
CA VAL J 174 -23.16 16.83 -36.30
C VAL J 174 -21.73 17.37 -36.48
N LYS J 175 -21.61 18.68 -36.68
CA LYS J 175 -20.31 19.35 -36.74
C LYS J 175 -19.38 18.93 -35.58
N LEU J 176 -19.86 19.12 -34.36
CA LEU J 176 -19.10 18.73 -33.17
C LEU J 176 -18.71 17.25 -33.22
N GLY J 177 -19.62 16.41 -33.68
CA GLY J 177 -19.32 14.99 -33.77
C GLY J 177 -18.17 14.75 -34.72
N HIS J 178 -18.33 15.24 -35.96
CA HIS J 178 -17.32 15.08 -37.01
C HIS J 178 -15.94 15.52 -36.53
N LYS J 179 -15.90 16.64 -35.81
CA LYS J 179 -14.61 17.16 -35.33
C LYS J 179 -13.86 16.10 -34.56
N TYR J 180 -14.48 15.62 -33.46
CA TYR J 180 -13.82 14.71 -32.53
C TYR J 180 -14.00 13.25 -32.92
N GLY J 181 -14.63 12.99 -34.06
CA GLY J 181 -14.87 11.61 -34.49
C GLY J 181 -15.74 10.79 -33.52
N ILE J 182 -16.75 11.45 -32.97
CA ILE J 182 -17.70 10.82 -32.06
C ILE J 182 -19.05 10.70 -32.75
N PRO J 183 -19.63 9.49 -32.74
CA PRO J 183 -20.91 9.23 -33.42
C PRO J 183 -22.06 10.00 -32.74
N THR J 184 -23.09 10.32 -33.51
CA THR J 184 -24.19 11.16 -33.01
C THR J 184 -25.53 10.42 -33.06
N TYR J 185 -26.13 10.24 -31.88
CA TYR J 185 -27.36 9.48 -31.79
C TYR J 185 -28.53 10.35 -31.40
N TYR J 186 -29.56 10.35 -32.25
CA TYR J 186 -30.76 11.14 -32.05
C TYR J 186 -32.04 10.33 -31.85
N ASP J 187 -32.56 10.38 -30.64
CA ASP J 187 -33.80 9.72 -30.33
C ASP J 187 -34.92 10.70 -30.60
N ALA J 188 -35.34 10.77 -31.85
CA ALA J 188 -36.51 11.53 -32.26
C ALA J 188 -37.76 11.06 -31.52
N GLY J 189 -37.93 9.76 -31.41
CA GLY J 189 -39.03 9.22 -30.62
C GLY J 189 -40.40 9.20 -31.30
N SER J 190 -40.77 10.29 -31.98
CA SER J 190 -42.07 10.35 -32.67
C SER J 190 -42.12 9.41 -33.89
N GLY J 191 -40.94 9.12 -34.42
CA GLY J 191 -40.81 8.28 -35.59
C GLY J 191 -41.48 8.88 -36.82
N LEU J 192 -41.54 10.21 -36.88
CA LEU J 192 -42.08 10.86 -38.05
C LEU J 192 -41.18 10.54 -39.26
N LEU J 193 -41.77 9.99 -40.32
CA LEU J 193 -40.96 9.48 -41.42
C LEU J 193 -40.44 10.59 -42.35
N ILE J 194 -41.31 11.53 -42.69
CA ILE J 194 -41.06 12.53 -43.72
C ILE J 194 -41.49 13.91 -43.23
N ASN J 195 -40.94 14.97 -43.83
CA ASN J 195 -41.29 16.34 -43.48
C ASN J 195 -42.80 16.61 -43.46
N LEU J 196 -43.27 17.26 -42.40
CA LEU J 196 -44.70 17.53 -42.21
C LEU J 196 -45.26 18.59 -43.15
N LYS J 197 -44.44 19.59 -43.44
CA LYS J 197 -44.85 20.76 -44.22
C LYS J 197 -45.31 20.34 -45.61
N GLU J 198 -45.07 19.10 -45.96
CA GLU J 198 -45.58 18.55 -47.19
C GLU J 198 -47.09 18.30 -47.14
N PHE J 199 -47.65 18.16 -45.95
CA PHE J 199 -49.09 17.97 -45.81
C PHE J 199 -49.84 19.23 -45.40
N GLY J 200 -49.18 20.38 -45.48
CA GLY J 200 -49.83 21.63 -45.08
C GLY J 200 -49.90 21.82 -43.57
N ILE J 201 -49.17 21.00 -42.83
CA ILE J 201 -48.97 21.22 -41.41
C ILE J 201 -47.55 21.76 -41.22
N SER J 202 -47.42 23.04 -40.91
CA SER J 202 -46.09 23.64 -40.70
C SER J 202 -45.56 23.50 -39.25
N VAL J 203 -44.56 22.64 -39.08
CA VAL J 203 -43.97 22.36 -37.77
C VAL J 203 -42.48 22.04 -37.90
N ASP J 204 -41.75 22.26 -36.81
CA ASP J 204 -40.30 21.99 -36.76
C ASP J 204 -40.01 20.51 -36.51
N GLU J 205 -41.05 19.71 -36.27
CA GLU J 205 -40.85 18.31 -35.86
C GLU J 205 -39.88 17.57 -36.77
N PRO J 206 -38.81 17.03 -36.18
CA PRO J 206 -37.77 16.33 -36.92
C PRO J 206 -38.31 15.00 -37.44
N ASN J 207 -37.92 14.68 -38.66
CA ASN J 207 -38.25 13.39 -39.22
C ASN J 207 -36.98 12.60 -39.48
N PHE J 208 -37.17 11.32 -39.79
CA PHE J 208 -36.07 10.46 -40.20
C PHE J 208 -35.32 11.03 -41.42
N ARG J 209 -35.97 11.02 -42.58
CA ARG J 209 -35.35 11.48 -43.81
C ARG J 209 -34.48 12.73 -43.62
N ASP J 210 -35.05 13.76 -43.01
CA ASP J 210 -34.33 15.04 -42.91
C ASP J 210 -33.16 14.98 -41.93
N CYS J 211 -33.40 14.40 -40.76
CA CYS J 211 -32.35 14.37 -39.75
C CYS J 211 -31.26 13.37 -40.13
N ILE J 212 -31.55 12.52 -41.12
CA ILE J 212 -30.57 11.60 -41.70
C ILE J 212 -29.66 12.35 -42.64
N SER J 213 -30.30 13.10 -43.53
CA SER J 213 -29.56 13.90 -44.49
C SER J 213 -28.83 15.07 -43.81
N LEU J 214 -29.08 15.29 -42.52
CA LEU J 214 -28.27 16.23 -41.73
C LEU J 214 -26.88 15.68 -41.36
N GLY J 215 -26.71 14.36 -41.46
CA GLY J 215 -25.43 13.74 -41.15
C GLY J 215 -25.37 13.13 -39.77
N ILE J 216 -26.53 13.02 -39.13
CA ILE J 216 -26.64 12.30 -37.86
C ILE J 216 -26.40 10.82 -38.10
N ASP J 217 -25.55 10.22 -37.28
CA ASP J 217 -25.10 8.87 -37.55
C ASP J 217 -26.15 7.80 -37.23
N LEU J 218 -27.00 8.10 -36.25
CA LEU J 218 -28.04 7.19 -35.83
C LEU J 218 -29.27 7.97 -35.42
N VAL J 219 -30.43 7.51 -35.89
CA VAL J 219 -31.70 8.09 -35.49
C VAL J 219 -32.75 7.00 -35.18
N SER J 220 -33.41 7.13 -34.03
CA SER J 220 -34.46 6.17 -33.64
C SER J 220 -35.81 6.85 -33.38
N GLY J 221 -36.85 6.02 -33.26
CA GLY J 221 -38.19 6.50 -33.00
C GLY J 221 -39.19 5.36 -32.85
N SER J 222 -40.38 5.64 -32.32
CA SER J 222 -41.44 4.65 -32.23
C SER J 222 -42.14 4.47 -33.57
N GLY J 223 -42.77 3.33 -33.74
CA GLY J 223 -43.60 3.12 -34.92
C GLY J 223 -45.07 3.48 -34.70
N ASP J 224 -45.46 3.54 -33.43
CA ASP J 224 -46.86 3.78 -33.08
C ASP J 224 -47.19 5.27 -32.83
N1 LLP J 225 -37.96 8.44 -26.27
C2 LLP J 225 -38.76 9.39 -26.81
C2' LLP J 225 -38.23 10.83 -27.00
C3 LLP J 225 -40.04 9.09 -27.21
O3 LLP J 225 -40.81 10.10 -27.77
C4 LLP J 225 -40.55 7.80 -27.07
C4' LLP J 225 -41.96 7.44 -27.51
C5 LLP J 225 -39.71 6.81 -26.50
C6 LLP J 225 -38.40 7.19 -26.11
C5' LLP J 225 -40.17 5.33 -26.28
OP4 LLP J 225 -41.12 4.87 -27.17
P LLP J 225 -41.75 3.42 -27.16
OP1 LLP J 225 -40.65 2.38 -26.88
OP2 LLP J 225 -42.36 3.20 -28.56
OP3 LLP J 225 -42.90 3.32 -26.14
N LLP J 225 -46.27 6.15 -33.18
CA LLP J 225 -46.56 7.54 -32.98
CB LLP J 225 -45.45 8.22 -32.12
CG LLP J 225 -45.46 7.88 -30.61
CD LLP J 225 -44.15 8.16 -29.97
CE LLP J 225 -44.09 7.96 -28.50
NZ LLP J 225 -42.81 8.33 -28.06
C LLP J 225 -46.83 8.22 -34.23
O LLP J 225 -47.86 7.88 -34.87
N LEU J 226 -45.97 9.16 -34.62
CA LEU J 226 -46.19 9.92 -35.88
C LEU J 226 -46.12 9.06 -37.14
N LEU J 227 -45.50 7.89 -37.03
CA LEU J 227 -45.38 7.00 -38.16
C LEU J 227 -46.73 6.38 -38.44
N GLY J 228 -47.58 6.30 -37.42
CA GLY J 228 -48.92 5.78 -37.58
C GLY J 228 -48.94 4.29 -37.90
N GLY J 229 -47.88 3.62 -37.48
CA GLY J 229 -47.82 2.17 -37.63
C GLY J 229 -48.01 1.40 -36.33
N PRO J 230 -47.59 0.13 -36.35
CA PRO J 230 -47.65 -0.75 -35.17
C PRO J 230 -46.49 -0.43 -34.24
N GLN J 231 -46.56 -0.89 -33.00
CA GLN J 231 -45.50 -0.59 -32.06
C GLN J 231 -44.17 -1.11 -32.59
N ALA J 232 -43.13 -0.30 -32.48
CA ALA J 232 -41.80 -0.75 -32.86
C ALA J 232 -40.76 0.29 -32.58
N GLY J 233 -39.53 -0.20 -32.34
CA GLY J 233 -38.37 0.65 -32.24
C GLY J 233 -37.70 0.72 -33.61
N ILE J 234 -37.60 1.93 -34.17
CA ILE J 234 -37.01 2.06 -35.48
C ILE J 234 -35.63 2.68 -35.42
N ILE J 235 -34.65 1.97 -35.97
CA ILE J 235 -33.31 2.50 -36.01
C ILE J 235 -32.80 2.64 -37.45
N VAL J 236 -32.19 3.79 -37.74
CA VAL J 236 -31.62 4.04 -39.05
C VAL J 236 -30.31 4.79 -38.92
N GLY J 237 -29.40 4.57 -39.87
CA GLY J 237 -28.11 5.24 -39.82
C GLY J 237 -26.94 4.57 -40.55
N LYS J 238 -25.74 4.93 -40.10
CA LYS J 238 -24.50 4.41 -40.68
C LYS J 238 -24.43 2.87 -40.56
N LYS J 239 -24.31 2.20 -41.72
CA LYS J 239 -24.28 0.73 -41.78
C LYS J 239 -23.29 0.12 -40.77
N ASN J 240 -22.13 0.79 -40.63
CA ASN J 240 -21.10 0.35 -39.72
C ASN J 240 -21.68 0.12 -38.34
N LEU J 241 -22.46 1.11 -37.90
CA LEU J 241 -23.08 1.08 -36.57
C LEU J 241 -24.23 0.07 -36.48
N ILE J 242 -25.28 0.25 -37.28
CA ILE J 242 -26.38 -0.70 -37.32
C ILE J 242 -25.85 -2.14 -37.29
N GLU J 243 -24.74 -2.40 -37.98
CA GLU J 243 -24.16 -3.73 -38.00
C GLU J 243 -23.81 -4.19 -36.59
N LYS J 244 -23.05 -3.37 -35.87
CA LYS J 244 -22.70 -3.70 -34.50
C LYS J 244 -23.95 -3.95 -33.66
N ILE J 245 -24.97 -3.12 -33.87
CA ILE J 245 -26.23 -3.24 -33.12
C ILE J 245 -26.88 -4.62 -33.34
N LYS J 246 -27.09 -4.96 -34.61
CA LYS J 246 -27.74 -6.22 -34.98
C LYS J 246 -27.04 -7.40 -34.30
N LYS J 247 -25.75 -7.24 -34.06
CA LYS J 247 -24.89 -8.35 -33.63
C LYS J 247 -24.94 -8.61 -32.12
N ASN J 248 -25.37 -7.58 -31.39
CA ASN J 248 -25.60 -7.67 -29.95
C ASN J 248 -26.61 -8.75 -29.59
N PRO J 249 -26.21 -9.65 -28.70
CA PRO J 249 -27.15 -10.74 -28.38
C PRO J 249 -28.48 -10.21 -27.84
N ILE J 250 -28.45 -9.08 -27.15
CA ILE J 250 -29.67 -8.54 -26.57
C ILE J 250 -30.71 -8.26 -27.65
N ALA J 251 -30.23 -7.83 -28.80
CA ALA J 251 -31.12 -7.58 -29.92
C ALA J 251 -32.10 -8.74 -30.17
N ARG J 252 -31.70 -9.97 -29.81
CA ARG J 252 -32.58 -11.12 -30.02
C ARG J 252 -33.77 -11.08 -29.05
N ALA J 253 -33.53 -10.60 -27.83
CA ALA J 253 -34.61 -10.45 -26.87
C ALA J 253 -35.54 -9.29 -27.24
N LEU J 254 -35.09 -8.43 -28.17
CA LEU J 254 -35.91 -7.31 -28.60
C LEU J 254 -36.56 -7.54 -29.97
N ARG J 255 -36.37 -8.74 -30.51
CA ARG J 255 -36.80 -9.08 -31.87
C ARG J 255 -38.29 -8.93 -32.10
N ILE J 256 -38.67 -8.19 -33.13
CA ILE J 256 -40.11 -8.01 -33.37
C ILE J 256 -40.89 -9.27 -33.81
N ASP J 257 -42.16 -9.29 -33.43
CA ASP J 257 -43.07 -10.38 -33.71
C ASP J 257 -43.59 -10.28 -35.14
N LYS J 258 -44.09 -11.41 -35.64
CA LYS J 258 -44.72 -11.55 -36.96
C LYS J 258 -45.77 -10.46 -37.27
N LEU J 259 -46.72 -10.29 -36.36
CA LEU J 259 -47.78 -9.30 -36.51
C LEU J 259 -47.21 -7.92 -36.80
N THR J 260 -46.45 -7.35 -35.86
CA THR J 260 -45.88 -6.01 -36.07
C THR J 260 -45.09 -5.93 -37.38
N LEU J 261 -44.29 -6.95 -37.64
CA LEU J 261 -43.49 -6.99 -38.85
C LEU J 261 -44.37 -6.79 -40.09
N SER J 262 -45.42 -7.60 -40.19
CA SER J 262 -46.38 -7.48 -41.28
C SER J 262 -47.00 -6.12 -41.27
N GLY J 263 -47.58 -5.78 -40.12
CA GLY J 263 -48.19 -4.49 -39.92
C GLY J 263 -47.28 -3.36 -40.35
N LEU J 264 -46.00 -3.49 -40.02
CA LEU J 264 -45.01 -2.46 -40.36
C LEU J 264 -44.80 -2.36 -41.89
N GLU J 265 -44.53 -3.50 -42.52
CA GLU J 265 -44.28 -3.54 -43.96
C GLU J 265 -45.42 -2.97 -44.80
N MSE J 266 -46.66 -3.32 -44.47
CA MSE J 266 -47.81 -2.71 -45.13
C MSE J 266 -47.78 -1.19 -44.96
O MSE J 266 -47.95 -0.42 -45.93
CB MSE J 266 -49.14 -3.27 -44.59
CG MSE J 266 -50.37 -2.82 -45.42
SE MSE J 266 -50.19 -3.26 -47.33
CE MSE J 266 -51.68 -2.23 -48.05
N THR J 267 -47.54 -0.75 -43.72
CA THR J 267 -47.49 0.68 -43.44
C THR J 267 -46.48 1.38 -44.38
N LEU J 268 -45.25 0.85 -44.41
CA LEU J 268 -44.19 1.36 -45.27
C LEU J 268 -44.53 1.31 -46.77
N LYS J 269 -45.28 0.29 -47.19
CA LYS J 269 -45.71 0.27 -48.59
C LYS J 269 -46.52 1.52 -48.84
N LEU J 270 -47.54 1.76 -48.00
CA LEU J 270 -48.41 2.92 -48.14
C LEU J 270 -47.64 4.20 -48.32
N TYR J 271 -46.56 4.35 -47.53
CA TYR J 271 -45.70 5.53 -47.58
C TYR J 271 -44.95 5.60 -48.91
N PHE J 272 -44.42 4.47 -49.36
CA PHE J 272 -43.70 4.45 -50.62
C PHE J 272 -44.66 4.83 -51.76
N GLU J 273 -45.91 4.37 -51.63
CA GLU J 273 -47.00 4.68 -52.57
C GLU J 273 -47.67 6.03 -52.25
N LYS J 274 -47.14 6.74 -51.26
CA LYS J 274 -47.59 8.09 -50.87
C LYS J 274 -49.09 8.27 -50.54
N ARG J 275 -49.69 7.19 -50.00
CA ARG J 275 -51.11 7.15 -49.61
C ARG J 275 -51.31 7.54 -48.14
N TYR J 276 -50.96 8.78 -47.81
CA TYR J 276 -51.00 9.22 -46.43
C TYR J 276 -52.39 9.13 -45.80
N GLU J 277 -53.41 9.50 -46.56
CA GLU J 277 -54.79 9.47 -46.04
C GLU J 277 -55.15 8.09 -45.50
N ASP J 278 -54.33 7.10 -45.85
CA ASP J 278 -54.60 5.71 -45.48
C ASP J 278 -53.97 5.30 -44.15
N ILE J 279 -53.18 6.19 -43.52
CA ILE J 279 -52.71 5.96 -42.14
C ILE J 279 -53.33 6.93 -41.12
N PRO J 280 -54.19 6.38 -40.25
CA PRO J 280 -55.16 7.14 -39.47
C PRO J 280 -54.54 8.27 -38.63
N VAL J 281 -53.38 8.06 -38.05
CA VAL J 281 -52.75 9.16 -37.31
C VAL J 281 -52.53 10.37 -38.22
N ILE J 282 -52.13 10.13 -39.47
CA ILE J 282 -51.86 11.24 -40.37
C ILE J 282 -53.16 11.87 -40.84
N ARG J 283 -54.11 11.02 -41.20
CA ARG J 283 -55.43 11.46 -41.64
C ARG J 283 -56.08 12.37 -40.59
N MSE J 284 -56.04 11.92 -39.34
CA MSE J 284 -56.70 12.62 -38.24
C MSE J 284 -56.11 13.98 -37.99
O MSE J 284 -56.83 14.91 -37.67
CB MSE J 284 -56.58 11.80 -36.96
CG MSE J 284 -57.38 10.56 -37.01
SE MSE J 284 -57.65 9.86 -35.26
CE MSE J 284 -59.01 8.53 -35.70
N LEU J 285 -54.79 14.06 -38.09
CA LEU J 285 -54.06 15.29 -37.77
C LEU J 285 -54.09 16.30 -38.92
N THR J 286 -54.48 15.84 -40.11
CA THR J 286 -54.59 16.70 -41.28
C THR J 286 -56.04 16.86 -41.73
N GLN J 287 -56.97 16.34 -40.92
CA GLN J 287 -58.38 16.40 -41.24
C GLN J 287 -58.78 17.84 -41.42
N ASP J 288 -59.58 18.09 -42.44
CA ASP J 288 -60.02 19.44 -42.81
C ASP J 288 -60.98 20.07 -41.81
N GLU J 289 -60.71 21.31 -41.42
CA GLU J 289 -61.53 22.07 -40.45
C GLU J 289 -63.03 21.99 -40.72
N LYS J 290 -63.40 21.98 -42.00
CA LYS J 290 -64.79 21.73 -42.41
C LYS J 290 -65.21 20.29 -42.10
N ALA J 291 -64.36 19.32 -42.43
CA ALA J 291 -64.67 17.92 -42.21
C ALA J 291 -65.04 17.65 -40.75
N LEU J 292 -64.47 18.45 -39.85
CA LEU J 292 -64.69 18.31 -38.41
C LEU J 292 -66.05 18.88 -37.98
N ARG J 293 -66.42 20.03 -38.54
CA ARG J 293 -67.72 20.59 -38.21
C ARG J 293 -68.81 19.71 -38.81
N GLN J 294 -68.50 19.11 -39.96
CA GLN J 294 -69.42 18.24 -40.70
C GLN J 294 -69.74 17.01 -39.86
N LYS J 295 -68.69 16.47 -39.24
CA LYS J 295 -68.83 15.36 -38.30
C LYS J 295 -69.53 15.79 -37.02
N ALA J 296 -69.16 16.98 -36.54
CA ALA J 296 -69.69 17.49 -35.27
C ALA J 296 -71.19 17.65 -35.34
N LYS J 297 -71.65 18.25 -36.42
CA LYS J 297 -73.08 18.48 -36.60
C LYS J 297 -73.80 17.16 -36.88
N ARG J 298 -73.11 16.24 -37.56
CA ARG J 298 -73.68 14.93 -37.88
C ARG J 298 -74.07 14.16 -36.63
N LEU J 299 -73.29 14.37 -35.57
CA LEU J 299 -73.52 13.69 -34.30
C LEU J 299 -74.68 14.36 -33.56
N GLU J 300 -74.67 15.69 -33.51
CA GLU J 300 -75.72 16.44 -32.83
C GLU J 300 -77.09 16.12 -33.43
N LYS J 301 -77.11 15.76 -34.71
CA LYS J 301 -78.35 15.37 -35.38
C LYS J 301 -78.91 14.10 -34.78
N LEU J 302 -78.02 13.26 -34.26
CA LEU J 302 -78.40 11.99 -33.66
C LEU J 302 -78.74 12.14 -32.18
N LEU J 303 -78.37 13.28 -31.59
CA LEU J 303 -78.46 13.47 -30.14
C LEU J 303 -79.66 14.28 -29.64
N LYS J 304 -80.34 14.97 -30.55
CA LYS J 304 -81.42 15.87 -30.16
C LYS J 304 -82.62 15.15 -29.54
N ASP J 305 -82.96 13.97 -30.06
CA ASP J 305 -84.16 13.24 -29.62
C ASP J 305 -84.10 12.66 -28.20
N ILE J 306 -82.91 12.57 -27.61
CA ILE J 306 -82.79 12.01 -26.25
C ILE J 306 -83.10 13.05 -25.15
N PRO J 307 -83.78 12.61 -24.08
CA PRO J 307 -84.29 13.45 -22.99
C PRO J 307 -83.23 14.07 -22.06
N GLY J 308 -83.56 15.23 -21.49
CA GLY J 308 -82.70 15.90 -20.53
C GLY J 308 -81.37 16.33 -21.12
N LEU J 309 -81.29 16.33 -22.45
CA LEU J 309 -80.02 16.56 -23.14
C LEU J 309 -79.91 17.95 -23.76
N LYS J 310 -78.85 18.66 -23.38
CA LYS J 310 -78.52 19.96 -23.97
C LYS J 310 -77.33 19.82 -24.94
N ILE J 311 -77.58 19.99 -26.24
CA ILE J 311 -76.54 19.81 -27.27
C ILE J 311 -76.09 21.11 -27.94
N SER J 312 -74.79 21.36 -27.87
CA SER J 312 -74.18 22.49 -28.55
C SER J 312 -73.07 21.97 -29.44
N VAL J 313 -72.36 22.86 -30.10
CA VAL J 313 -71.19 22.52 -30.90
C VAL J 313 -70.30 23.75 -30.93
N ILE J 314 -69.09 23.64 -30.40
CA ILE J 314 -68.23 24.82 -30.34
C ILE J 314 -67.03 24.70 -31.26
N LYS J 315 -66.23 25.76 -31.31
CA LYS J 315 -64.98 25.78 -32.07
C LYS J 315 -63.85 26.12 -31.12
N ASP J 316 -62.87 25.22 -31.04
CA ASP J 316 -61.86 25.29 -29.98
C ASP J 316 -60.46 24.99 -30.48
N LYS J 317 -59.47 25.70 -29.93
CA LYS J 317 -58.07 25.38 -30.15
C LYS J 317 -57.71 24.23 -29.22
N ALA J 318 -57.34 23.11 -29.80
CA ALA J 318 -56.92 21.97 -29.01
C ALA J 318 -55.45 21.66 -29.29
N LYS J 319 -54.87 20.77 -28.50
CA LYS J 319 -53.52 20.34 -28.76
C LYS J 319 -53.59 18.87 -29.10
N PRO J 320 -53.78 18.59 -30.40
CA PRO J 320 -54.19 17.30 -30.99
C PRO J 320 -53.22 16.13 -30.82
N GLY J 321 -51.92 16.40 -30.80
CA GLY J 321 -50.93 15.35 -30.64
C GLY J 321 -50.44 15.23 -29.21
N GLY J 322 -50.70 14.09 -28.58
CA GLY J 322 -50.38 13.94 -27.17
C GLY J 322 -48.93 13.58 -26.92
N GLY J 323 -48.50 12.46 -27.47
CA GLY J 323 -47.16 11.94 -27.26
C GLY J 323 -46.17 12.24 -28.37
N SER J 324 -46.50 13.20 -29.24
CA SER J 324 -45.59 13.56 -30.32
C SER J 324 -45.41 15.07 -30.54
N LEU J 325 -46.50 15.80 -30.71
CA LEU J 325 -46.41 17.21 -31.10
C LEU J 325 -46.99 18.11 -30.04
N PRO J 326 -46.29 18.18 -28.90
CA PRO J 326 -46.83 18.81 -27.69
C PRO J 326 -47.11 20.29 -27.91
N GLU J 327 -46.26 20.96 -28.69
CA GLU J 327 -46.40 22.40 -28.87
C GLU J 327 -47.64 22.71 -29.70
N LEU J 328 -47.99 21.78 -30.59
CA LEU J 328 -48.98 22.07 -31.60
C LEU J 328 -50.37 22.41 -31.07
N GLU J 329 -50.95 23.47 -31.62
CA GLU J 329 -52.34 23.82 -31.36
C GLU J 329 -53.11 23.91 -32.71
N LEU J 330 -54.19 23.14 -32.83
CA LEU J 330 -55.04 23.17 -34.03
C LEU J 330 -56.51 23.29 -33.65
N PRO J 331 -57.26 24.03 -34.46
CA PRO J 331 -58.68 24.19 -34.16
C PRO J 331 -59.45 22.93 -34.56
N THR J 332 -60.44 22.57 -33.77
CA THR J 332 -61.38 21.52 -34.13
C THR J 332 -62.77 21.86 -33.65
N TYR J 333 -63.74 21.06 -34.05
CA TYR J 333 -65.09 21.21 -33.53
C TYR J 333 -65.46 20.09 -32.52
N CYS J 334 -65.74 20.53 -31.29
CA CYS J 334 -66.19 19.65 -30.22
C CYS J 334 -67.72 19.68 -30.17
N VAL J 335 -68.33 18.53 -29.98
CA VAL J 335 -69.76 18.47 -29.69
C VAL J 335 -69.98 18.53 -28.19
N ALA J 336 -70.48 19.67 -27.70
CA ALA J 336 -70.67 19.83 -26.27
C ALA J 336 -72.04 19.35 -25.77
N ILE J 337 -72.07 18.62 -24.65
CA ILE J 337 -73.32 18.09 -24.10
C ILE J 337 -73.47 18.19 -22.57
N ARG J 338 -74.71 18.27 -22.11
CA ARG J 338 -75.04 18.50 -20.71
C ARG J 338 -76.37 17.84 -20.36
N HIS J 339 -76.49 17.32 -19.14
CA HIS J 339 -77.75 16.74 -18.67
C HIS J 339 -78.25 17.50 -17.44
N ASP J 340 -79.57 17.64 -17.32
CA ASP J 340 -80.15 18.33 -16.17
C ASP J 340 -79.94 17.59 -14.82
N ARG J 341 -80.05 16.26 -14.85
CA ARG J 341 -79.99 15.45 -13.64
C ARG J 341 -78.56 15.11 -13.19
N LEU J 342 -77.65 14.99 -14.15
CA LEU J 342 -76.31 14.47 -13.87
C LEU J 342 -75.20 15.51 -14.08
N SER J 343 -74.31 15.60 -13.11
CA SER J 343 -73.13 16.43 -13.23
C SER J 343 -72.25 15.81 -14.31
N SER J 344 -71.46 16.65 -14.96
CA SER J 344 -70.60 16.20 -16.05
C SER J 344 -69.57 15.16 -15.61
N GLN J 345 -69.01 15.34 -14.41
CA GLN J 345 -68.04 14.39 -13.88
C GLN J 345 -68.67 13.02 -13.67
N GLU J 346 -69.93 13.00 -13.24
CA GLU J 346 -70.68 11.76 -13.08
C GLU J 346 -70.98 11.09 -14.43
N LEU J 347 -71.27 11.91 -15.43
CA LEU J 347 -71.54 11.42 -16.77
C LEU J 347 -70.28 10.80 -17.42
N SER J 348 -69.15 11.50 -17.34
CA SER J 348 -67.89 11.02 -17.88
C SER J 348 -67.58 9.65 -17.31
N ARG J 349 -67.71 9.55 -15.99
CA ARG J 349 -67.47 8.31 -15.27
C ARG J 349 -68.33 7.16 -15.78
N ARG J 350 -69.59 7.45 -16.11
CA ARG J 350 -70.50 6.42 -16.62
C ARG J 350 -70.13 6.02 -18.04
N LEU J 351 -69.64 6.99 -18.79
CA LEU J 351 -69.26 6.79 -20.19
C LEU J 351 -68.04 5.90 -20.33
N ARG J 352 -67.08 6.06 -19.42
CA ARG J 352 -65.92 5.20 -19.42
C ARG J 352 -66.33 3.76 -19.04
N LEU J 353 -67.34 3.64 -18.18
CA LEU J 353 -67.87 2.34 -17.75
C LEU J 353 -68.83 1.73 -18.79
N ALA J 354 -69.20 2.50 -19.79
CA ALA J 354 -70.10 2.00 -20.83
C ALA J 354 -69.41 0.98 -21.73
N GLU J 355 -70.20 0.26 -22.53
CA GLU J 355 -69.66 -0.65 -23.52
C GLU J 355 -70.24 -0.27 -24.88
N PRO J 356 -69.40 0.33 -25.75
CA PRO J 356 -67.96 0.53 -25.53
C PRO J 356 -67.73 1.76 -24.68
N PRO J 357 -66.63 1.78 -23.90
CA PRO J 357 -66.34 2.93 -23.04
C PRO J 357 -66.24 4.19 -23.87
N ILE J 358 -66.51 5.32 -23.24
CA ILE J 358 -66.36 6.58 -23.92
C ILE J 358 -65.56 7.54 -23.05
N VAL J 359 -64.41 7.94 -23.57
CA VAL J 359 -63.53 8.85 -22.86
C VAL J 359 -63.60 10.21 -23.51
N CYS J 360 -63.92 11.21 -22.69
CA CYS J 360 -64.12 12.56 -23.20
C CYS J 360 -63.37 13.59 -22.36
N ARG J 361 -63.18 14.76 -22.96
CA ARG J 361 -62.56 15.89 -22.28
C ARG J 361 -63.64 16.68 -21.55
N ILE J 362 -63.34 17.19 -20.36
CA ILE J 362 -64.29 18.04 -19.65
C ILE J 362 -63.75 19.47 -19.57
N ARG J 363 -64.65 20.44 -19.66
CA ARG J 363 -64.26 21.84 -19.51
C ARG J 363 -65.30 22.60 -18.72
N GLU J 364 -64.96 22.99 -17.50
CA GLU J 364 -65.84 23.78 -16.64
C GLU J 364 -67.23 23.16 -16.48
N ASP J 365 -67.26 21.88 -16.10
CA ASP J 365 -68.52 21.16 -15.90
C ASP J 365 -69.36 21.14 -17.18
N GLN J 366 -68.68 21.22 -18.33
CA GLN J 366 -69.32 21.04 -19.64
C GLN J 366 -68.64 19.86 -20.37
N LEU J 367 -69.38 18.77 -20.54
CA LEU J 367 -68.87 17.52 -21.14
C LEU J 367 -68.56 17.66 -22.63
N LEU J 368 -67.31 17.45 -23.03
CA LEU J 368 -66.92 17.63 -24.43
C LEU J 368 -66.51 16.35 -25.18
N PHE J 369 -66.94 16.25 -26.44
CA PHE J 369 -66.45 15.23 -27.36
C PHE J 369 -65.74 15.95 -28.49
N ASP J 370 -64.44 15.73 -28.62
CA ASP J 370 -63.69 16.33 -29.71
C ASP J 370 -63.76 15.43 -30.94
N MSE J 371 -64.31 15.94 -32.03
CA MSE J 371 -64.52 15.08 -33.19
C MSE J 371 -63.22 14.57 -33.82
O MSE J 371 -63.20 13.49 -34.41
CB MSE J 371 -65.40 15.77 -34.26
CG MSE J 371 -66.92 15.76 -33.99
SE MSE J 371 -67.70 14.22 -33.04
CE MSE J 371 -67.63 14.95 -31.25
N ARG J 372 -62.15 15.34 -33.71
CA ARG J 372 -60.88 15.00 -34.35
C ARG J 372 -60.60 13.48 -34.32
N THR J 373 -60.75 12.86 -33.14
CA THR J 373 -60.43 11.44 -32.90
C THR J 373 -61.64 10.52 -32.79
N VAL J 374 -62.75 10.94 -33.42
CA VAL J 374 -63.95 10.12 -33.46
C VAL J 374 -64.12 9.60 -34.88
N PHE J 375 -64.51 8.33 -34.99
CA PHE J 375 -64.71 7.69 -36.28
C PHE J 375 -66.17 7.84 -36.74
N HIS J 376 -66.47 7.48 -37.98
CA HIS J 376 -67.85 7.62 -38.47
C HIS J 376 -68.73 6.51 -37.91
N GLU J 377 -68.13 5.34 -37.69
CA GLU J 377 -68.85 4.21 -37.14
C GLU J 377 -69.07 4.36 -35.62
N ASP J 378 -68.34 5.29 -35.02
CA ASP J 378 -68.50 5.58 -33.61
C ASP J 378 -69.80 6.34 -33.29
N LEU J 379 -70.21 7.22 -34.19
CA LEU J 379 -71.37 8.07 -33.92
C LEU J 379 -72.61 7.26 -33.52
N LYS J 380 -73.03 6.35 -34.40
CA LYS J 380 -74.19 5.49 -34.14
C LYS J 380 -74.05 4.78 -32.79
N THR J 381 -72.85 4.31 -32.49
CA THR J 381 -72.59 3.61 -31.24
C THR J 381 -72.65 4.53 -29.98
N ILE J 382 -72.42 5.83 -30.15
CA ILE J 382 -72.55 6.77 -29.03
C ILE J 382 -74.01 7.11 -28.79
N LYS J 383 -74.79 7.18 -29.86
CA LYS J 383 -76.22 7.35 -29.73
C LYS J 383 -76.75 6.21 -28.86
N LYS J 384 -76.62 4.99 -29.37
CA LYS J 384 -77.16 3.81 -28.69
C LYS J 384 -76.65 3.64 -27.25
N THR J 385 -75.44 4.11 -26.99
CA THR J 385 -74.85 3.97 -25.67
C THR J 385 -75.30 5.05 -24.69
N LEU J 386 -75.62 6.24 -25.21
CA LEU J 386 -76.10 7.36 -24.40
C LEU J 386 -77.54 7.13 -23.95
N GLN J 387 -78.37 6.65 -24.87
CA GLN J 387 -79.78 6.38 -24.60
C GLN J 387 -79.97 5.20 -23.64
N GLU J 388 -79.12 4.18 -23.77
CA GLU J 388 -79.21 3.02 -22.90
C GLU J 388 -78.93 3.39 -21.44
N LEU J 389 -78.13 4.44 -21.24
CA LEU J 389 -77.80 4.90 -19.89
C LEU J 389 -78.85 5.86 -19.33
N LEU J 390 -79.43 6.67 -20.21
CA LEU J 390 -80.22 7.84 -19.82
C LEU J 390 -81.74 7.72 -20.03
N SER J 391 -82.18 6.69 -20.77
CA SER J 391 -83.61 6.45 -21.02
C SER J 391 -84.14 5.33 -20.12
N ILE J 392 -83.25 4.76 -19.30
CA ILE J 392 -83.57 3.60 -18.45
C ILE J 392 -84.80 3.81 -17.55
PT PT K . -13.54 65.62 -26.85
PT PT L . -13.71 56.22 -28.70
K K M . -23.63 47.19 -5.03
K K N . 28.27 36.07 27.62
K K O . 40.90 -24.39 21.97
K K P . -1.69 -51.47 -14.87
K K Q . -43.52 -6.96 -30.64
#